data_7T3M
#
_entry.id   7T3M
#
_cell.length_a   1.00
_cell.length_b   1.00
_cell.length_c   1.00
_cell.angle_alpha   90.00
_cell.angle_beta   90.00
_cell.angle_gamma   90.00
#
_symmetry.space_group_name_H-M   'P 1'
#
loop_
_entity.id
_entity.type
_entity.pdbx_description
1 polymer 'Spike glycoprotein'
2 polymer 'Antibody 2-7 scFv'
3 branched 2-acetamido-2-deoxy-beta-D-glucopyranose-(1-4)-2-acetamido-2-deoxy-beta-D-glucopyranose
4 non-polymer 2-acetamido-2-deoxy-beta-D-glucopyranose
#
loop_
_entity_poly.entity_id
_entity_poly.type
_entity_poly.pdbx_seq_one_letter_code
_entity_poly.pdbx_strand_id
1 'polypeptide(L)'
;MFVFLVLLPLVSSQCVNLTTRTQLPPAYTNSFTRGVYYPDKVFRSSVLHSTQDLFLPFFSNVTWFHAIHVSGTNGTKRFD
NPVLPFNDGVYFASTEKSNIIRGWIFGTTLDSKTQSLLIVNNATNVVIKVCEFQFCNDPFLGVYYHKNNKSWMESEFRVY
SSANNCTFEYVSQPFLMDLEGKQGNFKNLREFVFKNIDGYFKIYSKHTPINLVRDLPQGFSALEPLVDLPIGINITRFQT
LLALHRSYLTPGDSSSGWTAGAAAYYVGYLQPRTFLLKYNENGTITDAVDCALDPLSETKCTLKSFTVEKGIYQTSNFRV
QPTESIVRFPNITNLCPFGEVFNATRFASVYAWNRKRISNCVADYSVLYNSASFSTFKCYGVSPTKLNDLCFTNVYADSF
VIRGDEVRQIAPGQTGKIADYNYKLPDDFTGCVIAWNSNNLDSKVGGNYNYLYRLFRKSNLKPFERDISTEIYQAGSTPC
NGVEGFNCYFPLQSYGFQPTNGVGYQPYRVVVLSFELLHAPATVCGPKKSTNLVKNKCVNFNFNGLTGTGVLTESNKKFL
PFQQFGRDIADTTDAVRDPQTLEILDITPCSFGGVSVITPGTNTSNQVAVLYQGVNCTEVPVAIHADQLTPTWRVYSTGS
NVFQTRAGCLIGAEHVNNSYECDIPIGAGICASYQTQTNSPGSASSVASQSIIAYTMSLGAENSVAYSNNSIAIPTNFTI
SVTTEILPVSMTKTSVDCTMYICGDSTECSNLLLQYGSFCTQLNRALTGIAVEQDKNTQEVFAQVKQIYKTPPIKDFGGF
NFSQILPDPSKPSKRSFIEDLLFNKVTLADAGFIKQYGDCLGDIAARDLICAQKFNGLTVLPPLLTDEMIAQYTSALLAG
TITSGWTFGAGAALQIPFAMQMAYRFNGIGVTQNVLYENQKLIANQFNSAIGKIQDSLSSTASALGKLQDVVNQNAQALN
TLVKQLSSNFGAISSVLNDILSRLDPPEAEVQIDRLITGRLQSLQTYVTQQLIRAAEIRASANLAATKMSECVLGQSKRV
DFCGKGYHLMSFPQSAPHGVVFLHVTYVPAQEKNFTTAPAICHDGKAHFPREGVFVSNGTHWFVTQRNFYEPQIITTDNT
FVSGNCDVVIGIVNNTVYDPLQPELDSFK
;
A,C,G
2 'polypeptide(L)'
;MKHLWFFLLLVAAAQPAMAQVTLKESGPTRVKPTQTLTLTCTFSGFSLSTTGVGVGWIRQPPGKALEWLALIYWNDDKRY
SPSLKSRLTITKDTSKNQVVLTMTNMDPVDTATYYCARISGSGYFYPFDIWGQGTTVTVSSGGGGSGGGGSGGGGSNFML
TQPHSVSESPGKTVTISCTRSSGSIASNYVQWYQQRPGSSPTTVIYEDNQRPSGVPDRFSGSIDSSSNSASLTISGLKAE
DEADYYCQSYDSSSLWVFGGGTKLTVLGQPKAAPSAAALEHHHHHH
;
D,H,I
#
loop_
_chem_comp.id
_chem_comp.type
_chem_comp.name
_chem_comp.formula
NAG D-saccharide, beta linking 2-acetamido-2-deoxy-beta-D-glucopyranose 'C8 H15 N O6'
#
# COMPACT_ATOMS: atom_id res chain seq x y z
N PRO A 26 5.17 -59.58 -2.84
CA PRO A 26 3.82 -59.46 -2.27
C PRO A 26 3.84 -59.43 -0.75
N ALA A 27 2.72 -59.85 -0.13
CA ALA A 27 2.58 -59.90 1.32
C ALA A 27 2.82 -58.53 1.96
N TYR A 28 1.95 -57.58 1.60
CA TYR A 28 2.05 -56.23 2.13
C TYR A 28 1.79 -56.21 3.63
N THR A 29 2.47 -55.29 4.31
CA THR A 29 2.46 -55.20 5.76
C THR A 29 2.12 -53.77 6.19
N ASN A 30 1.35 -53.65 7.25
CA ASN A 30 1.01 -52.32 7.77
C ASN A 30 2.20 -51.71 8.49
N SER A 31 2.41 -50.42 8.28
CA SER A 31 3.46 -49.64 8.94
C SER A 31 2.75 -48.56 9.77
N PHE A 32 2.49 -48.88 11.04
CA PHE A 32 1.62 -48.07 11.88
C PHE A 32 2.15 -46.66 12.12
N THR A 33 3.28 -46.53 12.82
CA THR A 33 3.84 -45.22 13.15
C THR A 33 5.35 -45.18 12.96
N ARG A 34 5.85 -45.88 11.95
CA ARG A 34 7.28 -45.93 11.69
C ARG A 34 7.67 -45.01 10.55
N GLY A 35 8.92 -44.58 10.54
CA GLY A 35 9.44 -43.79 9.46
C GLY A 35 9.40 -42.29 9.69
N VAL A 36 9.75 -41.85 10.90
CA VAL A 36 9.80 -40.44 11.24
C VAL A 36 11.18 -40.13 11.79
N TYR A 37 11.76 -39.01 11.36
CA TYR A 37 13.13 -38.66 11.67
C TYR A 37 13.19 -37.20 12.11
N TYR A 38 14.40 -36.74 12.44
CA TYR A 38 14.63 -35.35 12.78
C TYR A 38 14.85 -34.56 11.50
N PRO A 39 13.99 -33.59 11.17
CA PRO A 39 14.12 -32.90 9.88
C PRO A 39 15.23 -31.86 9.87
N ASP A 40 15.55 -31.30 11.04
CA ASP A 40 16.55 -30.25 11.14
C ASP A 40 17.41 -30.46 12.37
N LYS A 41 18.61 -29.88 12.33
CA LYS A 41 19.55 -29.95 13.45
C LYS A 41 19.32 -28.78 14.41
N VAL A 42 18.10 -28.73 14.94
CA VAL A 42 17.65 -27.63 15.80
C VAL A 42 17.11 -28.22 17.09
N PHE A 43 17.55 -27.65 18.22
CA PHE A 43 17.08 -28.08 19.53
C PHE A 43 15.77 -27.37 19.86
N ARG A 44 14.76 -28.15 20.21
CA ARG A 44 13.48 -27.62 20.66
C ARG A 44 13.01 -28.41 21.87
N SER A 45 12.50 -27.72 22.88
CA SER A 45 12.11 -28.34 24.13
C SER A 45 10.72 -27.89 24.52
N SER A 46 9.84 -28.86 24.81
CA SER A 46 8.49 -28.61 25.33
C SER A 46 7.70 -27.68 24.41
N VAL A 47 7.80 -27.92 23.11
CA VAL A 47 7.08 -27.11 22.12
C VAL A 47 6.58 -28.04 21.02
N LEU A 48 5.41 -27.73 20.49
CA LEU A 48 4.82 -28.48 19.38
C LEU A 48 5.13 -27.74 18.09
N HIS A 49 5.78 -28.44 17.16
CA HIS A 49 6.21 -27.85 15.90
C HIS A 49 5.65 -28.64 14.73
N SER A 50 5.21 -27.92 13.71
CA SER A 50 4.66 -28.52 12.49
C SER A 50 5.66 -28.35 11.35
N THR A 51 5.96 -29.44 10.65
CA THR A 51 6.94 -29.43 9.57
C THR A 51 6.30 -29.97 8.30
N GLN A 52 6.78 -29.45 7.17
CA GLN A 52 6.37 -29.92 5.84
C GLN A 52 7.60 -30.50 5.16
N ASP A 53 7.70 -31.83 5.14
CA ASP A 53 8.86 -32.51 4.58
C ASP A 53 8.43 -33.88 4.09
N LEU A 54 9.38 -34.62 3.55
CA LEU A 54 9.12 -35.95 3.01
C LEU A 54 9.04 -36.95 4.15
N PHE A 55 7.82 -37.41 4.47
CA PHE A 55 7.59 -38.33 5.57
C PHE A 55 6.85 -39.55 5.07
N LEU A 56 7.10 -40.69 5.71
CA LEU A 56 6.37 -41.90 5.40
C LEU A 56 4.96 -41.80 5.98
N PRO A 57 3.91 -42.04 5.18
CA PRO A 57 2.55 -41.90 5.70
C PRO A 57 2.25 -42.92 6.78
N PHE A 58 1.39 -42.52 7.72
CA PHE A 58 0.97 -43.40 8.80
C PHE A 58 0.03 -44.47 8.27
N PHE A 59 0.17 -45.69 8.80
CA PHE A 59 -0.66 -46.84 8.43
C PHE A 59 -0.61 -47.11 6.93
N SER A 60 0.59 -47.02 6.36
CA SER A 60 0.80 -47.23 4.94
C SER A 60 1.37 -48.62 4.68
N ASN A 61 0.99 -49.20 3.55
CA ASN A 61 1.50 -50.50 3.15
C ASN A 61 2.99 -50.43 2.83
N VAL A 62 3.73 -51.45 3.26
CA VAL A 62 5.13 -51.62 2.90
C VAL A 62 5.33 -53.03 2.39
N THR A 63 6.06 -53.16 1.27
CA THR A 63 6.31 -54.46 0.70
C THR A 63 7.25 -55.27 1.59
N TRP A 64 6.96 -56.57 1.72
CA TRP A 64 7.71 -57.45 2.60
C TRP A 64 8.27 -58.61 1.78
N PHE A 65 9.60 -58.76 1.80
CA PHE A 65 10.31 -59.75 1.01
C PHE A 65 10.86 -60.85 1.90
N HIS A 66 11.55 -61.80 1.27
CA HIS A 66 12.19 -62.89 1.99
C HIS A 66 13.64 -63.03 1.56
N PHE A 79 17.57 -65.21 -0.65
CA PHE A 79 16.46 -65.82 -1.37
C PHE A 79 16.12 -65.01 -2.62
N ASP A 80 15.99 -63.69 -2.46
CA ASP A 80 15.68 -62.81 -3.56
C ASP A 80 16.20 -61.41 -3.27
N ASN A 81 16.45 -60.66 -4.35
CA ASN A 81 16.89 -59.27 -4.23
C ASN A 81 16.57 -58.50 -5.50
N PRO A 82 15.28 -58.27 -5.79
CA PRO A 82 14.93 -57.56 -7.03
C PRO A 82 15.29 -56.08 -6.94
N VAL A 83 15.49 -55.49 -8.11
CA VAL A 83 15.74 -54.05 -8.20
C VAL A 83 14.43 -53.30 -8.02
N LEU A 84 14.49 -52.18 -7.31
CA LEU A 84 13.30 -51.42 -6.97
C LEU A 84 13.50 -49.96 -7.30
N PRO A 85 12.45 -49.26 -7.73
CA PRO A 85 12.56 -47.82 -7.98
C PRO A 85 12.79 -47.05 -6.69
N PHE A 86 13.49 -45.93 -6.83
CA PHE A 86 13.81 -45.11 -5.67
C PHE A 86 12.61 -44.28 -5.21
N ASN A 87 12.01 -43.53 -6.14
CA ASN A 87 10.87 -42.65 -5.87
C ASN A 87 11.18 -41.68 -4.74
N ASP A 88 12.25 -40.90 -4.96
CA ASP A 88 12.71 -39.78 -4.14
C ASP A 88 12.65 -40.02 -2.63
N GLY A 89 12.88 -41.26 -2.20
CA GLY A 89 12.88 -41.57 -0.78
C GLY A 89 12.52 -43.02 -0.51
N VAL A 90 13.25 -43.66 0.39
CA VAL A 90 13.05 -45.07 0.70
C VAL A 90 13.16 -45.27 2.20
N TYR A 91 12.21 -46.00 2.78
CA TYR A 91 12.26 -46.42 4.17
C TYR A 91 12.58 -47.91 4.20
N PHE A 92 13.75 -48.25 4.74
CA PHE A 92 14.24 -49.62 4.75
C PHE A 92 14.33 -50.12 6.17
N ALA A 93 13.75 -51.30 6.42
CA ALA A 93 13.76 -51.91 7.75
C ALA A 93 14.12 -53.39 7.62
N SER A 94 14.93 -53.87 8.56
CA SER A 94 15.38 -55.26 8.56
C SER A 94 15.08 -55.89 9.91
N THR A 95 14.54 -57.11 9.87
CA THR A 95 14.08 -57.79 11.07
C THR A 95 15.27 -58.27 11.91
N GLU A 96 14.96 -58.73 13.12
CA GLU A 96 15.97 -59.14 14.07
C GLU A 96 16.46 -60.56 13.78
N LYS A 97 17.57 -60.92 14.43
CA LYS A 97 18.26 -62.21 14.21
C LYS A 97 18.61 -62.38 12.74
N SER A 98 19.02 -61.29 12.09
CA SER A 98 19.32 -61.29 10.66
C SER A 98 20.67 -60.61 10.44
N ASN A 99 21.70 -61.40 10.17
CA ASN A 99 23.02 -60.89 9.82
C ASN A 99 23.33 -61.05 8.33
N ILE A 100 22.30 -61.30 7.52
CA ILE A 100 22.51 -61.56 6.10
C ILE A 100 22.70 -60.26 5.33
N ILE A 101 21.89 -59.25 5.62
CA ILE A 101 21.96 -57.99 4.90
C ILE A 101 23.28 -57.29 5.22
N ARG A 102 24.03 -56.92 4.18
CA ARG A 102 25.32 -56.26 4.34
C ARG A 102 25.30 -54.82 3.86
N GLY A 103 24.63 -54.52 2.76
CA GLY A 103 24.62 -53.17 2.25
C GLY A 103 23.67 -53.03 1.09
N TRP A 104 23.74 -51.88 0.44
CA TRP A 104 22.84 -51.54 -0.65
C TRP A 104 23.64 -50.97 -1.81
N ILE A 105 23.06 -51.08 -3.01
CA ILE A 105 23.65 -50.57 -4.23
C ILE A 105 22.70 -49.52 -4.79
N PHE A 106 23.21 -48.32 -5.02
CA PHE A 106 22.40 -47.22 -5.54
C PHE A 106 22.97 -46.76 -6.87
N GLY A 107 22.08 -46.49 -7.82
CA GLY A 107 22.50 -46.03 -9.13
C GLY A 107 21.30 -45.76 -10.01
N THR A 108 21.60 -45.32 -11.23
CA THR A 108 20.56 -45.03 -12.20
C THR A 108 20.26 -46.23 -13.09
N THR A 109 21.31 -46.81 -13.69
CA THR A 109 21.16 -47.98 -14.54
C THR A 109 22.03 -49.16 -14.12
N LEU A 110 22.90 -48.98 -13.12
CA LEU A 110 23.77 -50.04 -12.61
C LEU A 110 24.62 -50.66 -13.73
N ASP A 111 25.13 -49.81 -14.60
CA ASP A 111 25.94 -50.25 -15.74
C ASP A 111 27.17 -49.36 -15.83
N SER A 112 27.97 -49.56 -16.87
CA SER A 112 29.20 -48.80 -17.07
C SER A 112 28.96 -47.44 -17.68
N LYS A 113 27.72 -47.11 -18.06
CA LYS A 113 27.45 -45.81 -18.67
C LYS A 113 27.47 -44.69 -17.63
N THR A 114 26.93 -44.95 -16.44
CA THR A 114 26.81 -43.95 -15.40
C THR A 114 27.35 -44.49 -14.08
N GLN A 115 27.83 -43.56 -13.24
CA GLN A 115 28.37 -43.94 -11.94
C GLN A 115 27.26 -44.40 -11.01
N SER A 116 27.64 -45.25 -10.06
CA SER A 116 26.70 -45.81 -9.09
C SER A 116 27.33 -45.78 -7.71
N LEU A 117 26.48 -45.65 -6.69
CA LEU A 117 26.91 -45.59 -5.30
C LEU A 117 26.87 -46.98 -4.69
N LEU A 118 27.96 -47.37 -4.02
CA LEU A 118 28.08 -48.69 -3.42
C LEU A 118 28.35 -48.54 -1.93
N ILE A 119 27.55 -49.22 -1.11
CA ILE A 119 27.72 -49.25 0.33
C ILE A 119 27.77 -50.71 0.76
N VAL A 120 28.90 -51.15 1.33
CA VAL A 120 29.08 -52.51 1.78
C VAL A 120 29.66 -52.49 3.18
N ASN A 121 29.01 -53.20 4.10
CA ASN A 121 29.49 -53.34 5.47
C ASN A 121 30.15 -54.71 5.61
N ASN A 122 31.45 -54.72 5.85
CA ASN A 122 32.18 -55.96 6.07
C ASN A 122 32.37 -56.17 7.57
N ALA A 123 33.21 -57.13 7.93
CA ALA A 123 33.33 -57.57 9.32
C ALA A 123 33.78 -56.47 10.27
N THR A 124 34.44 -55.41 9.78
CA THR A 124 34.98 -54.42 10.70
C THR A 124 34.67 -52.97 10.31
N ASN A 125 34.37 -52.70 9.04
CA ASN A 125 34.19 -51.33 8.58
C ASN A 125 33.11 -51.30 7.50
N VAL A 126 32.90 -50.11 6.94
CA VAL A 126 31.98 -49.91 5.82
C VAL A 126 32.75 -49.25 4.68
N VAL A 127 32.53 -49.76 3.46
CA VAL A 127 33.16 -49.23 2.27
C VAL A 127 32.14 -48.37 1.52
N ILE A 128 32.47 -47.10 1.30
CA ILE A 128 31.60 -46.18 0.60
C ILE A 128 32.28 -45.81 -0.72
N LYS A 129 31.64 -46.17 -1.83
CA LYS A 129 32.17 -45.89 -3.16
C LYS A 129 31.04 -45.39 -4.05
N VAL A 130 31.30 -44.29 -4.78
CA VAL A 130 30.32 -43.82 -5.80
C VAL A 130 31.06 -44.03 -7.12
N CYS A 131 32.01 -44.98 -7.13
CA CYS A 131 32.86 -45.24 -8.27
C CYS A 131 32.06 -45.86 -9.41
N GLU A 132 32.70 -45.94 -10.57
CA GLU A 132 32.07 -46.57 -11.73
C GLU A 132 32.07 -48.08 -11.56
N PHE A 133 30.91 -48.70 -11.79
CA PHE A 133 30.76 -50.13 -11.55
C PHE A 133 29.98 -50.76 -12.70
N GLN A 134 30.17 -52.07 -12.84
CA GLN A 134 29.36 -52.90 -13.74
C GLN A 134 29.00 -54.16 -12.97
N PHE A 135 27.82 -54.16 -12.36
CA PHE A 135 27.41 -55.23 -11.46
C PHE A 135 26.97 -56.47 -12.24
N CYS A 136 26.82 -57.57 -11.52
CA CYS A 136 26.40 -58.83 -12.10
C CYS A 136 24.87 -58.95 -12.08
N ASN A 137 24.37 -60.11 -12.51
CA ASN A 137 22.92 -60.33 -12.54
C ASN A 137 22.37 -60.44 -11.12
N ASP A 138 23.01 -61.24 -10.28
CA ASP A 138 22.59 -61.45 -8.89
C ASP A 138 23.80 -61.24 -7.98
N PRO A 139 24.15 -59.98 -7.70
CA PRO A 139 25.28 -59.72 -6.81
C PRO A 139 25.02 -60.23 -5.40
N PHE A 140 26.08 -60.76 -4.78
CA PHE A 140 25.97 -61.29 -3.42
C PHE A 140 27.36 -61.34 -2.82
N LEU A 141 27.40 -61.51 -1.49
CA LEU A 141 28.66 -61.61 -0.77
C LEU A 141 28.77 -62.96 -0.07
N MET A 153 37.41 -69.12 4.89
CA MET A 153 36.09 -69.71 5.12
C MET A 153 34.98 -68.79 4.65
N GLU A 154 35.34 -67.75 3.91
CA GLU A 154 34.39 -66.78 3.39
C GLU A 154 34.36 -66.81 1.87
N SER A 155 33.16 -66.67 1.31
CA SER A 155 32.95 -66.48 -0.12
C SER A 155 32.36 -65.09 -0.30
N GLU A 156 33.14 -64.18 -0.85
CA GLU A 156 32.79 -62.76 -0.83
C GLU A 156 33.13 -62.11 -2.15
N PHE A 157 32.62 -60.88 -2.32
CA PHE A 157 32.96 -59.99 -3.42
C PHE A 157 32.60 -60.60 -4.79
N ARG A 158 31.46 -61.29 -4.83
CA ARG A 158 30.86 -61.69 -6.10
C ARG A 158 29.82 -60.67 -6.55
N VAL A 159 30.22 -59.40 -6.62
CA VAL A 159 29.30 -58.30 -6.85
C VAL A 159 29.61 -57.55 -8.14
N TYR A 160 30.89 -57.29 -8.42
CA TYR A 160 31.26 -56.58 -9.63
C TYR A 160 32.44 -57.27 -10.29
N SER A 161 32.68 -56.90 -11.56
CA SER A 161 33.80 -57.43 -12.32
C SER A 161 34.88 -56.40 -12.62
N SER A 162 34.56 -55.10 -12.57
CA SER A 162 35.53 -54.06 -12.83
C SER A 162 35.11 -52.79 -12.09
N ALA A 163 36.10 -51.97 -11.73
CA ALA A 163 35.83 -50.72 -11.03
C ALA A 163 37.01 -49.78 -11.25
N ASN A 164 36.81 -48.75 -12.05
CA ASN A 164 37.84 -47.75 -12.30
C ASN A 164 37.18 -46.36 -12.31
N ASN A 165 38.03 -45.34 -12.31
CA ASN A 165 37.61 -43.94 -12.21
C ASN A 165 36.75 -43.71 -10.98
N CYS A 166 37.38 -43.91 -9.81
CA CYS A 166 36.72 -43.81 -8.52
C CYS A 166 36.95 -42.42 -7.95
N THR A 167 35.87 -41.77 -7.52
CA THR A 167 35.96 -40.39 -7.03
C THR A 167 35.84 -40.28 -5.52
N PHE A 168 34.80 -40.86 -4.92
CA PHE A 168 34.60 -40.85 -3.47
C PHE A 168 34.91 -42.26 -2.96
N GLU A 169 35.91 -42.35 -2.09
CA GLU A 169 36.37 -43.65 -1.60
C GLU A 169 36.62 -43.64 -0.09
N TYR A 170 35.82 -42.88 0.65
CA TYR A 170 36.12 -42.59 2.06
C TYR A 170 35.47 -43.63 2.96
N VAL A 171 36.30 -44.34 3.72
CA VAL A 171 35.83 -45.38 4.63
C VAL A 171 35.46 -44.74 5.96
N SER A 172 34.34 -45.17 6.53
CA SER A 172 33.81 -44.58 7.75
C SER A 172 33.62 -45.66 8.83
N GLN A 173 33.23 -45.20 10.02
CA GLN A 173 32.92 -46.09 11.12
C GLN A 173 31.62 -46.84 10.83
N PRO A 174 31.60 -48.15 10.98
CA PRO A 174 30.35 -48.90 10.72
C PRO A 174 29.23 -48.53 11.68
N PHE A 175 28.01 -48.57 11.15
CA PHE A 175 26.82 -48.25 11.92
C PHE A 175 26.47 -49.31 12.95
N LEU A 176 26.77 -50.58 12.67
CA LEU A 176 26.46 -51.66 13.59
C LEU A 176 27.64 -52.61 13.65
N MET A 177 27.91 -53.15 14.83
CA MET A 177 28.97 -54.13 15.02
C MET A 177 28.43 -55.55 14.90
N PHE A 186 15.63 -61.61 21.45
CA PHE A 186 15.02 -60.39 20.92
C PHE A 186 16.11 -59.43 20.45
N LYS A 187 16.64 -59.68 19.26
CA LYS A 187 17.76 -58.90 18.75
C LYS A 187 17.24 -57.58 18.16
N ASN A 188 18.15 -56.80 17.58
CA ASN A 188 17.84 -55.43 17.22
C ASN A 188 17.00 -55.34 15.95
N LEU A 189 16.24 -54.25 15.83
CA LEU A 189 15.49 -53.89 14.63
C LEU A 189 16.16 -52.70 14.00
N ARG A 190 16.58 -52.83 12.74
CA ARG A 190 17.31 -51.78 12.04
C ARG A 190 16.38 -51.07 11.08
N GLU A 191 16.35 -49.75 11.16
CA GLU A 191 15.54 -48.92 10.27
C GLU A 191 16.43 -47.90 9.59
N PHE A 192 16.20 -47.67 8.30
CA PHE A 192 17.01 -46.74 7.52
C PHE A 192 16.10 -45.89 6.65
N VAL A 193 16.51 -44.64 6.43
CA VAL A 193 15.83 -43.72 5.53
C VAL A 193 16.86 -43.10 4.61
N PHE A 194 16.65 -43.22 3.30
CA PHE A 194 17.54 -42.67 2.30
C PHE A 194 16.82 -41.58 1.53
N LYS A 195 17.49 -40.46 1.31
CA LYS A 195 16.94 -39.37 0.51
C LYS A 195 18.07 -38.59 -0.12
N ASN A 196 17.86 -38.20 -1.37
CA ASN A 196 18.88 -37.49 -2.16
C ASN A 196 18.32 -36.12 -2.54
N ILE A 197 18.75 -35.09 -1.82
CA ILE A 197 18.28 -33.73 -2.05
C ILE A 197 19.48 -32.79 -2.14
N ASP A 198 19.41 -31.87 -3.10
CA ASP A 198 20.41 -30.81 -3.30
C ASP A 198 21.81 -31.39 -3.48
N GLY A 199 21.93 -32.54 -4.15
CA GLY A 199 23.23 -33.16 -4.37
C GLY A 199 23.84 -33.82 -3.16
N TYR A 200 23.10 -33.97 -2.07
CA TYR A 200 23.60 -34.61 -0.86
C TYR A 200 22.84 -35.89 -0.60
N PHE A 201 23.54 -36.90 -0.10
CA PHE A 201 22.94 -38.15 0.31
C PHE A 201 22.87 -38.19 1.83
N LYS A 202 21.65 -38.31 2.36
CA LYS A 202 21.40 -38.24 3.79
C LYS A 202 20.90 -39.58 4.29
N ILE A 203 21.47 -40.07 5.39
CA ILE A 203 21.13 -41.35 5.99
C ILE A 203 20.64 -41.10 7.41
N TYR A 204 19.50 -41.68 7.74
CA TYR A 204 18.96 -41.66 9.10
C TYR A 204 18.75 -43.09 9.54
N SER A 205 19.19 -43.42 10.76
CA SER A 205 19.11 -44.80 11.22
C SER A 205 19.05 -44.86 12.72
N LYS A 206 18.51 -45.98 13.23
CA LYS A 206 18.54 -46.30 14.64
C LYS A 206 18.34 -47.80 14.79
N HIS A 207 18.76 -48.33 15.95
CA HIS A 207 18.67 -49.75 16.23
C HIS A 207 18.04 -49.95 17.61
N THR A 208 17.06 -50.84 17.69
CA THR A 208 16.39 -51.15 18.93
C THR A 208 15.99 -52.62 18.97
N PRO A 209 16.13 -53.28 20.12
CA PRO A 209 15.79 -54.70 20.21
C PRO A 209 14.31 -54.92 20.46
N ILE A 210 13.65 -55.59 19.50
CA ILE A 210 12.22 -55.84 19.59
C ILE A 210 11.97 -57.29 19.16
N ASN A 211 10.95 -57.90 19.75
CA ASN A 211 10.43 -59.20 19.35
C ASN A 211 9.53 -59.02 18.12
N LEU A 212 8.67 -60.01 17.83
CA LEU A 212 7.70 -59.98 16.73
C LEU A 212 8.43 -59.88 15.38
N VAL A 213 9.09 -60.99 15.05
CA VAL A 213 9.98 -61.06 13.88
C VAL A 213 9.21 -60.74 12.60
N ARG A 214 8.04 -61.35 12.42
CA ARG A 214 7.38 -61.37 11.12
C ARG A 214 6.42 -60.19 10.91
N ASP A 215 6.34 -59.26 11.86
CA ASP A 215 5.47 -58.10 11.70
C ASP A 215 6.19 -56.86 12.20
N LEU A 216 5.78 -55.70 11.67
CA LEU A 216 6.34 -54.45 12.13
C LEU A 216 5.82 -54.15 13.54
N PRO A 217 6.68 -53.81 14.49
CA PRO A 217 6.25 -53.65 15.88
C PRO A 217 5.47 -52.37 16.10
N GLN A 218 4.96 -52.25 17.32
CA GLN A 218 4.25 -51.05 17.76
C GLN A 218 5.27 -50.02 18.26
N GLY A 219 4.77 -48.98 18.93
CA GLY A 219 5.64 -48.00 19.54
C GLY A 219 6.01 -46.86 18.60
N PHE A 220 6.89 -46.00 19.12
CA PHE A 220 7.34 -44.82 18.40
C PHE A 220 8.86 -44.78 18.44
N SER A 221 9.45 -44.29 17.35
CA SER A 221 10.90 -44.21 17.24
C SER A 221 11.27 -43.09 16.30
N ALA A 222 12.29 -42.31 16.67
CA ALA A 222 12.79 -41.22 15.85
C ALA A 222 14.21 -41.55 15.40
N LEU A 223 14.48 -41.31 14.12
CA LEU A 223 15.76 -41.66 13.52
C LEU A 223 16.69 -40.47 13.52
N GLU A 224 17.91 -40.66 14.02
CA GLU A 224 18.92 -39.61 14.07
C GLU A 224 19.88 -39.71 12.89
N PRO A 225 20.22 -38.58 12.27
CA PRO A 225 21.19 -38.62 11.17
C PRO A 225 22.57 -39.02 11.65
N LEU A 226 23.33 -39.66 10.77
CA LEU A 226 24.65 -40.13 11.15
C LEU A 226 25.72 -39.75 10.13
N VAL A 227 25.35 -39.54 8.87
CA VAL A 227 26.32 -39.25 7.83
C VAL A 227 25.63 -38.49 6.71
N ASP A 228 26.39 -37.65 6.01
CA ASP A 228 25.89 -36.88 4.88
C ASP A 228 26.96 -36.91 3.79
N LEU A 229 26.64 -37.53 2.66
CA LEU A 229 27.61 -37.71 1.58
C LEU A 229 27.34 -36.72 0.47
N PRO A 230 28.28 -35.83 0.14
CA PRO A 230 28.12 -34.92 -1.02
C PRO A 230 28.53 -35.58 -2.34
N ILE A 231 27.62 -36.40 -2.88
CA ILE A 231 27.92 -37.15 -4.09
C ILE A 231 27.45 -36.41 -5.34
N GLY A 232 26.23 -35.88 -5.34
CA GLY A 232 25.72 -35.12 -6.46
C GLY A 232 25.21 -35.93 -7.64
N ILE A 233 25.19 -37.26 -7.53
CA ILE A 233 24.75 -38.10 -8.63
C ILE A 233 23.24 -38.27 -8.59
N ASN A 234 22.66 -38.79 -9.66
CA ASN A 234 21.23 -39.09 -9.72
C ASN A 234 20.96 -40.51 -9.25
N ILE A 235 19.91 -40.67 -8.44
CA ILE A 235 19.50 -41.96 -7.92
C ILE A 235 18.05 -42.20 -8.34
N THR A 236 17.81 -43.30 -9.05
CA THR A 236 16.46 -43.70 -9.44
C THR A 236 16.16 -45.17 -9.18
N ARG A 237 17.15 -45.98 -8.82
CA ARG A 237 16.95 -47.41 -8.57
C ARG A 237 17.93 -47.86 -7.50
N PHE A 238 17.58 -48.94 -6.80
CA PHE A 238 18.50 -49.49 -5.83
C PHE A 238 18.30 -50.99 -5.75
N GLN A 239 19.27 -51.66 -5.12
CA GLN A 239 19.21 -53.09 -4.90
C GLN A 239 20.00 -53.43 -3.64
N THR A 240 19.45 -54.33 -2.84
CA THR A 240 20.08 -54.74 -1.60
C THR A 240 21.07 -55.88 -1.85
N LEU A 241 22.03 -56.01 -0.94
CA LEU A 241 23.07 -57.04 -1.01
C LEU A 241 22.92 -57.99 0.16
N LEU A 242 22.86 -59.28 -0.13
CA LEU A 242 22.67 -60.31 0.89
C LEU A 242 23.89 -61.20 0.95
N ALA A 243 24.41 -61.42 2.15
CA ALA A 243 25.54 -62.32 2.33
C ALA A 243 25.08 -63.76 2.16
N LEU A 244 25.85 -64.53 1.39
CA LEU A 244 25.53 -65.93 1.11
C LEU A 244 26.75 -66.79 1.43
N HIS A 245 26.51 -67.88 2.17
CA HIS A 245 27.55 -68.84 2.50
C HIS A 245 27.09 -70.24 2.11
N ARG A 246 27.98 -71.00 1.51
CA ARG A 246 27.67 -72.35 1.07
C ARG A 246 28.74 -73.34 1.49
N GLY A 261 19.11 -69.57 3.89
CA GLY A 261 19.62 -68.22 4.03
C GLY A 261 18.67 -67.16 3.53
N ALA A 262 17.48 -67.10 4.13
CA ALA A 262 16.46 -66.13 3.77
C ALA A 262 16.25 -65.15 4.90
N ALA A 263 16.30 -63.86 4.58
CA ALA A 263 16.11 -62.80 5.55
C ALA A 263 15.02 -61.85 5.07
N ALA A 264 14.21 -61.38 6.00
CA ALA A 264 13.05 -60.56 5.69
C ALA A 264 13.34 -59.09 5.92
N TYR A 265 12.94 -58.25 4.98
CA TYR A 265 13.11 -56.81 5.10
C TYR A 265 11.92 -56.09 4.48
N TYR A 266 11.71 -54.85 4.92
CA TYR A 266 10.56 -54.04 4.51
C TYR A 266 11.02 -52.82 3.73
N VAL A 267 10.27 -52.47 2.70
CA VAL A 267 10.58 -51.32 1.86
C VAL A 267 9.35 -50.42 1.78
N GLY A 268 9.53 -49.14 2.07
CA GLY A 268 8.46 -48.17 1.96
C GLY A 268 8.95 -46.91 1.29
N TYR A 269 8.03 -46.22 0.63
CA TYR A 269 8.34 -45.04 -0.17
C TYR A 269 7.83 -43.78 0.51
N LEU A 270 8.68 -42.75 0.53
CA LEU A 270 8.36 -41.47 1.14
C LEU A 270 7.64 -40.57 0.15
N GLN A 271 6.94 -39.57 0.68
CA GLN A 271 6.27 -38.56 -0.12
C GLN A 271 6.00 -37.34 0.74
N PRO A 272 6.00 -36.14 0.17
CA PRO A 272 5.85 -34.92 0.98
C PRO A 272 4.44 -34.74 1.50
N ARG A 273 4.34 -34.62 2.82
CA ARG A 273 3.10 -34.32 3.52
C ARG A 273 3.46 -33.75 4.89
N THR A 274 2.47 -33.18 5.57
CA THR A 274 2.70 -32.35 6.75
C THR A 274 2.52 -33.17 8.02
N PHE A 275 3.49 -33.04 8.94
CA PHE A 275 3.48 -33.70 10.22
C PHE A 275 3.62 -32.67 11.34
N LEU A 276 3.01 -32.98 12.49
CA LEU A 276 3.12 -32.17 13.68
C LEU A 276 3.93 -32.94 14.72
N LEU A 277 5.12 -32.42 15.05
CA LEU A 277 6.05 -33.10 15.94
C LEU A 277 5.95 -32.56 17.37
N LYS A 278 6.12 -33.45 18.34
CA LYS A 278 6.08 -33.11 19.75
C LYS A 278 7.45 -33.31 20.37
N TYR A 279 7.94 -32.29 21.08
CA TYR A 279 9.23 -32.33 21.75
C TYR A 279 9.02 -32.34 23.25
N ASN A 280 9.76 -33.20 23.94
CA ASN A 280 9.67 -33.29 25.40
C ASN A 280 10.54 -32.20 26.03
N GLU A 281 10.79 -32.32 27.33
CA GLU A 281 11.66 -31.36 28.01
C GLU A 281 13.08 -31.40 27.46
N ASN A 282 13.50 -32.54 26.91
CA ASN A 282 14.76 -32.66 26.22
C ASN A 282 14.54 -32.34 24.73
N GLY A 283 15.52 -32.66 23.90
CA GLY A 283 15.38 -32.51 22.46
C GLY A 283 14.83 -33.71 21.74
N THR A 284 14.28 -34.69 22.46
CA THR A 284 13.83 -35.94 21.87
C THR A 284 12.38 -35.84 21.42
N ILE A 285 12.11 -36.27 20.20
CA ILE A 285 10.73 -36.31 19.69
C ILE A 285 10.01 -37.47 20.33
N THR A 286 8.87 -37.19 20.96
CA THR A 286 8.10 -38.19 21.69
C THR A 286 6.94 -38.75 20.88
N ASP A 287 6.18 -37.89 20.21
CA ASP A 287 5.03 -38.33 19.43
C ASP A 287 4.85 -37.41 18.22
N ALA A 288 4.11 -37.91 17.23
CA ALA A 288 3.81 -37.14 16.04
C ALA A 288 2.47 -37.60 15.48
N VAL A 289 1.83 -36.69 14.74
CA VAL A 289 0.54 -36.96 14.10
C VAL A 289 0.61 -36.52 12.64
N ASP A 290 -0.27 -37.11 11.84
CA ASP A 290 -0.36 -36.79 10.41
C ASP A 290 -1.56 -35.89 10.18
N CYS A 291 -1.32 -34.74 9.55
CA CYS A 291 -2.34 -33.71 9.41
C CYS A 291 -3.37 -34.02 8.32
N ALA A 292 -3.33 -35.19 7.71
CA ALA A 292 -4.28 -35.55 6.68
C ALA A 292 -4.83 -36.97 6.83
N LEU A 293 -4.50 -37.67 7.92
CA LEU A 293 -4.97 -39.04 8.09
C LEU A 293 -6.46 -39.08 8.41
N ASP A 294 -6.91 -38.25 9.34
CA ASP A 294 -8.27 -38.27 9.84
C ASP A 294 -8.74 -36.85 10.09
N PRO A 295 -10.05 -36.62 10.08
CA PRO A 295 -10.56 -35.29 10.48
C PRO A 295 -10.19 -34.90 11.90
N LEU A 296 -10.14 -35.87 12.82
CA LEU A 296 -9.69 -35.57 14.18
C LEU A 296 -8.23 -35.12 14.18
N SER A 297 -7.40 -35.74 13.35
CA SER A 297 -6.02 -35.29 13.22
C SER A 297 -5.95 -33.90 12.60
N GLU A 298 -6.86 -33.59 11.69
CA GLU A 298 -6.92 -32.24 11.14
C GLU A 298 -7.28 -31.22 12.22
N THR A 299 -8.23 -31.56 13.09
CA THR A 299 -8.56 -30.68 14.20
C THR A 299 -7.37 -30.50 15.14
N LYS A 300 -6.64 -31.59 15.41
CA LYS A 300 -5.46 -31.49 16.26
C LYS A 300 -4.40 -30.58 15.63
N CYS A 301 -4.20 -30.70 14.32
CA CYS A 301 -3.22 -29.86 13.63
C CYS A 301 -3.64 -28.39 13.63
N THR A 302 -4.93 -28.12 13.41
CA THR A 302 -5.39 -26.74 13.37
C THR A 302 -5.35 -26.11 14.77
N LEU A 303 -5.66 -26.89 15.80
CA LEU A 303 -5.66 -26.38 17.16
C LEU A 303 -4.28 -26.36 17.79
N LYS A 304 -3.28 -26.94 17.13
CA LYS A 304 -1.91 -27.00 17.64
C LYS A 304 -1.84 -27.66 19.01
N SER A 305 -2.62 -28.72 19.19
CA SER A 305 -2.67 -29.45 20.46
C SER A 305 -3.00 -30.90 20.19
N PHE A 306 -2.45 -31.78 21.03
CA PHE A 306 -2.70 -33.21 20.89
C PHE A 306 -4.03 -33.64 21.50
N THR A 307 -4.64 -32.80 22.33
CA THR A 307 -5.93 -33.09 22.93
C THR A 307 -6.90 -31.97 22.61
N VAL A 308 -8.14 -32.34 22.29
CA VAL A 308 -9.17 -31.37 21.94
C VAL A 308 -10.32 -31.49 22.94
N GLU A 309 -11.06 -30.40 23.08
CA GLU A 309 -12.21 -30.33 23.97
C GLU A 309 -13.50 -30.53 23.19
N LYS A 310 -14.59 -30.74 23.93
CA LYS A 310 -15.89 -30.94 23.30
C LYS A 310 -16.36 -29.65 22.64
N GLY A 311 -16.83 -29.77 21.40
CA GLY A 311 -17.30 -28.61 20.66
C GLY A 311 -17.22 -28.88 19.17
N ILE A 312 -17.36 -27.81 18.41
CA ILE A 312 -17.33 -27.86 16.95
C ILE A 312 -16.26 -26.89 16.46
N TYR A 313 -15.42 -27.35 15.54
CA TYR A 313 -14.29 -26.56 15.04
C TYR A 313 -14.30 -26.58 13.52
N GLN A 314 -14.00 -25.43 12.92
CA GLN A 314 -13.92 -25.30 11.48
C GLN A 314 -12.50 -25.60 11.04
N THR A 315 -12.33 -26.58 10.15
CA THR A 315 -11.01 -27.06 9.74
C THR A 315 -10.57 -26.48 8.40
N SER A 316 -11.35 -26.71 7.35
CA SER A 316 -10.94 -26.32 6.01
C SER A 316 -12.18 -26.06 5.16
N ASN A 317 -11.94 -25.72 3.89
CA ASN A 317 -12.99 -25.46 2.92
C ASN A 317 -12.93 -26.48 1.80
N PHE A 318 -14.01 -26.56 1.02
CA PHE A 318 -14.08 -27.50 -0.09
C PHE A 318 -14.73 -26.82 -1.29
N ARG A 319 -14.40 -27.33 -2.48
CA ARG A 319 -14.92 -26.78 -3.73
C ARG A 319 -15.25 -27.94 -4.67
N VAL A 320 -15.99 -27.62 -5.73
CA VAL A 320 -16.31 -28.55 -6.79
C VAL A 320 -15.73 -28.03 -8.10
N GLN A 321 -14.97 -28.88 -8.80
CA GLN A 321 -14.23 -28.47 -9.98
C GLN A 321 -15.00 -28.81 -11.26
N PRO A 322 -14.82 -28.02 -12.31
CA PRO A 322 -15.50 -28.31 -13.58
C PRO A 322 -14.89 -29.52 -14.27
N THR A 323 -15.65 -30.05 -15.23
CA THR A 323 -15.25 -31.28 -15.91
C THR A 323 -15.36 -31.25 -17.43
N GLU A 324 -16.16 -30.37 -18.02
CA GLU A 324 -16.43 -30.41 -19.46
C GLU A 324 -15.88 -29.22 -20.23
N SER A 325 -16.20 -28.00 -19.80
CA SER A 325 -15.75 -26.76 -20.46
C SER A 325 -16.23 -26.71 -21.92
N ILE A 326 -17.55 -26.63 -22.06
CA ILE A 326 -18.18 -26.59 -23.38
C ILE A 326 -18.13 -25.18 -23.96
N VAL A 327 -18.31 -25.11 -25.28
CA VAL A 327 -18.31 -23.84 -26.01
C VAL A 327 -19.45 -23.88 -27.02
N ARG A 328 -20.24 -22.81 -27.07
CA ARG A 328 -21.32 -22.68 -28.04
C ARG A 328 -21.07 -21.51 -28.98
N PHE A 329 -21.65 -21.59 -30.17
CA PHE A 329 -21.53 -20.56 -31.18
C PHE A 329 -22.71 -20.68 -32.13
N PRO A 330 -23.09 -19.59 -32.80
CA PRO A 330 -24.27 -19.63 -33.69
C PRO A 330 -24.02 -20.48 -34.92
N ASN A 331 -25.08 -20.66 -35.69
CA ASN A 331 -25.04 -21.47 -36.89
C ASN A 331 -24.15 -20.83 -37.95
N ILE A 332 -23.51 -21.68 -38.75
CA ILE A 332 -22.61 -21.22 -39.81
C ILE A 332 -23.42 -21.12 -41.09
N THR A 333 -23.73 -19.89 -41.49
CA THR A 333 -24.50 -19.65 -42.71
C THR A 333 -23.78 -18.65 -43.60
N ASN A 334 -24.48 -18.21 -44.66
CA ASN A 334 -24.00 -17.22 -45.64
C ASN A 334 -22.53 -17.42 -46.03
N LEU A 335 -22.22 -18.59 -46.58
CA LEU A 335 -20.88 -18.86 -47.06
C LEU A 335 -20.55 -17.96 -48.24
N CYS A 336 -19.27 -17.62 -48.38
CA CYS A 336 -18.84 -16.75 -49.46
C CYS A 336 -18.98 -17.46 -50.80
N PRO A 337 -19.29 -16.73 -51.88
CA PRO A 337 -19.49 -17.36 -53.19
C PRO A 337 -18.20 -17.78 -53.88
N PHE A 338 -17.54 -18.79 -53.31
CA PHE A 338 -16.33 -19.33 -53.93
C PHE A 338 -16.66 -20.19 -55.14
N GLY A 339 -17.87 -20.74 -55.21
CA GLY A 339 -18.24 -21.60 -56.31
C GLY A 339 -18.32 -20.89 -57.64
N GLU A 340 -18.87 -19.67 -57.63
CA GLU A 340 -19.08 -18.94 -58.88
C GLU A 340 -17.80 -18.31 -59.41
N VAL A 341 -16.71 -18.41 -58.66
CA VAL A 341 -15.40 -17.90 -59.09
C VAL A 341 -14.54 -19.02 -59.68
N PHE A 342 -14.49 -20.16 -59.01
CA PHE A 342 -13.65 -21.27 -59.46
C PHE A 342 -14.36 -22.18 -60.45
N ASN A 343 -15.65 -22.43 -60.26
CA ASN A 343 -16.40 -23.36 -61.10
C ASN A 343 -17.14 -22.65 -62.23
N ALA A 344 -16.91 -21.36 -62.42
CA ALA A 344 -17.55 -20.64 -63.52
C ALA A 344 -17.06 -21.16 -64.86
N THR A 345 -17.98 -21.32 -65.80
CA THR A 345 -17.65 -21.82 -67.13
C THR A 345 -17.06 -20.75 -68.04
N ARG A 346 -17.12 -19.49 -67.65
CA ARG A 346 -16.59 -18.40 -68.45
C ARG A 346 -15.43 -17.74 -67.72
N PHE A 347 -14.34 -17.49 -68.45
CA PHE A 347 -13.15 -16.85 -67.90
C PHE A 347 -12.73 -15.71 -68.80
N ALA A 348 -12.20 -14.65 -68.20
CA ALA A 348 -11.84 -13.45 -68.93
C ALA A 348 -10.46 -13.60 -69.56
N SER A 349 -10.13 -12.65 -70.43
CA SER A 349 -8.83 -12.63 -71.09
C SER A 349 -7.76 -12.08 -70.15
N VAL A 350 -6.51 -12.12 -70.62
CA VAL A 350 -5.39 -11.68 -69.79
C VAL A 350 -5.44 -10.18 -69.56
N TYR A 351 -5.65 -9.41 -70.63
CA TYR A 351 -5.66 -7.95 -70.55
C TYR A 351 -6.95 -7.39 -69.99
N ALA A 352 -8.00 -8.20 -69.87
CA ALA A 352 -9.30 -7.76 -69.38
C ALA A 352 -9.76 -8.66 -68.25
N TRP A 353 -8.87 -8.89 -67.28
CA TRP A 353 -9.16 -9.80 -66.18
C TRP A 353 -10.31 -9.27 -65.33
N ASN A 354 -11.16 -10.18 -64.88
CA ASN A 354 -12.31 -9.81 -64.08
C ASN A 354 -11.88 -9.41 -62.67
N ARG A 355 -12.77 -8.68 -61.99
CA ARG A 355 -12.55 -8.26 -60.61
C ARG A 355 -13.86 -8.42 -59.85
N LYS A 356 -13.80 -9.10 -58.71
CA LYS A 356 -14.97 -9.35 -57.88
C LYS A 356 -14.66 -9.03 -56.44
N ARG A 357 -15.60 -8.38 -55.76
CA ARG A 357 -15.47 -8.01 -54.36
C ARG A 357 -16.34 -8.92 -53.51
N ILE A 358 -15.75 -9.49 -52.47
CA ILE A 358 -16.44 -10.40 -51.56
C ILE A 358 -16.28 -9.88 -50.14
N SER A 359 -17.39 -9.68 -49.45
CA SER A 359 -17.36 -9.11 -48.11
C SER A 359 -18.52 -9.61 -47.29
N ASN A 360 -18.36 -9.56 -45.96
CA ASN A 360 -19.39 -9.90 -44.99
C ASN A 360 -19.93 -11.32 -45.17
N CYS A 361 -19.01 -12.28 -45.20
CA CYS A 361 -19.38 -13.69 -45.24
C CYS A 361 -18.23 -14.50 -44.66
N VAL A 362 -18.54 -15.68 -44.13
CA VAL A 362 -17.51 -16.58 -43.65
C VAL A 362 -16.89 -17.32 -44.82
N ALA A 363 -15.56 -17.30 -44.89
CA ALA A 363 -14.82 -17.90 -45.99
C ALA A 363 -14.32 -19.26 -45.55
N ASP A 364 -14.89 -20.32 -46.13
CA ASP A 364 -14.48 -21.68 -45.84
C ASP A 364 -13.37 -22.08 -46.80
N TYR A 365 -12.14 -22.14 -46.30
CA TYR A 365 -10.98 -22.46 -47.13
C TYR A 365 -10.66 -23.95 -47.16
N SER A 366 -11.46 -24.78 -46.48
CA SER A 366 -11.20 -26.21 -46.50
C SER A 366 -11.47 -26.83 -47.86
N VAL A 367 -12.40 -26.27 -48.63
CA VAL A 367 -12.69 -26.79 -49.96
C VAL A 367 -11.50 -26.59 -50.89
N LEU A 368 -10.76 -25.48 -50.71
CA LEU A 368 -9.57 -25.27 -51.51
C LEU A 368 -8.42 -26.15 -51.03
N TYR A 369 -8.34 -26.40 -49.73
CA TYR A 369 -7.30 -27.27 -49.19
C TYR A 369 -7.46 -28.70 -49.70
N ASN A 370 -8.69 -29.20 -49.67
CA ASN A 370 -8.95 -30.60 -50.01
C ASN A 370 -9.20 -30.83 -51.48
N SER A 371 -9.16 -29.79 -52.31
CA SER A 371 -9.34 -29.96 -53.75
C SER A 371 -8.15 -30.69 -54.35
N ALA A 372 -8.44 -31.64 -55.24
CA ALA A 372 -7.41 -32.47 -55.86
C ALA A 372 -7.23 -32.14 -57.34
N SER A 373 -7.37 -30.86 -57.71
CA SER A 373 -7.21 -30.43 -59.09
C SER A 373 -6.24 -29.29 -59.28
N PHE A 374 -5.94 -28.51 -58.24
CA PHE A 374 -5.05 -27.36 -58.39
C PHE A 374 -3.63 -27.82 -58.66
N SER A 375 -2.97 -27.11 -59.58
CA SER A 375 -1.58 -27.42 -59.92
C SER A 375 -0.60 -26.66 -59.04
N THR A 376 -0.85 -25.37 -58.82
CA THR A 376 -0.03 -24.56 -57.93
C THR A 376 -0.91 -23.92 -56.86
N PHE A 377 -0.34 -23.77 -55.67
CA PHE A 377 -1.07 -23.21 -54.54
C PHE A 377 -0.05 -22.50 -53.65
N LYS A 378 0.10 -21.20 -53.84
CA LYS A 378 1.11 -20.41 -53.15
C LYS A 378 0.48 -19.19 -52.51
N CYS A 379 0.88 -18.90 -51.28
CA CYS A 379 0.46 -17.70 -50.57
C CYS A 379 1.69 -16.87 -50.24
N TYR A 380 1.67 -15.59 -50.61
CA TYR A 380 2.86 -14.75 -50.58
C TYR A 380 2.90 -13.74 -49.45
N GLY A 381 1.81 -13.56 -48.70
CA GLY A 381 1.81 -12.51 -47.70
C GLY A 381 1.43 -12.96 -46.31
N VAL A 382 0.79 -14.12 -46.18
CA VAL A 382 0.31 -14.61 -44.90
C VAL A 382 0.70 -16.07 -44.75
N SER A 383 0.67 -16.54 -43.51
CA SER A 383 0.88 -17.96 -43.26
C SER A 383 -0.36 -18.71 -43.74
N PRO A 384 -0.22 -19.63 -44.71
CA PRO A 384 -1.41 -20.25 -45.30
C PRO A 384 -2.09 -21.26 -44.38
N THR A 385 -1.41 -21.71 -43.33
CA THR A 385 -2.04 -22.62 -42.37
C THR A 385 -3.05 -21.93 -41.47
N LYS A 386 -3.02 -20.60 -41.39
CA LYS A 386 -3.90 -19.84 -40.51
C LYS A 386 -5.01 -19.12 -41.27
N LEU A 387 -5.30 -19.53 -42.50
CA LEU A 387 -6.36 -18.87 -43.26
C LEU A 387 -7.74 -19.19 -42.70
N ASN A 388 -7.88 -20.31 -41.97
CA ASN A 388 -9.19 -20.76 -41.54
C ASN A 388 -9.72 -19.98 -40.35
N ASP A 389 -8.86 -19.28 -39.60
CA ASP A 389 -9.30 -18.53 -38.42
C ASP A 389 -9.04 -17.04 -38.48
N LEU A 390 -8.17 -16.57 -39.38
CA LEU A 390 -7.94 -15.13 -39.50
C LEU A 390 -9.14 -14.44 -40.12
N CYS A 391 -9.29 -13.15 -39.80
CA CYS A 391 -10.40 -12.34 -40.28
C CYS A 391 -9.86 -11.11 -40.99
N PHE A 392 -10.50 -10.77 -42.11
CA PHE A 392 -10.10 -9.63 -42.93
C PHE A 392 -11.33 -8.80 -43.27
N THR A 393 -11.08 -7.57 -43.75
CA THR A 393 -12.17 -6.67 -44.10
C THR A 393 -12.80 -7.04 -45.42
N ASN A 394 -12.03 -7.00 -46.51
CA ASN A 394 -12.52 -7.34 -47.84
C ASN A 394 -11.50 -8.20 -48.55
N VAL A 395 -11.97 -9.02 -49.51
CA VAL A 395 -11.11 -9.83 -50.35
C VAL A 395 -11.53 -9.63 -51.80
N TYR A 396 -10.62 -9.93 -52.70
CA TYR A 396 -10.85 -9.80 -54.14
C TYR A 396 -10.41 -11.08 -54.84
N ALA A 397 -11.07 -11.37 -55.96
CA ALA A 397 -10.75 -12.55 -56.77
C ALA A 397 -10.52 -12.09 -58.20
N ASP A 398 -9.36 -12.43 -58.76
CA ASP A 398 -9.02 -12.13 -60.14
C ASP A 398 -8.87 -13.42 -60.92
N SER A 399 -9.59 -13.53 -62.03
CA SER A 399 -9.62 -14.75 -62.82
C SER A 399 -9.29 -14.43 -64.27
N PHE A 400 -8.44 -15.28 -64.87
CA PHE A 400 -8.08 -15.16 -66.28
C PHE A 400 -7.48 -16.48 -66.74
N VAL A 401 -7.20 -16.57 -68.04
CA VAL A 401 -6.62 -17.75 -68.65
C VAL A 401 -5.32 -17.34 -69.33
N ILE A 402 -4.22 -17.99 -68.94
CA ILE A 402 -2.90 -17.69 -69.48
C ILE A 402 -2.22 -18.97 -69.91
N ARG A 403 -1.12 -18.82 -70.65
CA ARG A 403 -0.31 -19.95 -71.07
C ARG A 403 0.35 -20.61 -69.87
N GLY A 404 0.60 -21.92 -69.98
CA GLY A 404 1.13 -22.67 -68.86
C GLY A 404 2.49 -22.18 -68.38
N ASP A 405 3.37 -21.81 -69.31
CA ASP A 405 4.67 -21.29 -68.93
C ASP A 405 4.60 -19.88 -68.36
N GLU A 406 3.46 -19.19 -68.51
CA GLU A 406 3.30 -17.84 -68.00
C GLU A 406 2.85 -17.80 -66.55
N VAL A 407 2.47 -18.94 -65.96
CA VAL A 407 2.04 -18.96 -64.57
C VAL A 407 3.20 -18.68 -63.63
N ARG A 408 4.44 -18.88 -64.09
CA ARG A 408 5.61 -18.67 -63.23
C ARG A 408 5.73 -17.21 -62.79
N GLN A 409 5.40 -16.28 -63.69
CA GLN A 409 5.65 -14.86 -63.43
C GLN A 409 4.47 -14.16 -62.77
N ILE A 410 3.46 -14.90 -62.30
CA ILE A 410 2.38 -14.31 -61.51
C ILE A 410 2.84 -14.37 -60.06
N ALA A 411 3.67 -13.40 -59.69
CA ALA A 411 4.32 -13.35 -58.39
C ALA A 411 4.98 -11.99 -58.20
N PRO A 412 5.14 -11.52 -56.95
CA PRO A 412 5.81 -10.23 -56.74
C PRO A 412 7.26 -10.28 -57.19
N GLY A 413 7.73 -9.16 -57.74
CA GLY A 413 9.12 -9.01 -58.09
C GLY A 413 9.56 -9.70 -59.35
N GLN A 414 8.66 -10.30 -60.12
CA GLN A 414 9.00 -11.04 -61.31
C GLN A 414 8.61 -10.25 -62.56
N THR A 415 9.48 -10.30 -63.57
CA THR A 415 9.28 -9.54 -64.79
C THR A 415 8.90 -10.47 -65.94
N GLY A 416 8.08 -9.96 -66.85
CA GLY A 416 7.64 -10.75 -67.99
C GLY A 416 6.69 -9.94 -68.84
N LYS A 417 6.17 -10.59 -69.88
CA LYS A 417 5.21 -9.92 -70.75
C LYS A 417 3.91 -9.61 -70.00
N ILE A 418 3.34 -10.62 -69.34
CA ILE A 418 2.12 -10.41 -68.57
C ILE A 418 2.39 -9.55 -67.34
N ALA A 419 3.56 -9.74 -66.71
CA ALA A 419 3.88 -9.00 -65.50
C ALA A 419 3.98 -7.50 -65.77
N ASP A 420 4.52 -7.12 -66.93
CA ASP A 420 4.75 -5.71 -67.21
C ASP A 420 3.63 -5.08 -68.03
N TYR A 421 2.96 -5.85 -68.89
CA TYR A 421 1.99 -5.30 -69.82
C TYR A 421 0.55 -5.61 -69.49
N ASN A 422 0.27 -6.71 -68.79
CA ASN A 422 -1.10 -7.16 -68.56
C ASN A 422 -1.48 -7.13 -67.08
N TYR A 423 -0.72 -7.82 -66.22
CA TYR A 423 -1.10 -7.98 -64.82
C TYR A 423 0.16 -7.82 -63.97
N LYS A 424 0.22 -6.73 -63.21
CA LYS A 424 1.33 -6.43 -62.33
C LYS A 424 0.90 -6.62 -60.89
N LEU A 425 1.70 -7.35 -60.11
CA LEU A 425 1.37 -7.67 -58.73
C LEU A 425 2.33 -6.96 -57.80
N PRO A 426 1.83 -6.17 -56.84
CA PRO A 426 2.72 -5.36 -56.01
C PRO A 426 3.59 -6.21 -55.10
N ASP A 427 4.73 -5.64 -54.71
CA ASP A 427 5.69 -6.34 -53.87
C ASP A 427 5.17 -6.57 -52.45
N ASP A 428 4.24 -5.75 -51.98
CA ASP A 428 3.62 -5.92 -50.67
C ASP A 428 2.34 -6.74 -50.73
N PHE A 429 2.23 -7.66 -51.68
CA PHE A 429 1.03 -8.45 -51.86
C PHE A 429 0.81 -9.39 -50.67
N THR A 430 -0.45 -9.50 -50.25
CA THR A 430 -0.85 -10.37 -49.14
C THR A 430 -2.04 -11.20 -49.61
N GLY A 431 -1.76 -12.38 -50.15
CA GLY A 431 -2.82 -13.23 -50.67
C GLY A 431 -2.25 -14.50 -51.24
N CYS A 432 -3.12 -15.27 -51.89
CA CYS A 432 -2.75 -16.57 -52.43
C CYS A 432 -3.05 -16.63 -53.93
N VAL A 433 -2.25 -17.41 -54.64
CA VAL A 433 -2.37 -17.58 -56.09
C VAL A 433 -2.70 -19.04 -56.36
N ILE A 434 -3.75 -19.27 -57.16
CA ILE A 434 -4.25 -20.60 -57.45
C ILE A 434 -4.33 -20.76 -58.97
N ALA A 435 -3.83 -21.88 -59.48
CA ALA A 435 -3.94 -22.17 -60.90
C ALA A 435 -4.01 -23.68 -61.09
N TRP A 436 -4.61 -24.08 -62.22
CA TRP A 436 -4.75 -25.49 -62.55
C TRP A 436 -4.89 -25.64 -64.06
N ASN A 437 -4.65 -26.86 -64.54
CA ASN A 437 -4.74 -27.14 -65.96
C ASN A 437 -6.20 -27.23 -66.38
N SER A 438 -6.53 -26.58 -67.49
CA SER A 438 -7.87 -26.61 -68.06
C SER A 438 -7.80 -26.83 -69.57
N ASN A 439 -6.97 -27.79 -69.98
CA ASN A 439 -6.79 -28.07 -71.40
C ASN A 439 -8.05 -28.62 -72.04
N ASN A 440 -8.79 -29.45 -71.30
CA ASN A 440 -9.97 -30.11 -71.86
C ASN A 440 -11.14 -29.15 -72.08
N LEU A 441 -11.08 -27.94 -71.55
CA LEU A 441 -12.17 -26.97 -71.66
C LEU A 441 -11.87 -25.83 -72.62
N ASP A 442 -10.67 -25.27 -72.58
CA ASP A 442 -10.35 -24.09 -73.37
C ASP A 442 -9.67 -24.42 -74.70
N SER A 443 -9.51 -25.70 -75.03
CA SER A 443 -8.87 -26.11 -76.27
C SER A 443 -9.82 -26.94 -77.09
N LYS A 444 -9.76 -26.75 -78.42
CA LYS A 444 -10.60 -27.48 -79.35
C LYS A 444 -9.72 -28.09 -80.44
N VAL A 445 -10.29 -29.08 -81.14
CA VAL A 445 -9.54 -29.79 -82.16
C VAL A 445 -9.16 -28.86 -83.31
N GLY A 446 -10.03 -27.89 -83.62
CA GLY A 446 -9.71 -26.91 -84.63
C GLY A 446 -8.82 -25.77 -84.16
N GLY A 447 -8.54 -25.71 -82.87
CA GLY A 447 -7.70 -24.65 -82.33
C GLY A 447 -8.49 -23.44 -81.87
N ASN A 448 -8.35 -23.07 -80.60
CA ASN A 448 -9.03 -21.90 -80.06
C ASN A 448 -8.25 -20.64 -80.39
N TYR A 449 -8.98 -19.57 -80.71
CA TYR A 449 -8.36 -18.30 -81.09
C TYR A 449 -9.09 -17.12 -80.48
N ASN A 450 -9.65 -17.28 -79.28
CA ASN A 450 -10.45 -16.24 -78.65
C ASN A 450 -9.69 -15.45 -77.59
N TYR A 451 -8.80 -16.09 -76.85
CA TYR A 451 -8.09 -15.42 -75.76
C TYR A 451 -7.01 -14.50 -76.32
N LEU A 452 -6.83 -13.35 -75.66
CA LEU A 452 -5.92 -12.32 -76.14
C LEU A 452 -5.05 -11.83 -74.98
N TYR A 453 -3.86 -11.33 -75.34
CA TYR A 453 -2.94 -10.74 -74.37
C TYR A 453 -2.15 -9.64 -75.06
N ARG A 454 -1.64 -8.72 -74.26
CA ARG A 454 -0.95 -7.54 -74.78
C ARG A 454 0.55 -7.78 -74.84
N LEU A 455 1.14 -7.51 -76.00
CA LEU A 455 2.57 -7.68 -76.22
C LEU A 455 3.29 -6.42 -76.67
N PHE A 456 2.57 -5.42 -77.15
CA PHE A 456 3.15 -4.12 -77.50
C PHE A 456 2.52 -3.07 -76.60
N ARG A 457 3.36 -2.32 -75.87
CA ARG A 457 2.88 -1.31 -74.95
C ARG A 457 4.05 -0.38 -74.63
N LYS A 458 3.75 0.93 -74.57
CA LYS A 458 4.81 1.91 -74.41
C LYS A 458 5.41 1.90 -73.01
N SER A 459 4.57 1.84 -71.98
CA SER A 459 5.04 1.99 -70.61
C SER A 459 4.59 0.81 -69.76
N ASN A 460 5.34 0.54 -68.71
CA ASN A 460 5.01 -0.53 -67.78
C ASN A 460 3.71 -0.23 -67.05
N LEU A 461 3.00 -1.30 -66.69
CA LEU A 461 1.68 -1.18 -66.09
C LEU A 461 1.79 -1.28 -64.57
N LYS A 462 1.24 -0.30 -63.87
CA LYS A 462 1.31 -0.24 -62.42
C LYS A 462 0.43 -1.32 -61.80
N PRO A 463 0.72 -1.73 -60.56
CA PRO A 463 -0.06 -2.81 -59.94
C PRO A 463 -1.54 -2.49 -59.85
N PHE A 464 -2.37 -3.50 -60.10
CA PHE A 464 -3.83 -3.41 -60.06
C PHE A 464 -4.35 -2.33 -61.01
N GLU A 465 -3.87 -2.37 -62.25
CA GLU A 465 -4.31 -1.46 -63.30
C GLU A 465 -4.75 -2.26 -64.52
N ARG A 466 -5.75 -1.76 -65.22
CA ARG A 466 -6.30 -2.41 -66.39
C ARG A 466 -6.35 -1.45 -67.56
N ASP A 467 -5.97 -1.93 -68.75
CA ASP A 467 -5.99 -1.14 -69.96
C ASP A 467 -6.85 -1.86 -70.99
N ILE A 468 -8.03 -1.31 -71.27
CA ILE A 468 -8.96 -1.91 -72.22
C ILE A 468 -8.83 -1.31 -73.62
N SER A 469 -8.26 -0.11 -73.74
CA SER A 469 -8.10 0.52 -75.05
C SER A 469 -7.16 -0.30 -75.93
N THR A 470 -7.56 -0.47 -77.19
CA THR A 470 -6.83 -1.29 -78.15
C THR A 470 -6.33 -0.46 -79.33
N GLU A 471 -5.88 0.77 -79.07
CA GLU A 471 -5.36 1.61 -80.14
C GLU A 471 -4.00 1.09 -80.59
N ILE A 472 -3.66 1.38 -81.86
CA ILE A 472 -2.46 0.83 -82.46
C ILE A 472 -1.22 1.42 -81.80
N TYR A 473 -0.14 0.63 -81.79
CA TYR A 473 1.10 1.02 -81.13
C TYR A 473 1.94 1.89 -82.05
N GLN A 474 2.53 2.94 -81.47
CA GLN A 474 3.36 3.88 -82.23
C GLN A 474 4.82 3.48 -82.09
N ALA A 475 5.19 2.42 -82.80
CA ALA A 475 6.60 2.00 -82.82
C ALA A 475 7.44 2.96 -83.64
N GLY A 476 6.90 3.48 -84.74
CA GLY A 476 7.63 4.41 -85.58
C GLY A 476 7.46 5.85 -85.14
N SER A 477 8.35 6.71 -85.66
CA SER A 477 8.30 8.12 -85.34
C SER A 477 7.05 8.78 -85.91
N THR A 478 6.67 8.43 -87.14
CA THR A 478 5.50 9.01 -87.76
C THR A 478 4.22 8.52 -87.06
N PRO A 479 3.19 9.36 -86.96
CA PRO A 479 1.92 8.90 -86.37
C PRO A 479 1.20 7.97 -87.32
N CYS A 480 0.94 6.74 -86.85
CA CYS A 480 0.25 5.75 -87.68
C CYS A 480 -1.18 6.19 -87.98
N ASN A 481 -1.87 6.74 -86.97
CA ASN A 481 -3.26 7.21 -87.11
C ASN A 481 -4.20 6.10 -87.59
N GLY A 482 -3.98 4.89 -87.10
CA GLY A 482 -4.87 3.78 -87.37
C GLY A 482 -4.56 2.96 -88.62
N VAL A 483 -3.57 3.37 -89.41
CA VAL A 483 -3.22 2.60 -90.60
C VAL A 483 -2.42 1.37 -90.19
N GLU A 484 -2.58 0.29 -90.94
CA GLU A 484 -1.87 -0.96 -90.66
C GLU A 484 -0.57 -1.05 -91.44
N GLY A 485 0.28 -0.03 -91.31
CA GLY A 485 1.56 -0.01 -91.98
C GLY A 485 2.68 -0.57 -91.12
N PHE A 486 3.90 -0.44 -91.65
CA PHE A 486 5.07 -0.88 -90.92
C PHE A 486 5.31 -0.01 -89.69
N ASN A 487 5.89 -0.62 -88.66
CA ASN A 487 6.07 -0.02 -87.33
C ASN A 487 4.73 0.37 -86.70
N CYS A 488 3.64 -0.27 -87.12
CA CYS A 488 2.30 -0.05 -86.58
C CYS A 488 1.63 -1.42 -86.51
N TYR A 489 1.61 -2.02 -85.33
CA TYR A 489 1.10 -3.38 -85.15
C TYR A 489 -0.04 -3.39 -84.14
N PHE A 490 -0.86 -4.42 -84.23
CA PHE A 490 -1.95 -4.63 -83.28
C PHE A 490 -1.33 -5.01 -81.94
N PRO A 491 -1.58 -4.25 -80.86
CA PRO A 491 -0.94 -4.55 -79.57
C PRO A 491 -1.45 -5.78 -78.86
N LEU A 492 -2.29 -6.60 -79.49
CA LEU A 492 -2.78 -7.84 -78.92
C LEU A 492 -2.52 -9.00 -79.87
N GLN A 493 -2.34 -10.20 -79.31
CA GLN A 493 -2.24 -11.43 -80.08
C GLN A 493 -3.01 -12.53 -79.39
N SER A 494 -3.33 -13.57 -80.17
CA SER A 494 -4.15 -14.68 -79.70
C SER A 494 -3.28 -15.91 -79.47
N TYR A 495 -3.72 -16.76 -78.55
CA TYR A 495 -3.01 -17.99 -78.23
C TYR A 495 -3.46 -19.12 -79.15
N GLY A 496 -2.49 -19.89 -79.63
CA GLY A 496 -2.78 -21.05 -80.45
C GLY A 496 -2.97 -22.32 -79.63
N PHE A 497 -4.06 -22.39 -78.87
CA PHE A 497 -4.31 -23.52 -78.00
C PHE A 497 -4.78 -24.72 -78.82
N GLN A 498 -4.05 -25.84 -78.71
CA GLN A 498 -4.40 -27.07 -79.37
C GLN A 498 -4.26 -28.23 -78.39
N PRO A 499 -5.10 -29.27 -78.53
CA PRO A 499 -5.01 -30.40 -77.60
C PRO A 499 -3.70 -31.17 -77.70
N THR A 500 -3.03 -31.14 -78.85
CA THR A 500 -1.79 -31.87 -79.04
C THR A 500 -0.56 -31.06 -78.65
N ASN A 501 -0.74 -29.85 -78.13
CA ASN A 501 0.40 -29.01 -77.74
C ASN A 501 1.08 -29.57 -76.50
N GLY A 502 2.26 -29.05 -76.22
CA GLY A 502 3.00 -29.47 -75.05
C GLY A 502 2.38 -28.95 -73.77
N VAL A 503 2.97 -29.40 -72.65
CA VAL A 503 2.46 -29.02 -71.33
C VAL A 503 2.63 -27.52 -71.10
N GLY A 504 3.73 -26.95 -71.61
CA GLY A 504 3.99 -25.53 -71.43
C GLY A 504 3.12 -24.62 -72.27
N TYR A 505 2.38 -25.17 -73.24
CA TYR A 505 1.52 -24.37 -74.10
C TYR A 505 0.04 -24.53 -73.81
N GLN A 506 -0.35 -25.51 -72.99
CA GLN A 506 -1.75 -25.72 -72.69
C GLN A 506 -2.30 -24.56 -71.84
N PRO A 507 -3.57 -24.22 -72.02
CA PRO A 507 -4.15 -23.13 -71.22
C PRO A 507 -4.25 -23.51 -69.75
N TYR A 508 -4.06 -22.52 -68.89
CA TYR A 508 -4.15 -22.69 -67.44
C TYR A 508 -5.02 -21.59 -66.86
N ARG A 509 -6.06 -21.98 -66.13
CA ARG A 509 -6.92 -21.01 -65.47
C ARG A 509 -6.28 -20.59 -64.15
N VAL A 510 -6.17 -19.28 -63.94
CA VAL A 510 -5.49 -18.72 -62.79
C VAL A 510 -6.48 -17.89 -61.99
N VAL A 511 -6.55 -18.14 -60.68
CA VAL A 511 -7.38 -17.38 -59.76
C VAL A 511 -6.47 -16.78 -58.69
N VAL A 512 -6.53 -15.47 -58.52
CA VAL A 512 -5.68 -14.74 -57.59
C VAL A 512 -6.56 -14.14 -56.50
N LEU A 513 -6.26 -14.48 -55.25
CA LEU A 513 -6.99 -13.96 -54.09
C LEU A 513 -6.12 -12.96 -53.36
N SER A 514 -6.70 -11.82 -53.01
CA SER A 514 -6.00 -10.76 -52.30
C SER A 514 -6.74 -10.43 -51.01
N PHE A 515 -5.97 -10.24 -49.94
CA PHE A 515 -6.51 -9.90 -48.63
C PHE A 515 -6.05 -8.50 -48.24
N GLU A 516 -6.98 -7.68 -47.75
CA GLU A 516 -6.67 -6.32 -47.35
C GLU A 516 -7.26 -6.04 -45.96
N LEU A 517 -6.57 -5.19 -45.21
CA LEU A 517 -7.00 -4.78 -43.88
C LEU A 517 -7.03 -3.26 -43.83
N LEU A 518 -8.17 -2.71 -43.40
CA LEU A 518 -8.36 -1.28 -43.28
C LEU A 518 -8.81 -0.94 -41.86
N HIS A 519 -9.08 0.35 -41.63
CA HIS A 519 -9.55 0.79 -40.32
C HIS A 519 -11.01 0.44 -40.09
N ALA A 520 -11.73 0.04 -41.14
CA ALA A 520 -13.10 -0.41 -40.97
C ALA A 520 -13.13 -1.73 -40.20
N PRO A 521 -14.21 -2.00 -39.46
CA PRO A 521 -14.30 -3.27 -38.74
C PRO A 521 -14.25 -4.46 -39.68
N ALA A 522 -13.62 -5.53 -39.22
CA ALA A 522 -13.43 -6.73 -40.04
C ALA A 522 -14.76 -7.42 -40.31
N THR A 523 -14.92 -7.89 -41.55
CA THR A 523 -16.16 -8.52 -41.97
C THR A 523 -16.01 -9.97 -42.41
N VAL A 524 -14.92 -10.32 -43.11
CA VAL A 524 -14.73 -11.66 -43.66
C VAL A 524 -13.90 -12.44 -42.64
N CYS A 525 -14.58 -13.10 -41.71
CA CYS A 525 -13.93 -13.95 -40.72
C CYS A 525 -14.00 -15.41 -41.15
N GLY A 526 -13.26 -16.24 -40.42
CA GLY A 526 -13.25 -17.66 -40.67
C GLY A 526 -14.32 -18.40 -39.88
N PRO A 527 -14.66 -19.61 -40.31
CA PRO A 527 -15.66 -20.39 -39.58
C PRO A 527 -15.17 -20.79 -38.19
N LYS A 528 -16.14 -20.94 -37.27
CA LYS A 528 -15.86 -21.32 -35.90
C LYS A 528 -16.74 -22.49 -35.51
N LYS A 529 -16.21 -23.36 -34.65
CA LYS A 529 -16.87 -24.58 -34.26
C LYS A 529 -17.61 -24.39 -32.93
N SER A 530 -18.34 -25.43 -32.52
CA SER A 530 -19.09 -25.40 -31.29
C SER A 530 -19.26 -26.82 -30.78
N THR A 531 -19.57 -26.93 -29.49
CA THR A 531 -19.76 -28.20 -28.80
C THR A 531 -21.23 -28.37 -28.39
N ASN A 532 -21.50 -29.43 -27.64
CA ASN A 532 -22.85 -29.71 -27.16
C ASN A 532 -23.06 -29.12 -25.77
N LEU A 533 -24.32 -29.13 -25.33
CA LEU A 533 -24.69 -28.58 -24.03
C LEU A 533 -24.66 -29.66 -22.95
N VAL A 534 -24.27 -29.24 -21.75
CA VAL A 534 -24.37 -30.07 -20.55
C VAL A 534 -25.06 -29.23 -19.48
N LYS A 535 -25.96 -29.87 -18.73
CA LYS A 535 -26.76 -29.17 -17.74
C LYS A 535 -26.67 -29.88 -16.39
N ASN A 536 -26.97 -29.11 -15.34
CA ASN A 536 -27.00 -29.61 -13.96
C ASN A 536 -25.63 -30.17 -13.54
N LYS A 537 -24.56 -29.48 -13.92
CA LYS A 537 -23.22 -29.85 -13.50
C LYS A 537 -22.33 -28.62 -13.55
N CYS A 538 -21.27 -28.64 -12.75
CA CYS A 538 -20.31 -27.56 -12.71
C CYS A 538 -19.44 -27.63 -13.96
N VAL A 539 -19.50 -26.60 -14.80
CA VAL A 539 -18.89 -26.66 -16.12
C VAL A 539 -18.56 -25.25 -16.59
N ASN A 540 -17.41 -25.11 -17.25
CA ASN A 540 -17.06 -23.86 -17.90
C ASN A 540 -17.88 -23.68 -19.18
N PHE A 541 -18.07 -22.42 -19.59
CA PHE A 541 -18.87 -22.14 -20.76
C PHE A 541 -18.29 -20.95 -21.49
N ASN A 542 -18.66 -20.83 -22.76
CA ASN A 542 -18.23 -19.70 -23.60
C ASN A 542 -19.36 -19.41 -24.59
N PHE A 543 -20.18 -18.42 -24.28
CA PHE A 543 -21.32 -18.05 -25.10
C PHE A 543 -21.00 -16.74 -25.82
N ASN A 544 -20.64 -16.85 -27.10
CA ASN A 544 -20.32 -15.69 -27.95
C ASN A 544 -19.24 -14.81 -27.32
N GLY A 545 -18.21 -15.45 -26.77
CA GLY A 545 -17.11 -14.73 -26.15
C GLY A 545 -17.30 -14.44 -24.68
N LEU A 546 -18.46 -14.74 -24.10
CA LEU A 546 -18.72 -14.54 -22.68
C LEU A 546 -18.31 -15.80 -21.93
N THR A 547 -17.25 -15.70 -21.13
CA THR A 547 -16.70 -16.84 -20.41
C THR A 547 -17.16 -16.82 -18.96
N GLY A 548 -17.12 -18.00 -18.34
CA GLY A 548 -17.51 -18.12 -16.95
C GLY A 548 -17.44 -19.56 -16.49
N THR A 549 -17.97 -19.80 -15.30
CA THR A 549 -17.98 -21.13 -14.70
C THR A 549 -19.19 -21.24 -13.80
N GLY A 550 -20.05 -22.23 -14.05
CA GLY A 550 -21.22 -22.41 -13.23
C GLY A 550 -22.07 -23.55 -13.74
N VAL A 551 -23.24 -23.70 -13.11
CA VAL A 551 -24.19 -24.75 -13.46
C VAL A 551 -25.26 -24.15 -14.36
N LEU A 552 -25.46 -24.78 -15.52
CA LEU A 552 -26.46 -24.33 -16.48
C LEU A 552 -27.75 -25.10 -16.25
N THR A 553 -28.83 -24.37 -15.97
CA THR A 553 -30.14 -24.97 -15.72
C THR A 553 -31.19 -24.22 -16.53
N GLU A 554 -32.39 -24.79 -16.58
CA GLU A 554 -33.50 -24.15 -17.27
C GLU A 554 -33.98 -22.93 -16.49
N SER A 555 -34.62 -22.01 -17.20
CA SER A 555 -35.09 -20.76 -16.62
C SER A 555 -36.51 -20.47 -17.08
N ASN A 556 -37.20 -19.64 -16.30
CA ASN A 556 -38.56 -19.23 -16.60
C ASN A 556 -38.68 -17.78 -17.05
N LYS A 557 -37.63 -16.99 -16.89
CA LYS A 557 -37.68 -15.59 -17.30
C LYS A 557 -37.72 -15.48 -18.83
N LYS A 558 -38.39 -14.44 -19.31
CA LYS A 558 -38.59 -14.21 -20.73
C LYS A 558 -37.80 -12.96 -21.13
N PHE A 559 -36.77 -13.15 -21.94
CA PHE A 559 -35.98 -12.02 -22.42
C PHE A 559 -36.70 -11.30 -23.55
N LEU A 560 -36.31 -10.04 -23.74
CA LEU A 560 -36.73 -9.33 -24.94
C LEU A 560 -36.03 -9.93 -26.16
N PRO A 561 -36.60 -9.79 -27.35
CA PRO A 561 -36.01 -10.43 -28.53
C PRO A 561 -34.59 -9.98 -28.84
N PHE A 562 -34.22 -8.75 -28.51
CA PHE A 562 -32.89 -8.25 -28.79
C PHE A 562 -31.91 -8.41 -27.63
N GLN A 563 -32.37 -8.85 -26.46
CA GLN A 563 -31.51 -8.98 -25.30
C GLN A 563 -30.83 -10.34 -25.28
N GLN A 564 -29.65 -10.39 -24.66
CA GLN A 564 -28.83 -11.60 -24.67
C GLN A 564 -28.60 -12.18 -23.28
N PHE A 565 -28.20 -11.37 -22.31
CA PHE A 565 -27.88 -11.87 -20.97
C PHE A 565 -28.38 -10.90 -19.92
N GLY A 566 -28.33 -11.34 -18.67
CA GLY A 566 -28.88 -10.59 -17.56
C GLY A 566 -27.81 -10.18 -16.56
N ARG A 567 -27.95 -8.96 -16.03
CA ARG A 567 -27.04 -8.37 -15.05
C ARG A 567 -27.85 -7.72 -13.93
N ASP A 568 -28.80 -8.47 -13.38
CA ASP A 568 -29.82 -7.88 -12.51
C ASP A 568 -29.21 -7.31 -11.22
N ILE A 569 -28.34 -8.08 -10.56
CA ILE A 569 -27.82 -7.71 -9.25
C ILE A 569 -26.30 -7.68 -9.31
N ALA A 570 -25.72 -6.55 -8.89
CA ALA A 570 -24.27 -6.37 -8.76
C ALA A 570 -23.52 -6.58 -10.07
N ASP A 571 -24.21 -6.39 -11.20
CA ASP A 571 -23.62 -6.54 -12.53
C ASP A 571 -23.00 -7.91 -12.72
N THR A 572 -23.69 -8.95 -12.24
CA THR A 572 -23.22 -10.33 -12.34
C THR A 572 -24.13 -11.10 -13.29
N THR A 573 -23.52 -11.83 -14.22
CA THR A 573 -24.27 -12.61 -15.19
C THR A 573 -24.88 -13.84 -14.51
N ASP A 574 -26.18 -14.04 -14.71
CA ASP A 574 -26.87 -15.20 -14.17
C ASP A 574 -27.79 -15.90 -15.17
N ALA A 575 -28.11 -15.27 -16.29
CA ALA A 575 -28.91 -15.90 -17.34
C ALA A 575 -28.33 -15.52 -18.69
N VAL A 576 -28.16 -16.51 -19.56
CA VAL A 576 -27.56 -16.30 -20.87
C VAL A 576 -28.43 -17.00 -21.92
N ARG A 577 -28.78 -16.27 -22.97
CA ARG A 577 -29.53 -16.86 -24.07
C ARG A 577 -28.63 -17.76 -24.91
N ASP A 578 -29.12 -18.94 -25.24
CA ASP A 578 -28.37 -19.87 -26.07
C ASP A 578 -28.39 -19.38 -27.52
N PRO A 579 -27.24 -19.16 -28.14
CA PRO A 579 -27.23 -18.63 -29.51
C PRO A 579 -27.82 -19.57 -30.55
N GLN A 580 -27.92 -20.87 -30.25
CA GLN A 580 -28.41 -21.83 -31.23
C GLN A 580 -29.91 -22.08 -31.09
N THR A 581 -30.35 -22.53 -29.92
CA THR A 581 -31.74 -22.87 -29.69
C THR A 581 -32.59 -21.68 -29.24
N LEU A 582 -31.98 -20.51 -29.04
CA LEU A 582 -32.67 -19.30 -28.58
C LEU A 582 -33.40 -19.55 -27.25
N GLU A 583 -32.75 -20.26 -26.35
CA GLU A 583 -33.28 -20.57 -25.03
C GLU A 583 -32.46 -19.88 -23.96
N ILE A 584 -33.12 -19.55 -22.86
CA ILE A 584 -32.50 -18.84 -21.74
C ILE A 584 -32.11 -19.85 -20.68
N LEU A 585 -30.83 -19.86 -20.31
CA LEU A 585 -30.29 -20.79 -19.33
C LEU A 585 -29.78 -20.03 -18.11
N ASP A 586 -30.17 -20.47 -16.93
CA ASP A 586 -29.70 -19.87 -15.70
C ASP A 586 -28.28 -20.35 -15.38
N ILE A 587 -27.52 -19.45 -14.75
CA ILE A 587 -26.14 -19.74 -14.37
C ILE A 587 -26.00 -19.56 -12.86
N THR A 588 -25.40 -20.54 -12.20
CA THR A 588 -25.20 -20.53 -10.76
C THR A 588 -23.90 -21.26 -10.46
N PRO A 589 -23.03 -20.71 -9.62
CA PRO A 589 -21.83 -21.45 -9.21
C PRO A 589 -22.20 -22.74 -8.50
N CYS A 590 -21.44 -23.80 -8.80
CA CYS A 590 -21.81 -25.14 -8.37
C CYS A 590 -21.80 -25.31 -6.85
N SER A 591 -20.65 -25.20 -6.19
CA SER A 591 -20.61 -25.40 -4.75
C SER A 591 -19.35 -24.81 -4.16
N PHE A 592 -19.46 -24.36 -2.91
CA PHE A 592 -18.35 -23.92 -2.09
C PHE A 592 -18.85 -23.81 -0.65
N GLY A 593 -17.96 -24.09 0.29
CA GLY A 593 -18.34 -24.00 1.70
C GLY A 593 -17.21 -24.48 2.58
N GLY A 594 -17.47 -24.44 3.89
CA GLY A 594 -16.52 -24.89 4.88
C GLY A 594 -16.83 -26.28 5.41
N VAL A 595 -15.87 -26.81 6.17
CA VAL A 595 -15.99 -28.13 6.78
C VAL A 595 -15.76 -27.99 8.27
N SER A 596 -16.70 -28.51 9.06
CA SER A 596 -16.60 -28.48 10.52
C SER A 596 -16.63 -29.90 11.07
N VAL A 597 -15.91 -30.10 12.17
CA VAL A 597 -15.81 -31.40 12.82
C VAL A 597 -16.40 -31.29 14.21
N ILE A 598 -17.31 -32.21 14.53
CA ILE A 598 -17.97 -32.25 15.83
C ILE A 598 -17.40 -33.43 16.61
N THR A 599 -16.83 -33.15 17.78
CA THR A 599 -16.22 -34.19 18.61
C THR A 599 -16.64 -33.98 20.05
N PRO A 600 -16.79 -35.06 20.81
CA PRO A 600 -17.05 -34.94 22.26
C PRO A 600 -15.81 -34.84 23.12
N GLY A 601 -14.63 -34.59 22.54
CA GLY A 601 -13.40 -34.53 23.29
C GLY A 601 -12.62 -35.83 23.23
N THR A 602 -11.32 -35.74 23.00
CA THR A 602 -10.49 -36.94 22.90
C THR A 602 -10.40 -37.69 24.22
N ASN A 603 -10.68 -37.02 25.34
CA ASN A 603 -10.69 -37.70 26.64
C ASN A 603 -11.81 -38.74 26.70
N THR A 604 -12.97 -38.42 26.13
CA THR A 604 -14.10 -39.33 26.17
C THR A 604 -14.00 -40.40 25.08
N SER A 605 -13.99 -39.97 23.82
CA SER A 605 -13.94 -40.91 22.71
C SER A 605 -13.32 -40.23 21.49
N ASN A 606 -12.88 -41.04 20.54
CA ASN A 606 -12.25 -40.56 19.32
C ASN A 606 -13.22 -40.42 18.15
N GLN A 607 -14.50 -40.71 18.35
CA GLN A 607 -15.46 -40.60 17.27
C GLN A 607 -15.73 -39.13 16.94
N VAL A 608 -15.87 -38.84 15.65
CA VAL A 608 -16.10 -37.49 15.17
C VAL A 608 -17.21 -37.50 14.13
N ALA A 609 -17.78 -36.32 13.90
CA ALA A 609 -18.78 -36.11 12.86
C ALA A 609 -18.38 -34.91 12.02
N VAL A 610 -18.70 -34.97 10.73
CA VAL A 610 -18.29 -33.97 9.75
C VAL A 610 -19.53 -33.26 9.23
N LEU A 611 -19.50 -31.93 9.26
CA LEU A 611 -20.61 -31.10 8.81
C LEU A 611 -20.14 -30.18 7.69
N TYR A 612 -20.93 -30.11 6.62
CA TYR A 612 -20.68 -29.22 5.50
C TYR A 612 -21.77 -28.15 5.50
N GLN A 613 -21.38 -26.88 5.59
CA GLN A 613 -22.35 -25.80 5.70
C GLN A 613 -22.90 -25.41 4.33
N GLY A 614 -24.22 -25.26 4.26
CA GLY A 614 -24.88 -24.75 3.08
C GLY A 614 -24.71 -25.61 1.84
N VAL A 615 -24.89 -26.93 1.99
CA VAL A 615 -24.65 -27.89 0.93
C VAL A 615 -25.93 -28.70 0.72
N ASN A 616 -26.33 -28.86 -0.54
CA ASN A 616 -27.45 -29.73 -0.88
C ASN A 616 -27.16 -31.18 -0.56
N CYS A 617 -25.89 -31.53 -0.38
CA CYS A 617 -25.37 -32.80 0.13
C CYS A 617 -25.43 -33.87 -0.95
N THR A 618 -25.55 -33.49 -2.22
CA THR A 618 -25.53 -34.42 -3.33
C THR A 618 -24.23 -34.37 -4.12
N GLU A 619 -23.25 -33.57 -3.66
CA GLU A 619 -21.95 -33.51 -4.30
C GLU A 619 -20.81 -33.82 -3.34
N VAL A 620 -21.11 -34.36 -2.15
CA VAL A 620 -20.05 -34.68 -1.19
C VAL A 620 -19.12 -35.79 -1.66
N PRO A 621 -19.53 -36.75 -2.52
CA PRO A 621 -18.42 -37.63 -2.92
C PRO A 621 -17.54 -37.00 -4.00
N SER A 640 -22.37 -45.11 6.57
CA SER A 640 -22.47 -43.95 7.45
C SER A 640 -23.86 -43.33 7.40
N ASN A 641 -24.28 -42.72 8.50
CA ASN A 641 -25.58 -42.09 8.57
C ASN A 641 -25.51 -40.67 7.99
N VAL A 642 -26.44 -40.36 7.10
CA VAL A 642 -26.52 -39.04 6.46
C VAL A 642 -27.85 -38.42 6.83
N PHE A 643 -27.80 -37.24 7.44
CA PHE A 643 -28.99 -36.50 7.85
C PHE A 643 -28.94 -35.10 7.26
N GLN A 644 -30.02 -34.69 6.61
CA GLN A 644 -30.08 -33.40 5.95
C GLN A 644 -30.58 -32.35 6.95
N THR A 645 -29.76 -31.34 7.19
CA THR A 645 -30.07 -30.26 8.10
C THR A 645 -30.16 -28.95 7.32
N ARG A 646 -30.95 -28.01 7.84
CA ARG A 646 -31.12 -26.71 7.18
C ARG A 646 -29.81 -25.94 7.05
N ALA A 647 -28.81 -26.26 7.87
CA ALA A 647 -27.48 -25.67 7.76
C ALA A 647 -26.49 -26.58 7.05
N GLY A 648 -26.99 -27.47 6.21
CA GLY A 648 -26.15 -28.43 5.51
C GLY A 648 -26.10 -29.76 6.24
N CYS A 649 -25.89 -30.83 5.48
CA CYS A 649 -25.95 -32.17 6.05
C CYS A 649 -24.70 -32.46 6.87
N LEU A 650 -24.85 -33.43 7.79
CA LEU A 650 -23.74 -33.91 8.58
C LEU A 650 -23.73 -35.43 8.55
N ILE A 651 -22.53 -36.00 8.51
CA ILE A 651 -22.36 -37.45 8.45
C ILE A 651 -21.78 -37.94 9.77
N GLY A 652 -22.01 -39.22 10.06
CA GLY A 652 -21.56 -39.82 11.29
C GLY A 652 -22.46 -39.60 12.47
N ALA A 653 -23.59 -38.93 12.31
CA ALA A 653 -24.53 -38.66 13.38
C ALA A 653 -25.86 -39.33 13.10
N GLU A 654 -26.46 -39.91 14.13
CA GLU A 654 -27.72 -40.63 14.01
C GLU A 654 -28.86 -39.75 14.50
N HIS A 655 -29.85 -39.53 13.63
CA HIS A 655 -31.01 -38.75 14.01
C HIS A 655 -31.90 -39.54 14.96
N VAL A 656 -32.56 -38.83 15.88
CA VAL A 656 -33.46 -39.43 16.85
C VAL A 656 -34.74 -38.58 16.93
N ASN A 657 -35.82 -39.23 17.37
CA ASN A 657 -37.07 -38.52 17.62
C ASN A 657 -37.05 -37.71 18.90
N ASN A 658 -36.18 -38.04 19.83
CA ASN A 658 -36.20 -37.42 21.15
C ASN A 658 -35.64 -36.00 21.09
N SER A 659 -35.88 -35.25 22.18
CA SER A 659 -35.38 -33.89 22.33
C SER A 659 -34.76 -33.72 23.70
N TYR A 660 -33.59 -33.09 23.73
CA TYR A 660 -32.88 -32.83 24.98
C TYR A 660 -32.34 -31.40 24.94
N GLU A 661 -31.61 -31.03 25.99
CA GLU A 661 -30.94 -29.74 26.01
C GLU A 661 -29.76 -29.73 25.05
N CYS A 662 -29.38 -28.54 24.61
CA CYS A 662 -28.31 -28.41 23.63
C CYS A 662 -26.96 -28.64 24.27
N ASP A 663 -26.23 -29.64 23.77
CA ASP A 663 -24.87 -29.92 24.21
C ASP A 663 -23.84 -29.27 23.29
N ILE A 664 -23.88 -29.63 22.01
CA ILE A 664 -22.99 -29.04 21.00
C ILE A 664 -23.87 -28.38 19.94
N PRO A 665 -23.90 -27.04 19.87
CA PRO A 665 -24.77 -26.38 18.89
C PRO A 665 -24.32 -26.64 17.46
N ILE A 666 -25.29 -26.82 16.57
CA ILE A 666 -25.03 -27.01 15.15
C ILE A 666 -25.65 -25.89 14.31
N GLY A 667 -26.89 -25.52 14.59
CA GLY A 667 -27.57 -24.45 13.88
C GLY A 667 -29.00 -24.83 13.55
N ALA A 668 -29.85 -23.81 13.42
CA ALA A 668 -31.27 -23.96 13.09
C ALA A 668 -31.99 -24.86 14.08
N GLY A 669 -31.67 -24.72 15.36
CA GLY A 669 -32.32 -25.49 16.39
C GLY A 669 -31.92 -26.94 16.46
N ILE A 670 -30.74 -27.29 15.94
CA ILE A 670 -30.24 -28.67 15.95
C ILE A 670 -28.96 -28.69 16.78
N CYS A 671 -28.87 -29.66 17.69
CA CYS A 671 -27.68 -29.84 18.51
C CYS A 671 -27.31 -31.32 18.55
N ALA A 672 -26.04 -31.58 18.82
CA ALA A 672 -25.49 -32.93 18.84
C ALA A 672 -24.91 -33.25 20.21
N SER A 673 -24.89 -34.53 20.54
CA SER A 673 -24.37 -35.00 21.81
C SER A 673 -23.93 -36.44 21.67
N TYR A 674 -23.32 -36.96 22.73
CA TYR A 674 -22.83 -38.33 22.77
C TYR A 674 -23.79 -39.19 23.59
N GLN A 675 -24.14 -40.35 23.05
CA GLN A 675 -25.08 -41.24 23.73
C GLN A 675 -24.50 -41.80 25.03
N THR A 676 -23.18 -42.00 25.08
CA THR A 676 -22.48 -42.56 26.23
C THR A 676 -23.06 -43.91 26.66
N GLN A 690 -22.62 -44.45 23.33
CA GLN A 690 -21.42 -44.85 22.61
C GLN A 690 -21.48 -44.39 21.16
N SER A 691 -22.39 -43.46 20.87
CA SER A 691 -22.55 -42.95 19.52
C SER A 691 -22.96 -41.49 19.58
N ILE A 692 -22.75 -40.79 18.47
CA ILE A 692 -23.11 -39.38 18.35
C ILE A 692 -24.50 -39.28 17.74
N ILE A 693 -25.37 -38.50 18.38
CA ILE A 693 -26.75 -38.35 17.94
C ILE A 693 -27.05 -36.88 17.72
N ALA A 694 -28.05 -36.63 16.87
CA ALA A 694 -28.53 -35.28 16.58
C ALA A 694 -30.01 -35.19 16.89
N TYR A 695 -30.43 -34.07 17.48
CA TYR A 695 -31.79 -33.92 17.95
C TYR A 695 -32.19 -32.45 17.93
N THR A 696 -33.50 -32.22 18.02
CA THR A 696 -34.04 -30.89 18.12
C THR A 696 -33.95 -30.39 19.57
N MET A 697 -33.66 -29.11 19.73
CA MET A 697 -33.51 -28.52 21.05
C MET A 697 -34.81 -28.57 21.84
N SER A 698 -34.66 -28.74 23.15
CA SER A 698 -35.78 -28.64 24.09
C SER A 698 -35.56 -27.41 24.96
N LEU A 699 -36.57 -26.54 25.00
CA LEU A 699 -36.42 -25.28 25.73
C LEU A 699 -36.44 -25.51 27.23
N GLY A 700 -37.07 -26.58 27.69
CA GLY A 700 -37.11 -26.88 29.11
C GLY A 700 -38.37 -27.65 29.45
N ALA A 701 -38.51 -27.95 30.74
CA ALA A 701 -39.70 -28.63 31.23
C ALA A 701 -40.93 -27.74 31.10
N GLU A 702 -42.05 -28.35 30.75
CA GLU A 702 -43.31 -27.64 30.56
C GLU A 702 -44.25 -27.96 31.70
N ASN A 703 -44.73 -26.91 32.38
CA ASN A 703 -45.65 -27.07 33.49
C ASN A 703 -46.72 -25.99 33.42
N SER A 704 -47.89 -26.29 33.96
CA SER A 704 -49.01 -25.37 34.01
C SER A 704 -49.32 -25.04 35.46
N VAL A 705 -49.32 -23.75 35.79
CA VAL A 705 -49.61 -23.32 37.15
C VAL A 705 -51.12 -23.35 37.38
N ALA A 706 -51.53 -23.84 38.54
CA ALA A 706 -52.94 -23.97 38.88
C ALA A 706 -53.47 -22.59 39.27
N TYR A 707 -54.04 -21.90 38.28
CA TYR A 707 -54.55 -20.55 38.48
C TYR A 707 -56.03 -20.57 38.81
N SER A 708 -56.42 -19.72 39.76
CA SER A 708 -57.81 -19.56 40.15
C SER A 708 -57.97 -18.17 40.74
N ASN A 709 -59.22 -17.71 40.82
CA ASN A 709 -59.49 -16.37 41.30
C ASN A 709 -59.64 -16.30 42.82
N ASN A 710 -59.48 -17.42 43.52
CA ASN A 710 -59.53 -17.41 44.99
C ASN A 710 -58.46 -18.31 45.59
N SER A 711 -57.34 -18.52 44.92
CA SER A 711 -56.28 -19.39 45.40
C SER A 711 -54.94 -18.67 45.35
N ILE A 712 -54.15 -18.83 46.42
CA ILE A 712 -52.82 -18.26 46.50
C ILE A 712 -51.87 -19.34 47.00
N ALA A 713 -50.58 -19.14 46.77
CA ALA A 713 -49.54 -20.03 47.26
C ALA A 713 -48.58 -19.24 48.14
N ILE A 714 -48.35 -19.72 49.36
CA ILE A 714 -47.51 -19.04 50.33
C ILE A 714 -46.44 -20.01 50.80
N PRO A 715 -45.16 -19.67 50.70
CA PRO A 715 -44.11 -20.59 51.19
C PRO A 715 -44.11 -20.69 52.70
N THR A 716 -43.65 -21.83 53.19
CA THR A 716 -43.57 -22.09 54.63
C THR A 716 -42.14 -22.29 55.11
N ASN A 717 -41.15 -22.27 54.22
CA ASN A 717 -39.76 -22.44 54.58
C ASN A 717 -38.91 -21.57 53.66
N PHE A 718 -37.60 -21.60 53.87
CA PHE A 718 -36.69 -20.81 53.07
C PHE A 718 -35.31 -21.45 53.06
N THR A 719 -34.55 -21.17 52.01
CA THR A 719 -33.17 -21.59 51.88
C THR A 719 -32.34 -20.41 51.39
N ILE A 720 -31.13 -20.28 51.92
CA ILE A 720 -30.21 -19.24 51.48
C ILE A 720 -29.13 -19.87 50.63
N SER A 721 -28.70 -19.16 49.59
CA SER A 721 -27.76 -19.67 48.61
C SER A 721 -26.69 -18.64 48.32
N VAL A 722 -25.53 -19.12 47.88
CA VAL A 722 -24.40 -18.29 47.50
C VAL A 722 -24.05 -18.58 46.05
N THR A 723 -23.86 -17.52 45.26
CA THR A 723 -23.50 -17.65 43.85
C THR A 723 -22.23 -16.87 43.57
N THR A 724 -21.52 -17.28 42.52
CA THR A 724 -20.24 -16.71 42.16
C THR A 724 -20.36 -15.98 40.83
N GLU A 725 -19.79 -14.79 40.76
CA GLU A 725 -19.79 -13.98 39.54
C GLU A 725 -18.40 -13.41 39.32
N ILE A 726 -17.91 -13.50 38.09
CA ILE A 726 -16.55 -13.10 37.73
C ILE A 726 -16.61 -12.08 36.62
N LEU A 727 -15.90 -10.96 36.80
CA LEU A 727 -15.80 -9.91 35.79
C LEU A 727 -14.34 -9.50 35.64
N PRO A 728 -13.82 -9.40 34.42
CA PRO A 728 -12.48 -8.86 34.22
C PRO A 728 -12.47 -7.34 34.39
N VAL A 729 -11.30 -6.82 34.80
CA VAL A 729 -11.16 -5.39 35.01
C VAL A 729 -10.03 -4.76 34.21
N SER A 730 -9.00 -5.50 33.82
CA SER A 730 -7.86 -4.91 33.10
C SER A 730 -7.14 -6.01 32.33
N MET A 731 -6.13 -5.61 31.57
CA MET A 731 -5.31 -6.55 30.81
C MET A 731 -3.85 -6.12 30.97
N THR A 732 -2.98 -6.79 30.22
CA THR A 732 -1.54 -6.52 30.30
C THR A 732 -1.20 -5.24 29.53
N LYS A 733 -0.28 -4.46 30.08
CA LYS A 733 0.18 -3.24 29.46
C LYS A 733 1.42 -3.53 28.63
N THR A 734 1.36 -3.22 27.33
CA THR A 734 2.45 -3.48 26.42
C THR A 734 2.79 -2.21 25.64
N SER A 735 4.05 -2.15 25.18
CA SER A 735 4.52 -1.04 24.37
C SER A 735 5.43 -1.58 23.28
N VAL A 736 5.25 -1.09 22.06
CA VAL A 736 6.02 -1.53 20.90
C VAL A 736 6.69 -0.33 20.26
N ASP A 737 7.98 -0.45 19.97
CA ASP A 737 8.75 0.60 19.31
C ASP A 737 8.84 0.30 17.82
N CYS A 738 8.80 1.36 17.01
CA CYS A 738 8.80 1.19 15.56
C CYS A 738 10.19 0.83 15.03
N THR A 739 11.18 1.66 15.33
CA THR A 739 12.50 1.52 14.72
C THR A 739 13.14 0.18 15.05
N MET A 740 12.88 -0.35 16.25
CA MET A 740 13.43 -1.65 16.61
C MET A 740 12.63 -2.81 16.02
N TYR A 741 11.37 -2.57 15.66
CA TYR A 741 10.52 -3.60 15.05
C TYR A 741 10.51 -3.50 13.53
N ILE A 742 10.16 -2.33 13.00
CA ILE A 742 10.05 -2.16 11.55
C ILE A 742 11.43 -2.22 10.89
N CYS A 743 12.45 -1.65 11.54
CA CYS A 743 13.77 -1.51 10.93
C CYS A 743 14.81 -2.41 11.56
N GLY A 744 14.98 -2.36 12.87
CA GLY A 744 16.02 -3.15 13.51
C GLY A 744 17.39 -2.53 13.39
N ASP A 745 17.57 -1.36 14.01
CA ASP A 745 18.84 -0.62 14.10
C ASP A 745 19.55 -0.46 12.76
N SER A 746 18.77 -0.37 11.68
CA SER A 746 19.32 -0.14 10.35
C SER A 746 19.24 1.35 10.01
N THR A 747 20.37 1.91 9.57
CA THR A 747 20.42 3.34 9.28
C THR A 747 19.61 3.69 8.03
N GLU A 748 19.79 2.89 6.96
CA GLU A 748 19.06 3.15 5.72
C GLU A 748 17.55 2.99 5.91
N CYS A 749 17.15 1.97 6.67
CA CYS A 749 15.73 1.78 6.93
C CYS A 749 15.16 2.96 7.73
N SER A 750 15.92 3.47 8.70
CA SER A 750 15.46 4.63 9.47
C SER A 750 15.36 5.86 8.58
N ASN A 751 16.32 6.04 7.68
CA ASN A 751 16.28 7.18 6.76
C ASN A 751 15.07 7.10 5.84
N LEU A 752 14.72 5.90 5.37
CA LEU A 752 13.54 5.75 4.53
C LEU A 752 12.25 5.86 5.35
N LEU A 753 12.29 5.50 6.62
CA LEU A 753 11.09 5.56 7.46
C LEU A 753 10.77 6.98 7.89
N LEU A 754 11.79 7.81 8.12
CA LEU A 754 11.55 9.16 8.61
C LEU A 754 10.84 10.05 7.59
N GLN A 755 10.78 9.65 6.32
CA GLN A 755 10.07 10.43 5.31
C GLN A 755 8.61 10.05 5.18
N TYR A 756 8.15 9.05 5.93
CA TYR A 756 6.75 8.62 5.84
C TYR A 756 5.82 9.46 6.70
N GLY A 757 6.34 10.33 7.55
CA GLY A 757 5.50 11.17 8.37
C GLY A 757 5.60 10.86 9.86
N SER A 758 4.45 10.86 10.54
CA SER A 758 4.40 10.63 11.97
C SER A 758 3.34 9.60 12.33
N PHE A 759 3.31 8.49 11.56
CA PHE A 759 2.41 7.39 11.91
C PHE A 759 2.82 6.77 13.24
N CYS A 760 4.12 6.60 13.46
CA CYS A 760 4.60 5.91 14.66
C CYS A 760 4.36 6.73 15.92
N THR A 761 4.39 8.05 15.82
CA THR A 761 4.01 8.88 16.97
C THR A 761 2.57 8.64 17.36
N GLN A 762 1.66 8.55 16.37
CA GLN A 762 0.27 8.24 16.67
C GLN A 762 0.12 6.85 17.27
N LEU A 763 0.86 5.87 16.75
CA LEU A 763 0.79 4.52 17.29
C LEU A 763 1.26 4.48 18.74
N ASN A 764 2.38 5.16 19.04
CA ASN A 764 2.87 5.19 20.41
C ASN A 764 1.91 5.92 21.34
N ARG A 765 1.28 7.00 20.84
CA ARG A 765 0.28 7.71 21.65
C ARG A 765 -0.91 6.81 21.95
N ALA A 766 -1.36 6.04 20.95
CA ALA A 766 -2.48 5.13 21.17
C ALA A 766 -2.13 4.05 22.18
N LEU A 767 -0.92 3.48 22.08
CA LEU A 767 -0.51 2.46 23.04
C LEU A 767 -0.38 3.03 24.44
N THR A 768 0.14 4.25 24.57
CA THR A 768 0.24 4.89 25.88
C THR A 768 -1.14 5.15 26.46
N GLY A 769 -2.08 5.60 25.64
CA GLY A 769 -3.44 5.83 26.12
C GLY A 769 -4.13 4.55 26.54
N ILE A 770 -3.88 3.46 25.82
CA ILE A 770 -4.44 2.17 26.21
C ILE A 770 -3.84 1.71 27.53
N ALA A 771 -2.52 1.84 27.68
CA ALA A 771 -1.86 1.30 28.87
C ALA A 771 -2.13 2.13 30.12
N VAL A 772 -2.43 3.41 29.96
CA VAL A 772 -2.58 4.27 31.13
C VAL A 772 -3.94 4.09 31.79
N GLU A 773 -4.95 3.60 31.07
CA GLU A 773 -6.29 3.49 31.61
C GLU A 773 -6.52 2.24 32.43
N GLN A 774 -5.63 1.25 32.36
CA GLN A 774 -5.78 0.05 33.18
C GLN A 774 -5.64 0.39 34.67
N ASP A 775 -4.69 1.26 35.00
CA ASP A 775 -4.53 1.71 36.38
C ASP A 775 -5.76 2.48 36.84
N LYS A 776 -6.34 3.29 35.96
CA LYS A 776 -7.56 4.02 36.30
C LYS A 776 -8.71 3.06 36.57
N ASN A 777 -8.84 2.02 35.74
CA ASN A 777 -9.89 1.02 35.96
C ASN A 777 -9.71 0.32 37.30
N THR A 778 -8.48 -0.10 37.61
CA THR A 778 -8.22 -0.78 38.87
C THR A 778 -8.51 0.13 40.06
N GLN A 779 -8.10 1.41 39.95
CA GLN A 779 -8.35 2.35 41.03
C GLN A 779 -9.83 2.60 41.25
N GLU A 780 -10.57 2.79 40.16
CA GLU A 780 -12.01 3.06 40.30
C GLU A 780 -12.80 1.82 40.68
N VAL A 781 -12.24 0.62 40.52
CA VAL A 781 -12.95 -0.58 40.96
C VAL A 781 -12.64 -0.91 42.41
N PHE A 782 -11.36 -0.89 42.80
CA PHE A 782 -10.96 -1.45 44.09
C PHE A 782 -10.75 -0.42 45.19
N ALA A 783 -10.51 0.85 44.85
CA ALA A 783 -10.15 1.87 45.83
C ALA A 783 -11.35 2.70 46.26
N GLN A 784 -12.52 2.10 46.37
CA GLN A 784 -13.72 2.82 46.79
C GLN A 784 -13.76 3.11 48.27
N VAL A 785 -12.84 2.54 49.06
CA VAL A 785 -12.81 2.73 50.50
C VAL A 785 -11.75 3.77 50.84
N LYS A 786 -11.97 4.48 51.94
CA LYS A 786 -11.05 5.53 52.35
C LYS A 786 -10.12 5.12 53.49
N GLN A 787 -10.49 4.14 54.30
CA GLN A 787 -9.70 3.70 55.43
C GLN A 787 -9.55 2.19 55.39
N ILE A 788 -8.46 1.70 56.00
CA ILE A 788 -8.18 0.26 56.07
C ILE A 788 -8.77 -0.26 57.38
N TYR A 789 -9.96 -0.83 57.30
CA TYR A 789 -10.61 -1.39 58.49
C TYR A 789 -10.06 -2.76 58.80
N LYS A 790 -9.88 -3.04 60.09
CA LYS A 790 -9.35 -4.31 60.56
C LYS A 790 -10.41 -5.05 61.37
N THR A 791 -10.55 -6.34 61.10
CA THR A 791 -11.50 -7.16 61.83
C THR A 791 -11.05 -7.33 63.29
N PRO A 792 -11.98 -7.37 64.23
CA PRO A 792 -11.60 -7.57 65.63
C PRO A 792 -11.03 -8.96 65.83
N PRO A 793 -10.16 -9.15 66.83
CA PRO A 793 -9.63 -10.49 67.11
C PRO A 793 -10.70 -11.50 67.49
N ILE A 794 -11.78 -11.05 68.13
CA ILE A 794 -12.88 -11.95 68.46
C ILE A 794 -13.65 -12.30 67.19
N LYS A 795 -14.29 -13.47 67.19
CA LYS A 795 -15.04 -13.96 66.05
C LYS A 795 -16.46 -14.33 66.46
N ASP A 796 -17.07 -13.51 67.32
CA ASP A 796 -18.44 -13.76 67.78
C ASP A 796 -19.40 -13.02 66.85
N PHE A 797 -19.67 -13.65 65.71
CA PHE A 797 -20.57 -13.10 64.70
C PHE A 797 -21.94 -13.78 64.70
N GLY A 798 -22.38 -14.26 65.87
CA GLY A 798 -23.68 -14.88 65.96
C GLY A 798 -23.76 -16.26 65.35
N GLY A 799 -22.63 -16.96 65.23
CA GLY A 799 -22.60 -18.29 64.67
C GLY A 799 -22.12 -18.37 63.22
N PHE A 800 -22.07 -17.23 62.54
CA PHE A 800 -21.57 -17.22 61.17
C PHE A 800 -20.06 -17.38 61.14
N ASN A 801 -19.57 -18.12 60.16
CA ASN A 801 -18.15 -18.47 60.05
C ASN A 801 -17.59 -17.80 58.79
N PHE A 802 -16.77 -16.77 58.99
CA PHE A 802 -16.15 -16.04 57.90
C PHE A 802 -14.67 -16.34 57.75
N SER A 803 -14.17 -17.36 58.43
CA SER A 803 -12.74 -17.69 58.35
C SER A 803 -12.34 -18.20 56.98
N GLN A 804 -13.30 -18.63 56.16
CA GLN A 804 -12.99 -19.12 54.83
C GLN A 804 -12.69 -18.00 53.84
N ILE A 805 -13.07 -16.77 54.16
CA ILE A 805 -12.83 -15.63 53.27
C ILE A 805 -11.95 -14.57 53.90
N LEU A 806 -11.71 -14.62 55.21
CA LEU A 806 -10.83 -13.66 55.85
C LEU A 806 -9.38 -13.97 55.49
N PRO A 807 -8.50 -12.95 55.49
CA PRO A 807 -7.09 -13.19 55.15
C PRO A 807 -6.42 -14.12 56.16
N ASP A 808 -5.47 -14.90 55.66
CA ASP A 808 -4.75 -15.88 56.46
C ASP A 808 -3.34 -15.37 56.76
N PRO A 809 -3.01 -15.07 58.01
CA PRO A 809 -1.66 -14.56 58.31
C PRO A 809 -0.55 -15.59 58.15
N SER A 810 -0.89 -16.88 58.04
CA SER A 810 0.14 -17.91 57.92
C SER A 810 0.87 -17.85 56.59
N LYS A 811 0.30 -17.18 55.59
CA LYS A 811 0.87 -17.08 54.25
C LYS A 811 1.50 -15.70 54.08
N PRO A 812 2.66 -15.61 53.41
CA PRO A 812 3.42 -14.34 53.44
C PRO A 812 2.69 -13.12 52.92
N SER A 813 1.84 -13.25 51.90
CA SER A 813 1.16 -12.09 51.34
C SER A 813 -0.23 -11.86 51.90
N LYS A 814 -0.60 -12.59 52.96
CA LYS A 814 -1.87 -12.39 53.68
C LYS A 814 -3.08 -12.53 52.75
N ARG A 815 -3.07 -13.54 51.88
CA ARG A 815 -4.16 -13.73 50.95
C ARG A 815 -5.16 -14.75 51.49
N SER A 816 -6.41 -14.61 51.07
CA SER A 816 -7.47 -15.49 51.52
C SER A 816 -7.36 -16.85 50.85
N PHE A 817 -8.02 -17.85 51.44
CA PHE A 817 -7.97 -19.21 50.92
C PHE A 817 -8.63 -19.32 49.56
N ILE A 818 -9.83 -18.72 49.42
CA ILE A 818 -10.52 -18.73 48.14
C ILE A 818 -9.73 -17.93 47.11
N GLU A 819 -9.14 -16.81 47.53
CA GLU A 819 -8.29 -16.04 46.62
C GLU A 819 -7.05 -16.83 46.22
N ASP A 820 -6.48 -17.60 47.15
CA ASP A 820 -5.36 -18.47 46.82
C ASP A 820 -5.76 -19.50 45.77
N LEU A 821 -6.93 -20.11 45.94
CA LEU A 821 -7.41 -21.09 44.97
C LEU A 821 -7.65 -20.45 43.61
N LEU A 822 -8.23 -19.25 43.60
CA LEU A 822 -8.47 -18.55 42.33
C LEU A 822 -7.17 -18.21 41.63
N PHE A 823 -6.17 -17.75 42.38
CA PHE A 823 -4.89 -17.40 41.77
C PHE A 823 -4.16 -18.63 41.27
N ASN A 824 -4.26 -19.75 41.99
CA ASN A 824 -3.61 -20.97 41.54
C ASN A 824 -4.29 -21.56 40.32
N LYS A 825 -5.61 -21.41 40.22
CA LYS A 825 -6.34 -21.97 39.09
C LYS A 825 -5.98 -21.28 37.78
N VAL A 826 -5.86 -19.95 37.80
CA VAL A 826 -5.58 -19.19 36.58
C VAL A 826 -4.09 -19.28 36.27
N THR A 827 -3.77 -19.70 35.05
CA THR A 827 -2.39 -19.83 34.61
C THR A 827 -2.22 -19.12 33.28
N LEU A 828 -0.96 -18.94 32.89
CA LEU A 828 -0.63 -18.28 31.63
C LEU A 828 -1.01 -19.17 30.45
N ALA A 852 3.66 -11.87 29.20
CA ALA A 852 4.30 -12.44 28.02
C ALA A 852 5.79 -12.68 28.26
N GLN A 853 6.55 -12.86 27.18
CA GLN A 853 7.97 -13.10 27.25
C GLN A 853 8.74 -11.81 27.03
N LYS A 854 10.07 -11.89 27.19
CA LYS A 854 10.96 -10.77 26.96
C LYS A 854 11.80 -11.07 25.72
N PHE A 855 11.74 -10.18 24.74
CA PHE A 855 12.46 -10.37 23.48
C PHE A 855 12.62 -9.02 22.80
N ASN A 856 13.27 -9.06 21.63
CA ASN A 856 13.54 -7.83 20.89
C ASN A 856 12.26 -7.28 20.25
N GLY A 857 12.09 -5.97 20.34
CA GLY A 857 10.99 -5.30 19.68
C GLY A 857 10.00 -4.61 20.59
N LEU A 858 9.66 -5.25 21.71
CA LEU A 858 8.60 -4.74 22.57
C LEU A 858 8.91 -5.06 24.02
N THR A 859 8.14 -4.45 24.92
CA THR A 859 8.32 -4.64 26.35
C THR A 859 6.96 -4.56 27.04
N VAL A 860 6.92 -5.05 28.27
CA VAL A 860 5.71 -5.06 29.08
C VAL A 860 5.95 -4.23 30.34
N LEU A 861 4.94 -3.47 30.74
CA LEU A 861 5.06 -2.61 31.91
C LEU A 861 4.35 -3.23 33.11
N PRO A 862 4.88 -3.06 34.31
CA PRO A 862 4.23 -3.61 35.50
C PRO A 862 3.07 -2.72 35.93
N PRO A 863 2.03 -3.29 36.54
CA PRO A 863 0.92 -2.48 37.02
C PRO A 863 1.32 -1.62 38.22
N LEU A 864 0.62 -0.49 38.36
CA LEU A 864 0.90 0.41 39.46
C LEU A 864 0.57 -0.21 40.81
N LEU A 865 -0.55 -0.93 40.91
CA LEU A 865 -0.97 -1.58 42.14
C LEU A 865 -0.56 -3.04 42.12
N THR A 866 0.12 -3.48 43.17
CA THR A 866 0.52 -4.86 43.29
C THR A 866 -0.65 -5.71 43.80
N ASP A 867 -0.44 -7.03 43.82
CA ASP A 867 -1.48 -7.94 44.30
C ASP A 867 -1.72 -7.78 45.80
N GLU A 868 -0.67 -7.46 46.55
CA GLU A 868 -0.82 -7.28 47.99
C GLU A 868 -1.73 -6.11 48.32
N MET A 869 -1.60 -5.00 47.58
CA MET A 869 -2.44 -3.84 47.83
C MET A 869 -3.90 -4.13 47.48
N ILE A 870 -4.14 -4.86 46.39
CA ILE A 870 -5.50 -5.24 46.03
C ILE A 870 -6.10 -6.16 47.10
N ALA A 871 -5.31 -7.11 47.59
CA ALA A 871 -5.76 -7.99 48.65
C ALA A 871 -6.09 -7.21 49.92
N GLN A 872 -5.26 -6.21 50.24
CA GLN A 872 -5.53 -5.37 51.41
C GLN A 872 -6.81 -4.57 51.23
N TYR A 873 -7.04 -4.05 50.02
CA TYR A 873 -8.28 -3.31 49.75
C TYR A 873 -9.50 -4.22 49.92
N THR A 874 -9.43 -5.44 49.39
CA THR A 874 -10.55 -6.38 49.52
C THR A 874 -10.77 -6.76 50.98
N SER A 875 -9.69 -6.96 51.74
CA SER A 875 -9.82 -7.29 53.16
C SER A 875 -10.45 -6.14 53.94
N ALA A 876 -10.05 -4.90 53.63
CA ALA A 876 -10.65 -3.75 54.29
C ALA A 876 -12.13 -3.63 53.96
N LEU A 877 -12.50 -3.85 52.70
CA LEU A 877 -13.91 -3.81 52.33
C LEU A 877 -14.71 -4.90 53.05
N LEU A 878 -14.16 -6.11 53.13
CA LEU A 878 -14.84 -7.20 53.80
C LEU A 878 -15.01 -6.92 55.29
N ALA A 879 -13.96 -6.42 55.95
CA ALA A 879 -14.05 -6.09 57.36
C ALA A 879 -15.08 -4.99 57.61
N GLY A 880 -15.09 -3.97 56.75
CA GLY A 880 -16.07 -2.90 56.91
C GLY A 880 -17.49 -3.37 56.69
N THR A 881 -17.70 -4.28 55.74
CA THR A 881 -19.05 -4.74 55.45
C THR A 881 -19.54 -5.80 56.41
N ILE A 882 -18.65 -6.45 57.16
CA ILE A 882 -19.10 -7.42 58.16
C ILE A 882 -19.05 -6.89 59.58
N THR A 883 -18.42 -5.73 59.82
CA THR A 883 -18.37 -5.16 61.16
C THR A 883 -19.23 -3.91 61.33
N SER A 884 -19.69 -3.29 60.24
CA SER A 884 -20.45 -2.05 60.35
C SER A 884 -21.65 -1.98 59.42
N GLY A 885 -21.96 -3.04 58.68
CA GLY A 885 -23.09 -2.97 57.76
C GLY A 885 -22.80 -2.07 56.58
N TRP A 886 -23.83 -1.34 56.15
CA TRP A 886 -23.69 -0.40 55.05
C TRP A 886 -23.43 1.02 55.52
N THR A 887 -23.25 1.24 56.83
CA THR A 887 -23.04 2.59 57.33
C THR A 887 -21.71 3.17 56.88
N PHE A 888 -20.69 2.33 56.76
CA PHE A 888 -19.37 2.80 56.35
C PHE A 888 -19.32 3.22 54.89
N GLY A 889 -20.31 2.85 54.08
CA GLY A 889 -20.36 3.28 52.70
C GLY A 889 -20.88 4.68 52.47
N ALA A 890 -21.37 5.34 53.52
CA ALA A 890 -21.86 6.70 53.42
C ALA A 890 -21.13 7.69 54.32
N GLY A 891 -20.40 7.21 55.33
CA GLY A 891 -19.68 8.07 56.24
C GLY A 891 -18.80 7.30 57.19
N ALA A 892 -18.80 7.68 58.47
CA ALA A 892 -18.03 6.97 59.47
C ALA A 892 -18.67 5.61 59.74
N ALA A 893 -17.83 4.60 59.97
CA ALA A 893 -18.32 3.26 60.25
C ALA A 893 -18.94 3.21 61.64
N LEU A 894 -20.13 2.61 61.73
CA LEU A 894 -20.86 2.47 62.99
C LEU A 894 -20.96 0.99 63.31
N GLN A 895 -20.47 0.60 64.48
CA GLN A 895 -20.48 -0.80 64.87
C GLN A 895 -21.91 -1.26 65.18
N ILE A 896 -22.18 -2.53 64.88
CA ILE A 896 -23.48 -3.14 65.09
C ILE A 896 -23.32 -4.65 65.09
N PRO A 897 -23.96 -5.38 66.00
CA PRO A 897 -23.87 -6.85 65.97
C PRO A 897 -24.43 -7.42 64.68
N PHE A 898 -23.85 -8.53 64.24
CA PHE A 898 -24.17 -9.08 62.93
C PHE A 898 -25.61 -9.56 62.85
N ALA A 899 -26.16 -10.07 63.95
CA ALA A 899 -27.55 -10.53 63.93
C ALA A 899 -28.51 -9.38 63.66
N MET A 900 -28.24 -8.21 64.25
CA MET A 900 -29.11 -7.06 64.02
C MET A 900 -28.99 -6.55 62.59
N GLN A 901 -27.79 -6.62 62.02
CA GLN A 901 -27.63 -6.26 60.61
C GLN A 901 -28.40 -7.23 59.71
N MET A 902 -28.36 -8.52 60.04
CA MET A 902 -29.12 -9.50 59.28
C MET A 902 -30.61 -9.25 59.40
N ALA A 903 -31.06 -8.84 60.58
CA ALA A 903 -32.47 -8.47 60.77
C ALA A 903 -32.83 -7.25 59.95
N TYR A 904 -31.93 -6.27 59.88
CA TYR A 904 -32.12 -5.11 59.01
C TYR A 904 -32.33 -5.55 57.56
N ARG A 905 -31.47 -6.46 57.09
CA ARG A 905 -31.56 -6.89 55.69
C ARG A 905 -32.84 -7.70 55.43
N PHE A 906 -33.24 -8.54 56.39
CA PHE A 906 -34.49 -9.28 56.24
C PHE A 906 -35.69 -8.34 56.22
N ASN A 907 -35.68 -7.31 57.07
CA ASN A 907 -36.74 -6.31 57.01
C ASN A 907 -36.70 -5.56 55.69
N GLY A 908 -35.51 -5.39 55.11
CA GLY A 908 -35.41 -4.76 53.81
C GLY A 908 -36.03 -5.59 52.70
N ILE A 909 -35.83 -6.91 52.73
CA ILE A 909 -36.41 -7.77 51.69
C ILE A 909 -37.88 -8.07 51.91
N GLY A 910 -38.48 -7.55 52.98
CA GLY A 910 -39.91 -7.69 53.20
C GLY A 910 -40.33 -8.77 54.17
N VAL A 911 -39.42 -9.27 55.00
CA VAL A 911 -39.74 -10.31 55.99
C VAL A 911 -39.43 -9.76 57.38
N THR A 912 -40.32 -10.04 58.33
CA THR A 912 -40.14 -9.55 59.69
C THR A 912 -38.92 -10.20 60.33
N GLN A 913 -38.35 -9.51 61.32
CA GLN A 913 -37.10 -9.94 61.94
C GLN A 913 -37.28 -11.07 62.94
N ASN A 914 -38.51 -11.31 63.40
CA ASN A 914 -38.73 -12.36 64.39
C ASN A 914 -38.42 -13.74 63.82
N VAL A 915 -38.63 -13.93 62.52
CA VAL A 915 -38.32 -15.23 61.92
C VAL A 915 -36.82 -15.46 61.88
N LEU A 916 -36.02 -14.39 61.81
CA LEU A 916 -34.58 -14.55 61.94
C LEU A 916 -34.19 -14.89 63.37
N TYR A 917 -34.75 -14.15 64.34
CA TYR A 917 -34.40 -14.38 65.73
C TYR A 917 -34.88 -15.73 66.24
N GLU A 918 -35.86 -16.35 65.57
CA GLU A 918 -36.31 -17.68 65.92
C GLU A 918 -35.65 -18.78 65.09
N ASN A 919 -34.87 -18.42 64.07
CA ASN A 919 -34.23 -19.41 63.20
C ASN A 919 -32.79 -19.01 62.90
N GLN A 920 -32.07 -18.52 63.92
CA GLN A 920 -30.72 -18.04 63.70
C GLN A 920 -29.74 -19.18 63.42
N LYS A 921 -29.83 -20.26 64.21
CA LYS A 921 -28.90 -21.36 64.06
C LYS A 921 -29.04 -22.05 62.71
N LEU A 922 -30.28 -22.24 62.25
CA LEU A 922 -30.50 -22.87 60.96
C LEU A 922 -29.93 -22.03 59.82
N ILE A 923 -30.11 -20.71 59.89
CA ILE A 923 -29.59 -19.83 58.86
C ILE A 923 -28.06 -19.83 58.87
N ALA A 924 -27.46 -19.82 60.06
CA ALA A 924 -26.00 -19.88 60.15
C ALA A 924 -25.46 -21.19 59.58
N ASN A 925 -26.11 -22.31 59.89
CA ASN A 925 -25.68 -23.60 59.36
C ASN A 925 -25.82 -23.64 57.84
N GLN A 926 -26.92 -23.09 57.32
CA GLN A 926 -27.10 -23.06 55.87
C GLN A 926 -26.04 -22.19 55.20
N PHE A 927 -25.69 -21.06 55.82
CA PHE A 927 -24.64 -20.20 55.26
C PHE A 927 -23.29 -20.91 55.24
N ASN A 928 -22.95 -21.61 56.33
CA ASN A 928 -21.69 -22.35 56.37
C ASN A 928 -21.66 -23.46 55.33
N SER A 929 -22.77 -24.19 55.18
CA SER A 929 -22.85 -25.24 54.18
C SER A 929 -22.73 -24.68 52.77
N ALA A 930 -23.34 -23.52 52.53
CA ALA A 930 -23.24 -22.88 51.22
C ALA A 930 -21.81 -22.45 50.93
N ILE A 931 -21.11 -21.92 51.93
CA ILE A 931 -19.71 -21.53 51.74
C ILE A 931 -18.86 -22.75 51.40
N GLY A 932 -19.07 -23.85 52.13
CA GLY A 932 -18.35 -25.08 51.82
C GLY A 932 -18.65 -25.59 50.43
N LYS A 933 -19.92 -25.49 50.00
CA LYS A 933 -20.29 -25.94 48.66
C LYS A 933 -19.63 -25.07 47.58
N ILE A 934 -19.54 -23.76 47.82
CA ILE A 934 -18.85 -22.90 46.86
C ILE A 934 -17.37 -23.26 46.80
N GLN A 935 -16.75 -23.56 47.95
CA GLN A 935 -15.36 -23.99 47.94
C GLN A 935 -15.18 -25.27 47.14
N ASP A 936 -16.09 -26.24 47.33
CA ASP A 936 -16.00 -27.50 46.59
C ASP A 936 -16.19 -27.28 45.10
N SER A 937 -17.16 -26.44 44.71
CA SER A 937 -17.42 -26.19 43.31
C SER A 937 -16.25 -25.47 42.64
N LEU A 938 -15.65 -24.51 43.36
CA LEU A 938 -14.49 -23.81 42.82
C LEU A 938 -13.28 -24.73 42.70
N SER A 939 -13.14 -25.69 43.61
CA SER A 939 -12.05 -26.66 43.52
C SER A 939 -12.38 -27.83 42.60
N SER A 940 -13.59 -27.88 42.05
CA SER A 940 -14.00 -28.95 41.14
C SER A 940 -13.49 -28.76 39.72
N THR A 941 -12.56 -27.82 39.49
CA THR A 941 -11.96 -27.56 38.18
C THR A 941 -13.03 -27.25 37.13
N ALA A 942 -14.04 -26.49 37.52
CA ALA A 942 -15.07 -26.07 36.59
C ALA A 942 -14.56 -24.94 35.70
N SER A 943 -15.22 -24.76 34.56
CA SER A 943 -14.84 -23.73 33.61
C SER A 943 -15.48 -22.39 33.96
N ALA A 944 -15.30 -21.94 35.20
CA ALA A 944 -15.84 -20.67 35.63
C ALA A 944 -14.86 -19.52 35.44
N LEU A 945 -13.56 -19.81 35.45
CA LEU A 945 -12.53 -18.80 35.28
C LEU A 945 -12.17 -18.58 33.82
N GLY A 946 -13.05 -18.94 32.89
CA GLY A 946 -12.75 -18.79 31.48
C GLY A 946 -12.80 -17.37 30.97
N LYS A 947 -13.45 -16.47 31.71
CA LYS A 947 -13.56 -15.09 31.26
C LYS A 947 -12.21 -14.39 31.23
N LEU A 948 -11.39 -14.60 32.27
CA LEU A 948 -10.05 -14.02 32.29
C LEU A 948 -9.10 -14.77 31.38
N GLN A 949 -9.25 -16.10 31.33
CA GLN A 949 -8.38 -16.93 30.51
C GLN A 949 -8.54 -16.60 29.02
N ASP A 950 -9.78 -16.32 28.60
CA ASP A 950 -10.01 -15.95 27.20
C ASP A 950 -9.29 -14.66 26.84
N VAL A 951 -9.34 -13.66 27.73
CA VAL A 951 -8.65 -12.40 27.47
C VAL A 951 -7.14 -12.61 27.42
N VAL A 952 -6.61 -13.39 28.36
CA VAL A 952 -5.17 -13.66 28.38
C VAL A 952 -4.74 -14.38 27.11
N ASN A 953 -5.52 -15.39 26.70
CA ASN A 953 -5.17 -16.16 25.52
C ASN A 953 -5.24 -15.32 24.25
N GLN A 954 -6.27 -14.47 24.13
CA GLN A 954 -6.39 -13.68 22.91
C GLN A 954 -5.29 -12.61 22.84
N ASN A 955 -4.93 -12.01 23.98
CA ASN A 955 -3.81 -11.07 23.97
C ASN A 955 -2.51 -11.77 23.60
N ALA A 956 -2.27 -12.95 24.17
CA ALA A 956 -1.05 -13.69 23.88
C ALA A 956 -0.97 -14.08 22.41
N GLN A 957 -2.09 -14.56 21.84
CA GLN A 957 -2.06 -14.98 20.44
C GLN A 957 -1.94 -13.79 19.50
N ALA A 958 -2.53 -12.64 19.85
CA ALA A 958 -2.34 -11.45 19.03
C ALA A 958 -0.89 -11.00 19.04
N LEU A 959 -0.25 -11.01 20.22
CA LEU A 959 1.17 -10.66 20.29
C LEU A 959 2.03 -11.65 19.52
N ASN A 960 1.71 -12.94 19.61
CA ASN A 960 2.47 -13.95 18.88
C ASN A 960 2.31 -13.78 17.36
N THR A 961 1.10 -13.46 16.91
CA THR A 961 0.89 -13.21 15.48
C THR A 961 1.66 -11.98 15.02
N LEU A 962 1.67 -10.92 15.83
CA LEU A 962 2.44 -9.73 15.49
C LEU A 962 3.93 -10.04 15.39
N VAL A 963 4.45 -10.84 16.31
CA VAL A 963 5.86 -11.23 16.26
C VAL A 963 6.15 -12.07 15.02
N LYS A 964 5.29 -13.05 14.73
CA LYS A 964 5.52 -13.96 13.61
C LYS A 964 5.33 -13.28 12.27
N GLN A 965 4.61 -12.16 12.21
CA GLN A 965 4.45 -11.44 10.96
C GLN A 965 5.75 -10.82 10.45
N LEU A 966 6.79 -10.75 11.29
CA LEU A 966 8.06 -10.17 10.89
C LEU A 966 8.85 -11.07 9.94
N SER A 967 8.48 -12.34 9.82
CA SER A 967 9.18 -13.27 8.95
C SER A 967 8.59 -13.36 7.55
N SER A 968 7.57 -12.56 7.25
CA SER A 968 6.94 -12.61 5.95
C SER A 968 7.82 -11.96 4.89
N ASN A 969 7.50 -12.25 3.63
CA ASN A 969 8.29 -11.77 2.49
C ASN A 969 7.75 -10.45 1.94
N PHE A 970 6.42 -10.33 1.84
CA PHE A 970 5.74 -9.13 1.34
C PHE A 970 6.20 -8.77 -0.08
N GLY A 971 6.48 -9.78 -0.90
CA GLY A 971 6.87 -9.56 -2.28
C GLY A 971 8.32 -9.20 -2.49
N ALA A 972 9.13 -9.13 -1.45
CA ALA A 972 10.54 -8.82 -1.59
C ALA A 972 11.33 -10.08 -1.93
N ILE A 973 12.65 -9.92 -2.13
CA ILE A 973 13.49 -11.06 -2.46
C ILE A 973 13.66 -11.97 -1.25
N SER A 974 13.71 -11.40 -0.05
CA SER A 974 13.88 -12.19 1.17
C SER A 974 13.34 -11.38 2.35
N SER A 975 13.07 -12.11 3.44
CA SER A 975 12.62 -11.46 4.67
C SER A 975 13.77 -10.82 5.44
N VAL A 976 15.00 -11.28 5.25
CA VAL A 976 16.13 -10.75 5.99
C VAL A 976 16.54 -9.40 5.40
N LEU A 977 16.63 -8.40 6.27
CA LEU A 977 16.99 -7.06 5.82
C LEU A 977 18.45 -6.98 5.40
N ASN A 978 19.33 -7.67 6.15
CA ASN A 978 20.76 -7.63 5.86
C ASN A 978 21.06 -8.23 4.50
N ASP A 979 20.39 -9.33 4.15
CA ASP A 979 20.60 -9.95 2.85
C ASP A 979 20.20 -9.01 1.72
N ILE A 980 19.09 -8.28 1.90
CA ILE A 980 18.65 -7.33 0.88
C ILE A 980 19.65 -6.20 0.73
N LEU A 981 20.11 -5.65 1.86
CA LEU A 981 21.02 -4.50 1.78
C LEU A 981 22.43 -4.89 1.35
N SER A 982 22.81 -6.17 1.48
CA SER A 982 24.15 -6.59 1.09
C SER A 982 24.21 -7.15 -0.32
N ARG A 983 23.26 -8.02 -0.70
CA ARG A 983 23.30 -8.64 -2.02
C ARG A 983 23.05 -7.62 -3.12
N LEU A 984 22.11 -6.70 -2.91
CA LEU A 984 21.72 -5.76 -3.94
C LEU A 984 22.56 -4.48 -3.87
N ASP A 985 22.57 -3.77 -4.98
CA ASP A 985 23.33 -2.52 -5.11
C ASP A 985 22.57 -1.40 -4.38
N PRO A 986 23.26 -0.59 -3.58
CA PRO A 986 22.56 0.32 -2.63
C PRO A 986 21.63 1.32 -3.31
N PRO A 987 21.99 1.95 -4.43
CA PRO A 987 21.03 2.89 -5.05
C PRO A 987 19.86 2.23 -5.76
N GLU A 988 19.70 0.91 -5.69
CA GLU A 988 18.54 0.27 -6.28
C GLU A 988 17.84 -0.71 -5.33
N ALA A 989 18.26 -0.77 -4.06
CA ALA A 989 17.61 -1.64 -3.09
C ALA A 989 16.40 -0.99 -2.43
N GLU A 990 16.16 0.30 -2.68
CA GLU A 990 15.03 0.98 -2.04
C GLU A 990 13.70 0.42 -2.51
N VAL A 991 13.63 0.00 -3.78
CA VAL A 991 12.40 -0.59 -4.32
C VAL A 991 12.10 -1.93 -3.67
N GLN A 992 13.07 -2.55 -3.00
CA GLN A 992 12.83 -3.75 -2.21
C GLN A 992 12.60 -3.44 -0.74
N ILE A 993 13.24 -2.38 -0.22
CA ILE A 993 13.08 -2.01 1.18
C ILE A 993 11.68 -1.46 1.45
N ASP A 994 11.15 -0.66 0.51
CA ASP A 994 9.93 0.10 0.78
C ASP A 994 8.72 -0.82 0.95
N ARG A 995 8.62 -1.87 0.14
CA ARG A 995 7.47 -2.77 0.25
C ARG A 995 7.47 -3.52 1.58
N LEU A 996 8.65 -3.96 2.03
CA LEU A 996 8.75 -4.59 3.34
C LEU A 996 8.38 -3.62 4.45
N ILE A 997 8.83 -2.36 4.33
CA ILE A 997 8.50 -1.36 5.32
C ILE A 997 6.98 -1.14 5.39
N THR A 998 6.34 -1.03 4.22
CA THR A 998 4.90 -0.81 4.19
C THR A 998 4.14 -2.00 4.76
N GLY A 999 4.59 -3.22 4.45
CA GLY A 999 3.92 -4.39 5.02
C GLY A 999 4.03 -4.45 6.53
N ARG A 1000 5.22 -4.19 7.06
CA ARG A 1000 5.38 -4.20 8.51
C ARG A 1000 4.57 -3.09 9.17
N LEU A 1001 4.53 -1.91 8.55
CA LEU A 1001 3.72 -0.81 9.09
C LEU A 1001 2.24 -1.16 9.08
N GLN A 1002 1.76 -1.81 8.03
CA GLN A 1002 0.36 -2.21 7.96
C GLN A 1002 0.03 -3.23 9.04
N SER A 1003 0.94 -4.20 9.27
CA SER A 1003 0.72 -5.18 10.33
C SER A 1003 0.67 -4.51 11.70
N LEU A 1004 1.58 -3.56 11.94
CA LEU A 1004 1.58 -2.83 13.21
C LEU A 1004 0.29 -2.03 13.39
N GLN A 1005 -0.18 -1.39 12.33
CA GLN A 1005 -1.42 -0.62 12.40
C GLN A 1005 -2.62 -1.53 12.70
N THR A 1006 -2.66 -2.71 12.09
CA THR A 1006 -3.74 -3.66 12.37
C THR A 1006 -3.72 -4.08 13.84
N TYR A 1007 -2.52 -4.37 14.37
CA TYR A 1007 -2.41 -4.74 15.78
C TYR A 1007 -2.88 -3.62 16.70
N VAL A 1008 -2.50 -2.37 16.37
CA VAL A 1008 -2.91 -1.23 17.19
C VAL A 1008 -4.43 -1.06 17.16
N THR A 1009 -5.03 -1.21 15.98
CA THR A 1009 -6.49 -1.09 15.88
C THR A 1009 -7.19 -2.17 16.68
N GLN A 1010 -6.70 -3.40 16.63
CA GLN A 1010 -7.30 -4.48 17.42
C GLN A 1010 -7.20 -4.21 18.90
N GLN A 1011 -6.04 -3.72 19.36
CA GLN A 1011 -5.88 -3.40 20.77
C GLN A 1011 -6.82 -2.28 21.20
N LEU A 1012 -6.97 -1.25 20.35
CA LEU A 1012 -7.87 -0.15 20.65
C LEU A 1012 -9.32 -0.64 20.75
N ILE A 1013 -9.70 -1.58 19.87
CA ILE A 1013 -11.06 -2.13 19.93
C ILE A 1013 -11.27 -2.91 21.22
N ARG A 1014 -10.30 -3.74 21.61
CA ARG A 1014 -10.46 -4.56 22.81
C ARG A 1014 -10.44 -3.71 24.09
N ALA A 1015 -9.75 -2.58 24.07
CA ALA A 1015 -9.68 -1.73 25.26
C ALA A 1015 -11.06 -1.21 25.65
N ALA A 1016 -11.92 -0.94 24.67
CA ALA A 1016 -13.26 -0.45 24.96
C ALA A 1016 -14.09 -1.49 25.70
N GLU A 1017 -14.01 -2.76 25.26
CA GLU A 1017 -14.72 -3.83 25.96
C GLU A 1017 -14.17 -4.01 27.37
N ILE A 1018 -12.85 -3.95 27.53
CA ILE A 1018 -12.26 -4.07 28.86
C ILE A 1018 -12.75 -2.95 29.77
N ARG A 1019 -12.80 -1.72 29.26
CA ARG A 1019 -13.26 -0.59 30.06
C ARG A 1019 -14.73 -0.71 30.41
N ALA A 1020 -15.57 -1.20 29.49
CA ALA A 1020 -16.97 -1.39 29.80
C ALA A 1020 -17.16 -2.44 30.89
N SER A 1021 -16.40 -3.54 30.81
CA SER A 1021 -16.46 -4.56 31.86
C SER A 1021 -16.00 -4.00 33.20
N ALA A 1022 -14.96 -3.16 33.19
CA ALA A 1022 -14.48 -2.55 34.42
C ALA A 1022 -15.53 -1.61 35.01
N ASN A 1023 -16.22 -0.85 34.16
CA ASN A 1023 -17.27 0.04 34.64
C ASN A 1023 -18.41 -0.75 35.27
N LEU A 1024 -18.81 -1.85 34.63
CA LEU A 1024 -19.87 -2.69 35.19
C LEU A 1024 -19.44 -3.29 36.53
N ALA A 1025 -18.19 -3.75 36.62
CA ALA A 1025 -17.70 -4.31 37.88
C ALA A 1025 -17.67 -3.26 38.98
N ALA A 1026 -17.25 -2.04 38.65
CA ALA A 1026 -17.23 -0.96 39.64
C ALA A 1026 -18.64 -0.63 40.13
N THR A 1027 -19.61 -0.58 39.21
CA THR A 1027 -20.99 -0.32 39.61
C THR A 1027 -21.52 -1.44 40.50
N LYS A 1028 -21.24 -2.69 40.15
CA LYS A 1028 -21.70 -3.81 40.97
C LYS A 1028 -21.06 -3.80 42.35
N MET A 1029 -19.77 -3.46 42.42
CA MET A 1029 -19.11 -3.35 43.73
C MET A 1029 -19.71 -2.22 44.55
N SER A 1030 -20.02 -1.09 43.91
CA SER A 1030 -20.60 0.03 44.65
C SER A 1030 -21.99 -0.30 45.17
N GLU A 1031 -22.81 -0.99 44.38
CA GLU A 1031 -24.21 -1.17 44.74
C GLU A 1031 -24.45 -2.44 45.56
N CYS A 1032 -23.91 -3.57 45.14
CA CYS A 1032 -24.21 -4.83 45.81
C CYS A 1032 -23.47 -4.95 47.15
N VAL A 1033 -22.25 -4.44 47.24
CA VAL A 1033 -21.42 -4.64 48.42
C VAL A 1033 -21.65 -3.55 49.46
N LEU A 1034 -21.69 -2.29 49.04
CA LEU A 1034 -21.84 -1.18 49.98
C LEU A 1034 -23.29 -0.92 50.37
N GLY A 1035 -24.23 -1.68 49.84
CA GLY A 1035 -25.62 -1.50 50.20
C GLY A 1035 -26.42 -2.75 49.88
N GLN A 1036 -27.73 -2.61 49.98
CA GLN A 1036 -28.68 -3.68 49.68
C GLN A 1036 -29.46 -3.29 48.43
N SER A 1037 -29.24 -4.02 47.34
CA SER A 1037 -29.84 -3.67 46.06
C SER A 1037 -31.28 -4.15 45.97
N LYS A 1038 -32.13 -3.33 45.37
CA LYS A 1038 -33.54 -3.67 45.19
C LYS A 1038 -33.87 -4.14 43.79
N ARG A 1039 -33.09 -3.73 42.79
CA ARG A 1039 -33.31 -4.20 41.43
C ARG A 1039 -33.01 -5.69 41.32
N VAL A 1040 -33.90 -6.42 40.65
CA VAL A 1040 -33.84 -7.87 40.62
C VAL A 1040 -32.74 -8.33 39.67
N ASP A 1041 -32.11 -9.45 40.03
CA ASP A 1041 -31.09 -10.16 39.24
C ASP A 1041 -29.82 -9.34 39.03
N PHE A 1042 -29.70 -8.18 39.67
CA PHE A 1042 -28.47 -7.40 39.54
C PHE A 1042 -27.35 -8.00 40.38
N CYS A 1043 -27.66 -8.48 41.58
CA CYS A 1043 -26.69 -9.07 42.50
C CYS A 1043 -27.06 -10.51 42.83
N GLY A 1044 -27.41 -11.28 41.81
CA GLY A 1044 -27.71 -12.69 42.00
C GLY A 1044 -29.20 -12.98 41.92
N LYS A 1045 -29.52 -14.24 41.65
CA LYS A 1045 -30.90 -14.67 41.55
C LYS A 1045 -31.54 -14.73 42.94
N GLY A 1046 -32.78 -14.27 43.03
CA GLY A 1046 -33.48 -14.22 44.30
C GLY A 1046 -33.39 -12.85 44.95
N TYR A 1047 -33.85 -12.81 46.20
CA TYR A 1047 -33.83 -11.57 46.97
C TYR A 1047 -32.44 -11.37 47.55
N HIS A 1048 -31.75 -10.33 47.09
CA HIS A 1048 -30.37 -10.11 47.50
C HIS A 1048 -30.30 -9.65 48.95
N LEU A 1049 -29.42 -10.29 49.72
CA LEU A 1049 -29.18 -9.91 51.11
C LEU A 1049 -27.90 -9.11 51.27
N MET A 1050 -26.76 -9.68 50.88
CA MET A 1050 -25.46 -9.04 51.05
C MET A 1050 -24.44 -9.77 50.19
N SER A 1051 -23.32 -9.11 49.93
CA SER A 1051 -22.30 -9.64 49.03
C SER A 1051 -20.92 -9.43 49.62
N PHE A 1052 -19.98 -10.25 49.18
CA PHE A 1052 -18.59 -10.20 49.62
C PHE A 1052 -17.68 -10.20 48.39
N PRO A 1053 -16.70 -9.29 48.31
CA PRO A 1053 -15.79 -9.29 47.17
C PRO A 1053 -14.55 -10.13 47.40
N GLN A 1054 -14.00 -10.65 46.30
CA GLN A 1054 -12.78 -11.42 46.33
C GLN A 1054 -11.88 -10.99 45.18
N SER A 1055 -10.58 -11.18 45.36
CA SER A 1055 -9.60 -10.74 44.37
C SER A 1055 -9.30 -11.85 43.37
N ALA A 1056 -9.02 -11.43 42.14
CA ALA A 1056 -8.67 -12.31 41.03
C ALA A 1056 -7.43 -11.75 40.37
N PRO A 1057 -6.67 -12.59 39.63
CA PRO A 1057 -5.43 -12.08 39.00
C PRO A 1057 -5.65 -10.94 38.04
N HIS A 1058 -6.77 -10.91 37.31
CA HIS A 1058 -7.07 -9.80 36.42
C HIS A 1058 -8.53 -9.40 36.48
N GLY A 1059 -9.18 -9.63 37.60
CA GLY A 1059 -10.59 -9.30 37.73
C GLY A 1059 -11.01 -9.26 39.18
N VAL A 1060 -12.32 -9.43 39.38
CA VAL A 1060 -12.92 -9.43 40.71
C VAL A 1060 -13.97 -10.52 40.75
N VAL A 1061 -14.10 -11.17 41.91
CA VAL A 1061 -15.06 -12.24 42.12
C VAL A 1061 -16.05 -11.81 43.19
N PHE A 1062 -17.34 -11.89 42.88
CA PHE A 1062 -18.40 -11.48 43.78
C PHE A 1062 -19.14 -12.71 44.30
N LEU A 1063 -19.33 -12.78 45.62
CA LEU A 1063 -20.09 -13.85 46.25
C LEU A 1063 -21.41 -13.25 46.76
N HIS A 1064 -22.50 -13.61 46.11
CA HIS A 1064 -23.81 -13.05 46.40
C HIS A 1064 -24.61 -13.99 47.28
N VAL A 1065 -25.09 -13.49 48.42
CA VAL A 1065 -25.93 -14.25 49.33
C VAL A 1065 -27.37 -13.78 49.14
N THR A 1066 -28.26 -14.72 48.83
CA THR A 1066 -29.64 -14.40 48.50
C THR A 1066 -30.60 -15.22 49.35
N TYR A 1067 -31.87 -14.88 49.25
CA TYR A 1067 -32.96 -15.52 50.01
C TYR A 1067 -33.89 -16.19 49.02
N VAL A 1068 -34.13 -17.48 49.20
CA VAL A 1068 -34.96 -18.27 48.31
C VAL A 1068 -36.05 -18.96 49.12
N PRO A 1069 -37.33 -18.68 48.88
CA PRO A 1069 -38.39 -19.40 49.58
C PRO A 1069 -38.55 -20.82 49.06
N ALA A 1070 -39.15 -21.67 49.90
CA ALA A 1070 -39.35 -23.07 49.57
C ALA A 1070 -40.50 -23.62 50.39
N GLN A 1071 -40.91 -24.84 50.05
CA GLN A 1071 -41.96 -25.58 50.75
C GLN A 1071 -43.28 -24.81 50.76
N GLU A 1072 -43.82 -24.61 49.56
CA GLU A 1072 -45.03 -23.82 49.40
C GLU A 1072 -46.28 -24.62 49.76
N LYS A 1073 -47.35 -23.89 50.04
CA LYS A 1073 -48.65 -24.48 50.34
C LYS A 1073 -49.73 -23.49 49.92
N ASN A 1074 -50.85 -24.01 49.47
CA ASN A 1074 -51.91 -23.18 48.91
C ASN A 1074 -53.13 -23.14 49.82
N PHE A 1075 -53.79 -21.98 49.84
CA PHE A 1075 -54.96 -21.73 50.68
C PHE A 1075 -56.01 -21.02 49.84
N THR A 1076 -57.04 -20.51 50.50
CA THR A 1076 -58.11 -19.75 49.87
C THR A 1076 -58.08 -18.32 50.38
N THR A 1077 -58.21 -17.36 49.47
CA THR A 1077 -58.07 -15.95 49.80
C THR A 1077 -59.33 -15.18 49.40
N ALA A 1078 -59.48 -14.01 50.01
CA ALA A 1078 -60.53 -13.06 49.70
C ALA A 1078 -59.92 -11.66 49.66
N PRO A 1079 -60.39 -10.79 48.77
CA PRO A 1079 -59.84 -9.43 48.73
C PRO A 1079 -60.07 -8.63 50.00
N ALA A 1080 -61.20 -8.84 50.69
CA ALA A 1080 -61.52 -8.05 51.87
C ALA A 1080 -62.52 -8.83 52.73
N ILE A 1081 -62.75 -8.30 53.93
CA ILE A 1081 -63.71 -8.88 54.88
C ILE A 1081 -64.80 -7.85 55.12
N CYS A 1082 -66.06 -8.27 55.00
CA CYS A 1082 -67.21 -7.42 55.27
C CYS A 1082 -67.76 -7.77 56.63
N HIS A 1083 -67.71 -6.81 57.56
CA HIS A 1083 -68.23 -6.98 58.91
C HIS A 1083 -69.02 -5.75 59.30
N ASP A 1084 -70.24 -5.97 59.81
CA ASP A 1084 -71.14 -4.90 60.23
C ASP A 1084 -71.41 -3.91 59.09
N GLY A 1085 -71.49 -4.43 57.87
CA GLY A 1085 -71.74 -3.59 56.72
C GLY A 1085 -70.56 -2.77 56.25
N LYS A 1086 -69.36 -3.03 56.78
CA LYS A 1086 -68.17 -2.28 56.44
C LYS A 1086 -67.09 -3.22 55.92
N ALA A 1087 -66.38 -2.81 54.88
CA ALA A 1087 -65.33 -3.62 54.29
C ALA A 1087 -64.00 -3.32 54.97
N HIS A 1088 -63.28 -4.37 55.32
CA HIS A 1088 -61.99 -4.26 56.00
C HIS A 1088 -60.89 -4.76 55.08
N PHE A 1089 -59.82 -3.98 54.98
CA PHE A 1089 -58.67 -4.33 54.15
C PHE A 1089 -57.44 -4.51 55.03
N PRO A 1090 -56.52 -5.41 54.66
CA PRO A 1090 -55.34 -5.64 55.49
C PRO A 1090 -54.30 -4.54 55.30
N ARG A 1091 -53.73 -4.10 56.42
CA ARG A 1091 -52.65 -3.12 56.35
C ARG A 1091 -51.42 -3.71 55.68
N GLU A 1092 -51.09 -4.96 55.98
CA GLU A 1092 -50.02 -5.67 55.30
C GLU A 1092 -50.37 -7.15 55.29
N GLY A 1093 -49.97 -7.83 54.22
CA GLY A 1093 -50.33 -9.22 54.06
C GLY A 1093 -51.71 -9.39 53.43
N VAL A 1094 -52.16 -10.64 53.41
CA VAL A 1094 -53.45 -11.00 52.80
C VAL A 1094 -54.23 -11.89 53.75
N PHE A 1095 -55.53 -11.99 53.49
CA PHE A 1095 -56.43 -12.87 54.23
C PHE A 1095 -56.37 -14.25 53.61
N VAL A 1096 -56.06 -15.27 54.42
CA VAL A 1096 -56.04 -16.65 53.97
C VAL A 1096 -56.90 -17.48 54.90
N SER A 1097 -57.36 -18.62 54.39
CA SER A 1097 -58.20 -19.53 55.16
C SER A 1097 -57.71 -20.96 54.96
N ASN A 1098 -57.73 -21.74 56.03
CA ASN A 1098 -57.36 -23.14 55.99
C ASN A 1098 -58.57 -24.05 55.76
N GLY A 1099 -59.77 -23.48 55.60
CA GLY A 1099 -60.98 -24.25 55.37
C GLY A 1099 -62.09 -23.94 56.35
N THR A 1100 -61.75 -23.51 57.56
CA THR A 1100 -62.75 -23.24 58.58
C THR A 1100 -62.59 -21.85 59.19
N HIS A 1101 -61.36 -21.35 59.25
CA HIS A 1101 -61.08 -20.07 59.87
C HIS A 1101 -60.21 -19.22 58.95
N TRP A 1102 -60.31 -17.91 59.13
CA TRP A 1102 -59.55 -16.95 58.34
C TRP A 1102 -58.45 -16.32 59.19
N PHE A 1103 -57.28 -16.12 58.57
CA PHE A 1103 -56.13 -15.57 59.27
C PHE A 1103 -55.45 -14.53 58.38
N VAL A 1104 -54.47 -13.84 58.96
CA VAL A 1104 -53.65 -12.87 58.26
C VAL A 1104 -52.20 -13.31 58.34
N THR A 1105 -51.54 -13.44 57.19
CA THR A 1105 -50.15 -13.86 57.13
C THR A 1105 -49.33 -12.82 56.38
N GLN A 1106 -48.02 -13.02 56.38
CA GLN A 1106 -47.13 -12.19 55.60
C GLN A 1106 -47.16 -12.61 54.13
N ARG A 1107 -46.59 -11.76 53.28
CA ARG A 1107 -46.58 -12.05 51.84
C ARG A 1107 -45.60 -13.17 51.51
N ASN A 1108 -44.41 -13.14 52.10
CA ASN A 1108 -43.35 -14.08 51.75
C ASN A 1108 -43.14 -15.18 52.79
N PHE A 1109 -43.94 -15.20 53.86
CA PHE A 1109 -43.79 -16.21 54.89
C PHE A 1109 -45.16 -16.50 55.49
N TYR A 1110 -45.38 -17.75 55.86
CA TYR A 1110 -46.66 -18.17 56.43
C TYR A 1110 -46.62 -18.01 57.94
N GLU A 1111 -47.51 -17.16 58.46
CA GLU A 1111 -47.61 -16.92 59.90
C GLU A 1111 -49.01 -16.45 60.20
N PRO A 1112 -49.94 -17.37 60.47
CA PRO A 1112 -51.33 -16.98 60.67
C PRO A 1112 -51.51 -16.11 61.91
N GLN A 1113 -52.39 -15.12 61.78
CA GLN A 1113 -52.73 -14.21 62.87
C GLN A 1113 -54.23 -14.00 62.89
N ILE A 1114 -54.77 -13.78 64.09
CA ILE A 1114 -56.20 -13.53 64.23
C ILE A 1114 -56.53 -12.16 63.68
N ILE A 1115 -57.58 -12.08 62.86
CA ILE A 1115 -57.99 -10.82 62.27
C ILE A 1115 -58.45 -9.86 63.37
N THR A 1116 -57.90 -8.66 63.37
CA THR A 1116 -58.14 -7.69 64.43
C THR A 1116 -58.23 -6.31 63.80
N THR A 1117 -58.94 -5.41 64.47
CA THR A 1117 -59.01 -4.01 64.03
C THR A 1117 -57.63 -3.36 64.01
N ASP A 1118 -56.69 -3.86 64.81
CA ASP A 1118 -55.36 -3.27 64.86
C ASP A 1118 -54.62 -3.40 63.53
N ASN A 1119 -54.73 -4.55 62.87
CA ASN A 1119 -53.99 -4.80 61.64
C ASN A 1119 -54.88 -4.69 60.39
N THR A 1120 -56.06 -4.09 60.51
CA THR A 1120 -56.95 -3.88 59.38
C THR A 1120 -57.48 -2.45 59.42
N PHE A 1121 -57.87 -1.94 58.26
CA PHE A 1121 -58.48 -0.62 58.16
C PHE A 1121 -59.75 -0.69 57.34
N VAL A 1122 -60.65 0.25 57.59
CA VAL A 1122 -61.99 0.26 57.01
C VAL A 1122 -62.07 1.35 55.95
N SER A 1123 -62.67 1.01 54.81
CA SER A 1123 -62.83 1.97 53.72
C SER A 1123 -64.12 1.66 53.00
N GLY A 1124 -65.20 2.34 53.38
CA GLY A 1124 -66.47 2.22 52.69
C GLY A 1124 -67.22 0.95 53.05
N ASN A 1125 -68.38 0.79 52.40
CA ASN A 1125 -69.21 -0.38 52.58
C ASN A 1125 -68.69 -1.54 51.75
N CYS A 1126 -69.28 -2.72 51.97
CA CYS A 1126 -68.83 -3.95 51.33
C CYS A 1126 -69.72 -4.37 50.17
N ASP A 1127 -70.45 -3.42 49.57
CA ASP A 1127 -71.32 -3.72 48.43
C ASP A 1127 -70.64 -3.44 47.09
N VAL A 1128 -69.40 -2.97 47.08
CA VAL A 1128 -68.71 -2.64 45.85
C VAL A 1128 -67.59 -3.62 45.52
N VAL A 1129 -66.88 -4.15 46.53
CA VAL A 1129 -65.75 -5.03 46.27
C VAL A 1129 -66.24 -6.38 45.78
N ILE A 1130 -65.65 -6.85 44.69
CA ILE A 1130 -66.02 -8.12 44.08
C ILE A 1130 -65.28 -9.25 44.77
N GLY A 1131 -66.02 -10.27 45.23
CA GLY A 1131 -65.42 -11.42 45.87
C GLY A 1131 -65.24 -11.30 47.36
N ILE A 1132 -65.92 -10.36 48.02
CA ILE A 1132 -65.77 -10.20 49.46
C ILE A 1132 -66.45 -11.37 50.17
N VAL A 1133 -65.97 -11.66 51.39
CA VAL A 1133 -66.55 -12.72 52.22
C VAL A 1133 -67.19 -12.09 53.44
N ASN A 1134 -67.82 -12.91 54.27
CA ASN A 1134 -68.73 -12.44 55.31
C ASN A 1134 -68.27 -12.87 56.69
N ASN A 1135 -66.97 -12.79 56.95
CA ASN A 1135 -66.43 -13.19 58.24
C ASN A 1135 -66.46 -12.01 59.22
N THR A 1136 -66.24 -12.32 60.50
CA THR A 1136 -66.22 -11.33 61.56
C THR A 1136 -64.79 -10.95 61.91
N VAL A 1137 -64.66 -9.86 62.67
CA VAL A 1137 -63.38 -9.35 63.12
C VAL A 1137 -63.36 -9.33 64.65
N TYR A 1138 -62.19 -9.08 65.21
CA TYR A 1138 -61.98 -9.08 66.64
C TYR A 1138 -61.51 -7.70 67.11
N ASP A 1139 -61.92 -7.33 68.31
CA ASP A 1139 -61.52 -6.07 68.93
C ASP A 1139 -61.25 -6.30 70.41
N PRO A 1140 -59.99 -6.21 70.85
CA PRO A 1140 -59.68 -6.47 72.27
C PRO A 1140 -60.23 -5.42 73.22
N LEU A 1141 -60.66 -4.26 72.70
CA LEU A 1141 -61.21 -3.22 73.57
C LEU A 1141 -62.50 -3.67 74.23
N GLN A 1142 -63.30 -4.50 73.56
CA GLN A 1142 -64.52 -5.01 74.20
C GLN A 1142 -64.22 -5.93 75.38
N PRO A 1143 -63.32 -6.94 75.27
CA PRO A 1143 -62.92 -7.66 76.49
C PRO A 1143 -62.26 -6.78 77.54
N GLU A 1144 -61.49 -5.78 77.13
CA GLU A 1144 -60.89 -4.87 78.11
C GLU A 1144 -61.97 -4.11 78.89
N LEU A 1145 -63.00 -3.65 78.19
CA LEU A 1145 -64.11 -2.98 78.85
C LEU A 1145 -64.90 -3.95 79.73
N ASP A 1146 -65.07 -5.20 79.27
CA ASP A 1146 -65.79 -6.18 80.07
C ASP A 1146 -65.04 -6.51 81.37
N SER A 1147 -63.70 -6.53 81.31
CA SER A 1147 -62.92 -6.80 82.50
C SER A 1147 -62.98 -5.67 83.52
N PHE A 1148 -63.39 -4.47 83.09
CA PHE A 1148 -63.51 -3.33 84.00
C PHE A 1148 -64.93 -3.26 84.56
N LYS A 1149 -65.25 -4.26 85.37
CA LYS A 1149 -66.56 -4.34 86.00
C LYS A 1149 -66.44 -4.80 87.46
N PRO B 26 43.96 31.62 25.50
CA PRO B 26 43.39 30.99 26.69
C PRO B 26 42.28 31.84 27.31
N ALA B 27 42.05 31.66 28.61
CA ALA B 27 41.03 32.39 29.37
C ALA B 27 39.64 32.22 28.75
N TYR B 28 39.17 30.97 28.77
CA TYR B 28 37.87 30.65 28.22
C TYR B 28 36.76 31.31 29.04
N THR B 29 35.68 31.68 28.36
CA THR B 29 34.58 32.44 28.94
C THR B 29 33.27 31.74 28.64
N ASN B 30 32.35 31.75 29.61
CA ASN B 30 31.04 31.16 29.41
C ASN B 30 30.19 32.04 28.50
N SER B 31 29.44 31.41 27.59
CA SER B 31 28.51 32.09 26.70
C SER B 31 27.12 31.54 27.03
N PHE B 32 26.41 32.24 27.92
CA PHE B 32 25.18 31.73 28.51
C PHE B 32 24.07 31.50 27.49
N THR B 33 23.57 32.58 26.88
CA THR B 33 22.45 32.47 25.95
C THR B 33 22.67 33.35 24.71
N ARG B 34 23.91 33.47 24.26
CA ARG B 34 24.25 34.30 23.12
C ARG B 34 24.44 33.46 21.88
N GLY B 35 24.23 34.08 20.71
CA GLY B 35 24.49 33.42 19.45
C GLY B 35 23.28 32.77 18.82
N VAL B 36 22.14 33.45 18.85
CA VAL B 36 20.91 32.96 18.24
C VAL B 36 20.40 34.03 17.28
N TYR B 37 19.98 33.62 16.09
CA TYR B 37 19.60 34.52 15.02
C TYR B 37 18.27 34.07 14.41
N TYR B 38 17.81 34.83 13.42
CA TYR B 38 16.61 34.47 12.67
C TYR B 38 16.99 33.51 11.56
N PRO B 39 16.50 32.28 11.57
CA PRO B 39 16.93 31.31 10.56
C PRO B 39 16.29 31.51 9.20
N ASP B 40 15.10 32.09 9.18
CA ASP B 40 14.36 32.28 7.93
C ASP B 40 13.70 33.65 7.92
N LYS B 41 13.41 34.12 6.72
CA LYS B 41 12.73 35.41 6.52
C LYS B 41 11.21 35.21 6.51
N VAL B 42 10.71 34.67 7.61
CA VAL B 42 9.30 34.30 7.75
C VAL B 42 8.74 34.97 9.00
N PHE B 43 7.58 35.59 8.87
CA PHE B 43 6.91 36.23 9.99
C PHE B 43 6.08 35.20 10.75
N ARG B 44 6.30 35.10 12.06
CA ARG B 44 5.51 34.24 12.93
C ARG B 44 5.18 35.01 14.20
N SER B 45 3.93 34.89 14.64
CA SER B 45 3.45 35.64 15.80
C SER B 45 2.76 34.70 16.78
N SER B 46 3.16 34.78 18.04
CA SER B 46 2.52 34.04 19.14
C SER B 46 2.48 32.54 18.87
N VAL B 47 3.58 31.99 18.36
CA VAL B 47 3.67 30.58 18.06
C VAL B 47 5.05 30.08 18.44
N LEU B 48 5.14 28.85 18.94
CA LEU B 48 6.40 28.22 19.29
C LEU B 48 6.84 27.34 18.11
N HIS B 49 8.04 27.60 17.60
CA HIS B 49 8.55 26.89 16.44
C HIS B 49 9.90 26.26 16.77
N SER B 50 10.09 25.04 16.29
CA SER B 50 11.34 24.30 16.48
C SER B 50 12.09 24.24 15.17
N THR B 51 13.38 24.59 15.21
CA THR B 51 14.21 24.63 14.01
C THR B 51 15.44 23.77 14.22
N GLN B 52 15.94 23.20 13.12
CA GLN B 52 17.17 22.42 13.10
C GLN B 52 18.15 23.15 12.18
N ASP B 53 19.10 23.86 12.78
CA ASP B 53 20.05 24.66 12.03
C ASP B 53 21.33 24.79 12.85
N LEU B 54 22.31 25.50 12.29
CA LEU B 54 23.60 25.68 12.94
C LEU B 54 23.47 26.76 14.00
N PHE B 55 23.48 26.37 15.26
CA PHE B 55 23.31 27.28 16.38
C PHE B 55 24.48 27.13 17.35
N LEU B 56 24.82 28.23 18.02
CA LEU B 56 25.84 28.17 19.06
C LEU B 56 25.25 27.51 20.30
N PRO B 57 25.91 26.50 20.85
CA PRO B 57 25.36 25.81 22.03
C PRO B 57 25.27 26.72 23.24
N PHE B 58 24.26 26.47 24.07
CA PHE B 58 24.08 27.24 25.28
C PHE B 58 25.13 26.85 26.32
N PHE B 59 25.61 27.85 27.07
CA PHE B 59 26.62 27.67 28.12
C PHE B 59 27.89 27.01 27.58
N SER B 60 28.31 27.43 26.39
CA SER B 60 29.49 26.89 25.74
C SER B 60 30.68 27.82 25.91
N ASN B 61 31.87 27.22 26.01
CA ASN B 61 33.09 27.99 26.13
C ASN B 61 33.39 28.76 24.85
N VAL B 62 33.84 30.00 25.00
CA VAL B 62 34.31 30.82 23.89
C VAL B 62 35.68 31.37 24.25
N THR B 63 36.61 31.29 23.30
CA THR B 63 37.96 31.80 23.54
C THR B 63 37.96 33.31 23.62
N TRP B 64 38.74 33.85 24.56
CA TRP B 64 38.79 35.28 24.83
C TRP B 64 40.22 35.78 24.66
N PHE B 65 40.41 36.73 23.76
CA PHE B 65 41.72 37.26 23.40
C PHE B 65 41.88 38.67 23.93
N HIS B 66 43.04 39.26 23.63
CA HIS B 66 43.34 40.63 24.02
C HIS B 66 43.86 41.42 22.82
N PHE B 79 47.22 43.87 20.07
CA PHE B 79 48.09 43.05 20.90
C PHE B 79 48.39 41.72 20.21
N ASP B 80 47.35 41.07 19.70
CA ASP B 80 47.50 39.79 19.01
C ASP B 80 46.36 39.61 18.03
N ASN B 81 46.61 38.80 17.00
CA ASN B 81 45.60 38.46 16.01
C ASN B 81 45.94 37.15 15.32
N PRO B 82 45.89 36.02 16.03
CA PRO B 82 46.25 34.75 15.40
C PRO B 82 45.18 34.29 14.42
N VAL B 83 45.62 33.48 13.46
CA VAL B 83 44.70 32.87 12.50
C VAL B 83 43.96 31.74 13.18
N LEU B 84 42.67 31.60 12.86
CA LEU B 84 41.81 30.62 13.50
C LEU B 84 41.04 29.84 12.46
N PRO B 85 40.78 28.56 12.70
CA PRO B 85 39.96 27.78 11.77
C PRO B 85 38.53 28.26 11.76
N PHE B 86 37.89 28.08 10.61
CA PHE B 86 36.52 28.54 10.45
C PHE B 86 35.53 27.58 11.11
N ASN B 87 35.62 26.29 10.76
CA ASN B 87 34.73 25.24 11.29
C ASN B 87 33.26 25.59 11.04
N ASP B 88 32.95 25.79 9.75
CA ASP B 88 31.62 26.00 9.18
C ASP B 88 30.70 26.91 9.98
N GLY B 89 31.28 27.92 10.62
CA GLY B 89 30.50 28.87 11.40
C GLY B 89 31.28 29.50 12.52
N VAL B 90 31.15 30.82 12.70
CA VAL B 90 31.90 31.56 13.69
C VAL B 90 30.97 32.57 14.35
N TYR B 91 31.00 32.62 15.68
CA TYR B 91 30.30 33.65 16.45
C TYR B 91 31.34 34.62 16.99
N PHE B 92 31.29 35.86 16.53
CA PHE B 92 32.27 36.88 16.86
C PHE B 92 31.61 37.99 17.67
N ALA B 93 32.21 38.33 18.81
CA ALA B 93 31.70 39.38 19.66
C ALA B 93 32.84 40.29 20.11
N SER B 94 32.58 41.59 20.15
CA SER B 94 33.57 42.58 20.52
C SER B 94 33.04 43.45 21.65
N THR B 95 33.87 43.69 22.66
CA THR B 95 33.45 44.40 23.86
C THR B 95 33.28 45.89 23.59
N GLU B 96 32.72 46.58 24.57
CA GLU B 96 32.39 48.00 24.41
C GLU B 96 33.63 48.86 24.65
N LYS B 97 33.50 50.15 24.29
CA LYS B 97 34.60 51.11 24.34
C LYS B 97 35.80 50.61 23.55
N SER B 98 35.53 49.98 22.41
CA SER B 98 36.57 49.38 21.57
C SER B 98 36.34 49.81 20.12
N ASN B 99 37.18 50.73 19.64
CA ASN B 99 37.15 51.17 18.25
C ASN B 99 38.35 50.62 17.47
N ILE B 100 39.03 49.61 18.02
CA ILE B 100 40.24 49.09 17.39
C ILE B 100 39.90 48.14 16.26
N ILE B 101 38.92 47.25 16.46
CA ILE B 101 38.56 46.26 15.45
C ILE B 101 37.94 46.97 14.25
N ARG B 102 38.48 46.70 13.06
CA ARG B 102 38.00 47.31 11.83
C ARG B 102 37.33 46.32 10.90
N GLY B 103 37.86 45.10 10.78
CA GLY B 103 37.28 44.14 9.88
C GLY B 103 37.94 42.80 10.03
N TRP B 104 37.60 41.90 9.10
CA TRP B 104 38.08 40.53 9.14
C TRP B 104 38.58 40.13 7.75
N ILE B 105 39.46 39.13 7.73
CA ILE B 105 40.01 38.58 6.50
C ILE B 105 39.61 37.12 6.44
N PHE B 106 38.97 36.72 5.36
CA PHE B 106 38.52 35.34 5.17
C PHE B 106 39.19 34.75 3.95
N GLY B 107 39.60 33.50 4.06
CA GLY B 107 40.25 32.82 2.95
C GLY B 107 40.61 31.40 3.33
N THR B 108 41.19 30.70 2.36
CA THR B 108 41.60 29.31 2.57
C THR B 108 43.06 29.23 3.03
N THR B 109 43.96 29.87 2.30
CA THR B 109 45.37 29.89 2.66
C THR B 109 45.95 31.28 2.79
N LEU B 110 45.19 32.33 2.48
CA LEU B 110 45.63 33.73 2.58
C LEU B 110 46.91 33.98 1.79
N ASP B 111 46.99 33.40 0.60
CA ASP B 111 48.16 33.53 -0.25
C ASP B 111 47.69 33.84 -1.67
N SER B 112 48.64 33.89 -2.61
CA SER B 112 48.33 34.21 -3.99
C SER B 112 47.80 33.03 -4.79
N LYS B 113 47.75 31.84 -4.18
CA LYS B 113 47.26 30.67 -4.91
C LYS B 113 45.74 30.70 -5.05
N THR B 114 45.03 31.14 -4.01
CA THR B 114 43.58 31.13 -3.99
C THR B 114 43.06 32.50 -3.56
N GLN B 115 41.85 32.83 -4.03
CA GLN B 115 41.23 34.09 -3.69
C GLN B 115 40.81 34.11 -2.23
N SER B 116 40.74 35.31 -1.67
CA SER B 116 40.37 35.51 -0.28
C SER B 116 39.41 36.68 -0.17
N LEU B 117 38.55 36.63 0.83
CA LEU B 117 37.54 37.66 1.07
C LEU B 117 38.07 38.67 2.08
N LEU B 118 37.95 39.95 1.74
CA LEU B 118 38.44 41.03 2.59
C LEU B 118 37.30 41.97 2.94
N ILE B 119 37.14 42.23 4.24
CA ILE B 119 36.14 43.17 4.75
C ILE B 119 36.86 44.17 5.64
N VAL B 120 36.83 45.45 5.26
CA VAL B 120 37.49 46.51 6.02
C VAL B 120 36.51 47.66 6.16
N ASN B 121 36.30 48.10 7.40
CA ASN B 121 35.46 49.25 7.70
C ASN B 121 36.36 50.45 7.99
N ASN B 122 36.30 51.45 7.11
CA ASN B 122 37.06 52.67 7.30
C ASN B 122 36.15 53.74 7.90
N ALA B 123 36.63 54.99 7.92
CA ALA B 123 35.95 56.05 8.65
C ALA B 123 34.53 56.33 8.15
N THR B 124 34.20 55.96 6.92
CA THR B 124 32.88 56.33 6.39
C THR B 124 32.13 55.19 5.72
N ASN B 125 32.83 54.16 5.26
CA ASN B 125 32.19 53.09 4.49
C ASN B 125 32.86 51.76 4.83
N VAL B 126 32.41 50.71 4.14
CA VAL B 126 33.00 49.37 4.24
C VAL B 126 33.42 48.92 2.85
N VAL B 127 34.61 48.35 2.75
CA VAL B 127 35.14 47.83 1.49
C VAL B 127 35.00 46.33 1.50
N ILE B 128 34.29 45.78 0.51
CA ILE B 128 34.08 44.35 0.38
C ILE B 128 34.83 43.88 -0.87
N LYS B 129 35.81 43.02 -0.68
CA LYS B 129 36.60 42.49 -1.78
C LYS B 129 36.80 40.99 -1.59
N VAL B 130 36.58 40.21 -2.65
CA VAL B 130 36.91 38.75 -2.59
C VAL B 130 38.05 38.61 -3.60
N CYS B 131 38.78 39.71 -3.82
CA CYS B 131 39.84 39.77 -4.81
C CYS B 131 41.03 38.91 -4.38
N GLU B 132 41.97 38.72 -5.31
CA GLU B 132 43.18 37.98 -5.01
C GLU B 132 44.12 38.82 -4.17
N PHE B 133 44.62 38.25 -3.09
CA PHE B 133 45.44 38.99 -2.13
C PHE B 133 46.64 38.15 -1.72
N GLN B 134 47.67 38.85 -1.25
CA GLN B 134 48.84 38.23 -0.60
C GLN B 134 49.13 39.05 0.64
N PHE B 135 48.61 38.61 1.79
CA PHE B 135 48.69 39.38 3.01
C PHE B 135 50.07 39.26 3.64
N CYS B 136 50.33 40.11 4.64
CA CYS B 136 51.59 40.14 5.35
C CYS B 136 51.54 39.21 6.55
N ASN B 137 52.62 39.21 7.34
CA ASN B 137 52.69 38.35 8.52
C ASN B 137 51.73 38.83 9.59
N ASP B 138 51.72 40.14 9.88
CA ASP B 138 50.84 40.73 10.89
C ASP B 138 50.14 41.92 10.27
N PRO B 139 49.09 41.69 9.49
CA PRO B 139 48.36 42.81 8.88
C PRO B 139 47.69 43.67 9.93
N PHE B 140 47.69 44.98 9.69
CA PHE B 140 47.09 45.94 10.62
C PHE B 140 46.80 47.22 9.87
N LEU B 141 45.97 48.06 10.48
CA LEU B 141 45.62 49.35 9.91
C LEU B 141 46.07 50.49 10.81
N MET B 153 47.47 62.06 9.64
CA MET B 153 47.62 61.61 11.02
C MET B 153 47.22 60.15 11.19
N GLU B 154 47.06 59.46 10.06
CA GLU B 154 46.67 58.06 10.05
C GLU B 154 47.78 57.21 9.45
N SER B 155 48.00 56.03 10.04
CA SER B 155 48.87 55.00 9.49
C SER B 155 47.98 53.81 9.14
N GLU B 156 47.79 53.56 7.84
CA GLU B 156 46.76 52.63 7.40
C GLU B 156 47.26 51.79 6.23
N PHE B 157 46.50 50.76 5.92
CA PHE B 157 46.69 49.91 4.74
C PHE B 157 48.05 49.22 4.74
N ARG B 158 48.49 48.79 5.92
CA ARG B 158 49.63 47.88 6.04
C ARG B 158 49.17 46.43 6.10
N VAL B 159 48.35 46.03 5.12
CA VAL B 159 47.69 44.73 5.15
C VAL B 159 48.11 43.85 3.98
N TYR B 160 48.22 44.40 2.77
CA TYR B 160 48.61 43.62 1.61
C TYR B 160 49.66 44.38 0.81
N SER B 161 50.32 43.66 -0.10
CA SER B 161 51.30 44.23 -1.00
C SER B 161 50.87 44.27 -2.45
N SER B 162 49.91 43.43 -2.84
CA SER B 162 49.43 43.41 -4.22
C SER B 162 48.00 42.90 -4.24
N ALA B 163 47.25 43.35 -5.24
CA ALA B 163 45.85 42.94 -5.38
C ALA B 163 45.44 43.12 -6.84
N ASN B 164 45.28 42.02 -7.57
CA ASN B 164 44.82 42.07 -8.95
C ASN B 164 43.82 40.94 -9.17
N ASN B 165 43.16 40.99 -10.34
CA ASN B 165 42.09 40.07 -10.70
C ASN B 165 40.98 40.07 -9.64
N CYS B 166 40.34 41.23 -9.52
CA CYS B 166 39.31 41.47 -8.52
C CYS B 166 37.95 41.24 -9.17
N THR B 167 37.10 40.44 -8.51
CA THR B 167 35.80 40.08 -9.08
C THR B 167 34.63 40.79 -8.40
N PHE B 168 34.53 40.72 -7.08
CA PHE B 168 33.50 41.39 -6.32
C PHE B 168 34.12 42.59 -5.60
N GLU B 169 33.65 43.79 -5.93
CA GLU B 169 34.23 45.02 -5.40
C GLU B 169 33.17 46.01 -4.95
N TYR B 170 32.05 45.52 -4.43
CA TYR B 170 30.88 46.36 -4.21
C TYR B 170 30.91 46.95 -2.80
N VAL B 171 30.92 48.28 -2.73
CA VAL B 171 30.96 49.00 -1.46
C VAL B 171 29.54 49.17 -0.95
N SER B 172 29.35 48.97 0.35
CA SER B 172 28.03 49.01 0.97
C SER B 172 28.00 50.01 2.12
N GLN B 173 26.82 50.19 2.68
CA GLN B 173 26.62 51.05 3.83
C GLN B 173 27.25 50.39 5.06
N PRO B 174 28.06 51.12 5.83
CA PRO B 174 28.68 50.53 7.02
C PRO B 174 27.66 50.14 8.08
N PHE B 175 27.98 49.06 8.79
CA PHE B 175 27.12 48.53 9.83
C PHE B 175 27.10 49.40 11.08
N LEU B 176 28.20 50.08 11.38
CA LEU B 176 28.28 50.92 12.55
C LEU B 176 28.99 52.22 12.19
N MET B 177 28.55 53.33 12.78
CA MET B 177 29.17 54.62 12.56
C MET B 177 30.20 54.91 13.65
N PHE B 186 28.85 53.11 29.09
CA PHE B 186 28.32 51.81 28.69
C PHE B 186 28.06 51.78 27.19
N LYS B 187 29.13 51.60 26.40
CA LYS B 187 29.02 51.66 24.96
C LYS B 187 28.48 50.33 24.42
N ASN B 188 28.42 50.22 23.10
CA ASN B 188 27.70 49.12 22.47
C ASN B 188 28.49 47.82 22.50
N LEU B 189 27.75 46.70 22.47
CA LEU B 189 28.30 45.36 22.33
C LEU B 189 27.96 44.86 20.93
N ARG B 190 28.98 44.51 20.17
CA ARG B 190 28.80 44.07 18.79
C ARG B 190 28.93 42.55 18.71
N GLU B 191 27.95 41.92 18.09
CA GLU B 191 27.95 40.48 17.89
C GLU B 191 27.78 40.18 16.40
N PHE B 192 28.52 39.19 15.91
CA PHE B 192 28.48 38.82 14.50
C PHE B 192 28.44 37.31 14.37
N VAL B 193 27.76 36.84 13.34
CA VAL B 193 27.71 35.42 12.99
C VAL B 193 28.01 35.29 11.51
N PHE B 194 29.01 34.47 11.17
CA PHE B 194 29.40 34.23 9.80
C PHE B 194 29.14 32.77 9.45
N LYS B 195 28.56 32.54 8.28
CA LYS B 195 28.34 31.18 7.80
C LYS B 195 28.33 31.19 6.28
N ASN B 196 28.92 30.15 5.69
CA ASN B 196 29.06 30.04 4.25
C ASN B 196 28.34 28.77 3.80
N ILE B 197 27.15 28.93 3.25
CA ILE B 197 26.32 27.82 2.81
C ILE B 197 25.82 28.09 1.41
N ASP B 198 25.84 27.05 0.56
CA ASP B 198 25.33 27.08 -0.80
C ASP B 198 25.96 28.19 -1.64
N GLY B 199 27.25 28.47 -1.41
CA GLY B 199 27.93 29.51 -2.16
C GLY B 199 27.59 30.93 -1.76
N TYR B 200 26.85 31.12 -0.67
CA TYR B 200 26.46 32.44 -0.21
C TYR B 200 27.12 32.73 1.14
N PHE B 201 27.52 33.98 1.34
CA PHE B 201 28.07 34.43 2.61
C PHE B 201 26.99 35.25 3.34
N LYS B 202 26.61 34.80 4.52
CA LYS B 202 25.53 35.41 5.28
C LYS B 202 26.08 36.02 6.56
N ILE B 203 25.67 37.25 6.84
CA ILE B 203 26.12 37.99 8.01
C ILE B 203 24.90 38.35 8.85
N TYR B 204 24.98 38.06 10.15
CA TYR B 204 23.96 38.45 11.11
C TYR B 204 24.63 39.28 12.20
N SER B 205 24.02 40.41 12.55
CA SER B 205 24.65 41.30 13.51
C SER B 205 23.61 42.15 14.24
N LYS B 206 24.00 42.62 15.42
CA LYS B 206 23.22 43.59 16.17
C LYS B 206 24.13 44.29 17.15
N HIS B 207 23.72 45.47 17.60
CA HIS B 207 24.50 46.29 18.52
C HIS B 207 23.61 46.73 19.67
N THR B 208 24.11 46.57 20.90
CA THR B 208 23.38 46.98 22.09
C THR B 208 24.36 47.47 23.15
N PRO B 209 24.01 48.54 23.87
CA PRO B 209 24.92 49.07 24.89
C PRO B 209 24.79 48.35 26.22
N ILE B 210 25.88 47.70 26.64
CA ILE B 210 25.89 46.94 27.88
C ILE B 210 27.18 47.25 28.62
N ASN B 211 27.12 47.21 29.95
CA ASN B 211 28.28 47.29 30.83
C ASN B 211 28.96 45.92 30.89
N LEU B 212 29.79 45.69 31.92
CA LEU B 212 30.49 44.42 32.14
C LEU B 212 31.44 44.09 30.99
N VAL B 213 32.49 44.91 30.92
CA VAL B 213 33.43 44.87 29.80
C VAL B 213 34.07 43.49 29.66
N ARG B 214 34.54 42.92 30.76
CA ARG B 214 35.43 41.77 30.72
C ARG B 214 34.68 40.43 30.74
N ASP B 215 33.36 40.43 30.73
CA ASP B 215 32.60 39.19 30.71
C ASP B 215 31.42 39.33 29.75
N LEU B 216 30.97 38.19 29.24
CA LEU B 216 29.79 38.18 28.37
C LEU B 216 28.55 38.47 29.21
N PRO B 217 27.70 39.40 28.79
CA PRO B 217 26.57 39.81 29.63
C PRO B 217 25.46 38.78 29.65
N GLN B 218 24.47 39.06 30.48
CA GLN B 218 23.27 38.24 30.58
C GLN B 218 22.26 38.67 29.52
N GLY B 219 21.03 38.19 29.63
CA GLY B 219 19.97 38.62 28.74
C GLY B 219 19.87 37.78 27.48
N PHE B 220 18.97 38.22 26.61
CA PHE B 220 18.68 37.53 25.36
C PHE B 220 18.73 38.54 24.22
N SER B 221 19.22 38.08 23.07
CA SER B 221 19.35 38.94 21.90
C SER B 221 19.27 38.09 20.64
N ALA B 222 18.53 38.58 19.65
CA ALA B 222 18.39 37.92 18.36
C ALA B 222 19.06 38.76 17.29
N LEU B 223 19.81 38.11 16.41
CA LEU B 223 20.58 38.81 15.39
C LEU B 223 19.81 38.81 14.07
N GLU B 224 19.68 40.00 13.48
CA GLU B 224 18.98 40.16 12.22
C GLU B 224 19.96 40.19 11.05
N PRO B 225 19.65 39.51 9.95
CA PRO B 225 20.52 39.56 8.78
C PRO B 225 20.55 40.95 8.16
N LEU B 226 21.69 41.27 7.54
CA LEU B 226 21.84 42.60 6.96
C LEU B 226 22.37 42.55 5.53
N VAL B 227 23.11 41.49 5.17
CA VAL B 227 23.72 41.41 3.85
C VAL B 227 23.94 39.95 3.51
N ASP B 228 23.89 39.64 2.20
CA ASP B 228 24.14 38.30 1.70
C ASP B 228 25.00 38.41 0.46
N LEU B 229 26.22 37.88 0.53
CA LEU B 229 27.18 38.01 -0.56
C LEU B 229 27.27 36.71 -1.34
N PRO B 230 26.95 36.71 -2.64
CA PRO B 230 27.13 35.51 -3.48
C PRO B 230 28.56 35.37 -4.01
N ILE B 231 29.46 34.88 -3.14
CA ILE B 231 30.86 34.77 -3.50
C ILE B 231 31.20 33.39 -4.06
N GLY B 232 30.74 32.33 -3.41
CA GLY B 232 30.97 30.98 -3.90
C GLY B 232 32.33 30.40 -3.61
N ILE B 233 33.20 31.11 -2.87
CA ILE B 233 34.53 30.63 -2.57
C ILE B 233 34.50 29.73 -1.34
N ASN B 234 35.60 29.02 -1.10
CA ASN B 234 35.74 28.18 0.09
C ASN B 234 36.37 28.97 1.22
N ILE B 235 35.83 28.80 2.42
CA ILE B 235 36.34 29.47 3.62
C ILE B 235 36.70 28.39 4.64
N THR B 236 37.95 28.40 5.09
CA THR B 236 38.41 27.49 6.12
C THR B 236 39.24 28.16 7.21
N ARG B 237 39.60 29.43 7.05
CA ARG B 237 40.41 30.14 8.03
C ARG B 237 40.04 31.61 7.99
N PHE B 238 40.27 32.31 9.11
CA PHE B 238 40.03 33.74 9.11
C PHE B 238 41.00 34.41 10.07
N GLN B 239 41.09 35.74 9.96
CA GLN B 239 41.94 36.53 10.82
C GLN B 239 41.32 37.92 10.95
N THR B 240 41.34 38.46 12.17
CA THR B 240 40.79 39.78 12.43
C THR B 240 41.84 40.86 12.17
N LEU B 241 41.35 42.07 11.91
CA LEU B 241 42.19 43.23 11.63
C LEU B 241 42.01 44.25 12.73
N LEU B 242 43.11 44.71 13.30
CA LEU B 242 43.09 45.66 14.41
C LEU B 242 43.77 46.96 13.99
N ALA B 243 43.09 48.07 14.22
CA ALA B 243 43.67 49.38 13.92
C ALA B 243 44.77 49.70 14.93
N LEU B 244 45.91 50.16 14.42
CA LEU B 244 47.06 50.50 15.25
C LEU B 244 47.53 51.91 14.93
N HIS B 245 47.74 52.71 15.97
CA HIS B 245 48.25 54.06 15.84
C HIS B 245 49.46 54.23 16.73
N ARG B 246 50.50 54.88 16.19
CA ARG B 246 51.73 55.09 16.93
C ARG B 246 52.19 56.54 16.82
N GLY B 261 47.15 49.62 23.09
CA GLY B 261 46.15 49.36 22.08
C GLY B 261 45.70 47.90 22.04
N ALA B 262 45.15 47.43 23.14
CA ALA B 262 44.65 46.06 23.26
C ALA B 262 43.14 46.08 23.39
N ALA B 263 42.48 45.28 22.55
CA ALA B 263 41.02 45.17 22.56
C ALA B 263 40.64 43.70 22.68
N ALA B 264 39.57 43.44 23.44
CA ALA B 264 39.15 42.09 23.77
C ALA B 264 37.97 41.68 22.88
N TYR B 265 38.03 40.46 22.35
CA TYR B 265 36.95 39.92 21.54
C TYR B 265 36.80 38.43 21.79
N TYR B 266 35.61 37.91 21.51
CA TYR B 266 35.25 36.53 21.78
C TYR B 266 35.00 35.79 20.47
N VAL B 267 35.42 34.54 20.41
CA VAL B 267 35.24 33.69 19.23
C VAL B 267 34.59 32.39 19.65
N GLY B 268 33.49 32.03 18.99
CA GLY B 268 32.82 30.77 19.24
C GLY B 268 32.46 30.09 17.94
N TYR B 269 32.37 28.77 18.00
CA TYR B 269 32.15 27.95 16.82
C TYR B 269 30.74 27.35 16.84
N LEU B 270 30.08 27.41 15.69
CA LEU B 270 28.73 26.90 15.54
C LEU B 270 28.74 25.42 15.17
N GLN B 271 27.61 24.75 15.42
CA GLN B 271 27.43 23.36 15.06
C GLN B 271 25.96 23.05 15.00
N PRO B 272 25.52 22.12 14.14
CA PRO B 272 24.09 21.87 13.97
C PRO B 272 23.48 21.14 15.15
N ARG B 273 22.45 21.75 15.74
CA ARG B 273 21.65 21.17 16.80
C ARG B 273 20.31 21.89 16.83
N THR B 274 19.36 21.33 17.57
CA THR B 274 17.95 21.71 17.47
C THR B 274 17.61 22.72 18.56
N PHE B 275 16.94 23.80 18.16
CA PHE B 275 16.47 24.85 19.07
C PHE B 275 14.98 25.05 18.91
N LEU B 276 14.33 25.43 20.00
CA LEU B 276 12.91 25.77 20.01
C LEU B 276 12.77 27.26 20.24
N LEU B 277 12.26 27.98 19.24
CA LEU B 277 12.17 29.43 19.27
C LEU B 277 10.77 29.89 19.67
N LYS B 278 10.72 30.99 20.41
CA LYS B 278 9.46 31.58 20.87
C LYS B 278 9.26 32.93 20.21
N TYR B 279 8.08 33.15 19.63
CA TYR B 279 7.72 34.39 18.97
C TYR B 279 6.64 35.10 19.77
N ASN B 280 6.81 36.41 19.96
CA ASN B 280 5.82 37.20 20.69
C ASN B 280 4.68 37.58 19.76
N GLU B 281 3.85 38.54 20.18
CA GLU B 281 2.76 39.01 19.33
C GLU B 281 3.28 39.66 18.06
N ASN B 282 4.49 40.21 18.10
CA ASN B 282 5.17 40.71 16.91
C ASN B 282 6.00 39.58 16.29
N GLY B 283 6.89 39.92 15.37
CA GLY B 283 7.79 38.95 14.79
C GLY B 283 9.10 38.79 15.51
N THR B 284 9.23 39.32 16.72
CA THR B 284 10.50 39.31 17.44
C THR B 284 10.63 38.05 18.28
N ILE B 285 11.79 37.41 18.19
CA ILE B 285 12.08 36.24 19.02
C ILE B 285 12.38 36.70 20.44
N THR B 286 11.65 36.14 21.40
CA THR B 286 11.78 36.54 22.79
C THR B 286 12.66 35.60 23.60
N ASP B 287 12.49 34.29 23.44
CA ASP B 287 13.26 33.32 24.20
C ASP B 287 13.47 32.07 23.35
N ALA B 288 14.46 31.27 23.73
CA ALA B 288 14.76 30.03 23.05
C ALA B 288 15.37 29.05 24.04
N VAL B 289 15.23 27.76 23.75
CA VAL B 289 15.77 26.70 24.57
C VAL B 289 16.51 25.70 23.67
N ASP B 290 17.43 24.96 24.28
CA ASP B 290 18.22 23.96 23.59
C ASP B 290 17.67 22.57 23.92
N CYS B 291 17.33 21.81 22.88
CA CYS B 291 16.64 20.53 23.06
C CYS B 291 17.55 19.40 23.52
N ALA B 292 18.82 19.68 23.82
CA ALA B 292 19.73 18.65 24.28
C ALA B 292 20.57 19.07 25.48
N LEU B 293 20.31 20.26 26.06
CA LEU B 293 21.10 20.72 27.18
C LEU B 293 20.80 19.95 28.45
N ASP B 294 19.52 19.75 28.76
CA ASP B 294 19.09 19.13 30.00
C ASP B 294 17.87 18.26 29.73
N PRO B 295 17.62 17.26 30.59
CA PRO B 295 16.38 16.49 30.45
C PRO B 295 15.13 17.33 30.59
N LEU B 296 15.15 18.36 31.43
CA LEU B 296 14.00 19.26 31.52
C LEU B 296 13.78 19.99 30.20
N SER B 297 14.88 20.40 29.55
CA SER B 297 14.76 21.02 28.23
C SER B 297 14.23 20.03 27.20
N GLU B 298 14.60 18.76 27.34
CA GLU B 298 14.05 17.73 26.45
C GLU B 298 12.55 17.58 26.66
N THR B 299 12.09 17.63 27.91
CA THR B 299 10.66 17.58 28.18
C THR B 299 9.95 18.79 27.60
N LYS B 300 10.56 19.97 27.73
CA LYS B 300 9.98 21.18 27.16
C LYS B 300 9.87 21.08 25.64
N CYS B 301 10.91 20.53 24.99
CA CYS B 301 10.88 20.39 23.54
C CYS B 301 9.83 19.37 23.10
N THR B 302 9.71 18.25 23.82
CA THR B 302 8.73 17.24 23.44
C THR B 302 7.30 17.73 23.68
N LEU B 303 7.08 18.49 24.76
CA LEU B 303 5.75 18.99 25.08
C LEU B 303 5.39 20.25 24.30
N LYS B 304 6.34 20.83 23.56
CA LYS B 304 6.13 22.05 22.79
C LYS B 304 5.61 23.20 23.67
N SER B 305 6.17 23.30 24.87
CA SER B 305 5.77 24.35 25.80
C SER B 305 6.94 24.70 26.70
N PHE B 306 7.01 25.98 27.10
CA PHE B 306 8.08 26.46 27.95
C PHE B 306 7.85 26.14 29.42
N THR B 307 6.63 25.77 29.81
CA THR B 307 6.31 25.40 31.18
C THR B 307 5.68 24.01 31.19
N VAL B 308 6.07 23.19 32.15
CA VAL B 308 5.57 21.83 32.29
C VAL B 308 4.86 21.69 33.63
N GLU B 309 3.95 20.73 33.68
CA GLU B 309 3.19 20.43 34.89
C GLU B 309 3.79 19.24 35.61
N LYS B 310 3.34 19.04 36.85
CA LYS B 310 3.82 17.93 37.66
C LYS B 310 3.36 16.60 37.06
N GLY B 311 4.29 15.66 36.95
CA GLY B 311 3.98 14.36 36.39
C GLY B 311 5.24 13.71 35.83
N ILE B 312 5.02 12.65 35.07
CA ILE B 312 6.10 11.89 34.44
C ILE B 312 5.84 11.84 32.94
N TYR B 313 6.88 12.12 32.16
CA TYR B 313 6.77 12.19 30.71
C TYR B 313 7.87 11.34 30.06
N GLN B 314 7.50 10.63 29.00
CA GLN B 314 8.45 9.81 28.25
C GLN B 314 9.08 10.67 27.16
N THR B 315 10.41 10.76 27.16
CA THR B 315 11.13 11.66 26.26
C THR B 315 11.72 10.91 25.06
N SER B 316 12.56 9.91 25.31
CA SER B 316 13.27 9.24 24.23
C SER B 316 13.62 7.82 24.66
N ASN B 317 14.30 7.11 23.77
CA ASN B 317 14.72 5.74 24.01
C ASN B 317 16.25 5.67 24.00
N PHE B 318 16.78 4.56 24.52
CA PHE B 318 18.22 4.36 24.59
C PHE B 318 18.55 2.92 24.20
N ARG B 319 19.78 2.73 23.72
CA ARG B 319 20.25 1.42 23.29
C ARG B 319 21.71 1.25 23.73
N VAL B 320 22.18 0.01 23.67
CA VAL B 320 23.57 -0.33 23.93
C VAL B 320 24.16 -0.93 22.67
N GLN B 321 25.32 -0.39 22.24
CA GLN B 321 25.93 -0.77 20.98
C GLN B 321 27.03 -1.81 21.18
N PRO B 322 27.23 -2.69 20.19
CA PRO B 322 28.29 -3.69 20.31
C PRO B 322 29.67 -3.08 20.18
N THR B 323 30.68 -3.84 20.61
CA THR B 323 32.05 -3.35 20.66
C THR B 323 33.10 -4.28 20.07
N GLU B 324 32.84 -5.59 19.96
CA GLU B 324 33.89 -6.54 19.58
C GLU B 324 33.64 -7.20 18.23
N SER B 325 32.45 -7.79 18.02
CA SER B 325 32.10 -8.48 16.77
C SER B 325 33.06 -9.64 16.48
N ILE B 326 33.01 -10.63 17.36
CA ILE B 326 33.88 -11.79 17.25
C ILE B 326 33.31 -12.79 16.26
N VAL B 327 34.19 -13.68 15.78
CA VAL B 327 33.83 -14.73 14.82
C VAL B 327 34.50 -16.03 15.26
N ARG B 328 33.73 -17.11 15.28
CA ARG B 328 34.25 -18.44 15.62
C ARG B 328 34.11 -19.37 14.43
N PHE B 329 34.98 -20.38 14.39
CA PHE B 329 34.99 -21.38 13.33
C PHE B 329 35.66 -22.64 13.88
N PRO B 330 35.35 -23.81 13.32
CA PRO B 330 35.92 -25.06 13.83
C PRO B 330 37.42 -25.16 13.56
N ASN B 331 38.02 -26.21 14.12
CA ASN B 331 39.44 -26.44 13.99
C ASN B 331 39.81 -26.75 12.54
N ILE B 332 41.01 -26.35 12.16
CA ILE B 332 41.52 -26.58 10.81
C ILE B 332 42.30 -27.88 10.81
N THR B 333 41.71 -28.93 10.25
CA THR B 333 42.35 -30.24 10.19
C THR B 333 42.33 -30.76 8.76
N ASN B 334 42.74 -32.02 8.59
CA ASN B 334 42.79 -32.76 7.32
C ASN B 334 43.30 -31.89 6.16
N LEU B 335 44.54 -31.42 6.28
CA LEU B 335 45.17 -30.65 5.22
C LEU B 335 45.41 -31.55 4.01
N CYS B 336 45.35 -30.95 2.83
CA CYS B 336 45.55 -31.71 1.59
C CYS B 336 46.99 -32.19 1.50
N PRO B 337 47.23 -33.36 0.89
CA PRO B 337 48.59 -33.91 0.82
C PRO B 337 49.46 -33.23 -0.23
N PHE B 338 49.81 -31.96 0.04
CA PHE B 338 50.72 -31.24 -0.85
C PHE B 338 52.16 -31.71 -0.68
N GLY B 339 52.50 -32.27 0.48
CA GLY B 339 53.87 -32.69 0.72
C GLY B 339 54.30 -33.85 -0.15
N GLU B 340 53.41 -34.81 -0.36
CA GLU B 340 53.78 -36.01 -1.11
C GLU B 340 53.80 -35.77 -2.61
N VAL B 341 53.42 -34.59 -3.06
CA VAL B 341 53.46 -34.22 -4.47
C VAL B 341 54.72 -33.43 -4.79
N PHE B 342 55.05 -32.44 -3.96
CA PHE B 342 56.20 -31.57 -4.21
C PHE B 342 57.50 -32.15 -3.65
N ASN B 343 57.44 -32.76 -2.47
CA ASN B 343 58.63 -33.27 -1.79
C ASN B 343 58.90 -34.74 -2.08
N ALA B 344 58.14 -35.34 -3.00
CA ALA B 344 58.38 -36.73 -3.35
C ALA B 344 59.73 -36.90 -4.03
N THR B 345 60.45 -37.96 -3.66
CA THR B 345 61.76 -38.23 -4.21
C THR B 345 61.71 -38.88 -5.58
N ARG B 346 60.55 -39.34 -6.03
CA ARG B 346 60.39 -39.98 -7.33
C ARG B 346 59.50 -39.13 -8.22
N PHE B 347 59.92 -38.93 -9.47
CA PHE B 347 59.17 -38.17 -10.45
C PHE B 347 59.05 -38.96 -11.73
N ALA B 348 57.92 -38.81 -12.41
CA ALA B 348 57.64 -39.57 -13.60
C ALA B 348 58.29 -38.93 -14.83
N SER B 349 58.27 -39.67 -15.93
CA SER B 349 58.82 -39.20 -17.19
C SER B 349 57.83 -38.24 -17.87
N VAL B 350 58.29 -37.65 -18.97
CA VAL B 350 57.48 -36.67 -19.68
C VAL B 350 56.26 -37.32 -20.32
N TYR B 351 56.47 -38.45 -21.00
CA TYR B 351 55.40 -39.12 -21.72
C TYR B 351 54.51 -39.95 -20.81
N ALA B 352 54.92 -40.19 -19.56
CA ALA B 352 54.17 -40.99 -18.60
C ALA B 352 53.95 -40.21 -17.32
N TRP B 353 53.49 -38.97 -17.46
CA TRP B 353 53.32 -38.09 -16.31
C TRP B 353 52.27 -38.65 -15.35
N ASN B 354 52.51 -38.50 -14.05
CA ASN B 354 51.60 -38.99 -13.04
C ASN B 354 50.35 -38.13 -12.98
N ARG B 355 49.29 -38.70 -12.40
CA ARG B 355 48.04 -38.00 -12.19
C ARG B 355 47.50 -38.36 -10.81
N LYS B 356 47.17 -37.35 -10.02
CA LYS B 356 46.68 -37.54 -8.66
C LYS B 356 45.44 -36.69 -8.45
N ARG B 357 44.44 -37.27 -7.79
CA ARG B 357 43.20 -36.57 -7.48
C ARG B 357 43.16 -36.22 -6.01
N ILE B 358 42.85 -34.97 -5.71
CA ILE B 358 42.79 -34.46 -4.34
C ILE B 358 41.43 -33.83 -4.13
N SER B 359 40.71 -34.28 -3.10
CA SER B 359 39.36 -33.80 -2.85
C SER B 359 39.05 -33.85 -1.36
N ASN B 360 38.08 -33.03 -0.96
CA ASN B 360 37.54 -33.00 0.40
C ASN B 360 38.62 -32.74 1.45
N CYS B 361 39.38 -31.67 1.25
CA CYS B 361 40.36 -31.23 2.22
C CYS B 361 40.60 -29.75 2.03
N VAL B 362 41.03 -29.07 3.10
CA VAL B 362 41.39 -27.66 2.99
C VAL B 362 42.78 -27.54 2.41
N ALA B 363 42.92 -26.70 1.38
CA ALA B 363 44.18 -26.54 0.66
C ALA B 363 44.85 -25.26 1.18
N ASP B 364 45.96 -25.44 1.90
CA ASP B 364 46.73 -24.33 2.42
C ASP B 364 47.77 -23.93 1.38
N TYR B 365 47.55 -22.80 0.71
CA TYR B 365 48.44 -22.33 -0.34
C TYR B 365 49.53 -21.40 0.17
N SER B 366 49.57 -21.14 1.48
CA SER B 366 50.60 -20.25 2.01
C SER B 366 51.98 -20.88 1.95
N VAL B 367 52.06 -22.21 2.03
CA VAL B 367 53.36 -22.89 1.95
C VAL B 367 53.96 -22.72 0.56
N LEU B 368 53.13 -22.69 -0.48
CA LEU B 368 53.63 -22.45 -1.82
C LEU B 368 53.99 -20.98 -2.02
N TYR B 369 53.23 -20.07 -1.40
CA TYR B 369 53.54 -18.65 -1.50
C TYR B 369 54.88 -18.32 -0.87
N ASN B 370 55.14 -18.88 0.33
CA ASN B 370 56.33 -18.53 1.09
C ASN B 370 57.52 -19.41 0.77
N SER B 371 57.38 -20.36 -0.16
CA SER B 371 58.52 -21.19 -0.53
C SER B 371 59.54 -20.37 -1.31
N ALA B 372 60.82 -20.58 -0.99
CA ALA B 372 61.92 -19.84 -1.60
C ALA B 372 62.75 -20.70 -2.52
N SER B 373 62.11 -21.64 -3.23
CA SER B 373 62.80 -22.52 -4.15
C SER B 373 62.22 -22.56 -5.56
N PHE B 374 60.95 -22.17 -5.73
CA PHE B 374 60.32 -22.24 -7.04
C PHE B 374 60.93 -21.22 -7.99
N SER B 375 61.15 -21.64 -9.24
CA SER B 375 61.71 -20.77 -10.26
C SER B 375 60.62 -20.01 -11.01
N THR B 376 59.54 -20.69 -11.38
CA THR B 376 58.40 -20.07 -12.04
C THR B 376 57.14 -20.37 -11.24
N PHE B 377 56.22 -19.39 -11.25
CA PHE B 377 54.97 -19.53 -10.49
C PHE B 377 53.92 -18.72 -11.24
N LYS B 378 53.16 -19.38 -12.12
CA LYS B 378 52.19 -18.71 -12.97
C LYS B 378 50.84 -19.39 -12.86
N CYS B 379 49.78 -18.58 -12.78
CA CYS B 379 48.41 -19.06 -12.78
C CYS B 379 47.69 -18.47 -13.99
N TYR B 380 47.05 -19.33 -14.78
CA TYR B 380 46.54 -18.94 -16.08
C TYR B 380 45.03 -18.80 -16.15
N GLY B 381 44.29 -19.20 -15.12
CA GLY B 381 42.84 -19.17 -15.22
C GLY B 381 42.13 -18.41 -14.11
N VAL B 382 42.81 -18.19 -12.99
CA VAL B 382 42.20 -17.55 -11.83
C VAL B 382 43.14 -16.47 -11.31
N SER B 383 42.59 -15.57 -10.52
CA SER B 383 43.41 -14.59 -9.84
C SER B 383 44.20 -15.29 -8.75
N PRO B 384 45.53 -15.27 -8.78
CA PRO B 384 46.30 -16.08 -7.83
C PRO B 384 46.30 -15.52 -6.42
N THR B 385 45.92 -14.26 -6.24
CA THR B 385 45.82 -13.68 -4.90
C THR B 385 44.62 -14.20 -4.12
N LYS B 386 43.64 -14.80 -4.79
CA LYS B 386 42.43 -15.27 -4.15
C LYS B 386 42.37 -16.79 -4.01
N LEU B 387 43.52 -17.47 -4.10
CA LEU B 387 43.52 -18.92 -3.98
C LEU B 387 43.24 -19.36 -2.54
N ASN B 388 43.49 -18.49 -1.57
CA ASN B 388 43.41 -18.89 -0.18
C ASN B 388 41.96 -18.97 0.34
N ASP B 389 41.01 -18.33 -0.35
CA ASP B 389 39.63 -18.34 0.10
C ASP B 389 38.64 -18.95 -0.89
N LEU B 390 39.02 -19.11 -2.16
CA LEU B 390 38.12 -19.73 -3.11
C LEU B 390 37.99 -21.22 -2.84
N CYS B 391 36.85 -21.78 -3.26
CA CYS B 391 36.55 -23.20 -3.04
C CYS B 391 36.23 -23.86 -4.38
N PHE B 392 36.74 -25.07 -4.56
CA PHE B 392 36.57 -25.84 -5.79
C PHE B 392 36.14 -27.26 -5.44
N THR B 393 35.64 -27.97 -6.46
CA THR B 393 35.18 -29.33 -6.26
C THR B 393 36.34 -30.31 -6.16
N ASN B 394 37.15 -30.42 -7.22
CA ASN B 394 38.29 -31.31 -7.24
C ASN B 394 39.48 -30.60 -7.87
N VAL B 395 40.68 -31.05 -7.51
CA VAL B 395 41.91 -30.55 -8.09
C VAL B 395 42.78 -31.74 -8.50
N TYR B 396 43.70 -31.48 -9.42
CA TYR B 396 44.61 -32.49 -9.91
C TYR B 396 46.04 -31.96 -9.88
N ALA B 397 47.00 -32.86 -9.72
CA ALA B 397 48.41 -32.53 -9.70
C ALA B 397 49.14 -33.40 -10.71
N ASP B 398 49.85 -32.77 -11.64
CA ASP B 398 50.64 -33.47 -12.64
C ASP B 398 52.11 -33.16 -12.43
N SER B 399 52.93 -34.20 -12.31
CA SER B 399 54.35 -34.05 -11.99
C SER B 399 55.19 -34.79 -13.02
N PHE B 400 56.26 -34.14 -13.48
CA PHE B 400 57.20 -34.75 -14.40
C PHE B 400 58.49 -33.94 -14.36
N VAL B 401 59.50 -34.45 -15.08
CA VAL B 401 60.82 -33.80 -15.17
C VAL B 401 61.10 -33.52 -16.63
N ILE B 402 61.37 -32.26 -16.97
CA ILE B 402 61.63 -31.84 -18.34
C ILE B 402 62.88 -30.98 -18.36
N ARG B 403 63.38 -30.75 -19.57
CA ARG B 403 64.53 -29.88 -19.78
C ARG B 403 64.18 -28.44 -19.42
N GLY B 404 65.19 -27.69 -18.99
CA GLY B 404 64.95 -26.33 -18.52
C GLY B 404 64.38 -25.41 -19.57
N ASP B 405 64.84 -25.54 -20.82
CA ASP B 405 64.31 -24.72 -21.90
C ASP B 405 62.91 -25.15 -22.32
N GLU B 406 62.46 -26.32 -21.89
CA GLU B 406 61.14 -26.83 -22.25
C GLU B 406 60.04 -26.34 -21.31
N VAL B 407 60.39 -25.70 -20.20
CA VAL B 407 59.38 -25.19 -19.27
C VAL B 407 58.60 -24.04 -19.88
N ARG B 408 59.15 -23.38 -20.90
CA ARG B 408 58.48 -22.23 -21.51
C ARG B 408 57.16 -22.63 -22.17
N GLN B 409 57.12 -23.81 -22.78
CA GLN B 409 55.97 -24.22 -23.57
C GLN B 409 54.93 -24.98 -22.78
N ILE B 410 55.04 -25.02 -21.45
CA ILE B 410 53.98 -25.60 -20.60
C ILE B 410 53.03 -24.45 -20.30
N ALA B 411 52.14 -24.17 -21.26
CA ALA B 411 51.22 -23.04 -21.22
C ALA B 411 50.19 -23.18 -22.32
N PRO B 412 48.98 -22.62 -22.15
CA PRO B 412 47.99 -22.70 -23.22
C PRO B 412 48.45 -21.96 -24.47
N GLY B 413 48.09 -22.52 -25.63
CA GLY B 413 48.34 -21.88 -26.90
C GLY B 413 49.75 -21.93 -27.41
N GLN B 414 50.64 -22.65 -26.75
CA GLN B 414 52.04 -22.72 -27.14
C GLN B 414 52.35 -24.07 -27.78
N THR B 415 53.16 -24.05 -28.83
CA THR B 415 53.49 -25.23 -29.60
C THR B 415 54.93 -25.65 -29.32
N GLY B 416 55.17 -26.96 -29.36
CA GLY B 416 56.50 -27.49 -29.11
C GLY B 416 56.47 -29.00 -29.19
N LYS B 417 57.62 -29.61 -28.90
CA LYS B 417 57.71 -31.07 -28.89
C LYS B 417 56.86 -31.66 -27.77
N ILE B 418 57.05 -31.15 -26.54
CA ILE B 418 56.27 -31.65 -25.41
C ILE B 418 54.82 -31.21 -25.54
N ALA B 419 54.58 -29.99 -26.04
CA ALA B 419 53.23 -29.47 -26.15
C ALA B 419 52.38 -30.31 -27.10
N ASP B 420 52.98 -30.78 -28.20
CA ASP B 420 52.21 -31.50 -29.22
C ASP B 420 52.28 -33.01 -29.05
N TYR B 421 53.37 -33.55 -28.51
CA TYR B 421 53.58 -34.99 -28.48
C TYR B 421 53.47 -35.60 -27.09
N ASN B 422 53.71 -34.84 -26.03
CA ASN B 422 53.76 -35.40 -24.68
C ASN B 422 52.66 -34.84 -23.77
N TYR B 423 52.58 -33.52 -23.62
CA TYR B 423 51.67 -32.90 -22.66
C TYR B 423 51.03 -31.69 -23.32
N LYS B 424 49.74 -31.76 -23.60
CA LYS B 424 48.99 -30.67 -24.21
C LYS B 424 48.06 -30.07 -23.18
N LEU B 425 48.07 -28.74 -23.07
CA LEU B 425 47.30 -28.03 -22.07
C LEU B 425 46.20 -27.23 -22.76
N PRO B 426 44.94 -27.43 -22.38
CA PRO B 426 43.84 -26.77 -23.10
C PRO B 426 43.84 -25.26 -22.93
N ASP B 427 43.26 -24.57 -23.91
CA ASP B 427 43.22 -23.12 -23.91
C ASP B 427 42.33 -22.56 -22.80
N ASP B 428 41.35 -23.33 -22.33
CA ASP B 428 40.49 -22.91 -21.22
C ASP B 428 41.01 -23.38 -19.86
N PHE B 429 42.32 -23.53 -19.73
CA PHE B 429 42.91 -24.03 -18.49
C PHE B 429 42.70 -23.05 -17.34
N THR B 430 42.39 -23.59 -16.16
CA THR B 430 42.18 -22.79 -14.95
C THR B 430 43.01 -23.43 -13.84
N GLY B 431 44.23 -22.96 -13.67
CA GLY B 431 45.12 -23.53 -12.67
C GLY B 431 46.45 -22.82 -12.68
N CYS B 432 47.39 -23.38 -11.92
CA CYS B 432 48.71 -22.80 -11.76
C CYS B 432 49.80 -23.80 -12.13
N VAL B 433 50.91 -23.28 -12.64
CA VAL B 433 52.05 -24.07 -13.07
C VAL B 433 53.25 -23.72 -12.21
N ILE B 434 53.89 -24.74 -11.64
CA ILE B 434 55.00 -24.57 -10.72
C ILE B 434 56.18 -25.38 -11.21
N ALA B 435 57.36 -24.78 -11.24
CA ALA B 435 58.57 -25.49 -11.61
C ALA B 435 59.76 -24.90 -10.86
N TRP B 436 60.79 -25.72 -10.68
CA TRP B 436 62.00 -25.30 -10.00
C TRP B 436 63.17 -26.16 -10.47
N ASN B 437 64.37 -25.65 -10.22
CA ASN B 437 65.58 -26.37 -10.62
C ASN B 437 65.84 -27.52 -9.66
N SER B 438 66.16 -28.68 -10.23
CA SER B 438 66.48 -29.88 -9.44
C SER B 438 67.71 -30.56 -10.04
N ASN B 439 68.74 -29.76 -10.33
CA ASN B 439 69.96 -30.29 -10.94
C ASN B 439 70.71 -31.21 -9.97
N ASN B 440 70.71 -30.87 -8.69
CA ASN B 440 71.48 -31.64 -7.70
C ASN B 440 70.88 -33.01 -7.41
N LEU B 441 69.66 -33.28 -7.87
CA LEU B 441 68.99 -34.54 -7.59
C LEU B 441 68.89 -35.46 -8.80
N ASP B 442 68.56 -34.92 -9.96
CA ASP B 442 68.32 -35.73 -11.16
C ASP B 442 69.55 -35.86 -12.05
N SER B 443 70.69 -35.31 -11.67
CA SER B 443 71.91 -35.37 -12.46
C SER B 443 73.02 -36.04 -11.67
N LYS B 444 73.83 -36.83 -12.37
CA LYS B 444 74.94 -37.54 -11.77
C LYS B 444 76.20 -37.26 -12.58
N VAL B 445 77.35 -37.53 -11.95
CA VAL B 445 78.64 -37.25 -12.58
C VAL B 445 78.82 -38.11 -13.83
N GLY B 446 78.31 -39.34 -13.81
CA GLY B 446 78.37 -40.19 -14.98
C GLY B 446 77.30 -39.91 -16.02
N GLY B 447 76.35 -39.03 -15.71
CA GLY B 447 75.29 -38.71 -16.65
C GLY B 447 74.07 -39.58 -16.49
N ASN B 448 72.92 -38.95 -16.24
CA ASN B 448 71.67 -39.69 -16.10
C ASN B 448 71.08 -39.99 -17.47
N TYR B 449 70.51 -41.19 -17.62
CA TYR B 449 69.94 -41.62 -18.88
C TYR B 449 68.62 -42.36 -18.69
N ASN B 450 67.84 -41.98 -17.69
CA ASN B 450 66.61 -42.67 -17.35
C ASN B 450 65.35 -41.98 -17.87
N TYR B 451 65.34 -40.65 -17.88
CA TYR B 451 64.15 -39.92 -18.30
C TYR B 451 63.98 -39.99 -19.82
N LEU B 452 62.73 -40.07 -20.26
CA LEU B 452 62.40 -40.23 -21.67
C LEU B 452 61.31 -39.26 -22.08
N TYR B 453 61.30 -38.92 -23.37
CA TYR B 453 60.27 -38.07 -23.95
C TYR B 453 60.04 -38.49 -25.39
N ARG B 454 58.87 -38.16 -25.91
CA ARG B 454 58.47 -38.58 -27.24
C ARG B 454 58.79 -37.50 -28.26
N LEU B 455 59.47 -37.89 -29.34
CA LEU B 455 59.85 -36.98 -30.41
C LEU B 455 59.34 -37.38 -31.78
N PHE B 456 58.94 -38.64 -31.97
CA PHE B 456 58.31 -39.09 -33.21
C PHE B 456 56.89 -39.54 -32.90
N ARG B 457 55.93 -38.95 -33.60
CA ARG B 457 54.52 -39.25 -33.37
C ARG B 457 53.72 -38.77 -34.58
N LYS B 458 52.75 -39.58 -35.00
CA LYS B 458 52.03 -39.29 -36.23
C LYS B 458 51.09 -38.10 -36.07
N SER B 459 50.33 -38.05 -34.98
CA SER B 459 49.28 -37.06 -34.82
C SER B 459 49.47 -36.29 -33.52
N ASN B 460 48.96 -35.06 -33.50
CA ASN B 460 49.03 -34.23 -32.30
C ASN B 460 48.19 -34.84 -31.17
N LEU B 461 48.63 -34.57 -29.94
CA LEU B 461 48.02 -35.17 -28.77
C LEU B 461 47.03 -34.19 -28.15
N LYS B 462 45.80 -34.68 -27.94
CA LYS B 462 44.73 -33.84 -27.40
C LYS B 462 44.98 -33.54 -25.93
N PRO B 463 44.40 -32.45 -25.41
CA PRO B 463 44.66 -32.08 -24.01
C PRO B 463 44.25 -33.18 -23.04
N PHE B 464 45.09 -33.35 -22.00
CA PHE B 464 44.88 -34.35 -20.95
C PHE B 464 44.77 -35.76 -21.53
N GLU B 465 45.73 -36.11 -22.38
CA GLU B 465 45.81 -37.44 -22.97
C GLU B 465 47.19 -38.01 -22.74
N ARG B 466 47.27 -39.33 -22.56
CA ARG B 466 48.54 -40.01 -22.31
C ARG B 466 48.68 -41.18 -23.27
N ASP B 467 49.89 -41.35 -23.81
CA ASP B 467 50.20 -42.44 -24.73
C ASP B 467 51.37 -43.22 -24.15
N ILE B 468 51.10 -44.43 -23.67
CA ILE B 468 52.13 -45.28 -23.07
C ILE B 468 52.72 -46.26 -24.07
N SER B 469 52.01 -46.56 -25.17
CA SER B 469 52.52 -47.50 -26.16
C SER B 469 53.78 -46.97 -26.82
N THR B 470 54.77 -47.85 -26.97
CA THR B 470 56.08 -47.49 -27.51
C THR B 470 56.38 -48.22 -28.80
N GLU B 471 55.37 -48.39 -29.66
CA GLU B 471 55.58 -49.07 -30.93
C GLU B 471 56.37 -48.16 -31.86
N ILE B 472 57.09 -48.78 -32.80
CA ILE B 472 57.99 -48.05 -33.67
C ILE B 472 57.20 -47.15 -34.63
N TYR B 473 57.82 -46.04 -35.02
CA TYR B 473 57.16 -45.04 -35.86
C TYR B 473 57.28 -45.43 -37.33
N GLN B 474 56.17 -45.25 -38.06
CA GLN B 474 56.12 -45.60 -39.48
C GLN B 474 56.41 -44.34 -40.31
N ALA B 475 57.69 -43.97 -40.35
CA ALA B 475 58.09 -42.84 -41.18
C ALA B 475 58.07 -43.22 -42.65
N GLY B 476 58.44 -44.45 -42.98
CA GLY B 476 58.44 -44.89 -44.36
C GLY B 476 57.12 -45.49 -44.80
N SER B 477 56.96 -45.62 -46.12
CA SER B 477 55.73 -46.18 -46.67
C SER B 477 55.60 -47.66 -46.31
N THR B 478 56.69 -48.41 -46.37
CA THR B 478 56.63 -49.83 -46.06
C THR B 478 56.39 -50.03 -44.56
N PRO B 479 55.65 -51.07 -44.18
CA PRO B 479 55.46 -51.36 -42.75
C PRO B 479 56.74 -51.91 -42.13
N CYS B 480 57.24 -51.21 -41.12
CA CYS B 480 58.47 -51.64 -40.45
C CYS B 480 58.27 -52.96 -39.72
N ASN B 481 57.13 -53.13 -39.06
CA ASN B 481 56.79 -54.36 -38.33
C ASN B 481 57.83 -54.70 -37.27
N GLY B 482 58.35 -53.67 -36.60
CA GLY B 482 59.26 -53.86 -35.49
C GLY B 482 60.73 -53.94 -35.83
N VAL B 483 61.09 -53.94 -37.11
CA VAL B 483 62.50 -53.98 -37.48
C VAL B 483 63.11 -52.60 -37.28
N GLU B 484 64.39 -52.59 -36.93
CA GLU B 484 65.12 -51.34 -36.69
C GLU B 484 65.84 -50.86 -37.95
N GLY B 485 65.10 -50.74 -39.05
CA GLY B 485 65.65 -50.28 -40.31
C GLY B 485 65.52 -48.78 -40.49
N PHE B 486 65.89 -48.33 -41.68
CA PHE B 486 65.76 -46.92 -42.02
C PHE B 486 64.30 -46.52 -42.11
N ASN B 487 64.03 -45.25 -41.79
CA ASN B 487 62.68 -44.70 -41.67
C ASN B 487 61.86 -45.42 -40.61
N CYS B 488 62.52 -46.06 -39.65
CA CYS B 488 61.88 -46.75 -38.53
C CYS B 488 62.74 -46.48 -37.30
N TYR B 489 62.31 -45.53 -36.47
CA TYR B 489 63.10 -45.08 -35.33
C TYR B 489 62.30 -45.27 -34.04
N PHE B 490 63.03 -45.35 -32.93
CA PHE B 490 62.43 -45.43 -31.61
C PHE B 490 61.77 -44.09 -31.29
N PRO B 491 60.46 -44.03 -31.05
CA PRO B 491 59.80 -42.74 -30.83
C PRO B 491 60.12 -42.06 -29.52
N LEU B 492 61.07 -42.56 -28.74
CA LEU B 492 61.49 -41.94 -27.49
C LEU B 492 63.00 -41.73 -27.49
N GLN B 493 63.45 -40.70 -26.78
CA GLN B 493 64.86 -40.44 -26.55
C GLN B 493 65.09 -40.02 -25.11
N SER B 494 66.34 -40.14 -24.67
CA SER B 494 66.72 -39.87 -23.30
C SER B 494 67.49 -38.55 -23.22
N TYR B 495 67.39 -37.91 -22.06
CA TYR B 495 68.07 -36.64 -21.82
C TYR B 495 69.48 -36.89 -21.30
N GLY B 496 70.43 -36.11 -21.83
CA GLY B 496 71.81 -36.19 -21.36
C GLY B 496 72.09 -35.23 -20.23
N PHE B 497 71.52 -35.49 -19.06
CA PHE B 497 71.67 -34.61 -17.92
C PHE B 497 73.06 -34.77 -17.31
N GLN B 498 73.81 -33.68 -17.23
CA GLN B 498 75.12 -33.65 -16.62
C GLN B 498 75.24 -32.43 -15.70
N PRO B 499 76.01 -32.55 -14.61
CA PRO B 499 76.14 -31.40 -13.70
C PRO B 499 76.84 -30.21 -14.32
N THR B 500 77.68 -30.41 -15.32
CA THR B 500 78.42 -29.34 -15.96
C THR B 500 77.67 -28.71 -17.13
N ASN B 501 76.43 -29.14 -17.40
CA ASN B 501 75.66 -28.60 -18.50
C ASN B 501 75.21 -27.18 -18.19
N GLY B 502 74.74 -26.49 -19.22
CA GLY B 502 74.25 -25.14 -19.06
C GLY B 502 72.93 -25.09 -18.32
N VAL B 503 72.49 -23.86 -18.05
CA VAL B 503 71.25 -23.65 -17.31
C VAL B 503 70.05 -24.16 -18.11
N GLY B 504 70.09 -24.00 -19.43
CA GLY B 504 69.00 -24.44 -20.28
C GLY B 504 68.89 -25.94 -20.45
N TYR B 505 69.91 -26.70 -20.03
CA TYR B 505 69.91 -28.14 -20.17
C TYR B 505 69.71 -28.88 -18.86
N GLN B 506 69.77 -28.20 -17.72
CA GLN B 506 69.61 -28.86 -16.44
C GLN B 506 68.16 -29.32 -16.26
N PRO B 507 67.95 -30.44 -15.57
CA PRO B 507 66.58 -30.92 -15.35
C PRO B 507 65.79 -29.97 -14.45
N TYR B 508 64.50 -29.86 -14.74
CA TYR B 508 63.59 -29.03 -13.96
C TYR B 508 62.34 -29.84 -13.63
N ARG B 509 62.00 -29.91 -12.35
CA ARG B 509 60.79 -30.60 -11.92
C ARG B 509 59.61 -29.66 -12.05
N VAL B 510 58.55 -30.12 -12.73
CA VAL B 510 57.39 -29.30 -13.02
C VAL B 510 56.17 -29.93 -12.37
N VAL B 511 55.41 -29.13 -11.62
CA VAL B 511 54.16 -29.54 -11.02
C VAL B 511 53.05 -28.64 -11.55
N VAL B 512 52.00 -29.24 -12.10
CA VAL B 512 50.89 -28.52 -12.71
C VAL B 512 49.64 -28.80 -11.90
N LEU B 513 49.00 -27.74 -11.41
CA LEU B 513 47.78 -27.83 -10.64
C LEU B 513 46.60 -27.35 -11.49
N SER B 514 45.52 -28.11 -11.49
CA SER B 514 44.33 -27.77 -12.26
C SER B 514 43.12 -27.71 -11.33
N PHE B 515 42.28 -26.70 -11.53
CA PHE B 515 41.07 -26.50 -10.75
C PHE B 515 39.86 -26.68 -11.64
N GLU B 516 38.87 -27.43 -11.16
CA GLU B 516 37.65 -27.69 -11.93
C GLU B 516 36.44 -27.44 -11.04
N LEU B 517 35.35 -26.99 -11.67
CA LEU B 517 34.09 -26.74 -11.00
C LEU B 517 32.98 -27.49 -11.72
N LEU B 518 32.22 -28.27 -10.98
CA LEU B 518 31.10 -29.05 -11.52
C LEU B 518 29.83 -28.74 -10.74
N HIS B 519 28.75 -29.43 -11.12
CA HIS B 519 27.48 -29.23 -10.43
C HIS B 519 27.45 -29.90 -9.06
N ALA B 520 28.42 -30.76 -8.77
CA ALA B 520 28.52 -31.34 -7.44
C ALA B 520 28.88 -30.27 -6.41
N PRO B 521 28.47 -30.44 -5.16
CA PRO B 521 28.84 -29.46 -4.13
C PRO B 521 30.34 -29.35 -3.95
N ALA B 522 30.81 -28.15 -3.68
CA ALA B 522 32.24 -27.88 -3.57
C ALA B 522 32.81 -28.56 -2.34
N THR B 523 34.01 -29.13 -2.49
CA THR B 523 34.67 -29.87 -1.43
C THR B 523 36.01 -29.28 -0.99
N VAL B 524 36.82 -28.79 -1.92
CA VAL B 524 38.16 -28.29 -1.60
C VAL B 524 38.04 -26.79 -1.39
N CYS B 525 37.80 -26.39 -0.15
CA CYS B 525 37.73 -24.99 0.23
C CYS B 525 39.05 -24.53 0.84
N GLY B 526 39.17 -23.22 1.03
CA GLY B 526 40.34 -22.64 1.64
C GLY B 526 40.20 -22.54 3.14
N PRO B 527 41.32 -22.39 3.84
CA PRO B 527 41.27 -22.26 5.30
C PRO B 527 40.60 -20.97 5.73
N LYS B 528 39.99 -21.02 6.91
CA LYS B 528 39.29 -19.88 7.49
C LYS B 528 39.77 -19.66 8.92
N LYS B 529 39.81 -18.39 9.32
CA LYS B 529 40.32 -18.00 10.62
C LYS B 529 39.19 -17.85 11.64
N SER B 530 39.57 -17.59 12.88
CA SER B 530 38.62 -17.40 13.96
C SER B 530 39.23 -16.52 15.04
N THR B 531 38.37 -15.96 15.87
CA THR B 531 38.76 -15.06 16.96
C THR B 531 38.47 -15.72 18.30
N ASN B 532 38.65 -14.96 19.38
CA ASN B 532 38.41 -15.44 20.72
C ASN B 532 37.00 -15.10 21.17
N LEU B 533 36.60 -15.68 22.31
CA LEU B 533 35.26 -15.48 22.85
C LEU B 533 35.25 -14.33 23.83
N VAL B 534 34.13 -13.59 23.84
CA VAL B 534 33.84 -12.58 24.86
C VAL B 534 32.45 -12.85 25.40
N LYS B 535 32.29 -12.72 26.71
CA LYS B 535 31.04 -13.05 27.38
C LYS B 535 30.58 -11.88 28.23
N ASN B 536 29.28 -11.88 28.52
CA ASN B 536 28.64 -10.87 29.38
C ASN B 536 28.83 -9.46 28.84
N LYS B 537 28.70 -9.31 27.52
CA LYS B 537 28.75 -8.00 26.90
C LYS B 537 28.00 -8.05 25.58
N CYS B 538 27.51 -6.89 25.14
CA CYS B 538 26.80 -6.78 23.88
C CYS B 538 27.81 -6.86 22.74
N VAL B 539 27.68 -7.88 21.90
CA VAL B 539 28.71 -8.19 20.92
C VAL B 539 28.08 -8.94 19.74
N ASN B 540 28.53 -8.61 18.53
CA ASN B 540 28.16 -9.37 17.35
C ASN B 540 28.88 -10.71 17.33
N PHE B 541 28.28 -11.69 16.65
CA PHE B 541 28.86 -13.02 16.61
C PHE B 541 28.59 -13.65 15.25
N ASN B 542 29.39 -14.66 14.92
CA ASN B 542 29.23 -15.40 13.67
C ASN B 542 29.66 -16.84 13.94
N PHE B 543 28.68 -17.71 14.17
CA PHE B 543 28.91 -19.12 14.49
C PHE B 543 28.54 -19.95 13.27
N ASN B 544 29.55 -20.37 12.51
CA ASN B 544 29.37 -21.21 11.32
C ASN B 544 28.39 -20.60 10.33
N GLY B 545 28.52 -19.29 10.12
CA GLY B 545 27.66 -18.58 9.21
C GLY B 545 26.39 -18.02 9.83
N LEU B 546 26.11 -18.32 11.09
CA LEU B 546 24.93 -17.79 11.78
C LEU B 546 25.31 -16.48 12.44
N THR B 547 24.74 -15.38 11.94
CA THR B 547 25.07 -14.04 12.42
C THR B 547 23.98 -13.54 13.37
N GLY B 548 24.37 -12.58 14.20
CA GLY B 548 23.43 -12.01 15.15
C GLY B 548 24.12 -10.99 16.04
N THR B 549 23.39 -10.55 17.06
CA THR B 549 23.91 -9.56 18.00
C THR B 549 23.25 -9.80 19.35
N GLY B 550 24.05 -10.01 20.38
CA GLY B 550 23.51 -10.25 21.70
C GLY B 550 24.61 -10.53 22.71
N VAL B 551 24.18 -10.87 23.92
CA VAL B 551 25.08 -11.17 25.02
C VAL B 551 25.24 -12.68 25.13
N LEU B 552 26.48 -13.14 25.10
CA LEU B 552 26.78 -14.57 25.21
C LEU B 552 27.07 -14.91 26.67
N THR B 553 26.28 -15.83 27.21
CA THR B 553 26.43 -16.26 28.60
C THR B 553 26.39 -17.78 28.66
N GLU B 554 26.74 -18.32 29.82
CA GLU B 554 26.71 -19.76 30.03
C GLU B 554 25.27 -20.25 30.11
N SER B 555 25.09 -21.53 29.80
CA SER B 555 23.77 -22.15 29.75
C SER B 555 23.79 -23.49 30.47
N ASN B 556 22.59 -23.92 30.89
CA ASN B 556 22.43 -25.19 31.57
C ASN B 556 21.74 -26.25 30.72
N LYS B 557 21.13 -25.87 29.60
CA LYS B 557 20.46 -26.83 28.74
C LYS B 557 21.47 -27.76 28.07
N LYS B 558 21.03 -28.99 27.83
CA LYS B 558 21.87 -30.04 27.25
C LYS B 558 21.34 -30.36 25.86
N PHE B 559 22.12 -30.04 24.84
CA PHE B 559 21.74 -30.33 23.46
C PHE B 559 21.98 -31.81 23.16
N LEU B 560 21.28 -32.30 22.14
CA LEU B 560 21.59 -33.59 21.57
C LEU B 560 22.93 -33.50 20.84
N PRO B 561 23.65 -34.63 20.69
CA PRO B 561 24.98 -34.56 20.07
C PRO B 561 24.99 -34.02 18.65
N PHE B 562 23.91 -34.21 17.89
CA PHE B 562 23.87 -33.73 16.52
C PHE B 562 23.22 -32.35 16.37
N GLN B 563 22.66 -31.80 17.43
CA GLN B 563 21.99 -30.51 17.35
C GLN B 563 22.98 -29.36 17.54
N GLN B 564 22.66 -28.22 16.97
CA GLN B 564 23.56 -27.07 16.96
C GLN B 564 22.99 -25.86 17.68
N PHE B 565 21.76 -25.45 17.38
CA PHE B 565 21.19 -24.25 17.96
C PHE B 565 19.72 -24.47 18.29
N GLY B 566 19.15 -23.53 19.01
CA GLY B 566 17.78 -23.64 19.50
C GLY B 566 16.86 -22.59 18.92
N ARG B 567 15.64 -23.00 18.63
CA ARG B 567 14.59 -22.14 18.08
C ARG B 567 13.28 -22.37 18.81
N ASP B 568 13.34 -22.33 20.15
CA ASP B 568 12.22 -22.81 20.97
C ASP B 568 10.96 -21.97 20.77
N ILE B 569 11.08 -20.64 20.81
CA ILE B 569 9.93 -19.76 20.78
C ILE B 569 10.07 -18.79 19.61
N ALA B 570 9.03 -18.73 18.78
CA ALA B 570 8.91 -17.79 17.65
C ALA B 570 10.05 -17.93 16.65
N ASP B 571 10.66 -19.11 16.59
CA ASP B 571 11.76 -19.39 15.65
C ASP B 571 12.91 -18.39 15.81
N THR B 572 13.24 -18.06 17.06
CA THR B 572 14.30 -17.12 17.37
C THR B 572 15.45 -17.87 18.04
N THR B 573 16.67 -17.61 17.57
CA THR B 573 17.85 -18.26 18.13
C THR B 573 18.17 -17.67 19.49
N ASP B 574 18.36 -18.54 20.47
CA ASP B 574 18.74 -18.11 21.81
C ASP B 574 19.87 -18.93 22.43
N ALA B 575 20.21 -20.09 21.87
CA ALA B 575 21.33 -20.89 22.35
C ALA B 575 22.07 -21.44 21.14
N VAL B 576 23.40 -21.33 21.15
CA VAL B 576 24.24 -21.76 20.05
C VAL B 576 25.40 -22.56 20.60
N ARG B 577 25.62 -23.76 20.04
CA ARG B 577 26.77 -24.57 20.43
C ARG B 577 28.05 -23.99 19.87
N ASP B 578 29.07 -23.91 20.70
CA ASP B 578 30.38 -23.41 20.26
C ASP B 578 31.05 -24.47 19.41
N PRO B 579 31.44 -24.17 18.16
CA PRO B 579 32.04 -25.20 17.30
C PRO B 579 33.40 -25.70 17.79
N GLN B 580 34.08 -24.95 18.66
CA GLN B 580 35.41 -25.33 19.10
C GLN B 580 35.38 -26.13 20.40
N THR B 581 34.82 -25.54 21.46
CA THR B 581 34.80 -26.16 22.77
C THR B 581 33.58 -27.07 22.99
N LEU B 582 32.67 -27.14 22.02
CA LEU B 582 31.45 -27.94 22.11
C LEU B 582 30.62 -27.57 23.34
N GLU B 583 30.53 -26.26 23.60
CA GLU B 583 29.76 -25.74 24.72
C GLU B 583 28.57 -24.94 24.21
N ILE B 584 27.52 -24.93 25.01
CA ILE B 584 26.26 -24.25 24.66
C ILE B 584 26.25 -22.90 25.34
N LEU B 585 26.07 -21.84 24.55
CA LEU B 585 26.07 -20.46 25.04
C LEU B 585 24.71 -19.83 24.78
N ASP B 586 24.14 -19.21 25.81
CA ASP B 586 22.88 -18.51 25.66
C ASP B 586 23.08 -17.16 25.00
N ILE B 587 22.07 -16.73 24.24
CA ILE B 587 22.10 -15.47 23.51
C ILE B 587 20.91 -14.63 23.96
N THR B 588 21.18 -13.37 24.29
CA THR B 588 20.15 -12.45 24.76
C THR B 588 20.54 -11.05 24.29
N PRO B 589 19.62 -10.29 23.72
CA PRO B 589 19.93 -8.89 23.37
C PRO B 589 20.31 -8.10 24.61
N CYS B 590 21.31 -7.23 24.46
CA CYS B 590 21.91 -6.55 25.61
C CYS B 590 20.94 -5.62 26.34
N SER B 591 20.49 -4.54 25.70
CA SER B 591 19.61 -3.61 26.40
C SER B 591 18.86 -2.74 25.39
N PHE B 592 17.66 -2.35 25.78
CA PHE B 592 16.84 -1.37 25.08
C PHE B 592 15.70 -0.96 26.00
N GLY B 593 15.28 0.29 25.89
CA GLY B 593 14.19 0.78 26.72
C GLY B 593 13.98 2.27 26.51
N GLY B 594 13.00 2.80 27.24
CA GLY B 594 12.67 4.21 27.18
C GLY B 594 13.25 4.99 28.34
N VAL B 595 13.15 6.32 28.22
CA VAL B 595 13.63 7.24 29.24
C VAL B 595 12.48 8.16 29.64
N SER B 596 12.21 8.24 30.94
CA SER B 596 11.16 9.09 31.48
C SER B 596 11.75 10.09 32.47
N VAL B 597 11.17 11.28 32.51
CA VAL B 597 11.62 12.36 33.37
C VAL B 597 10.51 12.70 34.35
N ILE B 598 10.85 12.73 35.64
CA ILE B 598 9.90 13.04 36.70
C ILE B 598 10.22 14.44 37.22
N THR B 599 9.24 15.33 37.13
CA THR B 599 9.41 16.71 37.57
C THR B 599 8.20 17.14 38.39
N PRO B 600 8.41 18.00 39.38
CA PRO B 600 7.27 18.57 40.13
C PRO B 600 6.68 19.83 39.51
N GLY B 601 7.00 20.15 38.26
CA GLY B 601 6.52 21.36 37.64
C GLY B 601 7.53 22.49 37.70
N THR B 602 7.72 23.19 36.58
CA THR B 602 8.68 24.28 36.53
C THR B 602 8.27 25.45 37.41
N ASN B 603 6.99 25.56 37.75
CA ASN B 603 6.54 26.61 38.66
C ASN B 603 7.13 26.42 40.05
N THR B 604 7.23 25.17 40.52
CA THR B 604 7.76 24.90 41.85
C THR B 604 9.29 24.90 41.85
N SER B 605 9.89 24.00 41.09
CA SER B 605 11.34 23.87 41.06
C SER B 605 11.78 23.27 39.73
N ASN B 606 13.06 23.44 39.42
CA ASN B 606 13.63 22.93 38.18
C ASN B 606 14.30 21.57 38.33
N GLN B 607 14.26 20.98 39.52
CA GLN B 607 14.88 19.68 39.72
C GLN B 607 14.08 18.58 39.03
N VAL B 608 14.79 17.63 38.43
CA VAL B 608 14.17 16.52 37.70
C VAL B 608 14.84 15.21 38.09
N ALA B 609 14.13 14.12 37.82
CA ALA B 609 14.66 12.77 38.02
C ALA B 609 14.45 11.97 36.74
N VAL B 610 15.39 11.07 36.46
CA VAL B 610 15.41 10.30 35.23
C VAL B 610 15.20 8.83 35.56
N LEU B 611 14.25 8.20 34.87
CA LEU B 611 13.91 6.80 35.08
C LEU B 611 14.10 6.02 33.79
N TYR B 612 14.76 4.87 33.89
CA TYR B 612 14.95 3.96 32.77
C TYR B 612 14.13 2.70 33.03
N GLN B 613 13.22 2.39 32.13
CA GLN B 613 12.30 1.27 32.34
C GLN B 613 12.97 -0.06 31.96
N GLY B 614 12.82 -1.06 32.84
CA GLY B 614 13.26 -2.40 32.57
C GLY B 614 14.76 -2.55 32.36
N VAL B 615 15.54 -1.93 33.23
CA VAL B 615 16.99 -1.88 33.10
C VAL B 615 17.62 -2.43 34.37
N ASN B 616 18.60 -3.33 34.21
CA ASN B 616 19.36 -3.83 35.35
C ASN B 616 20.17 -2.72 36.02
N CYS B 617 20.37 -1.60 35.33
CA CYS B 617 20.94 -0.34 35.81
C CYS B 617 22.45 -0.45 35.95
N THR B 618 23.08 -1.43 35.30
CA THR B 618 24.53 -1.57 35.29
C THR B 618 25.14 -1.17 33.95
N GLU B 619 24.33 -0.67 33.01
CA GLU B 619 24.84 -0.19 31.74
C GLU B 619 24.44 1.25 31.45
N VAL B 620 23.96 1.98 32.45
CA VAL B 620 23.57 3.38 32.24
C VAL B 620 24.75 4.29 31.91
N PRO B 621 26.00 4.02 32.36
CA PRO B 621 26.99 4.97 31.81
C PRO B 621 27.38 4.65 30.37
N SER B 640 25.15 11.39 42.63
CA SER B 640 23.71 11.24 42.48
C SER B 640 23.22 9.97 43.16
N ASN B 641 21.98 10.01 43.64
CA ASN B 641 21.39 8.86 44.32
C ASN B 641 20.83 7.89 43.30
N VAL B 642 21.17 6.61 43.45
CA VAL B 642 20.70 5.55 42.57
C VAL B 642 19.90 4.56 43.40
N PHE B 643 18.66 4.34 43.01
CA PHE B 643 17.76 3.42 43.70
C PHE B 643 17.21 2.42 42.69
N GLN B 644 17.31 1.13 43.00
CA GLN B 644 16.86 0.07 42.11
C GLN B 644 15.39 -0.22 42.36
N THR B 645 14.57 -0.05 41.34
CA THR B 645 13.14 -0.28 41.40
C THR B 645 12.78 -1.43 40.47
N ARG B 646 11.69 -2.13 40.80
CA ARG B 646 11.25 -3.26 39.98
C ARG B 646 10.90 -2.86 38.55
N ALA B 647 10.61 -1.58 38.31
CA ALA B 647 10.36 -1.06 36.98
C ALA B 647 11.59 -0.34 36.41
N GLY B 648 12.78 -0.70 36.87
CA GLY B 648 14.00 -0.04 36.44
C GLY B 648 14.41 1.06 37.40
N CYS B 649 15.71 1.31 37.46
CA CYS B 649 16.24 2.25 38.44
C CYS B 649 15.96 3.69 38.02
N LEU B 650 15.95 4.58 39.00
CA LEU B 650 15.81 6.01 38.76
C LEU B 650 16.90 6.75 39.52
N ILE B 651 17.40 7.81 38.91
CA ILE B 651 18.48 8.61 39.50
C ILE B 651 17.92 9.98 39.88
N GLY B 652 18.59 10.62 40.82
CA GLY B 652 18.17 11.91 41.32
C GLY B 652 17.09 11.87 42.38
N ALA B 653 16.68 10.69 42.81
CA ALA B 653 15.64 10.54 43.84
C ALA B 653 16.22 9.83 45.05
N GLU B 654 15.84 10.30 46.23
CA GLU B 654 16.34 9.76 47.49
C GLU B 654 15.30 8.82 48.09
N HIS B 655 15.69 7.58 48.35
CA HIS B 655 14.79 6.63 48.98
C HIS B 655 14.60 6.97 50.45
N VAL B 656 13.40 6.68 50.97
CA VAL B 656 13.06 6.93 52.36
C VAL B 656 12.33 5.72 52.91
N ASN B 657 12.37 5.57 54.24
CA ASN B 657 11.63 4.52 54.91
C ASN B 657 10.14 4.84 55.03
N ASN B 658 9.76 6.10 54.94
CA ASN B 658 8.39 6.51 55.20
C ASN B 658 7.49 6.14 54.03
N SER B 659 6.18 6.21 54.28
CA SER B 659 5.15 5.95 53.28
C SER B 659 4.11 7.05 53.32
N TYR B 660 3.72 7.52 52.13
CA TYR B 660 2.71 8.55 52.00
C TYR B 660 1.78 8.17 50.86
N GLU B 661 0.83 9.05 50.56
CA GLU B 661 -0.05 8.86 49.42
C GLU B 661 0.73 9.11 48.13
N CYS B 662 0.23 8.52 47.04
CA CYS B 662 0.91 8.61 45.75
C CYS B 662 0.72 9.98 45.13
N ASP B 663 1.82 10.69 44.90
CA ASP B 663 1.80 11.98 44.21
C ASP B 663 2.09 11.81 42.72
N ILE B 664 3.25 11.26 42.39
CA ILE B 664 3.62 10.98 41.00
C ILE B 664 3.85 9.48 40.85
N PRO B 665 2.96 8.76 40.17
CA PRO B 665 3.14 7.30 40.06
C PRO B 665 4.37 6.94 39.24
N ILE B 666 5.06 5.88 39.68
CA ILE B 666 6.22 5.35 38.99
C ILE B 666 5.99 3.93 38.51
N GLY B 667 5.45 3.07 39.37
CA GLY B 667 5.16 1.69 39.03
C GLY B 667 5.54 0.75 40.14
N ALA B 668 4.87 -0.41 40.20
CA ALA B 668 5.11 -1.45 41.19
C ALA B 668 4.99 -0.93 42.62
N GLY B 669 3.99 -0.06 42.85
CA GLY B 669 3.75 0.46 44.17
C GLY B 669 4.74 1.50 44.65
N ILE B 670 5.44 2.16 43.73
CA ILE B 670 6.43 3.18 44.06
C ILE B 670 5.94 4.51 43.47
N CYS B 671 5.98 5.57 44.27
CA CYS B 671 5.61 6.89 43.83
C CYS B 671 6.63 7.90 44.34
N ALA B 672 6.72 9.03 43.64
CA ALA B 672 7.69 10.07 43.93
C ALA B 672 6.99 11.38 44.24
N SER B 673 7.64 12.22 45.04
CA SER B 673 7.08 13.51 45.42
C SER B 673 8.23 14.44 45.78
N TYR B 674 7.88 15.71 46.03
CA TYR B 674 8.85 16.73 46.39
C TYR B 674 8.79 16.98 47.89
N GLN B 675 9.96 17.04 48.53
CA GLN B 675 10.02 17.23 49.97
C GLN B 675 9.54 18.62 50.37
N THR B 676 9.74 19.61 49.51
CA THR B 676 9.36 21.01 49.76
C THR B 676 9.96 21.54 51.07
N GLN B 690 12.73 20.23 49.61
CA GLN B 690 13.61 20.83 48.62
C GLN B 690 14.33 19.75 47.80
N SER B 691 13.82 18.52 47.88
CA SER B 691 14.42 17.41 47.16
C SER B 691 13.32 16.44 46.75
N ILE B 692 13.64 15.62 45.76
CA ILE B 692 12.72 14.61 45.25
C ILE B 692 12.97 13.30 45.98
N ILE B 693 11.91 12.68 46.50
CA ILE B 693 12.03 11.44 47.27
C ILE B 693 11.13 10.39 46.64
N ALA B 694 11.48 9.13 46.91
CA ALA B 694 10.72 7.97 46.44
C ALA B 694 10.33 7.12 47.63
N TYR B 695 9.09 6.62 47.61
CA TYR B 695 8.56 5.90 48.76
C TYR B 695 7.51 4.89 48.30
N THR B 696 7.20 3.96 49.19
CA THR B 696 6.16 2.99 48.95
C THR B 696 4.79 3.60 49.25
N MET B 697 3.79 3.24 48.44
CA MET B 697 2.46 3.78 48.59
C MET B 697 1.84 3.39 49.93
N SER B 698 1.02 4.29 50.46
CA SER B 698 0.21 4.05 51.64
C SER B 698 -1.26 4.05 51.22
N LEU B 699 -1.96 2.97 51.53
CA LEU B 699 -3.35 2.85 51.10
C LEU B 699 -4.27 3.78 51.87
N GLY B 700 -3.90 4.16 53.08
CA GLY B 700 -4.70 5.07 53.87
C GLY B 700 -4.49 4.80 55.35
N ALA B 701 -5.22 5.59 56.14
CA ALA B 701 -5.17 5.42 57.59
C ALA B 701 -5.78 4.09 58.00
N GLU B 702 -5.20 3.45 59.01
CA GLU B 702 -5.64 2.15 59.49
C GLU B 702 -6.31 2.34 60.85
N ASN B 703 -7.56 1.88 60.96
CA ASN B 703 -8.30 1.96 62.20
C ASN B 703 -9.09 0.68 62.41
N SER B 704 -9.34 0.35 63.67
CA SER B 704 -10.10 -0.83 64.05
C SER B 704 -11.39 -0.39 64.73
N VAL B 705 -12.53 -0.85 64.22
CA VAL B 705 -13.82 -0.50 64.78
C VAL B 705 -14.08 -1.36 66.02
N ALA B 706 -14.58 -0.73 67.08
CA ALA B 706 -14.85 -1.41 68.34
C ALA B 706 -16.12 -2.24 68.19
N TYR B 707 -15.94 -3.52 67.84
CA TYR B 707 -17.06 -4.41 67.61
C TYR B 707 -17.39 -5.21 68.86
N SER B 708 -18.69 -5.35 69.13
CA SER B 708 -19.18 -6.14 70.25
C SER B 708 -20.58 -6.62 69.91
N ASN B 709 -21.05 -7.63 70.64
CA ASN B 709 -22.35 -8.21 70.35
C ASN B 709 -23.49 -7.49 71.08
N ASN B 710 -23.19 -6.44 71.85
CA ASN B 710 -24.24 -5.66 72.50
C ASN B 710 -23.97 -4.17 72.41
N SER B 711 -23.26 -3.69 71.40
CA SER B 711 -22.92 -2.28 71.26
C SER B 711 -23.30 -1.79 69.87
N ILE B 712 -23.89 -0.59 69.82
CA ILE B 712 -24.25 0.06 68.56
C ILE B 712 -23.78 1.50 68.64
N ALA B 713 -23.65 2.13 67.46
CA ALA B 713 -23.31 3.54 67.35
C ALA B 713 -24.42 4.26 66.61
N ILE B 714 -24.93 5.34 67.21
CA ILE B 714 -26.05 6.09 66.64
C ILE B 714 -25.63 7.56 66.54
N PRO B 715 -25.69 8.18 65.37
CA PRO B 715 -25.33 9.60 65.26
C PRO B 715 -26.34 10.49 65.96
N THR B 716 -25.85 11.65 66.42
CA THR B 716 -26.69 12.63 67.09
C THR B 716 -26.80 13.95 66.33
N ASN B 717 -26.10 14.09 65.21
CA ASN B 717 -26.13 15.31 64.41
C ASN B 717 -26.02 14.92 62.94
N PHE B 718 -26.06 15.92 62.07
CA PHE B 718 -25.97 15.67 60.64
C PHE B 718 -25.43 16.91 59.94
N THR B 719 -24.82 16.67 58.78
CA THR B 719 -24.33 17.74 57.91
C THR B 719 -24.74 17.42 56.48
N ILE B 720 -25.12 18.45 55.74
CA ILE B 720 -25.48 18.30 54.33
C ILE B 720 -24.33 18.85 53.48
N SER B 721 -24.06 18.20 52.36
CA SER B 721 -22.94 18.54 51.51
C SER B 721 -23.37 18.56 50.05
N VAL B 722 -22.63 19.33 49.25
CA VAL B 722 -22.87 19.45 47.81
C VAL B 722 -21.61 19.02 47.10
N THR B 723 -21.77 18.18 46.07
CA THR B 723 -20.66 17.69 45.27
C THR B 723 -20.91 17.99 43.80
N THR B 724 -19.82 18.09 43.04
CA THR B 724 -19.86 18.45 41.63
C THR B 724 -19.43 17.26 40.79
N GLU B 725 -20.17 16.99 39.71
CA GLU B 725 -19.87 15.91 38.78
C GLU B 725 -20.01 16.42 37.36
N ILE B 726 -19.03 16.10 36.52
CA ILE B 726 -18.95 16.61 35.15
C ILE B 726 -18.88 15.43 34.19
N LEU B 727 -19.75 15.44 33.17
CA LEU B 727 -19.75 14.42 32.12
C LEU B 727 -19.82 15.11 30.76
N PRO B 728 -18.97 14.71 29.81
CA PRO B 728 -19.13 15.23 28.44
C PRO B 728 -20.30 14.58 27.73
N VAL B 729 -20.87 15.30 26.77
CA VAL B 729 -22.00 14.80 26.02
C VAL B 729 -21.79 14.79 24.51
N SER B 730 -20.92 15.62 23.95
CA SER B 730 -20.75 15.68 22.50
C SER B 730 -19.38 16.28 22.20
N MET B 731 -19.04 16.31 20.92
CA MET B 731 -17.79 16.92 20.46
C MET B 731 -18.08 17.75 19.22
N THR B 732 -17.02 18.25 18.59
CA THR B 732 -17.16 19.11 17.42
C THR B 732 -17.48 18.28 16.18
N LYS B 733 -18.35 18.81 15.33
CA LYS B 733 -18.74 18.14 14.09
C LYS B 733 -17.84 18.65 12.96
N THR B 734 -17.14 17.73 12.30
CA THR B 734 -16.22 18.07 11.23
C THR B 734 -16.52 17.23 10.00
N SER B 735 -16.16 17.77 8.84
CA SER B 735 -16.32 17.08 7.57
C SER B 735 -15.10 17.35 6.70
N VAL B 736 -14.60 16.30 6.05
CA VAL B 736 -13.40 16.39 5.22
C VAL B 736 -13.74 15.87 3.83
N ASP B 737 -13.34 16.62 2.81
CA ASP B 737 -13.55 16.23 1.42
C ASP B 737 -12.27 15.61 0.86
N CYS B 738 -12.44 14.61 0.00
CA CYS B 738 -11.29 13.88 -0.52
C CYS B 738 -10.56 14.68 -1.60
N THR B 739 -11.29 15.10 -2.64
CA THR B 739 -10.65 15.70 -3.80
C THR B 739 -9.90 16.98 -3.45
N MET B 740 -10.40 17.75 -2.49
CA MET B 740 -9.71 18.96 -2.07
C MET B 740 -8.55 18.68 -1.13
N TYR B 741 -8.54 17.53 -0.46
CA TYR B 741 -7.46 17.13 0.44
C TYR B 741 -6.44 16.24 -0.25
N ILE B 742 -6.91 15.11 -0.82
CA ILE B 742 -6.00 14.16 -1.45
C ILE B 742 -5.38 14.74 -2.72
N CYS B 743 -6.17 15.47 -3.50
CA CYS B 743 -5.74 15.93 -4.81
C CYS B 743 -5.49 17.44 -4.87
N GLY B 744 -6.45 18.25 -4.46
CA GLY B 744 -6.28 19.69 -4.55
C GLY B 744 -6.52 20.22 -5.95
N ASP B 745 -7.77 20.10 -6.41
CA ASP B 745 -8.26 20.63 -7.70
C ASP B 745 -7.35 20.27 -8.88
N SER B 746 -6.70 19.11 -8.81
CA SER B 746 -5.88 18.61 -9.91
C SER B 746 -6.68 17.63 -10.75
N THR B 747 -6.68 17.85 -12.07
CA THR B 747 -7.46 17.01 -12.96
C THR B 747 -6.87 15.60 -13.07
N GLU B 748 -5.56 15.52 -13.24
CA GLU B 748 -4.90 14.22 -13.37
C GLU B 748 -5.04 13.41 -12.09
N CYS B 749 -4.88 14.06 -10.93
CA CYS B 749 -5.05 13.37 -9.66
C CYS B 749 -6.48 12.85 -9.50
N SER B 750 -7.46 13.64 -9.91
CA SER B 750 -8.86 13.19 -9.84
C SER B 750 -9.10 12.00 -10.78
N ASN B 751 -8.50 12.04 -11.97
CA ASN B 751 -8.66 10.94 -12.91
C ASN B 751 -8.04 9.66 -12.37
N LEU B 752 -6.88 9.77 -11.69
CA LEU B 752 -6.27 8.60 -11.09
C LEU B 752 -7.02 8.14 -9.84
N LEU B 753 -7.68 9.07 -9.15
CA LEU B 753 -8.40 8.70 -7.92
C LEU B 753 -9.71 8.01 -8.23
N LEU B 754 -10.39 8.40 -9.31
CA LEU B 754 -11.69 7.83 -9.61
C LEU B 754 -11.65 6.36 -9.98
N GLN B 755 -10.47 5.81 -10.27
CA GLN B 755 -10.34 4.40 -10.57
C GLN B 755 -10.09 3.53 -9.34
N TYR B 756 -9.95 4.15 -8.16
CA TYR B 756 -9.70 3.39 -6.94
C TYR B 756 -10.96 2.83 -6.31
N GLY B 757 -12.14 3.22 -6.78
CA GLY B 757 -13.37 2.70 -6.23
C GLY B 757 -14.21 3.74 -5.52
N SER B 758 -14.78 3.37 -4.37
CA SER B 758 -15.64 4.26 -3.61
C SER B 758 -15.24 4.26 -2.14
N PHE B 759 -13.94 4.36 -1.87
CA PHE B 759 -13.48 4.53 -0.49
C PHE B 759 -13.97 5.84 0.10
N CYS B 760 -13.91 6.91 -0.70
CA CYS B 760 -14.24 8.23 -0.19
C CYS B 760 -15.74 8.38 0.11
N THR B 761 -16.58 7.66 -0.64
CA THR B 761 -18.00 7.65 -0.31
C THR B 761 -18.22 7.04 1.08
N GLN B 762 -17.52 5.94 1.37
CA GLN B 762 -17.62 5.32 2.69
C GLN B 762 -17.09 6.25 3.78
N LEU B 763 -15.98 6.95 3.50
CA LEU B 763 -15.43 7.88 4.48
C LEU B 763 -16.39 9.02 4.77
N ASN B 764 -17.01 9.59 3.72
CA ASN B 764 -17.97 10.66 3.91
C ASN B 764 -19.21 10.17 4.65
N ARG B 765 -19.66 8.95 4.35
CA ARG B 765 -20.79 8.39 5.08
C ARG B 765 -20.46 8.20 6.56
N ALA B 766 -19.25 7.73 6.87
CA ALA B 766 -18.85 7.57 8.25
C ALA B 766 -18.79 8.91 8.98
N LEU B 767 -18.23 9.93 8.34
CA LEU B 767 -18.17 11.25 8.96
C LEU B 767 -19.57 11.83 9.17
N THR B 768 -20.47 11.64 8.20
CA THR B 768 -21.84 12.12 8.36
C THR B 768 -22.54 11.40 9.51
N GLY B 769 -22.34 10.09 9.62
CA GLY B 769 -22.94 9.34 10.72
C GLY B 769 -22.40 9.77 12.08
N ILE B 770 -21.10 10.06 12.13
CA ILE B 770 -20.51 10.57 13.39
C ILE B 770 -21.10 11.93 13.73
N ALA B 771 -21.20 12.83 12.75
CA ALA B 771 -21.62 14.20 13.04
C ALA B 771 -23.11 14.30 13.35
N VAL B 772 -23.92 13.36 12.84
CA VAL B 772 -25.36 13.49 13.01
C VAL B 772 -25.80 13.05 14.41
N GLU B 773 -25.01 12.22 15.10
CA GLU B 773 -25.43 11.68 16.39
C GLU B 773 -25.16 12.62 17.56
N GLN B 774 -24.34 13.66 17.36
CA GLN B 774 -24.12 14.63 18.44
C GLN B 774 -25.40 15.37 18.79
N ASP B 775 -26.17 15.76 17.77
CA ASP B 775 -27.45 16.41 18.02
C ASP B 775 -28.41 15.46 18.74
N LYS B 776 -28.40 14.18 18.37
CA LYS B 776 -29.24 13.20 19.06
C LYS B 776 -28.84 13.07 20.52
N ASN B 777 -27.53 13.05 20.81
CA ASN B 777 -27.06 12.96 22.19
C ASN B 777 -27.51 14.18 22.99
N THR B 778 -27.34 15.38 22.42
CA THR B 778 -27.76 16.59 23.11
C THR B 778 -29.26 16.61 23.35
N GLN B 779 -30.04 16.19 22.36
CA GLN B 779 -31.50 16.16 22.51
C GLN B 779 -31.93 15.16 23.59
N GLU B 780 -31.35 13.96 23.59
CA GLU B 780 -31.73 12.96 24.57
C GLU B 780 -31.20 13.27 25.96
N VAL B 781 -30.20 14.15 26.09
CA VAL B 781 -29.73 14.53 27.42
C VAL B 781 -30.51 15.71 27.97
N PHE B 782 -30.71 16.77 27.18
CA PHE B 782 -31.22 18.03 27.72
C PHE B 782 -32.70 18.27 27.49
N ALA B 783 -33.32 17.60 26.52
CA ALA B 783 -34.72 17.88 26.15
C ALA B 783 -35.69 16.91 26.79
N GLN B 784 -35.43 16.49 28.03
CA GLN B 784 -36.32 15.56 28.73
C GLN B 784 -37.58 16.23 29.25
N VAL B 785 -37.67 17.56 29.19
CA VAL B 785 -38.83 18.28 29.69
C VAL B 785 -39.71 18.66 28.50
N LYS B 786 -41.02 18.77 28.76
CA LYS B 786 -41.99 19.09 27.72
C LYS B 786 -42.44 20.55 27.72
N GLN B 787 -42.35 21.24 28.85
CA GLN B 787 -42.79 22.62 28.97
C GLN B 787 -41.70 23.45 29.62
N ILE B 788 -41.71 24.75 29.32
CA ILE B 788 -40.74 25.68 29.87
C ILE B 788 -41.36 26.30 31.12
N TYR B 789 -40.99 25.74 32.28
CA TYR B 789 -41.50 26.26 33.55
C TYR B 789 -40.71 27.49 33.98
N LYS B 790 -41.42 28.46 34.54
CA LYS B 790 -40.84 29.71 35.00
C LYS B 790 -40.97 29.82 36.51
N THR B 791 -39.89 30.23 37.16
CA THR B 791 -39.91 30.42 38.60
C THR B 791 -40.80 31.61 38.96
N PRO B 792 -41.51 31.55 40.09
CA PRO B 792 -42.34 32.68 40.50
C PRO B 792 -41.46 33.87 40.88
N PRO B 793 -41.99 35.09 40.74
CA PRO B 793 -41.20 36.27 41.17
C PRO B 793 -40.85 36.27 42.64
N ILE B 794 -41.70 35.70 43.49
CA ILE B 794 -41.38 35.60 44.91
C ILE B 794 -40.30 34.55 45.11
N LYS B 795 -39.52 34.72 46.19
CA LYS B 795 -38.43 33.82 46.52
C LYS B 795 -38.56 33.30 47.94
N ASP B 796 -39.79 32.97 48.35
CA ASP B 796 -40.05 32.44 49.69
C ASP B 796 -39.97 30.92 49.63
N PHE B 797 -38.73 30.41 49.67
CA PHE B 797 -38.46 28.99 49.63
C PHE B 797 -38.10 28.41 50.99
N GLY B 798 -38.63 29.02 52.07
CA GLY B 798 -38.34 28.52 53.40
C GLY B 798 -36.96 28.82 53.91
N GLY B 799 -36.29 29.84 53.37
CA GLY B 799 -34.97 30.22 53.78
C GLY B 799 -33.87 29.77 52.85
N PHE B 800 -34.15 28.85 51.94
CA PHE B 800 -33.15 28.41 50.98
C PHE B 800 -32.92 29.48 49.93
N ASN B 801 -31.65 29.62 49.52
CA ASN B 801 -31.23 30.67 48.59
C ASN B 801 -30.76 30.01 47.30
N PHE B 802 -31.57 30.15 46.24
CA PHE B 802 -31.25 29.58 44.95
C PHE B 802 -30.82 30.63 43.93
N SER B 803 -30.56 31.87 44.37
CA SER B 803 -30.17 32.93 43.44
C SER B 803 -28.81 32.68 42.81
N GLN B 804 -27.99 31.81 43.40
CA GLN B 804 -26.68 31.51 42.85
C GLN B 804 -26.73 30.60 41.64
N ILE B 805 -27.85 29.91 41.42
CA ILE B 805 -27.99 29.01 40.29
C ILE B 805 -29.13 29.40 39.36
N LEU B 806 -30.00 30.32 39.76
CA LEU B 806 -31.06 30.78 38.88
C LEU B 806 -30.48 31.69 37.79
N PRO B 807 -31.13 31.77 36.63
CA PRO B 807 -30.62 32.64 35.57
C PRO B 807 -30.64 34.11 35.96
N ASP B 808 -29.67 34.84 35.43
CA ASP B 808 -29.51 36.26 35.74
C ASP B 808 -29.97 37.10 34.56
N PRO B 809 -31.05 37.87 34.69
CA PRO B 809 -31.52 38.68 33.55
C PRO B 809 -30.60 39.84 33.19
N SER B 810 -29.67 40.20 34.06
CA SER B 810 -28.78 41.33 33.77
C SER B 810 -27.81 41.03 32.62
N LYS B 811 -27.61 39.76 32.28
CA LYS B 811 -26.68 39.35 31.23
C LYS B 811 -27.48 38.97 29.98
N PRO B 812 -26.99 39.33 28.78
CA PRO B 812 -27.83 39.22 27.58
C PRO B 812 -28.37 37.83 27.27
N SER B 813 -27.61 36.76 27.54
CA SER B 813 -28.07 35.43 27.21
C SER B 813 -28.73 34.70 28.37
N LYS B 814 -29.01 35.40 29.48
CA LYS B 814 -29.74 34.87 30.63
C LYS B 814 -29.08 33.63 31.21
N ARG B 815 -27.75 33.65 31.34
CA ARG B 815 -27.03 32.50 31.86
C ARG B 815 -26.79 32.65 33.35
N SER B 816 -26.67 31.52 34.04
CA SER B 816 -26.45 31.51 35.47
C SER B 816 -25.01 31.89 35.81
N PHE B 817 -24.79 32.28 37.06
CA PHE B 817 -23.47 32.71 37.49
C PHE B 817 -22.47 31.55 37.47
N ILE B 818 -22.87 30.40 38.00
CA ILE B 818 -22.01 29.23 37.96
C ILE B 818 -21.78 28.77 36.53
N GLU B 819 -22.81 28.84 35.70
CA GLU B 819 -22.65 28.51 34.29
C GLU B 819 -21.72 29.50 33.59
N ASP B 820 -21.80 30.78 33.96
CA ASP B 820 -20.87 31.77 33.43
C ASP B 820 -19.43 31.44 33.80
N LEU B 821 -19.21 31.07 35.07
CA LEU B 821 -17.87 30.70 35.52
C LEU B 821 -17.36 29.46 34.78
N LEU B 822 -18.24 28.48 34.58
CA LEU B 822 -17.84 27.26 33.88
C LEU B 822 -17.49 27.55 32.42
N PHE B 823 -18.27 28.40 31.76
CA PHE B 823 -17.99 28.73 30.37
C PHE B 823 -16.72 29.55 30.24
N ASN B 824 -16.46 30.44 31.20
CA ASN B 824 -15.24 31.24 31.15
C ASN B 824 -14.00 30.40 31.44
N LYS B 825 -14.15 29.40 32.31
CA LYS B 825 -12.99 28.57 32.66
C LYS B 825 -12.52 27.73 31.47
N VAL B 826 -13.45 27.16 30.72
CA VAL B 826 -13.09 26.29 29.60
C VAL B 826 -12.70 27.14 28.41
N THR B 827 -11.52 26.88 27.86
CA THR B 827 -11.01 27.62 26.72
C THR B 827 -10.54 26.63 25.65
N LEU B 828 -10.29 27.16 24.45
CA LEU B 828 -9.84 26.34 23.33
C LEU B 828 -8.40 25.88 23.56
N ALA B 852 -12.27 24.62 15.81
CA ALA B 852 -10.98 24.68 15.13
C ALA B 852 -10.88 25.92 14.24
N GLN B 853 -9.93 25.89 13.31
CA GLN B 853 -9.70 27.01 12.40
C GLN B 853 -10.40 26.75 11.07
N LYS B 854 -10.35 27.75 10.20
CA LYS B 854 -10.91 27.66 8.84
C LYS B 854 -9.76 27.67 7.85
N PHE B 855 -9.68 26.64 7.02
CA PHE B 855 -8.60 26.51 6.05
C PHE B 855 -9.04 25.57 4.95
N ASN B 856 -8.15 25.36 3.98
CA ASN B 856 -8.44 24.51 2.84
C ASN B 856 -8.47 23.04 3.24
N GLY B 857 -9.46 22.32 2.73
CA GLY B 857 -9.53 20.89 2.93
C GLY B 857 -10.74 20.39 3.69
N LEU B 858 -11.12 21.11 4.75
CA LEU B 858 -12.16 20.62 5.65
C LEU B 858 -12.95 21.80 6.20
N THR B 859 -14.07 21.49 6.85
CA THR B 859 -14.95 22.50 7.42
C THR B 859 -15.58 21.94 8.68
N VAL B 860 -16.13 22.85 9.49
CA VAL B 860 -16.79 22.50 10.74
C VAL B 860 -18.24 22.96 10.68
N LEU B 861 -19.13 22.12 11.21
CA LEU B 861 -20.56 22.43 11.18
C LEU B 861 -21.04 22.93 12.53
N PRO B 862 -21.96 23.88 12.56
CA PRO B 862 -22.49 24.38 13.84
C PRO B 862 -23.50 23.42 14.43
N PRO B 863 -23.60 23.35 15.75
CA PRO B 863 -24.60 22.47 16.38
C PRO B 863 -26.01 22.97 16.14
N LEU B 864 -26.96 22.03 16.15
CA LEU B 864 -28.36 22.37 15.94
C LEU B 864 -28.90 23.23 17.09
N LEU B 865 -28.54 22.89 18.33
CA LEU B 865 -29.01 23.62 19.50
C LEU B 865 -27.94 24.61 19.93
N THR B 866 -28.34 25.87 20.10
CA THR B 866 -27.42 26.90 20.57
C THR B 866 -27.28 26.83 22.09
N ASP B 867 -26.36 27.63 22.61
CA ASP B 867 -26.14 27.67 24.06
C ASP B 867 -27.34 28.27 24.79
N GLU B 868 -28.03 29.23 24.17
CA GLU B 868 -29.19 29.85 24.81
C GLU B 868 -30.32 28.83 25.02
N MET B 869 -30.54 27.96 24.04
CA MET B 869 -31.59 26.95 24.18
C MET B 869 -31.24 25.93 25.27
N ILE B 870 -29.97 25.54 25.36
CA ILE B 870 -29.55 24.62 26.42
C ILE B 870 -29.71 25.28 27.78
N ALA B 871 -29.34 26.56 27.89
CA ALA B 871 -29.52 27.28 29.14
C ALA B 871 -31.00 27.39 29.52
N GLN B 872 -31.86 27.62 28.53
CA GLN B 872 -33.30 27.67 28.79
C GLN B 872 -33.82 26.32 29.26
N TYR B 873 -33.35 25.23 28.65
CA TYR B 873 -33.74 23.89 29.09
C TYR B 873 -33.33 23.64 30.52
N THR B 874 -32.09 24.00 30.88
CA THR B 874 -31.63 23.80 32.24
C THR B 874 -32.41 24.66 33.23
N SER B 875 -32.73 25.89 32.85
CA SER B 875 -33.52 26.77 33.71
C SER B 875 -34.92 26.21 33.93
N ALA B 876 -35.53 25.67 32.87
CA ALA B 876 -36.85 25.07 33.00
C ALA B 876 -36.81 23.85 33.92
N LEU B 877 -35.79 23.01 33.76
CA LEU B 877 -35.65 21.85 34.64
C LEU B 877 -35.47 22.26 36.09
N LEU B 878 -34.64 23.28 36.33
CA LEU B 878 -34.41 23.75 37.69
C LEU B 878 -35.68 24.33 38.31
N ALA B 879 -36.41 25.14 37.54
CA ALA B 879 -37.66 25.71 38.05
C ALA B 879 -38.68 24.61 38.36
N GLY B 880 -38.79 23.61 37.47
CA GLY B 880 -39.71 22.52 37.72
C GLY B 880 -39.32 21.70 38.94
N THR B 881 -38.03 21.48 39.15
CA THR B 881 -37.61 20.64 40.26
C THR B 881 -37.57 21.39 41.59
N ILE B 882 -37.60 22.73 41.58
CA ILE B 882 -37.66 23.47 42.83
C ILE B 882 -39.05 24.03 43.13
N THR B 883 -39.98 23.99 42.17
CA THR B 883 -41.33 24.49 42.41
C THR B 883 -42.38 23.40 42.48
N SER B 884 -42.07 22.18 42.05
CA SER B 884 -43.07 21.11 42.02
C SER B 884 -42.55 19.77 42.48
N GLY B 885 -41.30 19.67 42.95
CA GLY B 885 -40.78 18.38 43.36
C GLY B 885 -40.55 17.46 42.19
N TRP B 886 -40.82 16.18 42.39
CA TRP B 886 -40.68 15.18 41.34
C TRP B 886 -41.99 14.90 40.61
N THR B 887 -43.06 15.64 40.92
CA THR B 887 -44.35 15.38 40.29
C THR B 887 -44.33 15.73 38.81
N PHE B 888 -43.58 16.77 38.42
CA PHE B 888 -43.52 17.17 37.03
C PHE B 888 -42.78 16.18 36.16
N GLY B 889 -42.02 15.25 36.74
CA GLY B 889 -41.33 14.23 35.97
C GLY B 889 -42.18 13.07 35.54
N ALA B 890 -43.42 12.99 36.02
CA ALA B 890 -44.35 11.93 35.64
C ALA B 890 -45.62 12.43 34.98
N GLY B 891 -45.95 13.70 35.11
CA GLY B 891 -47.15 14.26 34.52
C GLY B 891 -47.23 15.77 34.65
N ALA B 892 -48.41 16.28 35.00
CA ALA B 892 -48.56 17.70 35.22
C ALA B 892 -47.86 18.12 36.52
N ALA B 893 -47.25 19.31 36.49
CA ALA B 893 -46.56 19.80 37.66
C ALA B 893 -47.55 20.19 38.75
N LEU B 894 -47.28 19.75 39.98
CA LEU B 894 -48.13 20.05 41.13
C LEU B 894 -47.34 20.91 42.11
N GLN B 895 -47.86 22.08 42.43
CA GLN B 895 -47.17 22.98 43.34
C GLN B 895 -47.17 22.44 44.77
N ILE B 896 -46.09 22.73 45.48
CA ILE B 896 -45.91 22.28 46.86
C ILE B 896 -44.85 23.15 47.51
N PRO B 897 -45.03 23.60 48.75
CA PRO B 897 -43.98 24.38 49.43
C PRO B 897 -42.70 23.56 49.58
N PHE B 898 -41.57 24.28 49.53
CA PHE B 898 -40.27 23.60 49.49
C PHE B 898 -39.98 22.84 50.78
N ALA B 899 -40.46 23.34 51.92
CA ALA B 899 -40.22 22.65 53.18
C ALA B 899 -40.91 21.28 53.20
N MET B 900 -42.12 21.20 52.65
CA MET B 900 -42.82 19.92 52.62
C MET B 900 -42.15 18.95 51.65
N GLN B 901 -41.61 19.45 50.54
CA GLN B 901 -40.84 18.60 49.64
C GLN B 901 -39.58 18.08 50.33
N MET B 902 -38.91 18.93 51.10
CA MET B 902 -37.73 18.50 51.84
C MET B 902 -38.11 17.45 52.88
N ALA B 903 -39.27 17.61 53.52
CA ALA B 903 -39.76 16.59 54.45
C ALA B 903 -40.06 15.28 53.74
N TYR B 904 -40.62 15.36 52.54
CA TYR B 904 -40.83 14.16 51.73
C TYR B 904 -39.51 13.44 51.49
N ARG B 905 -38.47 14.19 51.11
CA ARG B 905 -37.18 13.57 50.80
C ARG B 905 -36.53 12.99 52.05
N PHE B 906 -36.65 13.68 53.19
CA PHE B 906 -36.12 13.13 54.45
C PHE B 906 -36.84 11.86 54.85
N ASN B 907 -38.17 11.83 54.69
CA ASN B 907 -38.91 10.59 54.93
C ASN B 907 -38.48 9.50 53.95
N GLY B 908 -38.10 9.89 52.73
CA GLY B 908 -37.61 8.91 51.78
C GLY B 908 -36.28 8.29 52.20
N ILE B 909 -35.37 9.10 52.73
CA ILE B 909 -34.08 8.58 53.16
C ILE B 909 -34.14 7.87 54.51
N GLY B 910 -35.29 7.80 55.14
CA GLY B 910 -35.45 7.06 56.37
C GLY B 910 -35.42 7.85 57.65
N VAL B 911 -35.60 9.17 57.60
CA VAL B 911 -35.60 10.02 58.77
C VAL B 911 -36.94 10.73 58.86
N THR B 912 -37.50 10.81 60.07
CA THR B 912 -38.80 11.45 60.26
C THR B 912 -38.71 12.94 59.96
N GLN B 913 -39.86 13.53 59.61
CA GLN B 913 -39.90 14.92 59.15
C GLN B 913 -39.84 15.92 60.30
N ASN B 914 -40.09 15.49 61.53
CA ASN B 914 -40.08 16.42 62.65
C ASN B 914 -38.69 16.99 62.89
N VAL B 915 -37.64 16.23 62.59
CA VAL B 915 -36.29 16.74 62.77
C VAL B 915 -35.99 17.84 61.75
N LEU B 916 -36.63 17.79 60.57
CA LEU B 916 -36.52 18.90 59.63
C LEU B 916 -37.27 20.11 60.14
N TYR B 917 -38.51 19.92 60.58
CA TYR B 917 -39.31 21.04 61.03
C TYR B 917 -38.77 21.68 62.30
N GLU B 918 -37.94 20.97 63.06
CA GLU B 918 -37.29 21.54 64.23
C GLU B 918 -35.88 22.06 63.95
N ASN B 919 -35.34 21.82 62.75
CA ASN B 919 -33.99 22.26 62.41
C ASN B 919 -33.95 22.84 61.00
N GLN B 920 -34.96 23.64 60.65
CA GLN B 920 -35.04 24.17 59.30
C GLN B 920 -33.98 25.24 59.04
N LYS B 921 -33.80 26.16 59.99
CA LYS B 921 -32.85 27.25 59.80
C LYS B 921 -31.42 26.74 59.68
N LEU B 922 -31.05 25.75 60.52
CA LEU B 922 -29.71 25.20 60.45
C LEU B 922 -29.45 24.53 59.11
N ILE B 923 -30.43 23.79 58.60
CA ILE B 923 -30.26 23.12 57.31
C ILE B 923 -30.16 24.14 56.18
N ALA B 924 -30.97 25.20 56.23
CA ALA B 924 -30.89 26.24 55.21
C ALA B 924 -29.53 26.93 55.24
N ASN B 925 -29.02 27.24 56.43
CA ASN B 925 -27.71 27.87 56.54
C ASN B 925 -26.61 26.96 56.02
N GLN B 926 -26.70 25.66 56.33
CA GLN B 926 -25.70 24.71 55.84
C GLN B 926 -25.75 24.61 54.32
N PHE B 927 -26.96 24.63 53.74
CA PHE B 927 -27.08 24.57 52.28
C PHE B 927 -26.47 25.82 51.63
N ASN B 928 -26.74 26.99 52.20
CA ASN B 928 -26.16 28.23 51.66
C ASN B 928 -24.64 28.21 51.76
N SER B 929 -24.11 27.76 52.90
CA SER B 929 -22.67 27.69 53.07
C SER B 929 -22.05 26.69 52.09
N ALA B 930 -22.73 25.57 51.85
CA ALA B 930 -22.22 24.59 50.89
C ALA B 930 -22.22 25.16 49.48
N ILE B 931 -23.26 25.92 49.11
CA ILE B 931 -23.29 26.54 47.79
C ILE B 931 -22.13 27.53 47.64
N GLY B 932 -21.90 28.34 48.66
CA GLY B 932 -20.77 29.27 48.63
C GLY B 932 -19.43 28.54 48.53
N LYS B 933 -19.30 27.42 49.23
CA LYS B 933 -18.06 26.64 49.17
C LYS B 933 -17.85 26.06 47.78
N ILE B 934 -18.93 25.58 47.14
CA ILE B 934 -18.80 25.09 45.77
C ILE B 934 -18.39 26.20 44.82
N GLN B 935 -18.96 27.40 45.01
CA GLN B 935 -18.55 28.54 44.18
C GLN B 935 -17.07 28.85 44.37
N ASP B 936 -16.59 28.85 45.62
CA ASP B 936 -15.19 29.12 45.88
C ASP B 936 -14.29 28.05 45.28
N SER B 937 -14.67 26.78 45.42
CA SER B 937 -13.85 25.69 44.88
C SER B 937 -13.82 25.74 43.35
N LEU B 938 -14.94 26.07 42.72
CA LEU B 938 -14.96 26.17 41.27
C LEU B 938 -14.14 27.36 40.78
N SER B 939 -14.11 28.44 41.55
CA SER B 939 -13.29 29.60 41.21
C SER B 939 -11.85 29.45 41.66
N SER B 940 -11.50 28.36 42.35
CA SER B 940 -10.14 28.13 42.82
C SER B 940 -9.22 27.58 41.73
N THR B 941 -9.65 27.60 40.47
CA THR B 941 -8.86 27.13 39.33
C THR B 941 -8.40 25.69 39.51
N ALA B 942 -9.28 24.86 40.06
CA ALA B 942 -8.99 23.44 40.21
C ALA B 942 -9.11 22.72 38.87
N SER B 943 -8.46 21.56 38.79
CA SER B 943 -8.48 20.76 37.56
C SER B 943 -9.70 19.86 37.51
N ALA B 944 -10.89 20.45 37.68
CA ALA B 944 -12.13 19.69 37.60
C ALA B 944 -12.72 19.66 36.20
N LEU B 945 -12.43 20.68 35.38
CA LEU B 945 -12.94 20.76 34.03
C LEU B 945 -12.03 20.07 33.01
N GLY B 946 -11.18 19.15 33.46
CA GLY B 946 -10.25 18.48 32.57
C GLY B 946 -10.89 17.46 31.66
N LYS B 947 -12.09 16.99 32.00
CA LYS B 947 -12.75 15.97 31.18
C LYS B 947 -13.10 16.51 29.80
N LEU B 948 -13.65 17.72 29.74
CA LEU B 948 -13.97 18.33 28.45
C LEU B 948 -12.72 18.84 27.74
N GLN B 949 -11.77 19.37 28.52
CA GLN B 949 -10.55 19.91 27.94
C GLN B 949 -9.73 18.81 27.27
N ASP B 950 -9.72 17.60 27.86
CA ASP B 950 -8.99 16.49 27.24
C ASP B 950 -9.58 16.13 25.89
N VAL B 951 -10.91 16.08 25.80
CA VAL B 951 -11.56 15.76 24.52
C VAL B 951 -11.26 16.84 23.49
N VAL B 952 -11.36 18.12 23.89
CA VAL B 952 -11.08 19.21 22.97
C VAL B 952 -9.65 19.14 22.47
N ASN B 953 -8.70 18.91 23.39
CA ASN B 953 -7.29 18.87 23.03
C ASN B 953 -6.98 17.69 22.12
N GLN B 954 -7.56 16.52 22.39
CA GLN B 954 -7.26 15.36 21.55
C GLN B 954 -7.87 15.51 20.16
N ASN B 955 -9.07 16.09 20.07
CA ASN B 955 -9.65 16.35 18.75
C ASN B 955 -8.80 17.36 17.97
N ALA B 956 -8.36 18.43 18.65
CA ALA B 956 -7.55 19.44 17.98
C ALA B 956 -6.22 18.88 17.51
N GLN B 957 -5.57 18.06 18.34
CA GLN B 957 -4.27 17.51 17.94
C GLN B 957 -4.42 16.46 16.84
N ALA B 958 -5.52 15.69 16.84
CA ALA B 958 -5.76 14.76 15.75
C ALA B 958 -5.97 15.51 14.43
N LEU B 959 -6.75 16.60 14.47
CA LEU B 959 -6.95 17.39 13.26
C LEU B 959 -5.63 18.02 12.79
N ASN B 960 -4.83 18.52 13.73
CA ASN B 960 -3.55 19.12 13.37
C ASN B 960 -2.60 18.09 12.75
N THR B 961 -2.58 16.87 13.31
CA THR B 961 -1.76 15.81 12.72
C THR B 961 -2.23 15.45 11.32
N LEU B 962 -3.55 15.38 11.12
CA LEU B 962 -4.08 15.10 9.78
C LEU B 962 -3.68 16.18 8.80
N VAL B 963 -3.74 17.45 9.21
CA VAL B 963 -3.34 18.54 8.33
C VAL B 963 -1.84 18.47 8.02
N LYS B 964 -1.02 18.22 9.05
CA LYS B 964 0.43 18.21 8.86
C LYS B 964 0.91 16.99 8.08
N GLN B 965 0.11 15.93 8.02
CA GLN B 965 0.49 14.75 7.24
C GLN B 965 0.51 15.03 5.73
N LEU B 966 -0.06 16.15 5.28
CA LEU B 966 -0.09 16.48 3.86
C LEU B 966 1.27 16.92 3.33
N SER B 967 2.22 17.24 4.21
CA SER B 967 3.55 17.69 3.79
C SER B 967 4.55 16.56 3.69
N SER B 968 4.14 15.32 3.91
CA SER B 968 5.06 14.20 3.86
C SER B 968 5.42 13.86 2.41
N ASN B 969 6.50 13.10 2.26
CA ASN B 969 7.02 12.74 0.94
C ASN B 969 6.46 11.42 0.43
N PHE B 970 6.35 10.42 1.32
CA PHE B 970 5.82 9.10 0.98
C PHE B 970 6.62 8.42 -0.14
N GLY B 971 7.93 8.66 -0.17
CA GLY B 971 8.78 8.04 -1.16
C GLY B 971 8.80 8.70 -2.52
N ALA B 972 8.06 9.80 -2.71
CA ALA B 972 8.05 10.48 -4.00
C ALA B 972 9.23 11.44 -4.08
N ILE B 973 9.34 12.12 -5.22
CA ILE B 973 10.44 13.08 -5.41
C ILE B 973 10.23 14.33 -4.56
N SER B 974 8.97 14.73 -4.38
CA SER B 974 8.67 15.92 -3.58
C SER B 974 7.23 15.82 -3.08
N SER B 975 6.94 16.61 -2.05
CA SER B 975 5.58 16.68 -1.52
C SER B 975 4.66 17.54 -2.38
N VAL B 976 5.21 18.48 -3.15
CA VAL B 976 4.40 19.38 -3.95
C VAL B 976 3.91 18.66 -5.18
N LEU B 977 2.59 18.69 -5.41
CA LEU B 977 2.00 18.00 -6.55
C LEU B 977 2.35 18.71 -7.86
N ASN B 978 2.36 20.05 -7.83
CA ASN B 978 2.65 20.81 -9.05
C ASN B 978 4.06 20.56 -9.55
N ASP B 979 5.02 20.46 -8.62
CA ASP B 979 6.40 20.18 -9.02
C ASP B 979 6.51 18.82 -9.69
N ILE B 980 5.81 17.82 -9.15
CA ILE B 980 5.85 16.48 -9.75
C ILE B 980 5.23 16.50 -11.14
N LEU B 981 4.07 17.16 -11.29
CA LEU B 981 3.40 17.14 -12.58
C LEU B 981 4.07 18.04 -13.62
N SER B 982 4.89 19.00 -13.19
CA SER B 982 5.57 19.89 -14.13
C SER B 982 6.97 19.40 -14.50
N ARG B 983 7.77 19.01 -13.51
CA ARG B 983 9.15 18.61 -13.78
C ARG B 983 9.20 17.31 -14.59
N LEU B 984 8.35 16.35 -14.26
CA LEU B 984 8.40 15.04 -14.90
C LEU B 984 7.52 15.00 -16.15
N ASP B 985 7.81 14.03 -17.00
CA ASP B 985 7.08 13.85 -18.25
C ASP B 985 5.73 13.19 -17.95
N PRO B 986 4.64 13.68 -18.54
CA PRO B 986 3.29 13.30 -18.08
C PRO B 986 2.99 11.80 -18.19
N PRO B 987 3.39 11.09 -19.26
CA PRO B 987 3.10 9.64 -19.29
C PRO B 987 3.98 8.80 -18.38
N GLU B 988 4.85 9.40 -17.55
CA GLU B 988 5.62 8.61 -16.60
C GLU B 988 5.58 9.18 -15.19
N ALA B 989 4.75 10.19 -14.93
CA ALA B 989 4.61 10.74 -13.58
C ALA B 989 3.61 9.98 -12.72
N GLU B 990 2.87 9.03 -13.31
CA GLU B 990 1.86 8.30 -12.56
C GLU B 990 2.49 7.44 -11.47
N VAL B 991 3.68 6.89 -11.75
CA VAL B 991 4.39 6.08 -10.76
C VAL B 991 4.83 6.91 -9.56
N GLN B 992 4.86 8.23 -9.69
CA GLN B 992 5.11 9.12 -8.56
C GLN B 992 3.83 9.64 -7.93
N ILE B 993 2.77 9.81 -8.72
CA ILE B 993 1.50 10.30 -8.19
C ILE B 993 0.84 9.24 -7.32
N ASP B 994 0.90 7.98 -7.74
CA ASP B 994 0.09 6.94 -7.10
C ASP B 994 0.52 6.69 -5.65
N ARG B 995 1.83 6.70 -5.38
CA ARG B 995 2.29 6.45 -4.02
C ARG B 995 1.87 7.57 -3.07
N LEU B 996 1.94 8.82 -3.53
CA LEU B 996 1.45 9.94 -2.72
C LEU B 996 -0.05 9.83 -2.47
N ILE B 997 -0.80 9.42 -3.50
CA ILE B 997 -2.24 9.25 -3.35
C ILE B 997 -2.54 8.18 -2.31
N THR B 998 -1.83 7.05 -2.38
CA THR B 998 -2.07 5.96 -1.43
C THR B 998 -1.71 6.37 -0.01
N GLY B 999 -0.60 7.10 0.16
CA GLY B 999 -0.24 7.56 1.48
C GLY B 999 -1.26 8.50 2.08
N ARG B 1000 -1.74 9.47 1.29
CA ARG B 1000 -2.76 10.39 1.79
C ARG B 1000 -4.05 9.66 2.11
N LEU B 1001 -4.44 8.69 1.27
CA LEU B 1001 -5.64 7.91 1.53
C LEU B 1001 -5.52 7.11 2.82
N GLN B 1002 -4.34 6.52 3.06
CA GLN B 1002 -4.11 5.76 4.28
C GLN B 1002 -4.19 6.66 5.51
N SER B 1003 -3.61 7.86 5.43
CA SER B 1003 -3.70 8.80 6.54
C SER B 1003 -5.15 9.19 6.82
N LEU B 1004 -5.92 9.46 5.76
CA LEU B 1004 -7.33 9.80 5.93
C LEU B 1004 -8.11 8.65 6.55
N GLN B 1005 -7.84 7.42 6.12
CA GLN B 1005 -8.51 6.26 6.69
C GLN B 1005 -8.19 6.09 8.17
N THR B 1006 -6.93 6.31 8.54
CA THR B 1006 -6.55 6.23 9.95
C THR B 1006 -7.29 7.27 10.78
N TYR B 1007 -7.39 8.51 10.25
CA TYR B 1007 -8.11 9.55 10.97
C TYR B 1007 -9.59 9.18 11.13
N VAL B 1008 -10.20 8.64 10.08
CA VAL B 1008 -11.61 8.25 10.15
C VAL B 1008 -11.82 7.15 11.18
N THR B 1009 -10.92 6.16 11.21
CA THR B 1009 -11.04 5.07 12.18
C THR B 1009 -10.91 5.60 13.61
N GLN B 1010 -9.97 6.51 13.85
CA GLN B 1010 -9.82 7.09 15.18
C GLN B 1010 -11.07 7.86 15.60
N GLN B 1011 -11.64 8.64 14.68
CA GLN B 1011 -12.87 9.37 14.99
C GLN B 1011 -14.02 8.42 15.30
N LEU B 1012 -14.14 7.34 14.53
CA LEU B 1012 -15.19 6.35 14.77
C LEU B 1012 -15.02 5.70 16.14
N ILE B 1013 -13.77 5.42 16.53
CA ILE B 1013 -13.53 4.83 17.84
C ILE B 1013 -13.92 5.80 18.95
N ARG B 1014 -13.55 7.08 18.81
CA ARG B 1014 -13.85 8.04 19.87
C ARG B 1014 -15.34 8.34 19.98
N ALA B 1015 -16.07 8.23 18.86
CA ALA B 1015 -17.51 8.52 18.89
C ALA B 1015 -18.25 7.56 19.81
N ALA B 1016 -17.81 6.31 19.89
CA ALA B 1016 -18.45 5.34 20.78
C ALA B 1016 -18.30 5.73 22.24
N GLU B 1017 -17.11 6.17 22.64
CA GLU B 1017 -16.90 6.62 24.01
C GLU B 1017 -17.74 7.86 24.31
N ILE B 1018 -17.81 8.79 23.35
CA ILE B 1018 -18.62 9.98 23.55
C ILE B 1018 -20.10 9.61 23.72
N ARG B 1019 -20.59 8.67 22.91
CA ARG B 1019 -21.97 8.25 23.01
C ARG B 1019 -22.26 7.53 24.32
N ALA B 1020 -21.32 6.71 24.80
CA ALA B 1020 -21.50 6.05 26.09
C ALA B 1020 -21.56 7.06 27.22
N SER B 1021 -20.69 8.07 27.19
CA SER B 1021 -20.73 9.11 28.21
C SER B 1021 -22.05 9.89 28.15
N ALA B 1022 -22.53 10.16 26.93
CA ALA B 1022 -23.81 10.85 26.79
C ALA B 1022 -24.97 10.02 27.34
N ASN B 1023 -24.95 8.71 27.10
CA ASN B 1023 -25.98 7.83 27.64
C ASN B 1023 -25.96 7.83 29.16
N LEU B 1024 -24.76 7.75 29.75
CA LEU B 1024 -24.65 7.78 31.20
C LEU B 1024 -25.16 9.12 31.76
N ALA B 1025 -24.81 10.22 31.11
CA ALA B 1025 -25.28 11.54 31.56
C ALA B 1025 -26.80 11.64 31.47
N ALA B 1026 -27.38 11.12 30.39
CA ALA B 1026 -28.84 11.15 30.25
C ALA B 1026 -29.52 10.32 31.34
N THR B 1027 -28.97 9.14 31.64
CA THR B 1027 -29.54 8.31 32.71
C THR B 1027 -29.43 9.02 34.05
N LYS B 1028 -28.29 9.64 34.34
CA LYS B 1028 -28.13 10.35 35.60
C LYS B 1028 -29.07 11.54 35.71
N MET B 1029 -29.26 12.26 34.61
CA MET B 1029 -30.21 13.37 34.61
C MET B 1029 -31.64 12.88 34.84
N SER B 1030 -32.00 11.76 34.21
CA SER B 1030 -33.34 11.21 34.38
C SER B 1030 -33.59 10.75 35.81
N GLU B 1031 -32.60 10.11 36.44
CA GLU B 1031 -32.83 9.48 37.73
C GLU B 1031 -32.56 10.40 38.91
N CYS B 1032 -31.43 11.10 38.90
CA CYS B 1032 -31.04 11.91 40.06
C CYS B 1032 -31.86 13.20 40.15
N VAL B 1033 -32.19 13.80 39.00
CA VAL B 1033 -32.84 15.10 38.99
C VAL B 1033 -34.35 14.99 39.05
N LEU B 1034 -34.94 14.10 38.24
CA LEU B 1034 -36.39 13.97 38.19
C LEU B 1034 -36.95 13.11 39.31
N GLY B 1035 -36.12 12.55 40.18
CA GLY B 1035 -36.59 11.76 41.27
C GLY B 1035 -35.57 11.67 42.38
N GLN B 1036 -35.83 10.79 43.33
CA GLN B 1036 -34.92 10.53 44.45
C GLN B 1036 -34.37 9.11 44.29
N SER B 1037 -33.07 9.02 44.05
CA SER B 1037 -32.44 7.73 43.77
C SER B 1037 -32.15 6.98 45.05
N LYS B 1038 -32.36 5.66 45.02
CA LYS B 1038 -32.10 4.79 46.16
C LYS B 1038 -30.79 4.03 46.05
N ARG B 1039 -30.30 3.79 44.82
CA ARG B 1039 -29.02 3.12 44.65
C ARG B 1039 -27.88 4.00 45.15
N VAL B 1040 -26.96 3.40 45.90
CA VAL B 1040 -25.92 4.15 46.59
C VAL B 1040 -24.85 4.58 45.60
N ASP B 1041 -24.27 5.76 45.86
CA ASP B 1041 -23.15 6.35 45.13
C ASP B 1041 -23.47 6.66 43.67
N PHE B 1042 -24.74 6.52 43.25
CA PHE B 1042 -25.09 6.88 41.89
C PHE B 1042 -25.20 8.39 41.71
N CYS B 1043 -25.74 9.07 42.71
CA CYS B 1043 -25.91 10.52 42.67
C CYS B 1043 -25.17 11.19 43.82
N GLY B 1044 -23.93 10.79 44.05
CA GLY B 1044 -23.10 11.39 45.07
C GLY B 1044 -22.95 10.50 46.30
N LYS B 1045 -21.90 10.78 47.07
CA LYS B 1045 -21.63 10.02 48.28
C LYS B 1045 -22.62 10.39 49.37
N GLY B 1046 -23.11 9.39 50.10
CA GLY B 1046 -24.09 9.62 51.14
C GLY B 1046 -25.50 9.35 50.65
N TYR B 1047 -26.46 9.72 51.50
CA TYR B 1047 -27.87 9.55 51.19
C TYR B 1047 -28.32 10.70 50.30
N HIS B 1048 -28.67 10.38 49.05
CA HIS B 1048 -29.01 11.40 48.08
C HIS B 1048 -30.36 12.04 48.40
N LEU B 1049 -30.40 13.37 48.40
CA LEU B 1049 -31.64 14.11 48.62
C LEU B 1049 -32.22 14.65 47.33
N MET B 1050 -31.46 15.46 46.60
CA MET B 1050 -31.93 16.10 45.38
C MET B 1050 -30.73 16.66 44.63
N SER B 1051 -30.92 16.92 43.34
CA SER B 1051 -29.84 17.36 42.48
C SER B 1051 -30.32 18.51 41.59
N PHE B 1052 -29.35 19.30 41.11
CA PHE B 1052 -29.61 20.43 40.23
C PHE B 1052 -28.66 20.35 39.05
N PRO B 1053 -29.16 20.50 37.82
CA PRO B 1053 -28.29 20.47 36.65
C PRO B 1053 -27.78 21.84 36.25
N GLN B 1054 -26.60 21.85 35.64
CA GLN B 1054 -25.98 23.07 35.13
C GLN B 1054 -25.41 22.80 33.75
N SER B 1055 -25.29 23.86 32.96
CA SER B 1055 -24.83 23.73 31.58
C SER B 1055 -23.32 23.92 31.50
N ALA B 1056 -22.71 23.23 30.56
CA ALA B 1056 -21.29 23.27 30.28
C ALA B 1056 -21.11 23.44 28.77
N PRO B 1057 -19.95 23.95 28.33
CA PRO B 1057 -19.76 24.17 26.89
C PRO B 1057 -19.90 22.91 26.05
N HIS B 1058 -19.47 21.76 26.56
CA HIS B 1058 -19.63 20.51 25.82
C HIS B 1058 -20.06 19.37 26.73
N GLY B 1059 -20.75 19.68 27.82
CA GLY B 1059 -21.18 18.66 28.75
C GLY B 1059 -22.26 19.15 29.66
N VAL B 1060 -22.39 18.49 30.81
CA VAL B 1060 -23.37 18.84 31.83
C VAL B 1060 -22.72 18.71 33.19
N VAL B 1061 -23.11 19.60 34.12
CA VAL B 1061 -22.57 19.62 35.48
C VAL B 1061 -23.72 19.34 36.44
N PHE B 1062 -23.53 18.35 37.31
CA PHE B 1062 -24.53 17.95 38.28
C PHE B 1062 -24.10 18.37 39.68
N LEU B 1063 -25.00 19.00 40.41
CA LEU B 1063 -24.77 19.39 41.79
C LEU B 1063 -25.63 18.50 42.69
N HIS B 1064 -25.00 17.59 43.42
CA HIS B 1064 -25.70 16.61 44.23
C HIS B 1064 -25.72 17.04 45.68
N VAL B 1065 -26.92 17.11 46.26
CA VAL B 1065 -27.10 17.44 47.67
C VAL B 1065 -27.39 16.15 48.42
N THR B 1066 -26.59 15.85 49.43
CA THR B 1066 -26.68 14.59 50.16
C THR B 1066 -26.77 14.84 51.65
N TYR B 1067 -27.05 13.77 52.39
CA TYR B 1067 -27.22 13.80 53.83
C TYR B 1067 -26.11 12.95 54.47
N VAL B 1068 -25.35 13.56 55.39
CA VAL B 1068 -24.23 12.89 56.03
C VAL B 1068 -24.40 12.97 57.54
N PRO B 1069 -24.52 11.85 58.25
CA PRO B 1069 -24.60 11.91 59.71
C PRO B 1069 -23.25 12.22 60.34
N ALA B 1070 -23.30 12.71 61.57
CA ALA B 1070 -22.10 13.09 62.29
C ALA B 1070 -22.38 13.07 63.78
N GLN B 1071 -21.31 13.22 64.57
CA GLN B 1071 -21.37 13.28 66.04
C GLN B 1071 -22.02 12.02 66.62
N GLU B 1072 -21.34 10.90 66.42
CA GLU B 1072 -21.86 9.61 66.85
C GLU B 1072 -21.65 9.39 68.34
N LYS B 1073 -22.44 8.47 68.88
CA LYS B 1073 -22.34 8.07 70.28
C LYS B 1073 -22.81 6.63 70.39
N ASN B 1074 -22.20 5.88 71.32
CA ASN B 1074 -22.47 4.46 71.44
C ASN B 1074 -23.23 4.14 72.72
N PHE B 1075 -24.10 3.14 72.62
CA PHE B 1075 -24.96 2.71 73.72
C PHE B 1075 -24.93 1.19 73.78
N THR B 1076 -25.83 0.62 74.58
CA THR B 1076 -26.00 -0.82 74.71
C THR B 1076 -27.36 -1.23 74.17
N THR B 1077 -27.38 -2.30 73.38
CA THR B 1077 -28.59 -2.74 72.71
C THR B 1077 -28.94 -4.18 73.08
N ALA B 1078 -30.21 -4.52 72.85
CA ALA B 1078 -30.71 -5.87 73.01
C ALA B 1078 -31.62 -6.18 71.83
N PRO B 1079 -31.63 -7.43 71.35
CA PRO B 1079 -32.52 -7.77 70.23
C PRO B 1079 -33.99 -7.63 70.53
N ALA B 1080 -34.41 -7.87 71.77
CA ALA B 1080 -35.83 -7.82 72.11
C ALA B 1080 -35.97 -7.61 73.61
N ILE B 1081 -37.21 -7.37 74.04
CA ILE B 1081 -37.57 -7.18 75.44
C ILE B 1081 -38.53 -8.28 75.84
N CYS B 1082 -38.23 -8.97 76.94
CA CYS B 1082 -39.10 -10.00 77.47
C CYS B 1082 -39.89 -9.44 78.65
N HIS B 1083 -41.21 -9.37 78.51
CA HIS B 1083 -42.08 -8.86 79.55
C HIS B 1083 -43.28 -9.80 79.69
N ASP B 1084 -43.57 -10.21 80.92
CA ASP B 1084 -44.68 -11.11 81.23
C ASP B 1084 -44.59 -12.42 80.44
N GLY B 1085 -43.36 -12.89 80.24
CA GLY B 1085 -43.14 -14.12 79.50
C GLY B 1085 -43.29 -14.00 78.00
N LYS B 1086 -43.41 -12.79 77.47
CA LYS B 1086 -43.60 -12.56 76.05
C LYS B 1086 -42.49 -11.66 75.52
N ALA B 1087 -41.99 -11.99 74.33
CA ALA B 1087 -40.92 -11.22 73.71
C ALA B 1087 -41.52 -10.11 72.85
N HIS B 1088 -40.99 -8.90 73.01
CA HIS B 1088 -41.45 -7.73 72.27
C HIS B 1088 -40.37 -7.26 71.32
N PHE B 1089 -40.76 -6.99 70.08
CA PHE B 1089 -39.85 -6.52 69.05
C PHE B 1089 -40.26 -5.12 68.60
N PRO B 1090 -39.30 -4.27 68.22
CA PRO B 1090 -39.64 -2.92 67.80
C PRO B 1090 -40.19 -2.89 66.39
N ARG B 1091 -41.26 -2.10 66.21
CA ARG B 1091 -41.82 -1.91 64.87
C ARG B 1091 -40.84 -1.18 63.97
N GLU B 1092 -40.17 -0.16 64.50
CA GLU B 1092 -39.10 0.52 63.79
C GLU B 1092 -38.08 1.02 64.79
N GLY B 1093 -36.81 1.04 64.40
CA GLY B 1093 -35.75 1.39 65.31
C GLY B 1093 -35.30 0.22 66.14
N VAL B 1094 -34.44 0.53 67.12
CA VAL B 1094 -33.85 -0.47 68.00
C VAL B 1094 -33.96 -0.02 69.44
N PHE B 1095 -33.80 -0.99 70.35
CA PHE B 1095 -33.78 -0.71 71.78
C PHE B 1095 -32.36 -0.34 72.19
N VAL B 1096 -32.21 0.82 72.83
CA VAL B 1096 -30.93 1.28 73.32
C VAL B 1096 -31.07 1.65 74.80
N SER B 1097 -29.95 1.63 75.50
CA SER B 1097 -29.92 1.97 76.92
C SER B 1097 -28.75 2.88 77.20
N ASN B 1098 -28.98 3.86 78.07
CA ASN B 1098 -27.92 4.78 78.49
C ASN B 1098 -27.22 4.31 79.77
N GLY B 1099 -27.59 3.15 80.30
CA GLY B 1099 -26.97 2.59 81.49
C GLY B 1099 -27.97 2.24 82.59
N THR B 1100 -29.12 2.94 82.63
CA THR B 1100 -30.10 2.71 83.67
C THR B 1100 -31.49 2.45 83.10
N HIS B 1101 -31.80 3.06 81.95
CA HIS B 1101 -33.12 2.95 81.35
C HIS B 1101 -32.98 2.58 79.87
N TRP B 1102 -34.03 1.97 79.35
CA TRP B 1102 -34.09 1.54 77.95
C TRP B 1102 -35.04 2.43 77.18
N PHE B 1103 -34.67 2.76 75.94
CA PHE B 1103 -35.47 3.63 75.10
C PHE B 1103 -35.51 3.07 73.68
N VAL B 1104 -36.33 3.70 72.84
CA VAL B 1104 -36.44 3.36 71.43
C VAL B 1104 -36.10 4.60 70.61
N THR B 1105 -35.13 4.46 69.71
CA THR B 1105 -34.70 5.55 68.85
C THR B 1105 -34.83 5.15 67.38
N GLN B 1106 -34.58 6.13 66.51
CA GLN B 1106 -34.54 5.87 65.09
C GLN B 1106 -33.21 5.24 64.70
N ARG B 1107 -33.15 4.71 63.47
CA ARG B 1107 -31.93 4.06 63.01
C ARG B 1107 -30.84 5.08 62.71
N ASN B 1108 -31.19 6.19 62.05
CA ASN B 1108 -30.22 7.17 61.60
C ASN B 1108 -30.18 8.43 62.45
N PHE B 1109 -30.98 8.52 63.51
CA PHE B 1109 -31.00 9.70 64.35
C PHE B 1109 -31.33 9.27 65.78
N TYR B 1110 -30.73 9.95 66.75
CA TYR B 1110 -30.93 9.63 68.16
C TYR B 1110 -32.12 10.42 68.69
N GLU B 1111 -33.15 9.70 69.13
CA GLU B 1111 -34.34 10.31 69.70
C GLU B 1111 -35.00 9.31 70.64
N PRO B 1112 -34.61 9.31 71.91
CA PRO B 1112 -35.13 8.30 72.85
C PRO B 1112 -36.63 8.43 73.05
N GLN B 1113 -37.30 7.28 73.14
CA GLN B 1113 -38.72 7.22 73.39
C GLN B 1113 -39.00 6.13 74.42
N ILE B 1114 -40.05 6.33 75.21
CA ILE B 1114 -40.43 5.34 76.22
C ILE B 1114 -41.02 4.12 75.52
N ILE B 1115 -40.56 2.93 75.92
CA ILE B 1115 -41.06 1.70 75.31
C ILE B 1115 -42.53 1.53 75.65
N THR B 1116 -43.34 1.30 74.62
CA THR B 1116 -44.79 1.24 74.75
C THR B 1116 -45.30 0.14 73.84
N THR B 1117 -46.47 -0.42 74.20
CA THR B 1117 -47.13 -1.40 73.36
C THR B 1117 -47.47 -0.83 71.98
N ASP B 1118 -47.62 0.50 71.87
CA ASP B 1118 -47.97 1.11 70.60
C ASP B 1118 -46.88 0.93 69.55
N ASN B 1119 -45.61 1.06 69.94
CA ASN B 1119 -44.50 0.98 68.99
C ASN B 1119 -43.76 -0.35 69.06
N THR B 1120 -44.35 -1.37 69.69
CA THR B 1120 -43.76 -2.70 69.76
C THR B 1120 -44.83 -3.73 69.44
N PHE B 1121 -44.38 -4.90 68.97
CA PHE B 1121 -45.28 -6.01 68.70
C PHE B 1121 -44.73 -7.28 69.34
N VAL B 1122 -45.64 -8.20 69.65
CA VAL B 1122 -45.33 -9.42 70.39
C VAL B 1122 -45.34 -10.61 69.44
N SER B 1123 -44.33 -11.47 69.57
CA SER B 1123 -44.24 -12.67 68.73
C SER B 1123 -43.59 -13.77 69.55
N GLY B 1124 -44.43 -14.62 70.17
CA GLY B 1124 -43.94 -15.78 70.88
C GLY B 1124 -43.36 -15.46 72.25
N ASN B 1125 -42.87 -16.49 72.91
CA ASN B 1125 -42.25 -16.36 74.22
C ASN B 1125 -40.80 -15.90 74.06
N CYS B 1126 -40.18 -15.57 75.21
CA CYS B 1126 -38.84 -15.02 75.23
C CYS B 1126 -37.78 -16.05 75.60
N ASP B 1127 -38.07 -17.34 75.42
CA ASP B 1127 -37.12 -18.39 75.72
C ASP B 1127 -36.30 -18.84 74.52
N VAL B 1128 -36.53 -18.25 73.34
CA VAL B 1128 -35.83 -18.65 72.14
C VAL B 1128 -34.83 -17.59 71.66
N VAL B 1129 -35.13 -16.31 71.84
CA VAL B 1129 -34.26 -15.26 71.33
C VAL B 1129 -33.00 -15.18 72.18
N ILE B 1130 -31.85 -15.15 71.52
CA ILE B 1130 -30.55 -15.11 72.19
C ILE B 1130 -30.20 -13.67 72.51
N GLY B 1131 -29.88 -13.40 73.77
CA GLY B 1131 -29.49 -12.07 74.19
C GLY B 1131 -30.61 -11.17 74.63
N ILE B 1132 -31.79 -11.72 74.94
CA ILE B 1132 -32.91 -10.91 75.36
C ILE B 1132 -32.67 -10.36 76.77
N VAL B 1133 -33.29 -9.23 77.07
CA VAL B 1133 -33.19 -8.62 78.40
C VAL B 1133 -34.54 -8.69 79.08
N ASN B 1134 -34.61 -8.22 80.32
CA ASN B 1134 -35.75 -8.49 81.19
C ASN B 1134 -36.40 -7.19 81.67
N ASN B 1135 -36.54 -6.23 80.76
CA ASN B 1135 -37.15 -4.95 81.12
C ASN B 1135 -38.67 -5.01 80.96
N THR B 1136 -39.34 -4.00 81.49
CA THR B 1136 -40.79 -3.89 81.42
C THR B 1136 -41.21 -2.93 80.31
N VAL B 1137 -42.49 -2.97 79.98
CA VAL B 1137 -43.08 -2.12 78.95
C VAL B 1137 -44.18 -1.28 79.58
N TYR B 1138 -44.67 -0.31 78.82
CA TYR B 1138 -45.68 0.63 79.27
C TYR B 1138 -46.93 0.51 78.41
N ASP B 1139 -48.08 0.72 79.04
CA ASP B 1139 -49.36 0.70 78.36
C ASP B 1139 -50.24 1.82 78.90
N PRO B 1140 -50.52 2.86 78.11
CA PRO B 1140 -51.34 3.98 78.61
C PRO B 1140 -52.79 3.61 78.89
N LEU B 1141 -53.25 2.47 78.40
CA LEU B 1141 -54.63 2.06 78.65
C LEU B 1141 -54.89 1.81 80.12
N GLN B 1142 -53.89 1.32 80.86
CA GLN B 1142 -54.09 1.12 82.29
C GLN B 1142 -54.25 2.44 83.05
N PRO B 1143 -53.42 3.47 82.85
CA PRO B 1143 -53.75 4.77 83.45
C PRO B 1143 -55.06 5.36 82.94
N GLU B 1144 -55.41 5.14 81.68
CA GLU B 1144 -56.70 5.64 81.19
C GLU B 1144 -57.86 4.98 81.92
N LEU B 1145 -57.77 3.67 82.16
CA LEU B 1145 -58.78 2.96 82.94
C LEU B 1145 -58.80 3.43 84.39
N ASP B 1146 -57.61 3.68 84.95
CA ASP B 1146 -57.54 4.15 86.34
C ASP B 1146 -58.18 5.52 86.50
N SER B 1147 -58.02 6.39 85.50
CA SER B 1147 -58.63 7.71 85.56
C SER B 1147 -60.15 7.66 85.46
N PHE B 1148 -60.71 6.56 84.97
CA PHE B 1148 -62.17 6.42 84.85
C PHE B 1148 -62.72 5.75 86.11
N LYS B 1149 -62.62 6.50 87.21
CA LYS B 1149 -63.11 6.02 88.50
C LYS B 1149 -63.81 7.14 89.26
N GLN C 20 4.19 -39.12 -26.00
CA GLN C 20 4.72 -38.88 -27.34
C GLN C 20 4.11 -39.85 -28.35
N VAL C 21 3.80 -39.34 -29.54
CA VAL C 21 3.18 -40.17 -30.57
C VAL C 21 4.25 -41.04 -31.22
N THR C 22 3.97 -42.34 -31.33
CA THR C 22 4.87 -43.30 -31.93
C THR C 22 4.06 -44.27 -32.77
N LEU C 23 4.74 -44.91 -33.72
CA LEU C 23 4.10 -45.82 -34.66
C LEU C 23 4.83 -47.15 -34.66
N LYS C 24 4.07 -48.24 -34.68
CA LYS C 24 4.61 -49.60 -34.74
C LYS C 24 4.22 -50.22 -36.07
N GLU C 25 5.22 -50.74 -36.79
CA GLU C 25 4.98 -51.47 -38.03
C GLU C 25 5.69 -52.80 -37.98
N SER C 26 5.02 -53.84 -38.45
CA SER C 26 5.58 -55.19 -38.46
C SER C 26 4.94 -55.99 -39.58
N GLY C 27 5.63 -57.05 -39.99
CA GLY C 27 5.16 -57.91 -41.05
C GLY C 27 6.16 -58.99 -41.40
N PRO C 28 5.85 -59.77 -42.44
CA PRO C 28 6.76 -60.84 -42.85
C PRO C 28 8.06 -60.29 -43.41
N THR C 29 9.11 -61.09 -43.28
CA THR C 29 10.42 -60.76 -43.80
C THR C 29 10.76 -61.50 -45.09
N ARG C 30 10.60 -62.81 -45.12
CA ARG C 30 10.81 -63.60 -46.32
C ARG C 30 9.62 -63.46 -47.25
N VAL C 31 9.90 -63.41 -48.55
CA VAL C 31 8.86 -63.27 -49.56
C VAL C 31 9.40 -63.87 -50.85
N LYS C 32 8.51 -64.37 -51.69
CA LYS C 32 8.85 -65.06 -52.91
C LYS C 32 8.15 -64.42 -54.09
N PRO C 33 8.70 -64.54 -55.31
CA PRO C 33 8.06 -63.88 -56.46
C PRO C 33 6.64 -64.34 -56.73
N THR C 34 6.28 -65.54 -56.30
CA THR C 34 4.93 -66.07 -56.46
C THR C 34 4.05 -65.84 -55.24
N GLN C 35 4.51 -65.08 -54.25
CA GLN C 35 3.76 -64.85 -53.02
C GLN C 35 3.44 -63.37 -52.86
N THR C 36 2.34 -63.10 -52.15
CA THR C 36 1.86 -61.75 -51.89
C THR C 36 1.92 -61.51 -50.38
N LEU C 37 2.51 -60.37 -49.98
CA LEU C 37 2.72 -60.07 -48.58
C LEU C 37 1.71 -59.00 -48.14
N THR C 38 1.76 -58.69 -46.84
CA THR C 38 0.93 -57.61 -46.30
C THR C 38 1.70 -56.92 -45.18
N LEU C 39 1.44 -55.63 -45.01
CA LEU C 39 2.06 -54.81 -43.98
C LEU C 39 1.00 -54.15 -43.13
N THR C 40 1.32 -53.96 -41.85
CA THR C 40 0.41 -53.33 -40.90
C THR C 40 1.18 -52.37 -40.02
N CYS C 41 0.74 -51.11 -40.01
CA CYS C 41 1.33 -50.08 -39.15
C CYS C 41 0.31 -49.71 -38.07
N THR C 42 0.68 -49.94 -36.82
CA THR C 42 -0.17 -49.62 -35.67
C THR C 42 0.37 -48.37 -35.00
N PHE C 43 -0.51 -47.40 -34.79
CA PHE C 43 -0.13 -46.10 -34.25
C PHE C 43 -0.72 -45.91 -32.86
N SER C 44 0.04 -45.23 -32.00
CA SER C 44 -0.38 -44.94 -30.64
C SER C 44 -0.07 -43.48 -30.32
N GLY C 45 -0.84 -42.92 -29.39
CA GLY C 45 -0.71 -41.54 -29.01
C GLY C 45 -1.57 -40.56 -29.78
N PHE C 46 -2.23 -41.01 -30.84
CA PHE C 46 -3.12 -40.16 -31.61
C PHE C 46 -4.15 -41.03 -32.31
N SER C 47 -5.23 -40.40 -32.75
CA SER C 47 -6.34 -41.09 -33.40
C SER C 47 -6.47 -40.64 -34.85
N LEU C 48 -6.74 -41.59 -35.74
CA LEU C 48 -6.94 -41.27 -37.15
C LEU C 48 -8.24 -40.53 -37.40
N SER C 49 -9.16 -40.52 -36.45
CA SER C 49 -10.44 -39.83 -36.63
C SER C 49 -10.31 -38.31 -36.52
N THR C 50 -9.16 -37.81 -36.09
CA THR C 50 -8.96 -36.37 -35.99
C THR C 50 -8.94 -35.74 -37.38
N THR C 51 -9.26 -34.46 -37.44
CA THR C 51 -9.32 -33.74 -38.70
C THR C 51 -7.93 -33.63 -39.32
N GLY C 52 -7.86 -33.88 -40.62
CA GLY C 52 -6.68 -33.77 -41.49
C GLY C 52 -5.60 -34.79 -41.17
N VAL C 53 -5.76 -35.63 -40.15
CA VAL C 53 -4.76 -36.63 -39.85
C VAL C 53 -4.73 -37.71 -40.92
N GLY C 54 -3.54 -38.24 -41.19
CA GLY C 54 -3.38 -39.22 -42.25
C GLY C 54 -2.16 -40.09 -41.96
N VAL C 55 -2.19 -41.31 -42.48
CA VAL C 55 -1.09 -42.25 -42.38
C VAL C 55 -0.71 -42.71 -43.77
N GLY C 56 0.59 -42.85 -44.01
CA GLY C 56 1.12 -43.17 -45.32
C GLY C 56 2.14 -44.29 -45.22
N TRP C 57 2.61 -44.74 -46.38
CA TRP C 57 3.66 -45.75 -46.47
C TRP C 57 4.74 -45.27 -47.43
N ILE C 58 5.98 -45.19 -46.94
CA ILE C 58 7.12 -44.76 -47.73
C ILE C 58 8.19 -45.83 -47.64
N ARG C 59 8.63 -46.34 -48.78
CA ARG C 59 9.67 -47.34 -48.84
C ARG C 59 11.01 -46.68 -49.16
N GLN C 60 12.07 -47.26 -48.61
CA GLN C 60 13.44 -46.77 -48.85
C GLN C 60 14.34 -47.92 -49.26
N PRO C 61 14.82 -47.94 -50.49
CA PRO C 61 15.82 -48.93 -50.89
C PRO C 61 17.12 -48.73 -50.13
N PRO C 62 17.93 -49.79 -49.98
CA PRO C 62 19.17 -49.66 -49.21
C PRO C 62 20.14 -48.63 -49.78
N GLY C 63 20.46 -48.75 -51.07
CA GLY C 63 21.41 -47.84 -51.68
C GLY C 63 20.78 -46.83 -52.62
N LYS C 64 19.49 -47.01 -52.92
CA LYS C 64 18.79 -46.12 -53.84
C LYS C 64 17.74 -45.30 -53.11
N ALA C 65 17.33 -44.20 -53.74
CA ALA C 65 16.53 -43.18 -53.08
C ALA C 65 15.13 -43.68 -52.73
N LEU C 66 14.61 -43.16 -51.63
CA LEU C 66 13.29 -43.54 -51.14
C LEU C 66 12.20 -42.90 -51.99
N GLU C 67 11.03 -43.54 -51.96
CA GLU C 67 9.89 -43.07 -52.76
C GLU C 67 8.61 -43.37 -52.00
N TRP C 68 7.56 -42.63 -52.34
CA TRP C 68 6.27 -42.73 -51.66
C TRP C 68 5.35 -43.71 -52.39
N LEU C 69 4.56 -44.46 -51.62
CA LEU C 69 3.76 -45.55 -52.16
C LEU C 69 2.26 -45.29 -52.06
N ALA C 70 1.73 -45.05 -50.86
CA ALA C 70 0.29 -44.93 -50.69
C ALA C 70 0.00 -44.11 -49.45
N LEU C 71 -1.25 -43.67 -49.32
CA LEU C 71 -1.65 -42.83 -48.20
C LEU C 71 -3.14 -43.04 -47.94
N ILE C 72 -3.53 -42.90 -46.67
CA ILE C 72 -4.92 -42.92 -46.25
C ILE C 72 -5.18 -41.72 -45.35
N TYR C 73 -6.31 -41.05 -45.57
CA TYR C 73 -6.68 -39.87 -44.82
C TYR C 73 -7.70 -40.23 -43.74
N TRP C 74 -8.18 -39.21 -43.02
CA TRP C 74 -9.16 -39.44 -41.97
C TRP C 74 -10.51 -39.86 -42.54
N ASN C 75 -10.87 -39.30 -43.71
CA ASN C 75 -12.07 -39.72 -44.40
C ASN C 75 -11.72 -40.80 -45.42
N ASP C 76 -12.73 -41.29 -46.14
CA ASP C 76 -12.55 -42.41 -47.06
C ASP C 76 -12.06 -41.89 -48.41
N ASP C 77 -10.73 -41.73 -48.50
CA ASP C 77 -10.08 -41.41 -49.76
C ASP C 77 -8.66 -41.92 -49.70
N LYS C 78 -8.20 -42.50 -50.82
CA LYS C 78 -6.90 -43.14 -50.89
C LYS C 78 -6.06 -42.52 -52.00
N ARG C 79 -4.76 -42.39 -51.75
CA ARG C 79 -3.81 -41.89 -52.73
C ARG C 79 -2.82 -42.99 -53.07
N TYR C 80 -2.47 -43.10 -54.34
CA TYR C 80 -1.56 -44.13 -54.81
C TYR C 80 -0.55 -43.54 -55.77
N SER C 81 0.62 -44.18 -55.83
CA SER C 81 1.64 -43.76 -56.76
C SER C 81 1.17 -44.00 -58.20
N PRO C 82 1.29 -43.02 -59.10
CA PRO C 82 0.79 -43.22 -60.47
C PRO C 82 1.45 -44.36 -61.22
N SER C 83 2.74 -44.60 -60.98
CA SER C 83 3.43 -45.67 -61.68
C SER C 83 3.14 -47.04 -61.09
N LEU C 84 2.65 -47.11 -59.85
CA LEU C 84 2.39 -48.38 -59.17
C LEU C 84 0.97 -48.40 -58.59
N LYS C 85 0.00 -47.81 -59.30
CA LYS C 85 -1.35 -47.74 -58.78
C LYS C 85 -2.03 -49.10 -58.80
N SER C 86 -1.68 -49.96 -59.76
CA SER C 86 -2.35 -51.26 -59.89
C SER C 86 -1.96 -52.20 -58.75
N ARG C 87 -0.70 -52.18 -58.33
CA ARG C 87 -0.19 -53.13 -57.37
C ARG C 87 -0.36 -52.70 -55.91
N LEU C 88 -0.93 -51.53 -55.66
CA LEU C 88 -1.03 -50.98 -54.32
C LEU C 88 -2.49 -50.90 -53.89
N THR C 89 -2.75 -51.30 -52.65
CA THR C 89 -4.08 -51.19 -52.05
C THR C 89 -3.91 -51.02 -50.54
N ILE C 90 -4.53 -49.99 -49.99
CA ILE C 90 -4.41 -49.66 -48.58
C ILE C 90 -5.79 -49.66 -47.94
N THR C 91 -5.90 -50.29 -46.77
CA THR C 91 -7.13 -50.36 -46.02
C THR C 91 -6.90 -49.86 -44.60
N LYS C 92 -7.89 -49.17 -44.05
CA LYS C 92 -7.79 -48.59 -42.72
C LYS C 92 -8.74 -49.30 -41.77
N ASP C 93 -8.39 -49.28 -40.48
CA ASP C 93 -9.21 -49.90 -39.45
C ASP C 93 -9.05 -49.07 -38.18
N THR C 94 -10.05 -48.23 -37.90
CA THR C 94 -10.04 -47.39 -36.72
C THR C 94 -10.55 -48.10 -35.47
N SER C 95 -10.97 -49.36 -35.60
CA SER C 95 -11.47 -50.09 -34.44
C SER C 95 -10.38 -50.30 -33.40
N LYS C 96 -9.16 -50.65 -33.85
CA LYS C 96 -8.04 -50.83 -32.95
C LYS C 96 -6.78 -50.14 -33.48
N ASN C 97 -6.98 -49.05 -34.23
CA ASN C 97 -5.92 -48.11 -34.60
C ASN C 97 -4.80 -48.78 -35.40
N GLN C 98 -5.15 -49.26 -36.59
CA GLN C 98 -4.15 -49.81 -37.50
C GLN C 98 -4.58 -49.59 -38.94
N VAL C 99 -3.59 -49.64 -39.84
CA VAL C 99 -3.81 -49.54 -41.27
C VAL C 99 -3.06 -50.69 -41.94
N VAL C 100 -3.64 -51.24 -42.99
CA VAL C 100 -3.12 -52.40 -43.68
C VAL C 100 -2.77 -52.00 -45.11
N LEU C 101 -1.54 -52.30 -45.53
CA LEU C 101 -1.09 -52.10 -46.90
C LEU C 101 -0.75 -53.45 -47.50
N THR C 102 -1.30 -53.74 -48.67
CA THR C 102 -1.04 -54.99 -49.38
C THR C 102 -0.47 -54.68 -50.75
N MET C 103 0.49 -55.51 -51.19
CA MET C 103 1.14 -55.36 -52.48
C MET C 103 1.26 -56.72 -53.14
N THR C 104 0.89 -56.80 -54.41
CA THR C 104 0.96 -58.02 -55.20
C THR C 104 2.07 -57.88 -56.24
N ASN C 105 2.20 -58.92 -57.07
CA ASN C 105 3.19 -58.97 -58.16
C ASN C 105 4.61 -58.78 -57.62
N MET C 106 5.04 -59.74 -56.82
CA MET C 106 6.38 -59.70 -56.25
C MET C 106 7.44 -59.80 -57.35
N ASP C 107 8.41 -58.89 -57.29
CA ASP C 107 9.52 -58.86 -58.21
C ASP C 107 10.76 -58.54 -57.40
N PRO C 108 11.90 -59.19 -57.65
CA PRO C 108 13.04 -59.12 -56.71
C PRO C 108 13.60 -57.72 -56.46
N VAL C 109 13.34 -56.77 -57.35
CA VAL C 109 13.87 -55.42 -57.14
C VAL C 109 13.09 -54.68 -56.05
N ASP C 110 12.05 -55.31 -55.50
CA ASP C 110 11.21 -54.64 -54.51
C ASP C 110 11.89 -54.53 -53.15
N THR C 111 12.94 -55.31 -52.91
CA THR C 111 13.55 -55.38 -51.58
C THR C 111 14.07 -54.02 -51.14
N ALA C 112 13.68 -53.62 -49.93
CA ALA C 112 13.90 -52.27 -49.43
C ALA C 112 13.53 -52.24 -47.96
N THR C 113 13.57 -51.04 -47.37
CA THR C 113 13.11 -50.81 -46.00
C THR C 113 11.85 -49.97 -46.05
N TYR C 114 10.82 -50.41 -45.35
CA TYR C 114 9.50 -49.79 -45.42
C TYR C 114 9.22 -48.97 -44.17
N TYR C 115 8.72 -47.76 -44.37
CA TYR C 115 8.34 -46.85 -43.30
C TYR C 115 6.86 -46.53 -43.39
N CYS C 116 6.24 -46.31 -42.24
CA CYS C 116 4.90 -45.71 -42.19
C CYS C 116 5.01 -44.39 -41.46
N ALA C 117 4.50 -43.33 -42.10
CA ALA C 117 4.66 -41.97 -41.59
C ALA C 117 3.30 -41.30 -41.49
N ARG C 118 3.25 -40.24 -40.69
CA ARG C 118 2.02 -39.50 -40.44
C ARG C 118 2.12 -38.11 -41.04
N ILE C 119 1.04 -37.67 -41.69
CA ILE C 119 0.92 -36.33 -42.24
C ILE C 119 -0.44 -35.78 -41.82
N SER C 120 -0.46 -34.50 -41.42
CA SER C 120 -1.67 -33.87 -40.91
C SER C 120 -1.93 -32.59 -41.69
N GLY C 121 -2.65 -32.70 -42.80
CA GLY C 121 -3.06 -31.52 -43.52
C GLY C 121 -3.37 -31.79 -44.98
N SER C 122 -3.46 -30.71 -45.74
CA SER C 122 -3.92 -30.77 -47.12
C SER C 122 -2.95 -31.52 -48.02
N GLY C 123 -1.65 -31.34 -47.84
CA GLY C 123 -0.68 -32.02 -48.67
C GLY C 123 0.27 -31.09 -49.40
N TYR C 124 -0.22 -29.93 -49.84
CA TYR C 124 0.66 -28.95 -50.46
C TYR C 124 1.63 -28.32 -49.47
N PHE C 125 1.30 -28.36 -48.18
CA PHE C 125 1.96 -27.56 -47.16
C PHE C 125 2.66 -28.38 -46.09
N TYR C 126 1.98 -29.36 -45.52
CA TYR C 126 2.46 -30.03 -44.32
C TYR C 126 3.36 -31.20 -44.70
N PRO C 127 4.58 -31.27 -44.19
CA PRO C 127 5.46 -32.41 -44.47
C PRO C 127 5.15 -33.58 -43.55
N PHE C 128 5.82 -34.70 -43.81
CA PHE C 128 5.71 -35.88 -42.95
C PHE C 128 6.46 -35.61 -41.66
N ASP C 129 5.74 -35.18 -40.62
CA ASP C 129 6.40 -34.76 -39.39
C ASP C 129 6.91 -35.95 -38.58
N ILE C 130 6.13 -37.02 -38.51
CA ILE C 130 6.46 -38.18 -37.68
C ILE C 130 6.64 -39.38 -38.59
N TRP C 131 7.76 -40.08 -38.42
CA TRP C 131 8.08 -41.27 -39.19
C TRP C 131 8.14 -42.48 -38.26
N GLY C 132 8.02 -43.66 -38.84
CA GLY C 132 8.03 -44.90 -38.10
C GLY C 132 9.41 -45.50 -37.99
N GLN C 133 9.44 -46.81 -37.72
CA GLN C 133 10.67 -47.55 -37.53
C GLN C 133 10.96 -48.42 -38.75
N GLY C 134 12.23 -48.65 -39.03
CA GLY C 134 12.63 -49.42 -40.18
C GLY C 134 12.19 -50.87 -40.16
N THR C 135 11.50 -51.30 -41.22
CA THR C 135 11.10 -52.69 -41.41
C THR C 135 11.68 -53.16 -42.73
N THR C 136 12.47 -54.22 -42.69
CA THR C 136 13.20 -54.70 -43.86
C THR C 136 12.51 -55.91 -44.47
N VAL C 137 12.20 -55.82 -45.76
CA VAL C 137 11.61 -56.91 -46.53
C VAL C 137 12.59 -57.30 -47.62
N THR C 138 12.98 -58.58 -47.64
CA THR C 138 13.94 -59.09 -48.60
C THR C 138 13.31 -60.23 -49.41
N VAL C 139 13.66 -60.29 -50.69
CA VAL C 139 13.11 -61.31 -51.57
C VAL C 139 13.92 -62.59 -51.45
N SER C 140 13.33 -63.69 -51.91
CA SER C 140 13.99 -64.99 -51.90
C SER C 140 13.41 -65.83 -53.03
N SER C 141 14.18 -66.84 -53.44
CA SER C 141 13.75 -67.73 -54.52
C SER C 141 13.94 -69.18 -54.13
N PHE C 158 7.55 -34.84 -64.12
CA PHE C 158 7.95 -33.98 -63.02
C PHE C 158 8.90 -34.72 -62.08
N MET C 159 10.19 -34.62 -62.37
CA MET C 159 11.23 -35.22 -61.55
C MET C 159 11.94 -34.15 -60.71
N LEU C 160 12.71 -34.61 -59.74
CA LEU C 160 13.55 -33.74 -58.91
C LEU C 160 14.99 -34.18 -59.05
N THR C 161 15.89 -33.20 -59.24
CA THR C 161 17.31 -33.46 -59.38
C THR C 161 18.07 -32.84 -58.22
N GLN C 162 19.05 -33.59 -57.71
CA GLN C 162 19.79 -33.20 -56.52
C GLN C 162 21.21 -33.73 -56.65
N PRO C 163 22.23 -32.94 -56.29
CA PRO C 163 23.61 -33.43 -56.38
C PRO C 163 23.84 -34.64 -55.47
N HIS C 164 24.72 -35.53 -55.93
CA HIS C 164 24.91 -36.81 -55.23
C HIS C 164 25.57 -36.61 -53.87
N SER C 165 26.66 -35.86 -53.82
CA SER C 165 27.37 -35.68 -52.57
C SER C 165 28.20 -34.40 -52.62
N VAL C 166 28.37 -33.78 -51.46
CA VAL C 166 29.22 -32.60 -51.30
C VAL C 166 30.11 -32.81 -50.09
N SER C 167 31.36 -32.34 -50.19
CA SER C 167 32.32 -32.43 -49.11
C SER C 167 32.69 -31.02 -48.67
N GLU C 168 32.60 -30.78 -47.35
CA GLU C 168 32.89 -29.46 -46.81
C GLU C 168 33.68 -29.59 -45.52
N SER C 169 34.69 -28.73 -45.37
CA SER C 169 35.44 -28.67 -44.13
C SER C 169 34.59 -28.04 -43.03
N PRO C 170 34.86 -28.38 -41.77
CA PRO C 170 34.07 -27.80 -40.68
C PRO C 170 34.33 -26.30 -40.52
N GLY C 171 33.35 -25.63 -39.91
CA GLY C 171 33.44 -24.20 -39.68
C GLY C 171 32.75 -23.35 -40.74
N LYS C 172 33.25 -23.41 -41.97
CA LYS C 172 32.68 -22.59 -43.04
C LYS C 172 31.34 -23.16 -43.50
N THR C 173 30.50 -22.29 -44.03
CA THR C 173 29.14 -22.67 -44.42
C THR C 173 29.14 -23.51 -45.69
N VAL C 174 28.01 -24.16 -45.95
CA VAL C 174 27.83 -24.99 -47.13
C VAL C 174 26.36 -24.98 -47.52
N THR C 175 26.10 -25.12 -48.82
CA THR C 175 24.74 -25.13 -49.36
C THR C 175 24.55 -26.35 -50.25
N ILE C 176 23.31 -26.84 -50.28
CA ILE C 176 22.93 -27.98 -51.12
C ILE C 176 21.74 -27.55 -51.98
N SER C 177 21.84 -27.80 -53.29
CA SER C 177 20.82 -27.38 -54.23
C SER C 177 19.81 -28.48 -54.49
N CYS C 178 18.64 -28.09 -55.00
CA CYS C 178 17.58 -29.03 -55.34
C CYS C 178 16.73 -28.36 -56.43
N THR C 179 16.96 -28.75 -57.68
CA THR C 179 16.32 -28.11 -58.82
C THR C 179 15.15 -28.94 -59.33
N ARG C 180 14.28 -28.29 -60.10
CA ARG C 180 13.05 -28.87 -60.60
C ARG C 180 13.14 -29.00 -62.12
N SER C 181 12.86 -30.20 -62.63
CA SER C 181 13.02 -30.46 -64.06
C SER C 181 11.94 -29.73 -64.88
N SER C 182 10.68 -29.86 -64.48
CA SER C 182 9.56 -29.31 -65.23
C SER C 182 8.73 -28.40 -64.33
N GLY C 183 8.33 -27.25 -64.87
CA GLY C 183 7.60 -26.27 -64.09
C GLY C 183 8.53 -25.33 -63.36
N SER C 184 7.97 -24.68 -62.34
CA SER C 184 8.71 -23.73 -61.52
C SER C 184 8.80 -24.25 -60.10
N ILE C 185 9.98 -24.10 -59.49
CA ILE C 185 10.17 -24.51 -58.10
C ILE C 185 9.38 -23.61 -57.16
N ALA C 186 9.00 -22.41 -57.59
CA ALA C 186 8.19 -21.50 -56.79
C ALA C 186 6.70 -21.79 -56.91
N SER C 187 6.30 -22.80 -57.69
CA SER C 187 4.89 -23.12 -57.81
C SER C 187 4.37 -23.85 -56.57
N ASN C 188 5.22 -24.60 -55.88
CA ASN C 188 4.82 -25.36 -54.70
C ASN C 188 5.91 -25.28 -53.65
N TYR C 189 5.54 -25.56 -52.41
CA TYR C 189 6.47 -25.52 -51.30
C TYR C 189 7.46 -26.69 -51.38
N VAL C 190 8.63 -26.49 -50.78
CA VAL C 190 9.69 -27.49 -50.76
C VAL C 190 10.06 -27.76 -49.31
N GLN C 191 10.16 -29.03 -48.94
CA GLN C 191 10.52 -29.44 -47.59
C GLN C 191 11.80 -30.27 -47.63
N TRP C 192 12.59 -30.15 -46.57
CA TRP C 192 13.88 -30.80 -46.47
C TRP C 192 13.90 -31.78 -45.30
N TYR C 193 14.65 -32.86 -45.46
CA TYR C 193 14.78 -33.89 -44.44
C TYR C 193 16.26 -34.20 -44.23
N GLN C 194 16.55 -34.78 -43.06
CA GLN C 194 17.86 -35.35 -42.79
C GLN C 194 17.67 -36.75 -42.21
N GLN C 195 18.52 -37.68 -42.62
CA GLN C 195 18.39 -39.08 -42.21
C GLN C 195 19.76 -39.60 -41.78
N ARG C 196 20.01 -39.56 -40.47
CA ARG C 196 21.20 -40.19 -39.93
C ARG C 196 21.09 -41.71 -40.08
N PRO C 197 22.23 -42.39 -40.27
CA PRO C 197 22.16 -43.85 -40.49
C PRO C 197 21.54 -44.57 -39.29
N GLY C 198 20.74 -45.59 -39.60
CA GLY C 198 20.05 -46.33 -38.56
C GLY C 198 18.90 -45.59 -37.92
N SER C 199 18.34 -44.58 -38.59
CA SER C 199 17.25 -43.81 -38.03
C SER C 199 16.34 -43.31 -39.14
N SER C 200 15.11 -42.97 -38.77
CA SER C 200 14.15 -42.43 -39.72
C SER C 200 14.46 -40.97 -40.03
N PRO C 201 14.10 -40.49 -41.23
CA PRO C 201 14.34 -39.10 -41.57
C PRO C 201 13.54 -38.14 -40.70
N THR C 202 14.11 -36.96 -40.47
CA THR C 202 13.50 -35.93 -39.64
C THR C 202 13.49 -34.60 -40.37
N THR C 203 12.38 -33.87 -40.27
CA THR C 203 12.24 -32.60 -40.96
C THR C 203 13.18 -31.56 -40.37
N VAL C 204 13.83 -30.80 -41.25
CA VAL C 204 14.66 -29.67 -40.83
C VAL C 204 14.17 -28.33 -41.39
N ILE C 205 13.48 -28.31 -42.53
CA ILE C 205 12.98 -27.08 -43.14
C ILE C 205 11.63 -27.39 -43.77
N TYR C 206 10.61 -26.59 -43.43
CA TYR C 206 9.30 -26.72 -44.04
C TYR C 206 8.77 -25.34 -44.41
N GLU C 207 7.97 -25.31 -45.47
CA GLU C 207 7.38 -24.09 -46.04
C GLU C 207 8.43 -23.08 -46.49
N ASP C 208 9.65 -23.56 -46.76
CA ASP C 208 10.72 -22.83 -47.43
C ASP C 208 11.35 -21.73 -46.58
N ASN C 209 10.72 -21.39 -45.46
CA ASN C 209 11.28 -20.40 -44.54
C ASN C 209 11.18 -20.79 -43.08
N GLN C 210 10.24 -21.66 -42.69
CA GLN C 210 10.00 -21.95 -41.29
C GLN C 210 11.06 -22.91 -40.75
N ARG C 211 11.09 -23.03 -39.43
CA ARG C 211 11.99 -23.95 -38.74
C ARG C 211 11.19 -24.73 -37.72
N PRO C 212 11.18 -26.07 -37.79
CA PRO C 212 10.53 -26.85 -36.75
C PRO C 212 11.27 -26.71 -35.42
N SER C 213 10.52 -26.89 -34.33
CA SER C 213 11.10 -26.72 -33.01
C SER C 213 12.13 -27.80 -32.72
N GLY C 214 13.26 -27.38 -32.16
CA GLY C 214 14.31 -28.28 -31.73
C GLY C 214 15.50 -28.38 -32.65
N VAL C 215 15.39 -27.91 -33.89
CA VAL C 215 16.49 -27.97 -34.84
C VAL C 215 17.47 -26.84 -34.54
N PRO C 216 18.75 -27.00 -34.87
CA PRO C 216 19.70 -25.90 -34.66
C PRO C 216 19.40 -24.71 -35.56
N ASP C 217 19.82 -23.53 -35.09
CA ASP C 217 19.52 -22.29 -35.81
C ASP C 217 20.33 -22.17 -37.09
N ARG C 218 21.42 -22.93 -37.23
CA ARG C 218 22.29 -22.81 -38.39
C ARG C 218 21.64 -23.28 -39.68
N PHE C 219 20.52 -24.00 -39.61
CA PHE C 219 19.84 -24.47 -40.81
C PHE C 219 18.94 -23.37 -41.36
N SER C 220 18.97 -23.20 -42.69
CA SER C 220 18.17 -22.19 -43.36
C SER C 220 17.93 -22.62 -44.80
N GLY C 221 16.94 -21.99 -45.43
CA GLY C 221 16.57 -22.33 -46.79
C GLY C 221 16.17 -21.09 -47.57
N SER C 222 16.22 -21.23 -48.90
CA SER C 222 15.89 -20.14 -49.80
C SER C 222 15.51 -20.74 -51.16
N ILE C 223 14.93 -19.89 -52.01
CA ILE C 223 14.50 -20.28 -53.34
C ILE C 223 15.14 -19.35 -54.36
N ASP C 224 15.73 -19.94 -55.40
CA ASP C 224 16.24 -19.19 -56.55
C ASP C 224 15.22 -19.32 -57.67
N SER C 225 14.37 -18.30 -57.81
CA SER C 225 13.30 -18.36 -58.79
C SER C 225 13.81 -18.27 -60.23
N SER C 226 14.94 -17.59 -60.45
CA SER C 226 15.47 -17.45 -61.80
C SER C 226 16.02 -18.77 -62.33
N SER C 227 16.82 -19.47 -61.53
CA SER C 227 17.43 -20.71 -61.96
C SER C 227 16.56 -21.94 -61.73
N ASN C 228 15.36 -21.75 -61.16
CA ASN C 228 14.41 -22.84 -60.90
C ASN C 228 15.04 -23.90 -59.99
N SER C 229 15.44 -23.47 -58.79
CA SER C 229 16.07 -24.36 -57.84
C SER C 229 15.90 -23.81 -56.44
N ALA C 230 15.88 -24.72 -55.47
CA ALA C 230 15.81 -24.37 -54.05
C ALA C 230 17.08 -24.87 -53.36
N SER C 231 17.58 -24.09 -52.40
CA SER C 231 18.85 -24.37 -51.75
C SER C 231 18.68 -24.44 -50.24
N LEU C 232 19.34 -25.41 -49.63
CA LEU C 232 19.39 -25.55 -48.18
C LEU C 232 20.75 -25.08 -47.70
N THR C 233 20.76 -24.12 -46.77
CA THR C 233 21.99 -23.48 -46.32
C THR C 233 22.23 -23.79 -44.85
N ILE C 234 23.43 -24.29 -44.54
CA ILE C 234 23.87 -24.51 -43.17
C ILE C 234 24.89 -23.44 -42.84
N SER C 235 24.54 -22.54 -41.92
CA SER C 235 25.39 -21.40 -41.58
C SER C 235 26.32 -21.79 -40.43
N GLY C 236 27.45 -22.39 -40.80
CA GLY C 236 28.46 -22.76 -39.82
C GLY C 236 28.42 -24.22 -39.42
N LEU C 237 29.48 -24.96 -39.72
CA LEU C 237 29.59 -26.36 -39.34
C LEU C 237 30.27 -26.46 -37.97
N LYS C 238 29.54 -26.02 -36.95
CA LYS C 238 30.02 -26.02 -35.58
C LYS C 238 29.53 -27.23 -34.79
N ALA C 239 28.87 -28.17 -35.45
CA ALA C 239 28.34 -29.36 -34.80
C ALA C 239 28.57 -30.56 -35.71
N GLU C 240 27.90 -31.66 -35.39
CA GLU C 240 28.02 -32.91 -36.15
C GLU C 240 26.79 -33.10 -37.01
N ASP C 241 26.99 -33.44 -38.29
CA ASP C 241 25.89 -33.68 -39.20
C ASP C 241 26.28 -34.76 -40.22
N GLU C 242 25.99 -36.01 -39.88
CA GLU C 242 26.24 -37.16 -40.74
C GLU C 242 24.88 -37.75 -41.11
N ALA C 243 24.32 -37.25 -42.21
CA ALA C 243 22.98 -37.65 -42.63
C ALA C 243 22.83 -37.40 -44.12
N ASP C 244 21.79 -37.99 -44.70
CA ASP C 244 21.44 -37.79 -46.09
C ASP C 244 20.28 -36.81 -46.17
N TYR C 245 20.40 -35.81 -47.04
CA TYR C 245 19.43 -34.72 -47.14
C TYR C 245 18.59 -34.90 -48.39
N TYR C 246 17.28 -34.80 -48.25
CA TYR C 246 16.34 -35.00 -49.34
C TYR C 246 15.40 -33.80 -49.42
N CYS C 247 14.85 -33.58 -50.62
CA CYS C 247 13.87 -32.53 -50.85
C CYS C 247 12.64 -33.12 -51.50
N GLN C 248 11.48 -32.51 -51.23
CA GLN C 248 10.22 -32.98 -51.80
C GLN C 248 9.36 -31.79 -52.20
N SER C 249 8.29 -32.09 -52.92
CA SER C 249 7.26 -31.12 -53.25
C SER C 249 6.00 -31.89 -53.62
N TYR C 250 4.87 -31.18 -53.64
CA TYR C 250 3.58 -31.79 -53.87
C TYR C 250 2.87 -31.13 -55.05
N ASP C 251 2.15 -31.95 -55.82
CA ASP C 251 1.36 -31.49 -56.95
C ASP C 251 0.22 -32.46 -57.15
N SER C 252 -0.93 -31.96 -57.59
CA SER C 252 -2.09 -32.83 -57.73
C SER C 252 -1.87 -33.91 -58.77
N SER C 253 -1.14 -33.59 -59.83
CA SER C 253 -0.90 -34.57 -60.89
C SER C 253 0.15 -35.60 -60.49
N SER C 254 1.16 -35.17 -59.72
CA SER C 254 2.31 -36.03 -59.45
C SER C 254 2.38 -36.53 -58.01
N LEU C 255 1.63 -35.92 -57.09
CA LEU C 255 1.61 -36.31 -55.69
C LEU C 255 3.00 -36.18 -55.06
N TRP C 256 3.23 -36.85 -53.93
CA TRP C 256 4.48 -36.70 -53.20
C TRP C 256 5.62 -37.32 -54.00
N VAL C 257 6.70 -36.55 -54.17
CA VAL C 257 7.87 -36.97 -54.93
C VAL C 257 9.12 -36.56 -54.17
N PHE C 258 10.10 -37.45 -54.09
CA PHE C 258 11.33 -37.23 -53.35
C PHE C 258 12.51 -37.10 -54.30
N GLY C 259 13.52 -36.36 -53.85
CA GLY C 259 14.71 -36.14 -54.65
C GLY C 259 15.69 -37.30 -54.56
N GLY C 260 16.84 -37.12 -55.21
CA GLY C 260 17.86 -38.15 -55.24
C GLY C 260 18.67 -38.26 -53.96
N GLY C 261 18.75 -37.20 -53.18
CA GLY C 261 19.50 -37.25 -51.94
C GLY C 261 20.92 -36.74 -52.08
N THR C 262 21.44 -36.22 -50.97
CA THR C 262 22.79 -35.67 -50.92
C THR C 262 23.51 -36.25 -49.71
N LYS C 263 24.71 -36.79 -49.94
CA LYS C 263 25.55 -37.33 -48.88
C LYS C 263 26.54 -36.27 -48.44
N LEU C 264 26.47 -35.90 -47.15
CA LEU C 264 27.32 -34.86 -46.60
C LEU C 264 28.28 -35.48 -45.58
N THR C 265 29.56 -35.14 -45.70
CA THR C 265 30.58 -35.63 -44.79
C THR C 265 31.49 -34.48 -44.37
N VAL C 266 32.14 -34.64 -43.24
CA VAL C 266 33.03 -33.64 -42.67
C VAL C 266 34.46 -34.03 -42.98
N LEU C 267 35.22 -33.12 -43.59
CA LEU C 267 36.60 -33.38 -43.93
C LEU C 267 37.51 -33.25 -42.71
N PRO D 26 -37.01 27.58 -38.11
CA PRO D 26 -37.46 28.17 -36.85
C PRO D 26 -38.58 27.36 -36.20
N ALA D 27 -39.39 28.03 -35.38
CA ALA D 27 -40.51 27.42 -34.68
C ALA D 27 -40.06 26.24 -33.81
N TYR D 28 -39.23 26.56 -32.82
CA TYR D 28 -38.72 25.54 -31.91
C TYR D 28 -39.85 24.93 -31.08
N THR D 29 -39.69 23.65 -30.76
CA THR D 29 -40.72 22.87 -30.09
C THR D 29 -40.11 22.18 -28.87
N ASN D 30 -40.87 22.12 -27.79
CA ASN D 30 -40.41 21.42 -26.59
C ASN D 30 -40.45 19.91 -26.79
N SER D 31 -39.42 19.23 -26.31
CA SER D 31 -39.32 17.77 -26.33
C SER D 31 -39.28 17.31 -24.88
N PHE D 32 -40.45 16.98 -24.33
CA PHE D 32 -40.60 16.75 -22.90
C PHE D 32 -39.80 15.56 -22.40
N THR D 33 -40.16 14.34 -22.82
CA THR D 33 -39.50 13.14 -22.34
C THR D 33 -39.22 12.16 -23.48
N ARG D 34 -38.88 12.67 -24.66
CA ARG D 34 -38.63 11.83 -25.82
C ARG D 34 -37.14 11.70 -26.06
N GLY D 35 -36.76 10.60 -26.72
CA GLY D 35 -35.38 10.40 -27.12
C GLY D 35 -34.56 9.57 -26.15
N VAL D 36 -35.15 8.50 -25.63
CA VAL D 36 -34.46 7.57 -24.74
C VAL D 36 -34.56 6.17 -25.32
N TYR D 37 -33.46 5.43 -25.28
CA TYR D 37 -33.35 4.13 -25.93
C TYR D 37 -32.71 3.14 -24.97
N TYR D 38 -32.56 1.90 -25.44
CA TYR D 38 -31.87 0.88 -24.68
C TYR D 38 -30.37 0.97 -24.94
N PRO D 39 -29.56 1.28 -23.94
CA PRO D 39 -28.13 1.50 -24.19
C PRO D 39 -27.35 0.20 -24.40
N ASP D 40 -27.83 -0.90 -23.82
CA ASP D 40 -27.12 -2.17 -23.90
C ASP D 40 -28.12 -3.30 -24.11
N LYS D 41 -27.61 -4.41 -24.65
CA LYS D 41 -28.43 -5.60 -24.88
C LYS D 41 -28.39 -6.52 -23.66
N VAL D 42 -28.83 -5.97 -22.53
CA VAL D 42 -28.77 -6.63 -21.23
C VAL D 42 -30.17 -6.64 -20.64
N PHE D 43 -30.60 -7.80 -20.15
CA PHE D 43 -31.90 -7.94 -19.50
C PHE D 43 -31.78 -7.55 -18.03
N ARG D 44 -32.63 -6.63 -17.59
CA ARG D 44 -32.70 -6.23 -16.19
C ARG D 44 -34.16 -6.12 -15.79
N SER D 45 -34.49 -6.65 -14.61
CA SER D 45 -35.87 -6.69 -14.14
C SER D 45 -35.97 -6.14 -12.73
N SER D 46 -36.90 -5.20 -12.53
CA SER D 46 -37.21 -4.65 -11.21
C SER D 46 -35.97 -4.09 -10.51
N VAL D 47 -35.14 -3.37 -11.27
CA VAL D 47 -33.93 -2.76 -10.74
C VAL D 47 -33.76 -1.39 -11.37
N LEU D 48 -33.25 -0.44 -10.58
CA LEU D 48 -32.96 0.90 -11.04
C LEU D 48 -31.48 0.98 -11.41
N HIS D 49 -31.21 1.36 -12.66
CA HIS D 49 -29.85 1.41 -13.18
C HIS D 49 -29.54 2.80 -13.72
N SER D 50 -28.34 3.28 -13.43
CA SER D 50 -27.88 4.57 -13.91
C SER D 50 -26.83 4.37 -15.00
N THR D 51 -27.01 5.07 -16.11
CA THR D 51 -26.13 4.93 -17.26
C THR D 51 -25.58 6.30 -17.66
N GLN D 52 -24.36 6.29 -18.20
CA GLN D 52 -23.72 7.49 -18.72
C GLN D 52 -23.50 7.27 -20.21
N ASP D 53 -24.36 7.88 -21.04
CA ASP D 53 -24.31 7.69 -22.48
C ASP D 53 -24.89 8.93 -23.15
N LEU D 54 -24.91 8.91 -24.48
CA LEU D 54 -25.40 10.04 -25.26
C LEU D 54 -26.93 10.00 -25.26
N PHE D 55 -27.55 10.92 -24.53
CA PHE D 55 -29.00 10.97 -24.40
C PHE D 55 -29.50 12.36 -24.77
N LEU D 56 -30.71 12.42 -25.31
CA LEU D 56 -31.34 13.69 -25.60
C LEU D 56 -31.80 14.33 -24.29
N PRO D 57 -31.44 15.58 -24.02
CA PRO D 57 -31.84 16.21 -22.76
C PRO D 57 -33.35 16.38 -22.64
N PHE D 58 -33.84 16.29 -21.41
CA PHE D 58 -35.26 16.47 -21.15
C PHE D 58 -35.64 17.94 -21.30
N PHE D 59 -36.84 18.17 -21.84
CA PHE D 59 -37.38 19.51 -22.05
C PHE D 59 -36.45 20.38 -22.89
N SER D 60 -35.87 19.79 -23.93
CA SER D 60 -34.94 20.48 -24.81
C SER D 60 -35.62 20.90 -26.10
N ASN D 61 -35.19 22.04 -26.63
CA ASN D 61 -35.72 22.54 -27.89
C ASN D 61 -35.32 21.63 -29.05
N VAL D 62 -36.26 21.40 -29.96
CA VAL D 62 -36.01 20.68 -31.21
C VAL D 62 -36.55 21.52 -32.35
N THR D 63 -35.76 21.64 -33.41
CA THR D 63 -36.17 22.42 -34.57
C THR D 63 -37.29 21.71 -35.31
N TRP D 64 -38.28 22.48 -35.77
CA TRP D 64 -39.46 21.95 -36.43
C TRP D 64 -39.58 22.56 -37.81
N PHE D 65 -39.60 21.71 -38.84
CA PHE D 65 -39.61 22.10 -40.23
C PHE D 65 -40.96 21.82 -40.85
N HIS D 66 -41.08 22.13 -42.15
CA HIS D 66 -42.28 21.85 -42.91
C HIS D 66 -41.96 21.13 -44.21
N PHE D 79 -41.46 20.61 -49.15
CA PHE D 79 -41.41 22.06 -49.02
C PHE D 79 -39.96 22.53 -48.85
N ASP D 80 -39.22 21.88 -47.96
CA ASP D 80 -37.83 22.23 -47.72
C ASP D 80 -37.09 21.01 -47.19
N ASN D 81 -35.77 21.02 -47.39
CA ASN D 81 -34.91 19.96 -46.90
C ASN D 81 -33.47 20.46 -46.77
N PRO D 82 -33.19 21.38 -45.85
CA PRO D 82 -31.83 21.90 -45.72
C PRO D 82 -30.89 20.88 -45.12
N VAL D 83 -29.61 21.04 -45.43
CA VAL D 83 -28.57 20.20 -44.85
C VAL D 83 -28.31 20.64 -43.43
N LEU D 84 -28.09 19.68 -42.54
CA LEU D 84 -27.93 19.96 -41.12
C LEU D 84 -26.69 19.27 -40.59
N PRO D 85 -25.99 19.87 -39.63
CA PRO D 85 -24.84 19.20 -39.02
C PRO D 85 -25.28 18.00 -38.20
N PHE D 86 -24.37 17.01 -38.13
CA PHE D 86 -24.68 15.79 -37.41
C PHE D 86 -24.55 15.98 -35.90
N ASN D 87 -23.40 16.50 -35.44
CA ASN D 87 -23.11 16.71 -34.03
C ASN D 87 -23.28 15.43 -33.22
N ASP D 88 -22.53 14.40 -33.64
CA ASP D 88 -22.36 13.11 -32.99
C ASP D 88 -23.64 12.48 -32.44
N GLY D 89 -24.76 12.72 -33.12
CA GLY D 89 -26.03 12.16 -32.69
C GLY D 89 -27.22 13.00 -33.12
N VAL D 90 -28.27 12.34 -33.62
CA VAL D 90 -29.44 13.03 -34.13
C VAL D 90 -30.69 12.28 -33.68
N TYR D 91 -31.66 13.01 -33.15
CA TYR D 91 -32.98 12.47 -32.84
C TYR D 91 -33.97 12.98 -33.88
N PHE D 92 -34.51 12.05 -34.68
CA PHE D 92 -35.38 12.38 -35.79
C PHE D 92 -36.78 11.84 -35.53
N ALA D 93 -37.79 12.71 -35.66
CA ALA D 93 -39.17 12.33 -35.45
C ALA D 93 -40.03 12.87 -36.58
N SER D 94 -40.99 12.08 -37.03
CA SER D 94 -41.88 12.44 -38.13
C SER D 94 -43.33 12.29 -37.68
N THR D 95 -44.15 13.28 -38.00
CA THR D 95 -45.53 13.32 -37.54
C THR D 95 -46.38 12.30 -38.29
N GLU D 96 -47.61 12.13 -37.81
CA GLU D 96 -48.52 11.13 -38.36
C GLU D 96 -49.20 11.66 -39.62
N LYS D 97 -49.85 10.73 -40.34
CA LYS D 97 -50.48 11.00 -41.64
C LYS D 97 -49.47 11.60 -42.62
N SER D 98 -48.24 11.10 -42.58
CA SER D 98 -47.15 11.62 -43.40
C SER D 98 -46.43 10.46 -44.06
N ASN D 99 -46.68 10.28 -45.37
CA ASN D 99 -45.99 9.27 -46.17
C ASN D 99 -44.97 9.90 -47.11
N ILE D 100 -44.60 11.16 -46.86
CA ILE D 100 -43.70 11.87 -47.76
C ILE D 100 -42.25 11.49 -47.50
N ILE D 101 -41.85 11.40 -46.24
CA ILE D 101 -40.47 11.09 -45.89
C ILE D 101 -40.15 9.66 -46.31
N ARG D 102 -39.09 9.49 -47.08
CA ARG D 102 -38.66 8.17 -47.55
C ARG D 102 -37.35 7.71 -46.94
N GLY D 103 -36.39 8.60 -46.77
CA GLY D 103 -35.11 8.19 -46.22
C GLY D 103 -34.23 9.38 -45.97
N TRP D 104 -32.98 9.09 -45.64
CA TRP D 104 -32.01 10.12 -45.29
C TRP D 104 -30.70 9.86 -46.03
N ILE D 105 -29.93 10.94 -46.19
CA ILE D 105 -28.63 10.90 -46.85
C ILE D 105 -27.59 11.33 -45.83
N PHE D 106 -26.59 10.49 -45.60
CA PHE D 106 -25.53 10.77 -44.65
C PHE D 106 -24.19 10.84 -45.36
N GLY D 107 -23.37 11.81 -44.97
CA GLY D 107 -22.07 11.95 -45.58
C GLY D 107 -21.31 13.11 -44.97
N THR D 108 -20.08 13.30 -45.44
CA THR D 108 -19.25 14.38 -44.95
C THR D 108 -19.41 15.64 -45.80
N THR D 109 -19.26 15.52 -47.11
CA THR D 109 -19.42 16.65 -48.02
C THR D 109 -20.45 16.41 -49.11
N LEU D 110 -21.01 15.20 -49.21
CA LEU D 110 -22.03 14.86 -50.21
C LEU D 110 -21.55 15.14 -51.63
N ASP D 111 -20.29 14.81 -51.90
CA ASP D 111 -19.69 15.05 -53.20
C ASP D 111 -18.93 13.79 -53.62
N SER D 112 -18.23 13.88 -54.75
CA SER D 112 -17.50 12.73 -55.28
C SER D 112 -16.14 12.53 -54.61
N LYS D 113 -15.74 13.43 -53.71
CA LYS D 113 -14.45 13.28 -53.05
C LYS D 113 -14.48 12.18 -52.00
N THR D 114 -15.58 12.08 -51.25
CA THR D 114 -15.69 11.12 -50.15
C THR D 114 -16.99 10.33 -50.28
N GLN D 115 -16.97 9.12 -49.75
CA GLN D 115 -18.14 8.26 -49.80
C GLN D 115 -19.23 8.78 -48.86
N SER D 116 -20.47 8.45 -49.19
CA SER D 116 -21.62 8.89 -48.43
C SER D 116 -22.59 7.72 -48.27
N LEU D 117 -23.34 7.73 -47.17
CA LEU D 117 -24.30 6.69 -46.85
C LEU D 117 -25.68 7.10 -47.34
N LEU D 118 -26.35 6.19 -48.05
CA LEU D 118 -27.66 6.45 -48.60
C LEU D 118 -28.66 5.43 -48.08
N ILE D 119 -29.77 5.90 -47.55
CA ILE D 119 -30.86 5.05 -47.07
C ILE D 119 -32.14 5.53 -47.74
N VAL D 120 -32.77 4.67 -48.53
CA VAL D 120 -34.00 5.00 -49.23
C VAL D 120 -34.98 3.86 -49.04
N ASN D 121 -36.19 4.19 -48.58
CA ASN D 121 -37.27 3.22 -48.41
C ASN D 121 -38.24 3.37 -49.59
N ASN D 122 -38.32 2.35 -50.42
CA ASN D 122 -39.25 2.34 -51.54
C ASN D 122 -40.49 1.55 -51.15
N ALA D 123 -41.34 1.25 -52.15
CA ALA D 123 -42.65 0.67 -51.87
C ALA D 123 -42.59 -0.68 -51.17
N THR D 124 -41.48 -1.41 -51.25
CA THR D 124 -41.46 -2.75 -50.69
C THR D 124 -40.24 -3.06 -49.84
N ASN D 125 -39.14 -2.33 -50.02
CA ASN D 125 -37.89 -2.65 -49.32
C ASN D 125 -37.15 -1.36 -48.99
N VAL D 126 -35.97 -1.51 -48.41
CA VAL D 126 -35.06 -0.40 -48.13
C VAL D 126 -33.73 -0.67 -48.79
N VAL D 127 -33.17 0.34 -49.43
CA VAL D 127 -31.88 0.25 -50.10
C VAL D 127 -30.83 0.92 -49.21
N ILE D 128 -29.81 0.17 -48.84
CA ILE D 128 -28.73 0.67 -48.00
C ILE D 128 -27.45 0.70 -48.84
N LYS D 129 -26.91 1.89 -49.06
CA LYS D 129 -25.70 2.07 -49.84
C LYS D 129 -24.79 3.06 -49.15
N VAL D 130 -23.50 2.71 -49.03
CA VAL D 130 -22.50 3.68 -48.50
C VAL D 130 -21.60 3.94 -49.70
N CYS D 131 -22.15 3.77 -50.91
CA CYS D 131 -21.41 3.88 -52.14
C CYS D 131 -21.03 5.34 -52.42
N GLU D 132 -20.17 5.54 -53.41
CA GLU D 132 -19.77 6.88 -53.80
C GLU D 132 -20.89 7.54 -54.58
N PHE D 133 -21.23 8.78 -54.20
CA PHE D 133 -22.37 9.47 -54.78
C PHE D 133 -21.98 10.92 -55.07
N GLN D 134 -22.74 11.52 -55.99
CA GLN D 134 -22.68 12.96 -56.26
C GLN D 134 -24.11 13.45 -56.38
N PHE D 135 -24.65 13.95 -55.28
CA PHE D 135 -26.06 14.31 -55.20
C PHE D 135 -26.32 15.64 -55.91
N CYS D 136 -27.61 15.92 -56.11
CA CYS D 136 -28.05 17.15 -56.77
C CYS D 136 -28.25 18.26 -55.73
N ASN D 137 -28.73 19.41 -56.20
CA ASN D 137 -28.97 20.54 -55.31
C ASN D 137 -30.14 20.26 -54.38
N ASP D 138 -31.26 19.77 -54.93
CA ASP D 138 -32.45 19.46 -54.14
C ASP D 138 -32.90 18.04 -54.50
N PRO D 139 -32.25 17.02 -53.93
CA PRO D 139 -32.66 15.64 -54.22
C PRO D 139 -34.06 15.36 -53.71
N PHE D 140 -34.81 14.57 -54.49
CA PHE D 140 -36.17 14.21 -54.14
C PHE D 140 -36.56 12.96 -54.90
N LEU D 141 -37.64 12.34 -54.45
CA LEU D 141 -38.16 11.13 -55.10
C LEU D 141 -39.56 11.36 -55.64
N MET D 153 -46.71 5.87 -63.11
CA MET D 153 -47.37 6.96 -62.41
C MET D 153 -46.50 7.52 -61.29
N GLU D 154 -45.22 7.13 -61.30
CA GLU D 154 -44.27 7.56 -60.29
C GLU D 154 -43.15 8.39 -60.94
N SER D 155 -42.74 9.45 -60.24
CA SER D 155 -41.57 10.24 -60.60
C SER D 155 -40.55 10.04 -59.48
N GLU D 156 -39.47 9.33 -59.76
CA GLU D 156 -38.58 8.85 -58.71
C GLU D 156 -37.13 8.96 -59.15
N PHE D 157 -36.24 8.79 -58.17
CA PHE D 157 -34.79 8.69 -58.39
C PHE D 157 -34.21 9.94 -59.05
N ARG D 158 -34.72 11.10 -58.65
CA ARG D 158 -34.08 12.38 -58.98
C ARG D 158 -33.15 12.83 -57.86
N VAL D 159 -32.23 11.94 -57.47
CA VAL D 159 -31.40 12.15 -56.30
C VAL D 159 -29.91 12.23 -56.65
N TYR D 160 -29.43 11.35 -57.54
CA TYR D 160 -28.03 11.35 -57.92
C TYR D 160 -27.91 11.22 -59.43
N SER D 161 -26.72 11.51 -59.94
CA SER D 161 -26.41 11.38 -61.36
C SER D 161 -25.43 10.26 -61.66
N SER D 162 -24.63 9.83 -60.70
CA SER D 162 -23.66 8.76 -60.92
C SER D 162 -23.40 8.05 -59.60
N ALA D 163 -23.06 6.76 -59.70
CA ALA D 163 -22.77 5.96 -58.51
C ALA D 163 -21.90 4.79 -58.91
N ASN D 164 -20.62 4.82 -58.54
CA ASN D 164 -19.70 3.72 -58.80
C ASN D 164 -18.83 3.50 -57.58
N ASN D 165 -18.08 2.39 -57.61
CA ASN D 165 -17.25 1.93 -56.49
C ASN D 165 -18.10 1.79 -55.22
N CYS D 166 -19.04 0.85 -55.29
CA CYS D 166 -20.00 0.61 -54.21
C CYS D 166 -19.47 -0.54 -53.35
N THR D 167 -19.44 -0.34 -52.04
CA THR D 167 -18.89 -1.34 -51.12
C THR D 167 -19.95 -2.09 -50.33
N PHE D 168 -20.85 -1.37 -49.66
CA PHE D 168 -21.94 -1.98 -48.90
C PHE D 168 -23.24 -1.77 -49.68
N GLU D 169 -23.87 -2.86 -50.08
CA GLU D 169 -25.07 -2.78 -50.92
C GLU D 169 -26.15 -3.74 -50.45
N TYR D 170 -26.27 -3.94 -49.14
CA TYR D 170 -27.10 -5.02 -48.60
C TYR D 170 -28.51 -4.51 -48.33
N VAL D 171 -29.48 -5.12 -48.99
CA VAL D 171 -30.89 -4.74 -48.85
C VAL D 171 -31.48 -5.49 -47.66
N SER D 172 -32.28 -4.79 -46.86
CA SER D 172 -32.85 -5.34 -45.63
C SER D 172 -34.36 -5.22 -45.65
N GLN D 173 -34.97 -5.78 -44.60
CA GLN D 173 -36.41 -5.69 -44.41
C GLN D 173 -36.78 -4.27 -44.02
N PRO D 174 -37.77 -3.67 -44.67
CA PRO D 174 -38.17 -2.30 -44.32
C PRO D 174 -38.72 -2.19 -42.91
N PHE D 175 -38.44 -1.04 -42.29
CA PHE D 175 -38.89 -0.76 -40.93
C PHE D 175 -40.38 -0.52 -40.83
N LEU D 176 -40.99 0.05 -41.86
CA LEU D 176 -42.43 0.33 -41.86
C LEU D 176 -43.01 -0.05 -43.21
N MET D 177 -44.23 -0.58 -43.19
CA MET D 177 -44.93 -0.92 -44.41
C MET D 177 -45.84 0.23 -44.87
N PHE D 186 -55.68 8.82 -36.35
CA PHE D 186 -54.53 8.91 -35.46
C PHE D 186 -53.45 7.91 -35.90
N LYS D 187 -52.69 8.28 -36.93
CA LYS D 187 -51.71 7.37 -37.50
C LYS D 187 -50.44 7.37 -36.65
N ASN D 188 -49.42 6.65 -37.11
CA ASN D 188 -48.26 6.37 -36.28
C ASN D 188 -47.31 7.56 -36.18
N LEU D 189 -46.56 7.61 -35.07
CA LEU D 189 -45.49 8.57 -34.85
C LEU D 189 -44.18 7.82 -34.93
N ARG D 190 -43.30 8.25 -35.85
CA ARG D 190 -42.03 7.57 -36.08
C ARG D 190 -40.90 8.36 -35.43
N GLU D 191 -40.09 7.69 -34.62
CA GLU D 191 -38.94 8.30 -33.98
C GLU D 191 -37.69 7.50 -34.33
N PHE D 192 -36.60 8.22 -34.59
CA PHE D 192 -35.34 7.59 -34.97
C PHE D 192 -34.19 8.25 -34.22
N VAL D 193 -33.17 7.45 -33.91
CA VAL D 193 -31.94 7.94 -33.29
C VAL D 193 -30.77 7.37 -34.08
N PHE D 194 -29.89 8.25 -34.54
CA PHE D 194 -28.71 7.87 -35.31
C PHE D 194 -27.46 8.23 -34.52
N LYS D 195 -26.51 7.31 -34.45
CA LYS D 195 -25.24 7.57 -33.80
C LYS D 195 -24.16 6.71 -34.45
N ASN D 196 -22.98 7.29 -34.61
CA ASN D 196 -21.85 6.64 -35.27
C ASN D 196 -20.71 6.54 -34.27
N ILE D 197 -20.52 5.36 -33.69
CA ILE D 197 -19.48 5.13 -32.70
C ILE D 197 -18.71 3.88 -33.07
N ASP D 198 -17.39 3.94 -32.91
CA ASP D 198 -16.46 2.82 -33.12
C ASP D 198 -16.61 2.23 -34.53
N GLY D 199 -16.86 3.06 -35.53
CA GLY D 199 -17.01 2.58 -36.89
C GLY D 199 -18.32 1.87 -37.19
N TYR D 200 -19.27 1.90 -36.27
CA TYR D 200 -20.55 1.24 -36.46
C TYR D 200 -21.66 2.28 -36.52
N PHE D 201 -22.65 2.03 -37.38
CA PHE D 201 -23.84 2.88 -37.48
C PHE D 201 -24.99 2.16 -36.79
N LYS D 202 -25.56 2.80 -35.77
CA LYS D 202 -26.60 2.19 -34.95
C LYS D 202 -27.90 2.97 -35.13
N ILE D 203 -29.00 2.23 -35.34
CA ILE D 203 -30.32 2.82 -35.55
C ILE D 203 -31.23 2.30 -34.46
N TYR D 204 -31.96 3.22 -33.83
CA TYR D 204 -33.00 2.89 -32.85
C TYR D 204 -34.30 3.52 -33.32
N SER D 205 -35.39 2.75 -33.30
CA SER D 205 -36.64 3.26 -33.82
C SER D 205 -37.82 2.56 -33.16
N LYS D 206 -38.97 3.23 -33.19
CA LYS D 206 -40.24 2.64 -32.78
C LYS D 206 -41.36 3.46 -33.41
N HIS D 207 -42.54 2.84 -33.51
CA HIS D 207 -43.70 3.46 -34.13
C HIS D 207 -44.91 3.29 -33.20
N THR D 208 -45.63 4.38 -32.98
CA THR D 208 -46.81 4.37 -32.12
C THR D 208 -47.84 5.36 -32.65
N PRO D 209 -49.12 4.99 -32.63
CA PRO D 209 -50.15 5.90 -33.15
C PRO D 209 -50.61 6.92 -32.10
N ILE D 210 -50.37 8.20 -32.42
CA ILE D 210 -50.72 9.28 -31.50
C ILE D 210 -51.38 10.39 -32.31
N ASN D 211 -52.29 11.12 -31.67
CA ASN D 211 -52.89 12.34 -32.20
C ASN D 211 -51.93 13.50 -31.98
N LEU D 212 -52.44 14.74 -32.05
CA LEU D 212 -51.65 15.97 -31.81
C LEU D 212 -50.54 16.11 -32.85
N VAL D 213 -50.98 16.35 -34.08
CA VAL D 213 -50.10 16.39 -35.24
C VAL D 213 -48.99 17.41 -35.07
N ARG D 214 -49.34 18.62 -34.66
CA ARG D 214 -48.43 19.76 -34.74
C ARG D 214 -47.57 19.96 -33.50
N ASP D 215 -47.65 19.06 -32.51
CA ASP D 215 -46.83 19.17 -31.32
C ASP D 215 -46.33 17.80 -30.92
N LEU D 216 -45.20 17.77 -30.22
CA LEU D 216 -44.67 16.52 -29.70
C LEU D 216 -45.56 16.01 -28.56
N PRO D 217 -45.97 14.75 -28.59
CA PRO D 217 -46.94 14.27 -27.61
C PRO D 217 -46.31 14.05 -26.24
N GLN D 218 -47.18 13.71 -25.29
CA GLN D 218 -46.76 13.39 -23.93
C GLN D 218 -46.38 11.92 -23.87
N GLY D 219 -46.22 11.40 -22.65
CA GLY D 219 -45.96 9.99 -22.46
C GLY D 219 -44.48 9.64 -22.49
N PHE D 220 -44.23 8.33 -22.41
CA PHE D 220 -42.89 7.79 -22.38
C PHE D 220 -42.77 6.69 -23.42
N SER D 221 -41.60 6.59 -24.04
CA SER D 221 -41.36 5.60 -25.07
C SER D 221 -39.87 5.27 -25.12
N ALA D 222 -39.56 3.98 -25.24
CA ALA D 222 -38.20 3.50 -25.34
C ALA D 222 -37.97 2.92 -26.73
N LEU D 223 -36.84 3.26 -27.33
CA LEU D 223 -36.54 2.85 -28.70
C LEU D 223 -35.66 1.61 -28.69
N GLU D 224 -36.07 0.59 -29.46
CA GLU D 224 -35.35 -0.66 -29.56
C GLU D 224 -34.46 -0.68 -30.80
N PRO D 225 -33.23 -1.16 -30.68
CA PRO D 225 -32.36 -1.25 -31.86
C PRO D 225 -32.89 -2.27 -32.87
N LEU D 226 -32.60 -2.02 -34.14
CA LEU D 226 -33.09 -2.91 -35.18
C LEU D 226 -32.00 -3.32 -36.16
N VAL D 227 -30.95 -2.51 -36.31
CA VAL D 227 -29.91 -2.80 -37.29
C VAL D 227 -28.63 -2.12 -36.85
N ASP D 228 -27.49 -2.72 -37.21
CA ASP D 228 -26.17 -2.17 -36.92
C ASP D 228 -25.30 -2.35 -38.16
N LEU D 229 -24.89 -1.23 -38.77
CA LEU D 229 -24.14 -1.27 -40.01
C LEU D 229 -22.66 -0.99 -39.75
N PRO D 230 -21.76 -1.92 -40.06
CA PRO D 230 -20.31 -1.68 -39.93
C PRO D 230 -19.74 -0.95 -41.15
N ILE D 231 -19.95 0.36 -41.20
CA ILE D 231 -19.52 1.16 -42.34
C ILE D 231 -18.13 1.76 -42.12
N GLY D 232 -17.88 2.34 -40.95
CA GLY D 232 -16.58 2.89 -40.64
C GLY D 232 -16.28 4.25 -41.24
N ILE D 233 -17.23 4.88 -41.93
CA ILE D 233 -17.02 6.17 -42.55
C ILE D 233 -17.27 7.28 -41.54
N ASN D 234 -16.86 8.50 -41.89
CA ASN D 234 -17.11 9.68 -41.06
C ASN D 234 -18.42 10.33 -41.45
N ILE D 235 -19.20 10.73 -40.45
CA ILE D 235 -20.48 11.40 -40.66
C ILE D 235 -20.43 12.74 -39.94
N THR D 236 -20.66 13.82 -40.69
CA THR D 236 -20.73 15.16 -40.12
C THR D 236 -21.92 15.98 -40.62
N ARG D 237 -22.66 15.50 -41.61
CA ARG D 237 -23.79 16.23 -42.16
C ARG D 237 -24.82 15.22 -42.65
N PHE D 238 -26.08 15.65 -42.71
CA PHE D 238 -27.10 14.78 -43.26
C PHE D 238 -28.19 15.62 -43.92
N GLN D 239 -29.02 14.95 -44.71
CA GLN D 239 -30.14 15.60 -45.38
C GLN D 239 -31.24 14.58 -45.59
N THR D 240 -32.47 15.00 -45.36
CA THR D 240 -33.63 14.12 -45.51
C THR D 240 -34.12 14.13 -46.96
N LEU D 241 -34.82 13.06 -47.32
CA LEU D 241 -35.36 12.88 -48.66
C LEU D 241 -36.88 12.86 -48.58
N LEU D 242 -37.52 13.69 -49.40
CA LEU D 242 -38.98 13.82 -49.40
C LEU D 242 -39.53 13.38 -50.75
N ALA D 243 -40.52 12.50 -50.72
CA ALA D 243 -41.18 12.08 -51.95
C ALA D 243 -42.04 13.20 -52.51
N LEU D 244 -41.92 13.44 -53.80
CA LEU D 244 -42.66 14.50 -54.49
C LEU D 244 -43.38 13.93 -55.69
N HIS D 245 -44.66 14.25 -55.82
CA HIS D 245 -45.49 13.83 -56.95
C HIS D 245 -46.13 15.06 -57.56
N ARG D 246 -46.14 15.12 -58.89
CA ARG D 246 -46.73 16.24 -59.61
C ARG D 246 -47.62 15.76 -60.74
N GLY D 261 -47.62 19.37 -50.76
CA GLY D 261 -46.80 18.27 -50.30
C GLY D 261 -45.78 18.67 -49.24
N ALA D 262 -46.28 19.16 -48.12
CA ALA D 262 -45.44 19.58 -47.00
C ALA D 262 -45.65 18.65 -45.82
N ALA D 263 -44.55 18.13 -45.28
CA ALA D 263 -44.58 17.24 -44.13
C ALA D 263 -43.68 17.77 -43.04
N ALA D 264 -44.12 17.62 -41.80
CA ALA D 264 -43.43 18.20 -40.64
C ALA D 264 -42.60 17.13 -39.94
N TYR D 265 -41.37 17.48 -39.58
CA TYR D 265 -40.50 16.59 -38.85
C TYR D 265 -39.64 17.37 -37.86
N TYR D 266 -39.17 16.68 -36.83
CA TYR D 266 -38.42 17.28 -35.74
C TYR D 266 -36.99 16.75 -35.73
N VAL D 267 -36.04 17.63 -35.43
CA VAL D 267 -34.62 17.27 -35.36
C VAL D 267 -34.06 17.72 -34.02
N GLY D 268 -33.43 16.81 -33.31
CA GLY D 268 -32.78 17.13 -32.06
C GLY D 268 -31.40 16.51 -31.99
N TYR D 269 -30.53 17.14 -31.22
CA TYR D 269 -29.13 16.75 -31.14
C TYR D 269 -28.83 16.12 -29.78
N LEU D 270 -28.10 15.02 -29.80
CA LEU D 270 -27.73 14.28 -28.59
C LEU D 270 -26.44 14.83 -28.00
N GLN D 271 -26.24 14.55 -26.71
CA GLN D 271 -25.01 14.93 -26.02
C GLN D 271 -24.87 14.06 -24.78
N PRO D 272 -23.63 13.77 -24.35
CA PRO D 272 -23.44 12.84 -23.23
C PRO D 272 -23.83 13.47 -21.89
N ARG D 273 -24.74 12.80 -21.19
CA ARG D 273 -25.15 13.16 -19.85
C ARG D 273 -25.77 11.92 -19.19
N THR D 274 -25.98 11.98 -17.89
CA THR D 274 -26.28 10.80 -17.08
C THR D 274 -27.78 10.67 -16.88
N PHE D 275 -28.30 9.47 -17.10
CA PHE D 275 -29.71 9.15 -16.91
C PHE D 275 -29.85 7.97 -15.97
N LEU D 276 -30.94 7.96 -15.22
CA LEU D 276 -31.30 6.85 -14.32
C LEU D 276 -32.51 6.14 -14.89
N LEU D 277 -32.33 4.89 -15.30
CA LEU D 277 -33.38 4.12 -15.97
C LEU D 277 -34.08 3.19 -14.99
N LYS D 278 -35.39 3.01 -15.20
CA LYS D 278 -36.21 2.14 -14.37
C LYS D 278 -36.70 0.96 -15.19
N TYR D 279 -36.52 -0.25 -14.67
CA TYR D 279 -36.95 -1.47 -15.33
C TYR D 279 -38.09 -2.09 -14.55
N ASN D 280 -39.13 -2.53 -15.26
CA ASN D 280 -40.27 -3.17 -14.63
C ASN D 280 -39.95 -4.64 -14.36
N GLU D 281 -40.98 -5.44 -14.05
CA GLU D 281 -40.79 -6.86 -13.84
C GLU D 281 -40.30 -7.55 -15.12
N ASN D 282 -40.62 -7.00 -16.28
CA ASN D 282 -40.08 -7.47 -17.54
C ASN D 282 -38.79 -6.70 -17.85
N GLY D 283 -38.31 -6.79 -19.08
CA GLY D 283 -37.15 -6.04 -19.50
C GLY D 283 -37.45 -4.68 -20.10
N THR D 284 -38.67 -4.19 -19.94
CA THR D 284 -39.10 -2.94 -20.57
C THR D 284 -38.80 -1.75 -19.67
N ILE D 285 -38.20 -0.72 -20.23
CA ILE D 285 -37.95 0.51 -19.51
C ILE D 285 -39.26 1.28 -19.36
N THR D 286 -39.61 1.61 -18.12
CA THR D 286 -40.87 2.28 -17.82
C THR D 286 -40.73 3.79 -17.65
N ASP D 287 -39.71 4.23 -16.92
CA ASP D 287 -39.51 5.65 -16.67
C ASP D 287 -38.03 5.93 -16.55
N ALA D 288 -37.67 7.20 -16.72
CA ALA D 288 -36.30 7.65 -16.59
C ALA D 288 -36.27 9.09 -16.12
N VAL D 289 -35.17 9.48 -15.48
CA VAL D 289 -34.97 10.84 -14.99
C VAL D 289 -33.59 11.31 -15.42
N ASP D 290 -33.43 12.64 -15.45
CA ASP D 290 -32.18 13.27 -15.82
C ASP D 290 -31.49 13.78 -14.56
N CYS D 291 -30.25 13.37 -14.36
CA CYS D 291 -29.53 13.63 -13.12
C CYS D 291 -29.01 15.06 -13.01
N ALA D 292 -29.32 15.93 -13.97
CA ALA D 292 -28.86 17.31 -13.92
C ALA D 292 -29.96 18.32 -14.26
N LEU D 293 -31.20 17.88 -14.42
CA LEU D 293 -32.27 18.81 -14.78
C LEU D 293 -32.66 19.70 -13.61
N ASP D 294 -32.84 19.12 -12.43
CA ASP D 294 -33.32 19.83 -11.27
C ASP D 294 -32.60 19.32 -10.03
N PRO D 295 -32.54 20.13 -8.96
CA PRO D 295 -31.99 19.61 -7.69
C PRO D 295 -32.76 18.43 -7.14
N LEU D 296 -34.08 18.40 -7.31
CA LEU D 296 -34.87 17.24 -6.90
C LEU D 296 -34.45 16.00 -7.67
N SER D 297 -34.19 16.15 -8.97
CA SER D 297 -33.69 15.04 -9.76
C SER D 297 -32.31 14.60 -9.29
N GLU D 298 -31.48 15.56 -8.86
CA GLU D 298 -30.19 15.21 -8.30
C GLU D 298 -30.33 14.40 -7.02
N THR D 299 -31.29 14.78 -6.16
CA THR D 299 -31.56 14.00 -4.95
C THR D 299 -32.04 12.60 -5.30
N LYS D 300 -32.91 12.49 -6.31
CA LYS D 300 -33.39 11.18 -6.74
C LYS D 300 -32.25 10.32 -7.26
N CYS D 301 -31.33 10.91 -8.02
CA CYS D 301 -30.19 10.16 -8.55
C CYS D 301 -29.25 9.72 -7.43
N THR D 302 -28.99 10.60 -6.46
CA THR D 302 -28.08 10.24 -5.37
C THR D 302 -28.71 9.19 -4.46
N LEU D 303 -30.01 9.27 -4.23
CA LEU D 303 -30.69 8.32 -3.35
C LEU D 303 -31.05 7.01 -4.07
N LYS D 304 -30.85 6.94 -5.38
CA LYS D 304 -31.18 5.76 -6.19
C LYS D 304 -32.64 5.34 -6.01
N SER D 305 -33.53 6.32 -5.96
CA SER D 305 -34.95 6.06 -5.80
C SER D 305 -35.75 7.15 -6.49
N PHE D 306 -36.91 6.78 -7.01
CA PHE D 306 -37.78 7.74 -7.70
C PHE D 306 -38.62 8.57 -6.73
N THR D 307 -38.72 8.15 -5.47
CA THR D 307 -39.46 8.89 -4.46
C THR D 307 -38.55 9.17 -3.28
N VAL D 308 -38.65 10.38 -2.73
CA VAL D 308 -37.82 10.79 -1.61
C VAL D 308 -38.73 11.14 -0.43
N GLU D 309 -38.16 11.04 0.77
CA GLU D 309 -38.87 11.36 2.00
C GLU D 309 -38.51 12.76 2.47
N LYS D 310 -39.28 13.26 3.44
CA LYS D 310 -39.04 14.58 3.99
C LYS D 310 -37.73 14.60 4.77
N GLY D 311 -36.93 15.62 4.51
CA GLY D 311 -35.64 15.76 5.16
C GLY D 311 -34.71 16.61 4.33
N ILE D 312 -33.43 16.57 4.70
CA ILE D 312 -32.38 17.31 4.03
C ILE D 312 -31.29 16.32 3.61
N TYR D 313 -30.85 16.44 2.35
CA TYR D 313 -29.87 15.53 1.78
C TYR D 313 -28.75 16.31 1.13
N GLN D 314 -27.52 15.84 1.30
CA GLN D 314 -26.35 16.46 0.70
C GLN D 314 -26.12 15.84 -0.67
N THR D 315 -26.10 16.67 -1.71
CA THR D 315 -26.02 16.20 -3.08
C THR D 315 -24.60 16.30 -3.65
N SER D 316 -24.02 17.49 -3.67
CA SER D 316 -22.73 17.69 -4.32
C SER D 316 -22.02 18.87 -3.66
N ASN D 317 -20.84 19.19 -4.17
CA ASN D 317 -20.02 20.28 -3.70
C ASN D 317 -19.85 21.33 -4.79
N PHE D 318 -19.41 22.52 -4.40
CA PHE D 318 -19.21 23.61 -5.34
C PHE D 318 -17.91 24.33 -5.01
N ARG D 319 -17.34 24.97 -6.03
CA ARG D 319 -16.09 25.71 -5.90
C ARG D 319 -16.17 27.00 -6.70
N VAL D 320 -15.23 27.90 -6.45
CA VAL D 320 -15.08 29.13 -7.20
C VAL D 320 -13.71 29.13 -7.87
N GLN D 321 -13.70 29.39 -9.19
CA GLN D 321 -12.50 29.27 -10.00
C GLN D 321 -11.83 30.63 -10.18
N PRO D 322 -10.50 30.65 -10.31
CA PRO D 322 -9.80 31.93 -10.54
C PRO D 322 -10.04 32.46 -11.94
N THR D 323 -9.74 33.75 -12.11
CA THR D 323 -10.02 34.44 -13.36
C THR D 323 -8.86 35.27 -13.92
N GLU D 324 -7.90 35.70 -13.11
CA GLU D 324 -6.89 36.65 -13.56
C GLU D 324 -5.48 36.06 -13.61
N SER D 325 -5.01 35.45 -12.52
CA SER D 325 -3.67 34.87 -12.42
C SER D 325 -2.58 35.92 -12.67
N ILE D 326 -2.52 36.88 -11.74
CA ILE D 326 -1.56 37.98 -11.85
C ILE D 326 -0.20 37.54 -11.34
N VAL D 327 0.83 38.29 -11.73
CA VAL D 327 2.21 38.05 -11.34
C VAL D 327 2.86 39.38 -10.98
N ARG D 328 3.55 39.42 -9.84
CA ARG D 328 4.27 40.61 -9.40
C ARG D 328 5.76 40.34 -9.33
N PHE D 329 6.55 41.40 -9.47
CA PHE D 329 8.01 41.31 -9.42
C PHE D 329 8.55 42.68 -9.04
N PRO D 330 9.74 42.75 -8.45
CA PRO D 330 10.28 44.04 -8.01
C PRO D 330 10.65 44.93 -9.20
N ASN D 331 11.03 46.16 -8.86
CA ASN D 331 11.39 47.15 -9.86
C ASN D 331 12.67 46.74 -10.59
N ILE D 332 12.75 47.13 -11.86
CA ILE D 332 13.91 46.82 -12.70
C ILE D 332 14.88 48.00 -12.60
N THR D 333 15.96 47.81 -11.87
CA THR D 333 16.97 48.86 -11.70
C THR D 333 18.35 48.31 -12.03
N ASN D 334 19.38 49.11 -11.75
CA ASN D 334 20.80 48.81 -11.96
C ASN D 334 21.07 48.07 -13.27
N LEU D 335 20.73 48.72 -14.38
CA LEU D 335 21.00 48.16 -15.71
C LEU D 335 22.50 48.10 -15.94
N CYS D 336 22.93 47.09 -16.71
CA CYS D 336 24.34 46.91 -16.99
C CYS D 336 24.86 48.06 -17.86
N PRO D 337 26.12 48.47 -17.70
CA PRO D 337 26.66 49.60 -18.46
C PRO D 337 27.00 49.25 -19.91
N PHE D 338 25.95 49.00 -20.70
CA PHE D 338 26.14 48.76 -22.12
C PHE D 338 26.45 50.03 -22.89
N GLY D 339 26.05 51.18 -22.36
CA GLY D 339 26.26 52.44 -23.05
C GLY D 339 27.73 52.82 -23.15
N GLU D 340 28.49 52.59 -22.09
CA GLU D 340 29.88 53.02 -22.06
C GLU D 340 30.79 52.08 -22.85
N VAL D 341 30.25 50.98 -23.35
CA VAL D 341 31.00 50.04 -24.19
C VAL D 341 30.77 50.30 -25.66
N PHE D 342 29.51 50.49 -26.07
CA PHE D 342 29.18 50.69 -27.47
C PHE D 342 29.26 52.14 -27.90
N ASN D 343 28.84 53.07 -27.04
CA ASN D 343 28.81 54.49 -27.38
C ASN D 343 30.05 55.24 -26.94
N ALA D 344 31.08 54.52 -26.47
CA ALA D 344 32.32 55.17 -26.07
C ALA D 344 33.03 55.77 -27.29
N THR D 345 33.54 56.99 -27.12
CA THR D 345 34.23 57.70 -28.20
C THR D 345 35.65 57.21 -28.41
N ARG D 346 36.21 56.42 -27.50
CA ARG D 346 37.56 55.92 -27.61
C ARG D 346 37.54 54.40 -27.76
N PHE D 347 38.32 53.90 -28.70
CA PHE D 347 38.42 52.47 -28.96
C PHE D 347 39.89 52.07 -29.00
N ALA D 348 40.18 50.86 -28.53
CA ALA D 348 41.55 50.39 -28.44
C ALA D 348 42.03 49.82 -29.78
N SER D 349 43.33 49.56 -29.86
CA SER D 349 43.92 48.99 -31.04
C SER D 349 43.66 47.48 -31.09
N VAL D 350 44.08 46.86 -32.20
CA VAL D 350 43.84 45.43 -32.41
C VAL D 350 44.66 44.61 -31.43
N TYR D 351 45.95 44.92 -31.31
CA TYR D 351 46.85 44.16 -30.46
C TYR D 351 46.71 44.49 -28.98
N ALA D 352 46.03 45.56 -28.64
CA ALA D 352 45.85 46.00 -27.27
C ALA D 352 44.37 46.19 -26.96
N TRP D 353 43.56 45.19 -27.31
CA TRP D 353 42.12 45.28 -27.13
C TRP D 353 41.75 45.39 -25.66
N ASN D 354 40.74 46.20 -25.37
CA ASN D 354 40.30 46.41 -24.00
C ASN D 354 39.56 45.18 -23.48
N ARG D 355 39.47 45.09 -22.15
CA ARG D 355 38.74 44.02 -21.49
C ARG D 355 37.97 44.62 -20.33
N LYS D 356 36.68 44.33 -20.26
CA LYS D 356 35.81 44.86 -19.22
C LYS D 356 34.97 43.73 -18.64
N ARG D 357 34.83 43.73 -17.31
CA ARG D 357 34.04 42.73 -16.61
C ARG D 357 32.73 43.35 -16.14
N ILE D 358 31.62 42.69 -16.42
CA ILE D 358 30.29 43.15 -16.05
C ILE D 358 29.60 42.05 -15.27
N SER D 359 29.13 42.37 -14.08
CA SER D 359 28.52 41.38 -13.21
C SER D 359 27.47 42.03 -12.31
N ASN D 360 26.54 41.20 -11.84
CA ASN D 360 25.51 41.59 -10.87
C ASN D 360 24.66 42.76 -11.36
N CYS D 361 24.12 42.62 -12.56
CA CYS D 361 23.19 43.59 -13.10
C CYS D 361 22.30 42.91 -14.13
N VAL D 362 21.10 43.45 -14.33
CA VAL D 362 20.23 42.92 -15.37
C VAL D 362 20.66 43.46 -16.72
N ALA D 363 20.81 42.55 -17.69
CA ALA D 363 21.29 42.91 -19.02
C ALA D 363 20.09 43.01 -19.96
N ASP D 364 19.78 44.23 -20.38
CA ASP D 364 18.69 44.47 -21.31
C ASP D 364 19.23 44.39 -22.73
N TYR D 365 18.91 43.30 -23.43
CA TYR D 365 19.39 43.07 -24.78
C TYR D 365 18.45 43.62 -25.85
N SER D 366 17.35 44.24 -25.46
CA SER D 366 16.42 44.79 -26.45
C SER D 366 17.01 45.97 -27.19
N VAL D 367 17.88 46.74 -26.53
CA VAL D 367 18.50 47.89 -27.19
C VAL D 367 19.43 47.43 -28.31
N LEU D 368 20.08 46.29 -28.15
CA LEU D 368 20.91 45.75 -29.22
C LEU D 368 20.05 45.15 -30.33
N TYR D 369 18.92 44.54 -29.96
CA TYR D 369 18.02 43.97 -30.97
C TYR D 369 17.43 45.05 -31.86
N ASN D 370 16.99 46.16 -31.26
CA ASN D 370 16.29 47.21 -31.99
C ASN D 370 17.23 48.26 -32.58
N SER D 371 18.53 48.13 -32.37
CA SER D 371 19.47 49.07 -32.96
C SER D 371 19.52 48.91 -34.46
N ALA D 372 19.54 50.05 -35.17
CA ALA D 372 19.53 50.07 -36.64
C ALA D 372 20.86 50.54 -37.21
N SER D 373 21.97 50.18 -36.56
CA SER D 373 23.30 50.58 -37.01
C SER D 373 24.27 49.41 -37.14
N PHE D 374 24.03 48.29 -36.49
CA PHE D 374 24.97 47.17 -36.54
C PHE D 374 24.98 46.54 -37.93
N SER D 375 26.18 46.20 -38.40
CA SER D 375 26.34 45.57 -39.70
C SER D 375 26.26 44.04 -39.60
N THR D 376 26.93 43.47 -38.60
CA THR D 376 26.87 42.04 -38.35
C THR D 376 26.42 41.78 -36.91
N PHE D 377 25.68 40.70 -36.73
CA PHE D 377 25.14 40.35 -35.41
C PHE D 377 25.03 38.83 -35.37
N LYS D 378 26.06 38.17 -34.83
CA LYS D 378 26.13 36.72 -34.82
C LYS D 378 26.42 36.22 -33.42
N CYS D 379 25.73 35.16 -33.01
CA CYS D 379 25.97 34.48 -31.74
C CYS D 379 26.36 33.05 -32.02
N TYR D 380 27.47 32.61 -31.44
CA TYR D 380 28.10 31.35 -31.81
C TYR D 380 27.94 30.23 -30.78
N GLY D 381 27.42 30.52 -29.59
CA GLY D 381 27.37 29.49 -28.58
C GLY D 381 26.00 29.25 -27.97
N VAL D 382 25.10 30.22 -28.10
CA VAL D 382 23.78 30.14 -27.49
C VAL D 382 22.72 30.53 -28.51
N SER D 383 21.49 30.14 -28.24
CA SER D 383 20.37 30.57 -29.07
C SER D 383 20.15 32.06 -28.82
N PRO D 384 20.26 32.91 -29.83
CA PRO D 384 20.21 34.36 -29.58
C PRO D 384 18.81 34.87 -29.28
N THR D 385 17.78 34.09 -29.55
CA THR D 385 16.41 34.48 -29.21
C THR D 385 16.13 34.38 -27.72
N LYS D 386 16.95 33.65 -26.97
CA LYS D 386 16.73 33.43 -25.55
C LYS D 386 17.69 34.25 -24.68
N LEU D 387 18.31 35.28 -25.23
CA LEU D 387 19.24 36.08 -24.42
C LEU D 387 18.50 36.92 -23.38
N ASN D 388 17.22 37.19 -23.59
CA ASN D 388 16.50 38.11 -22.72
C ASN D 388 16.09 37.48 -21.40
N ASP D 389 16.06 36.15 -21.31
CA ASP D 389 15.64 35.48 -20.08
C ASP D 389 16.70 34.58 -19.46
N LEU D 390 17.75 34.21 -20.19
CA LEU D 390 18.79 33.39 -19.61
C LEU D 390 19.63 34.20 -18.63
N CYS D 391 20.24 33.50 -17.67
CA CYS D 391 21.05 34.11 -16.64
C CYS D 391 22.44 33.49 -16.63
N PHE D 392 23.45 34.33 -16.46
CA PHE D 392 24.85 33.91 -16.46
C PHE D 392 25.56 34.54 -15.26
N THR D 393 26.74 34.00 -14.97
CA THR D 393 27.52 34.48 -13.84
C THR D 393 28.22 35.80 -14.16
N ASN D 394 29.11 35.78 -15.15
CA ASN D 394 29.83 36.98 -15.55
C ASN D 394 29.88 37.06 -17.07
N VAL D 395 30.01 38.29 -17.58
CA VAL D 395 30.16 38.53 -19.01
C VAL D 395 31.34 39.46 -19.22
N TYR D 396 31.89 39.44 -20.43
CA TYR D 396 33.02 40.28 -20.80
C TYR D 396 32.73 40.97 -22.12
N ALA D 397 33.32 42.15 -22.30
CA ALA D 397 33.17 42.93 -23.53
C ALA D 397 34.55 43.28 -24.04
N ASP D 398 34.83 42.92 -25.30
CA ASP D 398 36.09 43.23 -25.95
C ASP D 398 35.82 44.18 -27.11
N SER D 399 36.52 45.31 -27.14
CA SER D 399 36.30 46.35 -28.14
C SER D 399 37.61 46.70 -28.82
N PHE D 400 37.56 46.84 -30.15
CA PHE D 400 38.71 47.25 -30.93
C PHE D 400 38.22 47.73 -32.30
N VAL D 401 39.15 48.24 -33.09
CA VAL D 401 38.87 48.74 -34.43
C VAL D 401 39.74 47.98 -35.42
N ILE D 402 39.11 47.34 -36.40
CA ILE D 402 39.81 46.54 -37.39
C ILE D 402 39.32 46.93 -38.78
N ARG D 403 40.06 46.46 -39.79
CA ARG D 403 39.69 46.68 -41.18
C ARG D 403 38.40 45.93 -41.50
N GLY D 404 37.64 46.46 -42.47
CA GLY D 404 36.33 45.90 -42.78
C GLY D 404 36.41 44.45 -43.27
N ASP D 405 37.42 44.14 -44.09
CA ASP D 405 37.57 42.77 -44.57
C ASP D 405 38.08 41.83 -43.49
N GLU D 406 38.56 42.35 -42.36
CA GLU D 406 39.06 41.53 -41.27
C GLU D 406 37.98 41.08 -40.30
N VAL D 407 36.76 41.60 -40.42
CA VAL D 407 35.68 41.20 -39.53
C VAL D 407 35.24 39.77 -39.80
N ARG D 408 35.54 39.24 -40.99
CA ARG D 408 35.13 37.88 -41.33
C ARG D 408 35.79 36.84 -40.43
N GLN D 409 37.04 37.06 -40.06
CA GLN D 409 37.81 36.06 -39.32
C GLN D 409 37.69 36.19 -37.82
N ILE D 410 36.79 37.03 -37.31
CA ILE D 410 36.50 37.08 -35.87
C ILE D 410 35.42 36.04 -35.62
N ALA D 411 35.85 34.78 -35.52
CA ALA D 411 34.96 33.64 -35.40
C ALA D 411 35.76 32.41 -35.01
N PRO D 412 35.16 31.42 -34.35
CA PRO D 412 35.91 30.20 -34.01
C PRO D 412 36.31 29.43 -35.26
N GLY D 413 37.51 28.84 -35.21
CA GLY D 413 37.98 27.97 -36.26
C GLY D 413 38.48 28.65 -37.51
N GLN D 414 38.58 29.98 -37.51
CA GLN D 414 39.01 30.72 -38.69
C GLN D 414 40.43 31.24 -38.50
N THR D 415 41.22 31.17 -39.56
CA THR D 415 42.63 31.56 -39.54
C THR D 415 42.83 32.88 -40.27
N GLY D 416 43.79 33.66 -39.80
CA GLY D 416 44.08 34.95 -40.39
C GLY D 416 45.18 35.64 -39.64
N LYS D 417 45.48 36.87 -40.07
CA LYS D 417 46.50 37.66 -39.37
C LYS D 417 46.06 38.02 -37.96
N ILE D 418 44.85 38.58 -37.83
CA ILE D 418 44.33 38.93 -36.52
C ILE D 418 44.00 37.69 -35.72
N ALA D 419 43.49 36.65 -36.38
CA ALA D 419 43.11 35.42 -35.68
C ALA D 419 44.31 34.75 -35.03
N ASP D 420 45.46 34.77 -35.69
CA ASP D 420 46.64 34.06 -35.20
C ASP D 420 47.57 34.94 -34.39
N TYR D 421 47.65 36.24 -34.71
CA TYR D 421 48.65 37.11 -34.11
C TYR D 421 48.08 38.12 -33.12
N ASN D 422 46.81 38.49 -33.24
CA ASN D 422 46.24 39.54 -32.41
C ASN D 422 45.12 39.06 -31.50
N TYR D 423 44.09 38.42 -32.06
CA TYR D 423 42.91 38.04 -31.28
C TYR D 423 42.48 36.65 -31.71
N LYS D 424 42.64 35.68 -30.83
CA LYS D 424 42.26 34.29 -31.09
C LYS D 424 41.02 33.96 -30.27
N LEU D 425 40.03 33.36 -30.91
CA LEU D 425 38.77 33.04 -30.28
C LEU D 425 38.61 31.54 -30.16
N PRO D 426 38.38 31.01 -28.95
CA PRO D 426 38.36 29.55 -28.78
C PRO D 426 37.19 28.89 -29.48
N ASP D 427 37.37 27.61 -29.82
CA ASP D 427 36.34 26.87 -30.54
C ASP D 427 35.10 26.61 -29.69
N ASP D 428 35.22 26.62 -28.37
CA ASP D 428 34.09 26.46 -27.46
C ASP D 428 33.48 27.78 -27.03
N PHE D 429 33.58 28.81 -27.88
CA PHE D 429 33.10 30.14 -27.53
C PHE D 429 31.58 30.15 -27.40
N THR D 430 31.10 30.86 -26.38
CA THR D 430 29.66 31.01 -26.12
C THR D 430 29.38 32.49 -25.93
N GLY D 431 29.02 33.17 -27.01
CA GLY D 431 28.77 34.60 -26.96
C GLY D 431 28.38 35.13 -28.31
N CYS D 432 28.29 36.46 -28.40
CA CYS D 432 27.86 37.13 -29.61
C CYS D 432 28.91 38.13 -30.07
N VAL D 433 28.99 38.32 -31.39
CA VAL D 433 29.94 39.23 -32.01
C VAL D 433 29.16 40.35 -32.71
N ILE D 434 29.52 41.59 -32.42
CA ILE D 434 28.82 42.76 -32.94
C ILE D 434 29.83 43.68 -33.62
N ALA D 435 29.51 44.14 -34.82
CA ALA D 435 30.36 45.09 -35.51
C ALA D 435 29.51 46.00 -36.38
N TRP D 436 30.03 47.19 -36.65
CA TRP D 436 29.33 48.16 -37.48
C TRP D 436 30.35 49.10 -38.11
N ASN D 437 29.92 49.79 -39.16
CA ASN D 437 30.78 50.73 -39.86
C ASN D 437 30.93 52.02 -39.06
N SER D 438 32.17 52.49 -38.94
CA SER D 438 32.47 53.73 -38.23
C SER D 438 33.45 54.56 -39.05
N ASN D 439 33.18 54.67 -40.35
CA ASN D 439 34.07 55.41 -41.24
C ASN D 439 34.08 56.90 -40.91
N ASN D 440 32.93 57.46 -40.55
CA ASN D 440 32.82 58.89 -40.31
C ASN D 440 33.52 59.34 -39.03
N LEU D 441 33.95 58.42 -38.18
CA LEU D 441 34.59 58.77 -36.91
C LEU D 441 36.08 58.48 -36.89
N ASP D 442 36.51 57.33 -37.41
CA ASP D 442 37.91 56.92 -37.33
C ASP D 442 38.73 57.30 -38.55
N SER D 443 38.15 57.99 -39.53
CA SER D 443 38.84 58.39 -40.74
C SER D 443 38.84 59.90 -40.89
N LYS D 444 39.94 60.44 -41.38
CA LYS D 444 40.10 61.87 -41.58
C LYS D 444 40.57 62.12 -43.02
N VAL D 445 40.38 63.36 -43.47
CA VAL D 445 40.74 63.72 -44.84
C VAL D 445 42.24 63.58 -45.07
N GLY D 446 43.05 63.86 -44.05
CA GLY D 446 44.48 63.68 -44.15
C GLY D 446 44.95 62.24 -43.95
N GLY D 447 44.05 61.36 -43.56
CA GLY D 447 44.40 59.96 -43.33
C GLY D 447 44.81 59.68 -41.91
N ASN D 448 44.12 58.74 -41.26
CA ASN D 448 44.44 58.35 -39.90
C ASN D 448 45.58 57.35 -39.89
N TYR D 449 46.47 57.49 -38.91
CA TYR D 449 47.64 56.61 -38.80
C TYR D 449 47.92 56.23 -37.36
N ASN D 450 46.88 56.08 -36.55
CA ASN D 450 47.04 55.79 -35.12
C ASN D 450 46.83 54.33 -34.77
N TYR D 451 45.92 53.65 -35.45
CA TYR D 451 45.61 52.26 -35.11
C TYR D 451 46.73 51.33 -35.60
N LEU D 452 47.01 50.30 -34.81
CA LEU D 452 48.10 49.39 -35.09
C LEU D 452 47.64 47.94 -34.95
N TYR D 453 48.31 47.04 -35.66
CA TYR D 453 48.05 45.62 -35.58
C TYR D 453 49.36 44.87 -35.81
N ARG D 454 49.41 43.63 -35.33
CA ARG D 454 50.63 42.84 -35.38
C ARG D 454 50.63 41.94 -36.62
N LEU D 455 51.72 41.98 -37.38
CA LEU D 455 51.86 41.20 -38.59
C LEU D 455 53.09 40.29 -38.58
N PHE D 456 54.07 40.54 -37.72
CA PHE D 456 55.22 39.66 -37.56
C PHE D 456 55.20 39.11 -36.13
N ARG D 457 55.22 37.78 -36.01
CA ARG D 457 55.17 37.14 -34.71
C ARG D 457 55.64 35.69 -34.88
N LYS D 458 56.43 35.22 -33.91
CA LYS D 458 57.06 33.91 -34.05
C LYS D 458 56.04 32.78 -33.90
N SER D 459 55.17 32.86 -32.89
CA SER D 459 54.29 31.76 -32.55
C SER D 459 52.84 32.23 -32.53
N ASN D 460 51.93 31.29 -32.76
CA ASN D 460 50.51 31.59 -32.75
C ASN D 460 50.07 31.97 -31.33
N LEU D 461 49.04 32.82 -31.27
CA LEU D 461 48.56 33.36 -30.00
C LEU D 461 47.38 32.56 -29.50
N LYS D 462 47.47 32.09 -28.25
CA LYS D 462 46.43 31.27 -27.66
C LYS D 462 45.18 32.11 -27.37
N PRO D 463 44.02 31.47 -27.27
CA PRO D 463 42.78 32.24 -27.06
C PRO D 463 42.81 33.06 -25.78
N PHE D 464 42.26 34.28 -25.87
CA PHE D 464 42.19 35.23 -24.75
C PHE D 464 43.58 35.54 -24.19
N GLU D 465 44.51 35.86 -25.08
CA GLU D 465 45.86 36.25 -24.72
C GLU D 465 46.19 37.59 -25.36
N ARG D 466 47.00 38.40 -24.65
CA ARG D 466 47.38 39.71 -25.15
C ARG D 466 48.90 39.86 -25.06
N ASP D 467 49.48 40.44 -26.11
CA ASP D 467 50.92 40.69 -26.18
C ASP D 467 51.14 42.18 -26.40
N ILE D 468 51.63 42.86 -25.37
CA ILE D 468 51.87 44.30 -25.44
C ILE D 468 53.32 44.62 -25.80
N SER D 469 54.24 43.69 -25.60
CA SER D 469 55.65 43.94 -25.92
C SER D 469 55.84 44.15 -27.41
N THR D 470 56.63 45.17 -27.75
CA THR D 470 56.86 45.54 -29.15
C THR D 470 58.32 45.39 -29.55
N GLU D 471 58.98 44.34 -29.07
CA GLU D 471 60.36 44.10 -29.42
C GLU D 471 60.46 43.65 -30.88
N ILE D 472 61.61 43.91 -31.49
CA ILE D 472 61.79 43.66 -32.91
C ILE D 472 61.78 42.16 -33.19
N TYR D 473 61.33 41.79 -34.39
CA TYR D 473 61.18 40.39 -34.77
C TYR D 473 62.51 39.84 -35.28
N GLN D 474 62.82 38.61 -34.86
CA GLN D 474 64.07 37.95 -35.25
C GLN D 474 63.81 37.06 -36.46
N ALA D 475 63.66 37.70 -37.62
CA ALA D 475 63.50 36.95 -38.86
C ALA D 475 64.81 36.29 -39.27
N GLY D 476 65.94 36.97 -39.07
CA GLY D 476 67.23 36.43 -39.43
C GLY D 476 67.86 35.60 -38.32
N SER D 477 68.87 34.83 -38.70
CA SER D 477 69.57 33.98 -37.73
C SER D 477 70.33 34.82 -36.72
N THR D 478 70.99 35.90 -37.17
CA THR D 478 71.75 36.74 -36.26
C THR D 478 70.81 37.51 -35.34
N PRO D 479 71.21 37.76 -34.09
CA PRO D 479 70.38 38.58 -33.19
C PRO D 479 70.42 40.04 -33.60
N CYS D 480 69.23 40.59 -33.91
CA CYS D 480 69.15 41.98 -34.31
C CYS D 480 69.55 42.92 -33.18
N ASN D 481 69.11 42.62 -31.95
CA ASN D 481 69.42 43.41 -30.76
C ASN D 481 68.98 44.87 -30.91
N GLY D 482 67.82 45.08 -31.54
CA GLY D 482 67.23 46.39 -31.64
C GLY D 482 67.63 47.22 -32.84
N VAL D 483 68.57 46.74 -33.66
CA VAL D 483 68.97 47.49 -34.85
C VAL D 483 67.91 47.33 -35.93
N GLU D 484 67.74 48.36 -36.74
CA GLU D 484 66.75 48.35 -37.82
C GLU D 484 67.37 47.89 -39.14
N GLY D 485 68.01 46.72 -39.11
CA GLY D 485 68.63 46.15 -40.29
C GLY D 485 67.70 45.22 -41.04
N PHE D 486 68.26 44.57 -42.06
CA PHE D 486 67.51 43.59 -42.84
C PHE D 486 67.19 42.38 -41.98
N ASN D 487 66.06 41.73 -42.31
CA ASN D 487 65.48 40.63 -41.54
C ASN D 487 65.17 41.05 -40.10
N CYS D 488 64.98 42.34 -39.86
CA CYS D 488 64.62 42.88 -38.55
C CYS D 488 63.62 44.00 -38.81
N TYR D 489 62.33 43.72 -38.62
CA TYR D 489 61.27 44.65 -38.94
C TYR D 489 60.42 44.93 -37.71
N PHE D 490 59.74 46.07 -37.74
CA PHE D 490 58.81 46.45 -36.68
C PHE D 490 57.60 45.51 -36.74
N PRO D 491 57.30 44.75 -35.69
CA PRO D 491 56.19 43.79 -35.77
C PRO D 491 54.79 44.40 -35.79
N LEU D 492 54.66 45.72 -35.92
CA LEU D 492 53.37 46.39 -36.02
C LEU D 492 53.33 47.27 -37.25
N GLN D 493 52.14 47.46 -37.80
CA GLN D 493 51.91 48.40 -38.90
C GLN D 493 50.60 49.14 -38.67
N SER D 494 50.47 50.27 -39.35
CA SER D 494 49.32 51.15 -39.19
C SER D 494 48.40 51.05 -40.40
N TYR D 495 47.12 51.30 -40.16
CA TYR D 495 46.11 51.26 -41.22
C TYR D 495 46.02 52.61 -41.92
N GLY D 496 45.93 52.56 -43.25
CA GLY D 496 45.76 53.76 -44.04
C GLY D 496 44.30 54.10 -44.27
N PHE D 497 43.60 54.51 -43.20
CA PHE D 497 42.19 54.81 -43.28
C PHE D 497 41.97 56.15 -43.97
N GLN D 498 41.19 56.14 -45.05
CA GLN D 498 40.84 57.34 -45.79
C GLN D 498 39.36 57.33 -46.11
N PRO D 499 38.71 58.50 -46.16
CA PRO D 499 37.27 58.53 -46.45
C PRO D 499 36.93 58.04 -47.85
N THR D 500 37.86 58.15 -48.80
CA THR D 500 37.60 57.74 -50.18
C THR D 500 37.95 56.28 -50.44
N ASN D 501 38.34 55.54 -49.41
CA ASN D 501 38.70 54.14 -49.59
C ASN D 501 37.44 53.30 -49.85
N GLY D 502 37.67 52.07 -50.29
CA GLY D 502 36.57 51.15 -50.54
C GLY D 502 35.92 50.67 -49.28
N VAL D 503 34.83 49.90 -49.46
CA VAL D 503 34.07 49.40 -48.32
C VAL D 503 34.91 48.41 -47.52
N GLY D 504 35.74 47.63 -48.20
CA GLY D 504 36.57 46.64 -47.51
C GLY D 504 37.74 47.23 -46.75
N TYR D 505 38.03 48.51 -46.93
CA TYR D 505 39.14 49.16 -46.25
C TYR D 505 38.72 50.13 -45.16
N GLN D 506 37.42 50.46 -45.08
CA GLN D 506 36.96 51.40 -44.06
C GLN D 506 37.06 50.76 -42.68
N PRO D 507 37.32 51.57 -41.64
CA PRO D 507 37.40 51.02 -40.29
C PRO D 507 36.05 50.53 -39.80
N TYR D 508 36.07 49.45 -39.01
CA TYR D 508 34.88 48.86 -38.44
C TYR D 508 35.11 48.63 -36.95
N ARG D 509 34.23 49.16 -36.12
CA ARG D 509 34.32 48.94 -34.68
C ARG D 509 33.67 47.61 -34.33
N VAL D 510 34.39 46.76 -33.61
CA VAL D 510 33.94 45.42 -33.28
C VAL D 510 33.82 45.29 -31.76
N VAL D 511 32.68 44.80 -31.30
CA VAL D 511 32.44 44.52 -29.89
C VAL D 511 32.11 43.03 -29.76
N VAL D 512 32.86 42.34 -28.90
CA VAL D 512 32.70 40.89 -28.71
C VAL D 512 32.23 40.66 -27.28
N LEU D 513 31.09 39.97 -27.16
CA LEU D 513 30.52 39.64 -25.85
C LEU D 513 30.70 38.14 -25.60
N SER D 514 31.15 37.80 -24.40
CA SER D 514 31.38 36.42 -24.00
C SER D 514 30.58 36.11 -22.74
N PHE D 515 29.97 34.93 -22.72
CA PHE D 515 29.18 34.46 -21.59
C PHE D 515 29.85 33.25 -20.97
N GLU D 516 29.96 33.24 -19.65
CA GLU D 516 30.59 32.13 -18.94
C GLU D 516 29.70 31.70 -17.78
N LEU D 517 29.75 30.41 -17.47
CA LEU D 517 29.00 29.82 -16.38
C LEU D 517 29.96 29.06 -15.48
N LEU D 518 29.92 29.35 -14.18
CA LEU D 518 30.77 28.71 -13.19
C LEU D 518 29.91 28.13 -12.08
N HIS D 519 30.57 27.55 -11.07
CA HIS D 519 29.86 26.99 -9.92
C HIS D 519 29.34 28.07 -8.98
N ALA D 520 29.80 29.30 -9.13
CA ALA D 520 29.28 30.40 -8.35
C ALA D 520 27.82 30.68 -8.74
N PRO D 521 27.02 31.20 -7.80
CA PRO D 521 25.63 31.52 -8.14
C PRO D 521 25.55 32.57 -9.24
N ALA D 522 24.53 32.42 -10.09
CA ALA D 522 24.37 33.30 -11.23
C ALA D 522 24.02 34.72 -10.80
N THR D 523 24.61 35.71 -11.46
CA THR D 523 24.42 37.10 -11.12
C THR D 523 23.79 37.93 -12.23
N VAL D 524 24.17 37.71 -13.48
CA VAL D 524 23.70 38.53 -14.60
C VAL D 524 22.49 37.82 -15.20
N CYS D 525 21.31 38.15 -14.69
CA CYS D 525 20.06 37.61 -15.20
C CYS D 525 19.40 38.60 -16.15
N GLY D 526 18.36 38.13 -16.84
CA GLY D 526 17.60 38.96 -17.74
C GLY D 526 16.45 39.66 -17.05
N PRO D 527 15.94 40.72 -17.66
CA PRO D 527 14.80 41.44 -17.07
C PRO D 527 13.54 40.59 -17.06
N LYS D 528 12.69 40.86 -16.07
CA LYS D 528 11.43 40.15 -15.89
C LYS D 528 10.29 41.16 -15.75
N LYS D 529 9.12 40.77 -16.25
CA LYS D 529 7.96 41.64 -16.28
C LYS D 529 7.05 41.38 -15.09
N SER D 530 6.01 42.20 -14.97
CA SER D 530 5.04 42.09 -13.89
C SER D 530 3.71 42.64 -14.35
N THR D 531 2.66 42.25 -13.64
CA THR D 531 1.29 42.68 -13.93
C THR D 531 0.76 43.56 -12.80
N ASN D 532 -0.52 43.90 -12.87
CA ASN D 532 -1.16 44.74 -11.87
C ASN D 532 -1.81 43.88 -10.80
N LEU D 533 -2.24 44.53 -9.72
CA LEU D 533 -2.88 43.85 -8.59
C LEU D 533 -4.38 43.81 -8.76
N VAL D 534 -4.98 42.71 -8.30
CA VAL D 534 -6.43 42.59 -8.16
C VAL D 534 -6.73 42.10 -6.75
N LYS D 535 -7.77 42.65 -6.15
CA LYS D 535 -8.11 42.36 -4.77
C LYS D 535 -9.57 41.95 -4.66
N ASN D 536 -9.87 41.25 -3.57
CA ASN D 536 -11.23 40.80 -3.24
C ASN D 536 -11.81 39.91 -4.34
N LYS D 537 -10.99 39.02 -4.88
CA LYS D 537 -11.46 38.05 -5.86
C LYS D 537 -10.54 36.84 -5.83
N CYS D 538 -11.07 35.70 -6.25
CA CYS D 538 -10.30 34.46 -6.31
C CYS D 538 -9.36 34.54 -7.51
N VAL D 539 -8.05 34.50 -7.25
CA VAL D 539 -7.07 34.79 -8.28
C VAL D 539 -5.75 34.09 -7.93
N ASN D 540 -5.09 33.55 -8.95
CA ASN D 540 -3.74 33.02 -8.78
C ASN D 540 -2.74 34.16 -8.64
N PHE D 541 -1.63 33.87 -7.98
CA PHE D 541 -0.61 34.89 -7.76
C PHE D 541 0.77 34.27 -7.81
N ASN D 542 1.77 35.12 -8.03
CA ASN D 542 3.17 34.70 -8.06
C ASN D 542 4.01 35.84 -7.52
N PHE D 543 4.38 35.76 -6.25
CA PHE D 543 5.15 36.79 -5.56
C PHE D 543 6.58 36.29 -5.38
N ASN D 544 7.49 36.74 -6.24
CA ASN D 544 8.90 36.38 -6.18
C ASN D 544 9.10 34.86 -6.19
N GLY D 545 8.36 34.18 -7.05
CA GLY D 545 8.45 32.74 -7.16
C GLY D 545 7.52 31.96 -6.24
N LEU D 546 6.81 32.64 -5.34
CA LEU D 546 5.86 31.98 -4.44
C LEU D 546 4.50 31.94 -5.11
N THR D 547 4.05 30.74 -5.47
CA THR D 547 2.81 30.55 -6.18
C THR D 547 1.69 30.11 -5.23
N GLY D 548 0.46 30.35 -5.66
CA GLY D 548 -0.68 29.98 -4.85
C GLY D 548 -1.97 30.42 -5.51
N THR D 549 -3.06 30.29 -4.76
CA THR D 549 -4.39 30.65 -5.24
C THR D 549 -5.23 31.09 -4.05
N GLY D 550 -5.76 32.31 -4.10
CA GLY D 550 -6.57 32.80 -3.01
C GLY D 550 -7.01 34.23 -3.26
N VAL D 551 -7.67 34.80 -2.25
CA VAL D 551 -8.18 36.16 -2.30
C VAL D 551 -7.19 37.07 -1.59
N LEU D 552 -6.75 38.11 -2.30
CA LEU D 552 -5.81 39.08 -1.74
C LEU D 552 -6.59 40.25 -1.15
N THR D 553 -6.40 40.50 0.14
CA THR D 553 -7.07 41.58 0.85
C THR D 553 -6.05 42.36 1.67
N GLU D 554 -6.48 43.51 2.18
CA GLU D 554 -5.64 44.31 3.03
C GLU D 554 -5.44 43.64 4.39
N SER D 555 -4.34 44.00 5.06
CA SER D 555 -3.98 43.40 6.33
C SER D 555 -3.55 44.48 7.31
N ASN D 556 -3.64 44.15 8.60
CA ASN D 556 -3.24 45.05 9.66
C ASN D 556 -1.96 44.65 10.36
N LYS D 557 -1.46 43.43 10.13
CA LYS D 557 -0.23 42.98 10.77
C LYS D 557 0.97 43.74 10.22
N LYS D 558 1.97 43.93 11.07
CA LYS D 558 3.18 44.69 10.72
C LYS D 558 4.35 43.73 10.70
N PHE D 559 4.91 43.51 9.51
CA PHE D 559 6.07 42.64 9.37
C PHE D 559 7.33 43.36 9.81
N LEU D 560 8.35 42.57 10.15
CA LEU D 560 9.67 43.11 10.33
C LEU D 560 10.23 43.54 8.98
N PRO D 561 11.18 44.50 8.96
CA PRO D 561 11.67 45.01 7.67
C PRO D 561 12.31 43.95 6.79
N PHE D 562 12.90 42.91 7.35
CA PHE D 562 13.54 41.87 6.56
C PHE D 562 12.64 40.67 6.27
N GLN D 563 11.45 40.62 6.86
CA GLN D 563 10.56 39.48 6.66
C GLN D 563 9.70 39.68 5.42
N GLN D 564 9.28 38.57 4.82
CA GLN D 564 8.55 38.59 3.56
C GLN D 564 7.15 38.01 3.67
N PHE D 565 6.99 36.82 4.24
CA PHE D 565 5.69 36.17 4.30
C PHE D 565 5.51 35.50 5.65
N GLY D 566 4.29 35.04 5.90
CA GLY D 566 3.92 34.47 7.19
C GLY D 566 3.53 33.01 7.09
N ARG D 567 3.93 32.23 8.08
CA ARG D 567 3.66 30.79 8.18
C ARG D 567 3.20 30.45 9.59
N ASP D 568 2.22 31.22 10.09
CA ASP D 568 1.88 31.18 11.52
C ASP D 568 1.35 29.81 11.95
N ILE D 569 0.42 29.26 11.19
CA ILE D 569 -0.27 28.04 11.58
C ILE D 569 -0.10 26.99 10.49
N ALA D 570 0.38 25.80 10.88
CA ALA D 570 0.51 24.64 10.01
C ALA D 570 1.40 24.89 8.80
N ASP D 571 2.32 25.86 8.91
CA ASP D 571 3.26 26.21 7.85
C ASP D 571 2.53 26.55 6.55
N THR D 572 1.45 27.30 6.67
CA THR D 572 0.64 27.71 5.53
C THR D 572 0.76 29.22 5.33
N THR D 573 1.00 29.64 4.10
CA THR D 573 1.16 31.05 3.79
C THR D 573 -0.20 31.73 3.83
N ASP D 574 -0.29 32.85 4.55
CA ASP D 574 -1.51 33.63 4.62
C ASP D 574 -1.30 35.13 4.46
N ALA D 575 -0.07 35.62 4.56
CA ALA D 575 0.23 37.03 4.34
C ALA D 575 1.53 37.13 3.56
N VAL D 576 1.54 37.95 2.51
CA VAL D 576 2.71 38.11 1.64
C VAL D 576 2.95 39.59 1.43
N ARG D 577 4.20 40.02 1.64
CA ARG D 577 4.57 41.40 1.38
C ARG D 577 4.66 41.64 -0.13
N ASP D 578 4.09 42.76 -0.58
CA ASP D 578 4.15 43.13 -1.99
C ASP D 578 5.55 43.64 -2.31
N PRO D 579 6.25 43.03 -3.28
CA PRO D 579 7.62 43.48 -3.58
C PRO D 579 7.72 44.89 -4.12
N GLN D 580 6.64 45.45 -4.64
CA GLN D 580 6.69 46.78 -5.25
C GLN D 580 6.31 47.87 -4.26
N THR D 581 5.11 47.80 -3.69
CA THR D 581 4.61 48.83 -2.79
C THR D 581 4.99 48.60 -1.34
N LEU D 582 5.67 47.49 -1.04
CA LEU D 582 6.07 47.13 0.33
C LEU D 582 4.88 47.08 1.28
N GLU D 583 3.77 46.52 0.79
CA GLU D 583 2.55 46.37 1.56
C GLU D 583 2.27 44.90 1.82
N ILE D 584 1.61 44.63 2.95
CA ILE D 584 1.30 43.27 3.38
C ILE D 584 -0.13 42.95 2.98
N LEU D 585 -0.32 41.87 2.24
CA LEU D 585 -1.63 41.46 1.75
C LEU D 585 -1.98 40.10 2.33
N ASP D 586 -3.20 39.99 2.86
CA ASP D 586 -3.67 38.72 3.38
C ASP D 586 -4.12 37.80 2.25
N ILE D 587 -3.95 36.50 2.47
CA ILE D 587 -4.31 35.49 1.48
C ILE D 587 -5.31 34.53 2.14
N THR D 588 -6.41 34.26 1.43
CA THR D 588 -7.46 33.38 1.91
C THR D 588 -8.08 32.69 0.72
N PRO D 589 -8.26 31.37 0.76
CA PRO D 589 -8.97 30.69 -0.34
C PRO D 589 -10.38 31.23 -0.49
N CYS D 590 -10.81 31.37 -1.75
CA CYS D 590 -12.05 32.07 -2.05
C CYS D 590 -13.29 31.38 -1.50
N SER D 591 -13.62 30.18 -1.99
CA SER D 591 -14.84 29.52 -1.51
C SER D 591 -14.78 28.03 -1.83
N PHE D 592 -15.42 27.25 -0.96
CA PHE D 592 -15.66 25.83 -1.15
C PHE D 592 -16.70 25.38 -0.13
N GLY D 593 -17.52 24.42 -0.51
CA GLY D 593 -18.53 23.91 0.40
C GLY D 593 -19.43 22.91 -0.29
N GLY D 594 -20.40 22.42 0.47
CA GLY D 594 -21.35 21.46 -0.03
C GLY D 594 -22.69 22.10 -0.36
N VAL D 595 -23.54 21.31 -1.01
CA VAL D 595 -24.88 21.73 -1.41
C VAL D 595 -25.89 20.73 -0.85
N SER D 596 -26.88 21.24 -0.15
CA SER D 596 -27.94 20.41 0.43
C SER D 596 -29.30 20.85 -0.10
N VAL D 597 -30.20 19.89 -0.26
CA VAL D 597 -31.54 20.13 -0.79
C VAL D 597 -32.55 19.78 0.29
N ILE D 598 -33.47 20.70 0.57
CA ILE D 598 -34.51 20.52 1.56
C ILE D 598 -35.83 20.32 0.82
N THR D 599 -36.47 19.17 1.06
CA THR D 599 -37.72 18.84 0.42
C THR D 599 -38.70 18.28 1.45
N PRO D 600 -39.99 18.54 1.28
CA PRO D 600 -41.00 17.93 2.14
C PRO D 600 -41.50 16.55 1.67
N GLY D 601 -40.80 15.92 0.73
CA GLY D 601 -41.23 14.64 0.21
C GLY D 601 -41.99 14.78 -1.09
N THR D 602 -41.66 13.93 -2.07
CA THR D 602 -42.33 14.00 -3.37
C THR D 602 -43.80 13.64 -3.29
N ASN D 603 -44.21 12.93 -2.24
CA ASN D 603 -45.62 12.61 -2.06
C ASN D 603 -46.44 13.87 -1.81
N THR D 604 -45.90 14.81 -1.04
CA THR D 604 -46.62 16.04 -0.74
C THR D 604 -46.51 17.06 -1.87
N SER D 605 -45.28 17.48 -2.18
CA SER D 605 -45.07 18.49 -3.21
C SER D 605 -43.66 18.34 -3.79
N ASN D 606 -43.47 18.94 -4.96
CA ASN D 606 -42.20 18.88 -5.66
C ASN D 606 -41.31 20.08 -5.40
N GLN D 607 -41.73 21.02 -4.56
CA GLN D 607 -40.93 22.20 -4.27
C GLN D 607 -39.73 21.82 -3.40
N VAL D 608 -38.58 22.44 -3.68
CA VAL D 608 -37.34 22.17 -2.97
C VAL D 608 -36.66 23.48 -2.63
N ALA D 609 -35.75 23.41 -1.67
CA ALA D 609 -34.91 24.53 -1.28
C ALA D 609 -33.46 24.09 -1.26
N VAL D 610 -32.57 25.00 -1.61
CA VAL D 610 -31.14 24.72 -1.76
C VAL D 610 -30.37 25.50 -0.70
N LEU D 611 -29.50 24.80 0.04
CA LEU D 611 -28.70 25.39 1.09
C LEU D 611 -27.23 25.18 0.80
N TYR D 612 -26.44 26.25 0.94
CA TYR D 612 -25.00 26.21 0.78
C TYR D 612 -24.37 26.44 2.16
N GLN D 613 -23.57 25.48 2.62
CA GLN D 613 -23.01 25.56 3.96
C GLN D 613 -21.77 26.44 3.99
N GLY D 614 -21.71 27.33 4.98
CA GLY D 614 -20.54 28.15 5.23
C GLY D 614 -20.18 29.10 4.10
N VAL D 615 -21.18 29.79 3.56
CA VAL D 615 -21.00 30.66 2.40
C VAL D 615 -21.48 32.05 2.77
N ASN D 616 -20.67 33.07 2.43
CA ASN D 616 -21.08 34.45 2.60
C ASN D 616 -22.28 34.82 1.72
N CYS D 617 -22.55 34.00 0.70
CA CYS D 617 -23.72 34.03 -0.17
C CYS D 617 -23.64 35.15 -1.18
N THR D 618 -22.44 35.70 -1.42
CA THR D 618 -22.24 36.73 -2.43
C THR D 618 -21.52 36.19 -3.67
N GLU D 619 -21.25 34.88 -3.72
CA GLU D 619 -20.64 34.26 -4.89
C GLU D 619 -21.48 33.12 -5.46
N VAL D 620 -22.74 33.00 -5.04
CA VAL D 620 -23.59 31.92 -5.56
C VAL D 620 -23.90 32.06 -7.05
N PRO D 621 -23.94 33.27 -7.65
CA PRO D 621 -24.14 33.15 -9.10
C PRO D 621 -22.86 32.77 -9.84
N SER D 640 -36.46 34.76 -6.43
CA SER D 640 -36.35 33.80 -5.34
C SER D 640 -36.00 34.49 -4.02
N ASN D 641 -36.46 33.91 -2.92
CA ASN D 641 -36.18 34.47 -1.60
C ASN D 641 -34.81 34.01 -1.11
N VAL D 642 -34.00 34.96 -0.65
CA VAL D 642 -32.66 34.69 -0.13
C VAL D 642 -32.63 35.11 1.32
N PHE D 643 -32.28 34.18 2.20
CA PHE D 643 -32.20 34.44 3.64
C PHE D 643 -30.83 34.00 4.12
N GLN D 644 -30.14 34.89 4.85
CA GLN D 644 -28.79 34.62 5.34
C GLN D 644 -28.89 33.93 6.69
N THR D 645 -28.34 32.73 6.78
CA THR D 645 -28.32 31.93 7.99
C THR D 645 -26.88 31.75 8.45
N ARG D 646 -26.69 31.56 9.76
CA ARG D 646 -25.36 31.38 10.32
C ARG D 646 -24.65 30.15 9.77
N ALA D 647 -25.40 29.18 9.23
CA ALA D 647 -24.83 28.02 8.58
C ALA D 647 -24.84 28.15 7.06
N GLY D 648 -24.82 29.37 6.54
CA GLY D 648 -24.89 29.62 5.12
C GLY D 648 -26.31 29.87 4.66
N CYS D 649 -26.43 30.65 3.58
CA CYS D 649 -27.75 31.07 3.12
C CYS D 649 -28.47 29.93 2.42
N LEU D 650 -29.80 30.04 2.37
CA LEU D 650 -30.64 29.10 1.65
C LEU D 650 -31.61 29.87 0.79
N ILE D 651 -31.88 29.34 -0.41
CA ILE D 651 -32.78 29.97 -1.35
C ILE D 651 -34.05 29.14 -1.48
N GLY D 652 -35.12 29.79 -1.91
CA GLY D 652 -36.41 29.14 -2.05
C GLY D 652 -37.22 29.04 -0.77
N ALA D 653 -36.73 29.59 0.33
CA ALA D 653 -37.42 29.55 1.61
C ALA D 653 -37.75 30.96 2.07
N GLU D 654 -38.95 31.14 2.61
CA GLU D 654 -39.43 32.44 3.05
C GLU D 654 -39.29 32.55 4.56
N HIS D 655 -38.57 33.57 5.02
CA HIS D 655 -38.42 33.80 6.44
C HIS D 655 -39.73 34.33 7.05
N VAL D 656 -39.98 33.96 8.30
CA VAL D 656 -41.16 34.40 9.02
C VAL D 656 -40.76 34.82 10.43
N ASN D 657 -41.61 35.67 11.03
CA ASN D 657 -41.40 36.07 12.42
C ASN D 657 -41.81 34.99 13.41
N ASN D 658 -42.67 34.06 13.01
CA ASN D 658 -43.24 33.09 13.93
C ASN D 658 -42.21 32.02 14.30
N SER D 659 -42.54 31.26 15.34
CA SER D 659 -41.71 30.16 15.81
C SER D 659 -42.58 28.93 16.04
N TYR D 660 -42.11 27.78 15.58
CA TYR D 660 -42.80 26.52 15.76
C TYR D 660 -41.79 25.45 16.15
N GLU D 661 -42.26 24.22 16.28
CA GLU D 661 -41.38 23.10 16.54
C GLU D 661 -40.57 22.77 15.29
N CYS D 662 -39.42 22.12 15.50
CA CYS D 662 -38.52 21.82 14.39
C CYS D 662 -39.05 20.66 13.57
N ASP D 663 -39.30 20.90 12.29
CA ASP D 663 -39.71 19.86 11.34
C ASP D 663 -38.52 19.30 10.57
N ILE D 664 -37.80 20.17 9.86
CA ILE D 664 -36.59 19.77 9.14
C ILE D 664 -35.42 20.60 9.67
N PRO D 665 -34.50 19.99 10.41
CA PRO D 665 -33.39 20.77 10.98
C PRO D 665 -32.46 21.31 9.90
N ILE D 666 -31.99 22.54 10.12
CA ILE D 666 -31.03 23.19 9.23
C ILE D 666 -29.72 23.49 9.93
N GLY D 667 -29.78 24.02 11.14
CA GLY D 667 -28.59 24.34 11.91
C GLY D 667 -28.71 25.69 12.58
N ALA D 668 -27.99 25.84 13.71
CA ALA D 668 -27.95 27.08 14.48
C ALA D 668 -29.34 27.53 14.92
N GLY D 669 -30.17 26.56 15.31
CA GLY D 669 -31.50 26.89 15.79
C GLY D 669 -32.49 27.29 14.72
N ILE D 670 -32.25 26.91 13.47
CA ILE D 670 -33.13 27.23 12.35
C ILE D 670 -33.67 25.93 11.78
N CYS D 671 -34.97 25.88 11.56
CA CYS D 671 -35.62 24.72 10.96
C CYS D 671 -36.60 25.17 9.89
N ALA D 672 -36.89 24.28 8.95
CA ALA D 672 -37.75 24.57 7.82
C ALA D 672 -38.93 23.62 7.81
N SER D 673 -40.04 24.08 7.23
CA SER D 673 -41.26 23.28 7.13
C SER D 673 -42.08 23.77 5.96
N TYR D 674 -43.16 23.06 5.68
CA TYR D 674 -44.06 23.38 4.58
C TYR D 674 -45.31 24.05 5.13
N GLN D 675 -45.72 25.16 4.51
CA GLN D 675 -46.88 25.90 4.98
C GLN D 675 -48.17 25.12 4.80
N THR D 676 -48.23 24.27 3.78
CA THR D 676 -49.41 23.47 3.45
C THR D 676 -50.67 24.32 3.29
N GLN D 690 -48.52 26.00 1.27
CA GLN D 690 -48.16 25.73 -0.12
C GLN D 690 -46.78 26.29 -0.45
N SER D 691 -46.02 26.61 0.59
CA SER D 691 -44.68 27.16 0.42
C SER D 691 -43.79 26.69 1.56
N ILE D 692 -42.48 26.75 1.33
CA ILE D 692 -41.49 26.37 2.32
C ILE D 692 -41.08 27.60 3.10
N ILE D 693 -41.09 27.50 4.44
CA ILE D 693 -40.77 28.61 5.31
C ILE D 693 -39.65 28.20 6.25
N ALA D 694 -38.93 29.21 6.74
CA ALA D 694 -37.85 29.02 7.71
C ALA D 694 -38.13 29.85 8.95
N TYR D 695 -37.85 29.28 10.12
CA TYR D 695 -38.21 29.91 11.37
C TYR D 695 -37.26 29.47 12.47
N THR D 696 -37.26 30.23 13.56
CA THR D 696 -36.49 29.88 14.75
C THR D 696 -37.24 28.84 15.57
N MET D 697 -36.48 27.91 16.16
CA MET D 697 -37.06 26.83 16.93
C MET D 697 -37.79 27.36 18.17
N SER D 698 -38.86 26.66 18.54
CA SER D 698 -39.59 26.91 19.77
C SER D 698 -39.40 25.71 20.68
N LEU D 699 -38.91 25.95 21.90
CA LEU D 699 -38.62 24.85 22.80
C LEU D 699 -39.89 24.20 23.35
N GLY D 700 -40.99 24.94 23.38
CA GLY D 700 -42.24 24.39 23.84
C GLY D 700 -43.10 25.47 24.47
N ALA D 701 -44.27 25.05 24.95
CA ALA D 701 -45.18 25.98 25.61
C ALA D 701 -44.58 26.45 26.93
N GLU D 702 -44.81 27.73 27.24
CA GLU D 702 -44.29 28.35 28.45
C GLU D 702 -45.43 28.57 29.43
N ASN D 703 -45.27 28.04 30.64
CA ASN D 703 -46.27 28.20 31.69
C ASN D 703 -45.58 28.43 33.02
N SER D 704 -46.27 29.13 33.91
CA SER D 704 -45.76 29.42 35.25
C SER D 704 -46.66 28.73 36.27
N VAL D 705 -46.05 27.92 37.13
CA VAL D 705 -46.80 27.21 38.16
C VAL D 705 -47.09 28.16 39.32
N ALA D 706 -48.33 28.09 39.82
CA ALA D 706 -48.77 28.97 40.91
C ALA D 706 -48.17 28.45 42.21
N TYR D 707 -47.03 29.02 42.59
CA TYR D 707 -46.32 28.59 43.78
C TYR D 707 -46.68 29.47 44.98
N SER D 708 -46.86 28.83 46.12
CA SER D 708 -47.15 29.51 47.37
C SER D 708 -46.68 28.63 48.52
N ASN D 709 -46.52 29.24 49.69
CA ASN D 709 -46.01 28.50 50.84
C ASN D 709 -47.10 27.80 51.63
N ASN D 710 -48.37 27.89 51.19
CA ASN D 710 -49.44 27.17 51.85
C ASN D 710 -50.42 26.56 50.86
N SER D 711 -49.97 26.22 49.64
CA SER D 711 -50.83 25.67 48.61
C SER D 711 -50.22 24.40 48.05
N ILE D 712 -51.05 23.38 47.86
CA ILE D 712 -50.64 22.12 47.24
C ILE D 712 -51.67 21.75 46.19
N ALA D 713 -51.26 20.87 45.28
CA ALA D 713 -52.15 20.33 44.25
C ALA D 713 -52.19 18.82 44.39
N ILE D 714 -53.41 18.27 44.48
CA ILE D 714 -53.63 16.84 44.67
C ILE D 714 -54.54 16.33 43.57
N PRO D 715 -54.15 15.32 42.80
CA PRO D 715 -55.02 14.80 41.75
C PRO D 715 -56.22 14.07 42.34
N THR D 716 -57.32 14.07 41.58
CA THR D 716 -58.55 13.41 41.99
C THR D 716 -58.94 12.25 41.06
N ASN D 717 -58.19 12.02 39.99
CA ASN D 717 -58.47 10.94 39.06
C ASN D 717 -57.15 10.39 38.55
N PHE D 718 -57.22 9.37 37.69
CA PHE D 718 -56.02 8.76 37.14
C PHE D 718 -56.35 8.12 35.81
N THR D 719 -55.32 8.00 34.97
CA THR D 719 -55.40 7.29 33.70
C THR D 719 -54.20 6.38 33.56
N ILE D 720 -54.41 5.20 32.99
CA ILE D 720 -53.33 4.26 32.73
C ILE D 720 -53.04 4.27 31.24
N SER D 721 -51.76 4.14 30.89
CA SER D 721 -51.31 4.25 29.52
C SER D 721 -50.32 3.14 29.21
N VAL D 722 -50.23 2.80 27.92
CA VAL D 722 -49.31 1.78 27.43
C VAL D 722 -48.40 2.43 26.40
N THR D 723 -47.10 2.17 26.51
CA THR D 723 -46.11 2.71 25.59
C THR D 723 -45.28 1.58 25.00
N THR D 724 -44.74 1.82 23.82
CA THR D 724 -43.98 0.83 23.07
C THR D 724 -42.52 1.24 22.98
N GLU D 725 -41.62 0.28 23.23
CA GLU D 725 -40.18 0.50 23.16
C GLU D 725 -39.54 -0.64 22.39
N ILE D 726 -38.64 -0.30 21.46
CA ILE D 726 -38.01 -1.27 20.57
C ILE D 726 -36.51 -1.17 20.70
N LEU D 727 -35.85 -2.32 20.91
CA LEU D 727 -34.39 -2.38 20.99
C LEU D 727 -33.90 -3.54 20.11
N PRO D 728 -32.89 -3.31 19.27
CA PRO D 728 -32.29 -4.43 18.54
C PRO D 728 -31.41 -5.27 19.44
N VAL D 729 -31.27 -6.55 19.08
CA VAL D 729 -30.47 -7.48 19.88
C VAL D 729 -29.38 -8.18 19.07
N SER D 730 -29.49 -8.32 17.77
CA SER D 730 -28.49 -9.04 16.98
C SER D 730 -28.59 -8.60 15.53
N MET D 731 -27.68 -9.11 14.70
CA MET D 731 -27.68 -8.84 13.27
C MET D 731 -27.40 -10.14 12.54
N THR D 732 -27.23 -10.04 11.22
CA THR D 732 -27.00 -11.21 10.39
C THR D 732 -25.56 -11.70 10.52
N LYS D 733 -25.39 -13.01 10.55
CA LYS D 733 -24.08 -13.63 10.64
C LYS D 733 -23.56 -13.93 9.23
N THR D 734 -22.39 -13.37 8.90
CA THR D 734 -21.80 -13.53 7.58
C THR D 734 -20.36 -13.99 7.72
N SER D 735 -19.88 -14.67 6.67
CA SER D 735 -18.51 -15.14 6.61
C SER D 735 -17.98 -14.94 5.18
N VAL D 736 -16.76 -14.44 5.06
CA VAL D 736 -16.14 -14.15 3.78
C VAL D 736 -14.81 -14.90 3.70
N ASP D 737 -14.58 -15.59 2.59
CA ASP D 737 -13.34 -16.31 2.35
C ASP D 737 -12.41 -15.46 1.48
N CYS D 738 -11.11 -15.54 1.76
CA CYS D 738 -10.14 -14.71 1.04
C CYS D 738 -9.88 -15.23 -0.36
N THR D 739 -9.49 -16.51 -0.48
CA THR D 739 -9.03 -17.03 -1.77
C THR D 739 -10.12 -16.97 -2.83
N MET D 740 -11.38 -17.15 -2.43
CA MET D 740 -12.47 -17.07 -3.40
C MET D 740 -12.85 -15.64 -3.72
N TYR D 741 -12.52 -14.68 -2.85
CA TYR D 741 -12.82 -13.27 -3.08
C TYR D 741 -11.61 -12.52 -3.66
N ILE D 742 -10.47 -12.59 -2.98
CA ILE D 742 -9.29 -11.86 -3.43
C ILE D 742 -8.74 -12.45 -4.73
N CYS D 743 -8.76 -13.77 -4.85
CA CYS D 743 -8.12 -14.46 -5.97
C CYS D 743 -9.10 -15.06 -6.96
N GLY D 744 -10.04 -15.88 -6.47
CA GLY D 744 -10.96 -16.54 -7.38
C GLY D 744 -10.36 -17.74 -8.07
N ASP D 745 -10.03 -18.77 -7.28
CA ASP D 745 -9.52 -20.08 -7.74
C ASP D 745 -8.36 -19.95 -8.72
N SER D 746 -7.55 -18.90 -8.58
CA SER D 746 -6.37 -18.72 -9.41
C SER D 746 -5.14 -19.23 -8.67
N THR D 747 -4.35 -20.07 -9.34
CA THR D 747 -3.19 -20.68 -8.71
C THR D 747 -2.08 -19.64 -8.48
N GLU D 748 -1.81 -18.82 -9.49
CA GLU D 748 -0.75 -17.81 -9.36
C GLU D 748 -1.12 -16.77 -8.30
N CYS D 749 -2.38 -16.37 -8.26
CA CYS D 749 -2.81 -15.42 -7.24
C CYS D 749 -2.67 -16.02 -5.84
N SER D 750 -3.00 -17.29 -5.68
CA SER D 750 -2.84 -17.95 -4.38
C SER D 750 -1.36 -18.04 -3.99
N ASN D 751 -0.50 -18.34 -4.96
CA ASN D 751 0.93 -18.40 -4.69
C ASN D 751 1.48 -17.05 -4.27
N LEU D 752 1.00 -15.97 -4.89
CA LEU D 752 1.44 -14.64 -4.48
C LEU D 752 0.81 -14.21 -3.17
N LEU D 753 -0.38 -14.72 -2.84
CA LEU D 753 -1.05 -14.34 -1.61
C LEU D 753 -0.45 -15.04 -0.40
N LEU D 754 0.01 -16.29 -0.57
CA LEU D 754 0.53 -17.04 0.58
C LEU D 754 1.82 -16.47 1.14
N GLN D 755 2.49 -15.57 0.42
CA GLN D 755 3.71 -14.95 0.92
C GLN D 755 3.45 -13.67 1.70
N TYR D 756 2.20 -13.23 1.79
CA TYR D 756 1.87 -12.00 2.51
C TYR D 756 1.72 -12.20 4.01
N GLY D 757 1.70 -13.45 4.48
CA GLY D 757 1.57 -13.70 5.90
C GLY D 757 0.28 -14.37 6.29
N SER D 758 -0.32 -13.93 7.40
CA SER D 758 -1.55 -14.51 7.91
C SER D 758 -2.56 -13.43 8.24
N PHE D 759 -2.73 -12.47 7.33
CA PHE D 759 -3.79 -11.47 7.50
C PHE D 759 -5.16 -12.13 7.43
N CYS D 760 -5.35 -13.07 6.50
CA CYS D 760 -6.65 -13.68 6.29
C CYS D 760 -7.07 -14.56 7.45
N THR D 761 -6.11 -15.19 8.13
CA THR D 761 -6.44 -15.93 9.34
C THR D 761 -7.00 -15.00 10.41
N GLN D 762 -6.40 -13.83 10.58
CA GLN D 762 -6.93 -12.85 11.53
C GLN D 762 -8.30 -12.36 11.11
N LEU D 763 -8.51 -12.13 9.81
CA LEU D 763 -9.81 -11.67 9.35
C LEU D 763 -10.89 -12.73 9.61
N ASN D 764 -10.59 -13.99 9.31
CA ASN D 764 -11.54 -15.07 9.56
C ASN D 764 -11.82 -15.23 11.05
N ARG D 765 -10.79 -15.08 11.89
CA ARG D 765 -11.00 -15.14 13.33
C ARG D 765 -11.89 -14.02 13.81
N ALA D 766 -11.70 -12.81 13.29
CA ALA D 766 -12.55 -11.68 13.66
C ALA D 766 -13.99 -11.91 13.24
N LEU D 767 -14.20 -12.41 12.02
CA LEU D 767 -15.57 -12.69 11.56
C LEU D 767 -16.22 -13.78 12.40
N THR D 768 -15.47 -14.82 12.75
CA THR D 768 -16.01 -15.88 13.60
C THR D 768 -16.38 -15.35 14.97
N GLY D 769 -15.52 -14.49 15.55
CA GLY D 769 -15.84 -13.90 16.84
C GLY D 769 -17.06 -13.00 16.80
N ILE D 770 -17.21 -12.25 15.71
CA ILE D 770 -18.41 -11.42 15.55
C ILE D 770 -19.65 -12.29 15.43
N ALA D 771 -19.58 -13.35 14.63
CA ALA D 771 -20.78 -14.16 14.36
C ALA D 771 -21.18 -15.02 15.56
N VAL D 772 -20.22 -15.38 16.42
CA VAL D 772 -20.54 -16.30 17.50
C VAL D 772 -21.26 -15.60 18.65
N GLU D 773 -21.11 -14.28 18.78
CA GLU D 773 -21.68 -13.57 19.92
C GLU D 773 -23.15 -13.20 19.73
N GLN D 774 -23.68 -13.29 18.51
CA GLN D 774 -25.11 -13.02 18.30
C GLN D 774 -25.97 -14.04 19.03
N ASP D 775 -25.57 -15.32 18.97
CA ASP D 775 -26.29 -16.36 19.70
C ASP D 775 -26.22 -16.11 21.20
N LYS D 776 -25.06 -15.68 21.69
CA LYS D 776 -24.93 -15.36 23.11
C LYS D 776 -25.84 -14.21 23.51
N ASN D 777 -25.93 -13.18 22.66
CA ASN D 777 -26.83 -12.06 22.95
C ASN D 777 -28.29 -12.51 23.00
N THR D 778 -28.70 -13.32 22.02
CA THR D 778 -30.07 -13.81 22.00
C THR D 778 -30.37 -14.68 23.21
N GLN D 779 -29.42 -15.54 23.60
CA GLN D 779 -29.62 -16.40 24.76
C GLN D 779 -29.72 -15.60 26.04
N GLU D 780 -28.84 -14.62 26.23
CA GLU D 780 -28.87 -13.82 27.44
C GLU D 780 -30.04 -12.85 27.48
N VAL D 781 -30.66 -12.55 26.35
CA VAL D 781 -31.85 -11.69 26.36
C VAL D 781 -33.13 -12.48 26.57
N PHE D 782 -33.31 -13.58 25.84
CA PHE D 782 -34.62 -14.25 25.80
C PHE D 782 -34.72 -15.48 26.69
N ALA D 783 -33.61 -16.10 27.08
CA ALA D 783 -33.65 -17.37 27.82
C ALA D 783 -33.49 -17.16 29.31
N GLN D 784 -34.06 -16.09 29.86
CA GLN D 784 -33.99 -15.84 31.29
C GLN D 784 -34.91 -16.73 32.12
N VAL D 785 -35.80 -17.47 31.48
CA VAL D 785 -36.75 -18.34 32.19
C VAL D 785 -36.23 -19.76 32.15
N LYS D 786 -36.60 -20.54 33.16
CA LYS D 786 -36.14 -21.92 33.28
C LYS D 786 -37.19 -22.95 32.87
N GLN D 787 -38.47 -22.61 32.94
CA GLN D 787 -39.54 -23.52 32.60
C GLN D 787 -40.51 -22.85 31.64
N ILE D 788 -41.21 -23.68 30.86
CA ILE D 788 -42.19 -23.19 29.89
C ILE D 788 -43.54 -23.20 30.57
N TYR D 789 -43.97 -22.04 31.07
CA TYR D 789 -45.27 -21.92 31.73
C TYR D 789 -46.37 -21.79 30.69
N LYS D 790 -47.50 -22.43 30.96
CA LYS D 790 -48.66 -22.40 30.08
C LYS D 790 -49.82 -21.70 30.76
N THR D 791 -50.50 -20.83 30.02
CA THR D 791 -51.65 -20.14 30.56
C THR D 791 -52.80 -21.12 30.76
N PRO D 792 -53.62 -20.93 31.81
CA PRO D 792 -54.76 -21.81 32.01
C PRO D 792 -55.80 -21.61 30.92
N PRO D 793 -56.60 -22.64 30.62
CA PRO D 793 -57.65 -22.49 29.61
C PRO D 793 -58.68 -21.43 29.97
N ILE D 794 -58.95 -21.23 31.27
CA ILE D 794 -59.86 -20.18 31.69
C ILE D 794 -59.20 -18.82 31.50
N LYS D 795 -60.02 -17.80 31.30
CA LYS D 795 -59.56 -16.43 31.08
C LYS D 795 -60.22 -15.47 32.06
N ASP D 796 -60.36 -15.89 33.32
CA ASP D 796 -60.96 -15.05 34.35
C ASP D 796 -59.85 -14.27 35.05
N PHE D 797 -59.45 -13.18 34.40
CA PHE D 797 -58.39 -12.31 34.92
C PHE D 797 -58.95 -11.03 35.52
N GLY D 798 -60.16 -11.08 36.07
CA GLY D 798 -60.74 -9.90 36.67
C GLY D 798 -61.21 -8.84 35.71
N GLY D 799 -61.50 -9.21 34.46
CA GLY D 799 -61.96 -8.29 33.45
C GLY D 799 -60.90 -7.85 32.47
N PHE D 800 -59.63 -8.10 32.76
CA PHE D 800 -58.56 -7.74 31.83
C PHE D 800 -58.55 -8.71 30.66
N ASN D 801 -58.27 -8.17 29.47
CA ASN D 801 -58.30 -8.93 28.22
C ASN D 801 -56.89 -9.01 27.66
N PHE D 802 -56.29 -10.20 27.75
CA PHE D 802 -54.95 -10.44 27.24
C PHE D 802 -54.93 -11.24 25.95
N SER D 803 -56.08 -11.44 25.31
CA SER D 803 -56.13 -12.22 24.09
C SER D 803 -55.42 -11.55 22.93
N GLN D 804 -55.17 -10.24 23.01
CA GLN D 804 -54.47 -9.52 21.95
C GLN D 804 -52.97 -9.80 21.94
N ILE D 805 -52.42 -10.30 23.04
CA ILE D 805 -50.99 -10.58 23.13
C ILE D 805 -50.68 -12.06 23.38
N LEU D 806 -51.68 -12.86 23.73
CA LEU D 806 -51.45 -14.29 23.90
C LEU D 806 -51.28 -14.96 22.55
N PRO D 807 -50.54 -16.08 22.49
CA PRO D 807 -50.35 -16.77 21.21
C PRO D 807 -51.65 -17.30 20.64
N ASP D 808 -51.73 -17.32 19.31
CA ASP D 808 -52.92 -17.75 18.60
C ASP D 808 -52.71 -19.13 18.00
N PRO D 809 -53.42 -20.16 18.47
CA PRO D 809 -53.20 -21.52 17.91
C PRO D 809 -53.69 -21.68 16.49
N SER D 810 -54.49 -20.75 15.97
CA SER D 810 -55.01 -20.89 14.61
C SER D 810 -53.92 -20.75 13.55
N LYS D 811 -52.77 -20.16 13.91
CA LYS D 811 -51.67 -19.92 12.99
C LYS D 811 -50.57 -20.97 13.23
N PRO D 812 -49.93 -21.49 12.17
CA PRO D 812 -49.06 -22.67 12.35
C PRO D 812 -47.91 -22.49 13.33
N SER D 813 -47.30 -21.31 13.42
CA SER D 813 -46.15 -21.13 14.32
C SER D 813 -46.54 -20.56 15.68
N LYS D 814 -47.83 -20.48 15.99
CA LYS D 814 -48.33 -20.06 17.31
C LYS D 814 -47.83 -18.67 17.69
N ARG D 815 -47.85 -17.74 16.75
CA ARG D 815 -47.36 -16.40 17.02
C ARG D 815 -48.51 -15.47 17.39
N SER D 816 -48.20 -14.45 18.19
CA SER D 816 -49.20 -13.50 18.64
C SER D 816 -49.59 -12.55 17.52
N PHE D 817 -50.74 -11.90 17.69
CA PHE D 817 -51.25 -10.99 16.67
C PHE D 817 -50.36 -9.78 16.50
N ILE D 818 -49.95 -9.17 17.62
CA ILE D 818 -49.05 -8.02 17.57
C ILE D 818 -47.69 -8.43 17.02
N GLU D 819 -47.22 -9.63 17.40
CA GLU D 819 -45.97 -10.13 16.84
C GLU D 819 -46.10 -10.40 15.35
N ASP D 820 -47.26 -10.89 14.90
CA ASP D 820 -47.51 -11.07 13.48
C ASP D 820 -47.44 -9.74 12.74
N LEU D 821 -48.07 -8.70 13.30
CA LEU D 821 -48.03 -7.38 12.68
C LEU D 821 -46.61 -6.83 12.63
N LEU D 822 -45.84 -7.03 13.70
CA LEU D 822 -44.46 -6.56 13.74
C LEU D 822 -43.61 -7.28 12.70
N PHE D 823 -43.78 -8.59 12.57
CA PHE D 823 -43.00 -9.34 11.59
C PHE D 823 -43.39 -8.97 10.16
N ASN D 824 -44.68 -8.72 9.92
CA ASN D 824 -45.11 -8.34 8.58
C ASN D 824 -44.63 -6.94 8.22
N LYS D 825 -44.57 -6.04 9.21
CA LYS D 825 -44.15 -4.67 8.93
C LYS D 825 -42.68 -4.60 8.50
N VAL D 826 -41.82 -5.34 9.16
CA VAL D 826 -40.39 -5.30 8.86
C VAL D 826 -40.10 -6.14 7.63
N THR D 827 -39.45 -5.53 6.64
CA THR D 827 -39.11 -6.19 5.40
C THR D 827 -37.63 -5.99 5.10
N LEU D 828 -37.13 -6.76 4.13
CA LEU D 828 -35.73 -6.67 3.73
C LEU D 828 -35.47 -5.35 3.01
N ALA D 852 -29.34 -11.62 3.22
CA ALA D 852 -28.80 -11.17 1.94
C ALA D 852 -29.03 -12.21 0.86
N GLN D 853 -28.28 -12.10 -0.23
CA GLN D 853 -28.40 -13.01 -1.36
C GLN D 853 -27.32 -14.09 -1.27
N LYS D 854 -27.38 -15.04 -2.20
CA LYS D 854 -26.41 -16.11 -2.32
C LYS D 854 -25.61 -15.92 -3.60
N PHE D 855 -24.30 -15.81 -3.48
CA PHE D 855 -23.44 -15.57 -4.64
C PHE D 855 -22.02 -16.00 -4.29
N ASN D 856 -21.13 -15.85 -5.26
CA ASN D 856 -19.75 -16.26 -5.09
C ASN D 856 -19.01 -15.32 -4.15
N GLY D 857 -18.21 -15.90 -3.26
CA GLY D 857 -17.35 -15.12 -2.39
C GLY D 857 -17.65 -15.24 -0.91
N LEU D 858 -18.92 -15.27 -0.54
CA LEU D 858 -19.31 -15.21 0.86
C LEU D 858 -20.58 -16.02 1.08
N THR D 859 -20.90 -16.24 2.36
CA THR D 859 -22.09 -17.01 2.73
C THR D 859 -22.64 -16.46 4.03
N VAL D 860 -23.89 -16.82 4.32
CA VAL D 860 -24.59 -16.38 5.52
C VAL D 860 -24.96 -17.61 6.34
N LEU D 861 -24.83 -17.49 7.66
CA LEU D 861 -25.12 -18.61 8.55
C LEU D 861 -26.47 -18.42 9.23
N PRO D 862 -27.23 -19.49 9.45
CA PRO D 862 -28.52 -19.37 10.12
C PRO D 862 -28.34 -19.23 11.62
N PRO D 863 -29.24 -18.53 12.29
CA PRO D 863 -29.15 -18.40 13.75
C PRO D 863 -29.43 -19.73 14.45
N LEU D 864 -28.85 -19.87 15.65
CA LEU D 864 -29.05 -21.09 16.43
C LEU D 864 -30.50 -21.23 16.88
N LEU D 865 -31.12 -20.15 17.32
CA LEU D 865 -32.49 -20.16 17.78
C LEU D 865 -33.42 -19.71 16.66
N THR D 866 -34.45 -20.50 16.39
CA THR D 866 -35.43 -20.15 15.38
C THR D 866 -36.45 -19.18 15.96
N ASP D 867 -37.33 -18.67 15.08
CA ASP D 867 -38.37 -17.74 15.51
C ASP D 867 -39.39 -18.43 16.41
N GLU D 868 -39.67 -19.71 16.16
CA GLU D 868 -40.63 -20.42 16.99
C GLU D 868 -40.16 -20.54 18.43
N MET D 869 -38.87 -20.81 18.64
CA MET D 869 -38.35 -20.93 19.99
C MET D 869 -38.39 -19.59 20.73
N ILE D 870 -38.09 -18.49 20.02
CA ILE D 870 -38.17 -17.16 20.62
C ILE D 870 -39.61 -16.83 20.99
N ALA D 871 -40.55 -17.18 20.10
CA ALA D 871 -41.97 -16.95 20.40
C ALA D 871 -42.40 -17.77 21.60
N GLN D 872 -41.93 -19.01 21.71
CA GLN D 872 -42.26 -19.84 22.86
C GLN D 872 -41.68 -19.26 24.15
N TYR D 873 -40.46 -18.73 24.09
CA TYR D 873 -39.86 -18.10 25.26
C TYR D 873 -40.68 -16.89 25.70
N THR D 874 -41.09 -16.05 24.74
CA THR D 874 -41.89 -14.87 25.08
C THR D 874 -43.25 -15.27 25.64
N SER D 875 -43.86 -16.32 25.08
CA SER D 875 -45.15 -16.79 25.59
C SER D 875 -45.01 -17.33 27.01
N ALA D 876 -43.93 -18.06 27.28
CA ALA D 876 -43.70 -18.56 28.64
C ALA D 876 -43.50 -17.42 29.62
N LEU D 877 -42.73 -16.40 29.22
CA LEU D 877 -42.53 -15.24 30.09
C LEU D 877 -43.84 -14.52 30.37
N LEU D 878 -44.65 -14.34 29.33
CA LEU D 878 -45.94 -13.66 29.49
C LEU D 878 -46.88 -14.45 30.40
N ALA D 879 -46.95 -15.77 30.21
CA ALA D 879 -47.80 -16.59 31.07
C ALA D 879 -47.33 -16.56 32.52
N GLY D 880 -46.01 -16.62 32.73
CA GLY D 880 -45.49 -16.54 34.09
C GLY D 880 -45.76 -15.20 34.75
N THR D 881 -45.65 -14.11 33.98
CA THR D 881 -45.84 -12.79 34.57
C THR D 881 -47.30 -12.41 34.73
N ILE D 882 -48.23 -13.10 34.05
CA ILE D 882 -49.65 -12.81 34.26
C ILE D 882 -50.35 -13.85 35.13
N THR D 883 -49.72 -14.98 35.43
CA THR D 883 -50.33 -15.98 36.28
C THR D 883 -49.69 -16.10 37.66
N SER D 884 -48.50 -15.53 37.87
CA SER D 884 -47.82 -15.68 39.15
C SER D 884 -47.17 -14.40 39.65
N GLY D 885 -47.34 -13.27 38.96
CA GLY D 885 -46.70 -12.04 39.41
C GLY D 885 -45.20 -12.09 39.21
N TRP D 886 -44.47 -11.52 40.16
CA TRP D 886 -43.01 -11.51 40.13
C TRP D 886 -42.39 -12.65 40.93
N THR D 887 -43.21 -13.55 41.48
CA THR D 887 -42.69 -14.63 42.30
C THR D 887 -41.86 -15.62 41.48
N PHE D 888 -42.26 -15.85 40.22
CA PHE D 888 -41.54 -16.79 39.37
C PHE D 888 -40.16 -16.29 38.96
N GLY D 889 -39.89 -15.00 39.12
CA GLY D 889 -38.58 -14.46 38.80
C GLY D 889 -37.51 -14.68 39.85
N ALA D 890 -37.90 -15.21 41.02
CA ALA D 890 -36.95 -15.50 42.08
C ALA D 890 -36.92 -16.96 42.50
N GLY D 891 -37.94 -17.75 42.14
CA GLY D 891 -37.98 -19.15 42.51
C GLY D 891 -39.15 -19.87 41.85
N ALA D 892 -39.83 -20.72 42.61
CA ALA D 892 -41.01 -21.40 42.08
C ALA D 892 -42.16 -20.43 41.90
N ALA D 893 -42.93 -20.63 40.83
CA ALA D 893 -44.06 -19.76 40.56
C ALA D 893 -45.18 -20.01 41.57
N LEU D 894 -45.73 -18.93 42.12
CA LEU D 894 -46.82 -19.00 43.08
C LEU D 894 -48.05 -18.36 42.46
N GLN D 895 -49.14 -19.11 42.40
CA GLN D 895 -50.36 -18.59 41.80
C GLN D 895 -51.00 -17.52 42.69
N ILE D 896 -51.63 -16.55 42.05
CA ILE D 896 -52.29 -15.44 42.73
C ILE D 896 -53.28 -14.81 41.76
N PRO D 897 -54.49 -14.46 42.20
CA PRO D 897 -55.43 -13.78 41.31
C PRO D 897 -54.89 -12.44 40.84
N PHE D 898 -55.26 -12.07 39.61
CA PHE D 898 -54.68 -10.90 38.97
C PHE D 898 -55.04 -9.61 39.70
N ALA D 899 -56.24 -9.53 40.28
CA ALA D 899 -56.64 -8.33 41.00
C ALA D 899 -55.74 -8.09 42.22
N MET D 900 -55.38 -9.16 42.93
CA MET D 900 -54.52 -9.01 44.09
C MET D 900 -53.09 -8.62 43.68
N GLN D 901 -52.63 -9.13 42.54
CA GLN D 901 -51.33 -8.69 42.02
C GLN D 901 -51.36 -7.22 41.64
N MET D 902 -52.46 -6.76 41.03
CA MET D 902 -52.59 -5.35 40.70
C MET D 902 -52.63 -4.50 41.96
N ALA D 903 -53.28 -5.00 43.02
CA ALA D 903 -53.27 -4.29 44.30
C ALA D 903 -51.87 -4.24 44.89
N TYR D 904 -51.11 -5.32 44.77
CA TYR D 904 -49.71 -5.31 45.18
C TYR D 904 -48.94 -4.20 44.47
N ARG D 905 -49.12 -4.10 43.15
CA ARG D 905 -48.39 -3.11 42.37
C ARG D 905 -48.82 -1.69 42.73
N PHE D 906 -50.12 -1.47 42.95
CA PHE D 906 -50.59 -0.15 43.36
C PHE D 906 -50.05 0.23 44.73
N ASN D 907 -49.99 -0.73 45.66
CA ASN D 907 -49.36 -0.46 46.94
C ASN D 907 -47.87 -0.19 46.78
N GLY D 908 -47.25 -0.80 45.77
CA GLY D 908 -45.85 -0.52 45.50
C GLY D 908 -45.62 0.90 45.01
N ILE D 909 -46.50 1.40 44.14
CA ILE D 909 -46.34 2.76 43.63
C ILE D 909 -46.81 3.83 44.60
N GLY D 910 -47.30 3.45 45.78
CA GLY D 910 -47.67 4.39 46.80
C GLY D 910 -49.14 4.73 46.93
N VAL D 911 -50.03 3.93 46.35
CA VAL D 911 -51.46 4.15 46.42
C VAL D 911 -52.12 2.95 47.10
N THR D 912 -53.08 3.22 47.98
CA THR D 912 -53.75 2.16 48.69
C THR D 912 -54.57 1.30 47.74
N GLN D 913 -54.81 0.04 48.14
CA GLN D 913 -55.46 -0.93 47.27
C GLN D 913 -56.97 -0.75 47.20
N ASN D 914 -57.57 -0.01 48.14
CA ASN D 914 -59.01 0.16 48.13
C ASN D 914 -59.48 0.93 46.90
N VAL D 915 -58.65 1.84 46.39
CA VAL D 915 -59.04 2.58 45.19
C VAL D 915 -59.07 1.65 43.97
N LEU D 916 -58.24 0.60 43.97
CA LEU D 916 -58.34 -0.39 42.91
C LEU D 916 -59.60 -1.23 43.06
N TYR D 917 -59.87 -1.70 44.28
CA TYR D 917 -61.03 -2.55 44.50
C TYR D 917 -62.34 -1.80 44.30
N GLU D 918 -62.32 -0.47 44.36
CA GLU D 918 -63.50 0.32 44.09
C GLU D 918 -63.57 0.85 42.66
N ASN D 919 -62.52 0.65 41.87
CA ASN D 919 -62.47 1.14 40.49
C ASN D 919 -61.87 0.10 39.56
N GLN D 920 -62.26 -1.17 39.76
CA GLN D 920 -61.67 -2.25 38.96
C GLN D 920 -62.15 -2.22 37.52
N LYS D 921 -63.45 -2.02 37.32
CA LYS D 921 -64.02 -2.05 35.97
C LYS D 921 -63.47 -0.91 35.11
N LEU D 922 -63.35 0.28 35.70
CA LEU D 922 -62.82 1.42 34.96
C LEU D 922 -61.38 1.17 34.53
N ILE D 923 -60.56 0.62 35.43
CA ILE D 923 -59.16 0.34 35.10
C ILE D 923 -59.07 -0.73 34.02
N ALA D 924 -59.90 -1.76 34.10
CA ALA D 924 -59.90 -2.80 33.07
C ALA D 924 -60.30 -2.23 31.71
N ASN D 925 -61.33 -1.38 31.68
CA ASN D 925 -61.76 -0.77 30.43
C ASN D 925 -60.66 0.13 29.86
N GLN D 926 -59.99 0.90 30.72
CA GLN D 926 -58.90 1.75 30.26
C GLN D 926 -57.74 0.92 29.70
N PHE D 927 -57.44 -0.20 30.34
CA PHE D 927 -56.37 -1.08 29.83
C PHE D 927 -56.73 -1.66 28.47
N ASN D 928 -57.98 -2.11 28.30
CA ASN D 928 -58.41 -2.64 27.01
C ASN D 928 -58.36 -1.57 25.93
N SER D 929 -58.82 -0.36 26.25
CA SER D 929 -58.78 0.73 25.29
C SER D 929 -57.35 1.09 24.92
N ALA D 930 -56.44 1.08 25.90
CA ALA D 930 -55.04 1.36 25.62
C ALA D 930 -54.43 0.29 24.71
N ILE D 931 -54.76 -0.98 24.95
CA ILE D 931 -54.26 -2.04 24.08
C ILE D 931 -54.76 -1.87 22.66
N GLY D 932 -56.05 -1.54 22.50
CA GLY D 932 -56.58 -1.27 21.17
C GLY D 932 -55.91 -0.09 20.50
N LYS D 933 -55.61 0.96 21.28
CA LYS D 933 -54.94 2.13 20.73
C LYS D 933 -53.52 1.80 20.29
N ILE D 934 -52.81 0.96 21.04
CA ILE D 934 -51.49 0.52 20.63
C ILE D 934 -51.56 -0.29 19.35
N GLN D 935 -52.57 -1.16 19.24
CA GLN D 935 -52.74 -1.91 18.00
C GLN D 935 -52.99 -0.98 16.80
N ASP D 936 -53.84 0.03 16.99
CA ASP D 936 -54.12 0.97 15.92
C ASP D 936 -52.88 1.78 15.53
N SER D 937 -52.11 2.23 16.53
CA SER D 937 -50.91 3.01 16.26
C SER D 937 -49.86 2.17 15.55
N LEU D 938 -49.71 0.90 15.95
CA LEU D 938 -48.75 0.02 15.29
C LEU D 938 -49.18 -0.30 13.87
N SER D 939 -50.48 -0.40 13.61
CA SER D 939 -50.98 -0.62 12.27
C SER D 939 -51.09 0.67 11.45
N SER D 940 -50.81 1.82 12.05
CA SER D 940 -50.87 3.11 11.36
C SER D 940 -49.65 3.38 10.49
N THR D 941 -48.80 2.38 10.26
CA THR D 941 -47.60 2.51 9.43
C THR D 941 -46.68 3.63 9.91
N ALA D 942 -46.55 3.77 11.22
CA ALA D 942 -45.66 4.76 11.79
C ALA D 942 -44.20 4.29 11.67
N SER D 943 -43.29 5.25 11.76
CA SER D 943 -41.86 4.95 11.66
C SER D 943 -41.29 4.56 13.02
N ALA D 944 -41.90 3.57 13.67
CA ALA D 944 -41.41 3.09 14.95
C ALA D 944 -40.44 1.93 14.80
N LEU D 945 -40.54 1.16 13.72
CA LEU D 945 -39.67 0.03 13.47
C LEU D 945 -38.40 0.41 12.72
N GLY D 946 -38.02 1.69 12.75
CA GLY D 946 -36.84 2.13 12.02
C GLY D 946 -35.53 1.71 12.64
N LYS D 947 -35.53 1.34 13.92
CA LYS D 947 -34.28 0.96 14.58
C LYS D 947 -33.70 -0.31 13.98
N LEU D 948 -34.55 -1.32 13.73
CA LEU D 948 -34.08 -2.55 13.12
C LEU D 948 -33.85 -2.38 11.62
N GLN D 949 -34.69 -1.58 10.97
CA GLN D 949 -34.56 -1.35 9.53
C GLN D 949 -33.26 -0.64 9.20
N ASP D 950 -32.84 0.30 10.07
CA ASP D 950 -31.57 1.00 9.84
C ASP D 950 -30.39 0.03 9.88
N VAL D 951 -30.39 -0.88 10.86
CA VAL D 951 -29.31 -1.87 10.96
C VAL D 951 -29.31 -2.79 9.75
N VAL D 952 -30.49 -3.26 9.34
CA VAL D 952 -30.57 -4.14 8.18
C VAL D 952 -30.07 -3.43 6.93
N ASN D 953 -30.49 -2.18 6.73
CA ASN D 953 -30.11 -1.41 5.55
C ASN D 953 -28.61 -1.14 5.53
N GLN D 954 -28.03 -0.78 6.68
CA GLN D 954 -26.60 -0.47 6.69
C GLN D 954 -25.77 -1.72 6.48
N ASN D 955 -26.19 -2.87 7.04
CA ASN D 955 -25.47 -4.11 6.77
C ASN D 955 -25.56 -4.49 5.29
N ALA D 956 -26.76 -4.35 4.71
CA ALA D 956 -26.93 -4.69 3.30
C ALA D 956 -26.10 -3.79 2.40
N GLN D 957 -26.07 -2.48 2.68
CA GLN D 957 -25.31 -1.58 1.83
C GLN D 957 -23.81 -1.76 2.01
N ALA D 958 -23.35 -2.11 3.22
CA ALA D 958 -21.94 -2.42 3.41
C ALA D 958 -21.55 -3.66 2.62
N LEU D 959 -22.38 -4.69 2.66
CA LEU D 959 -22.09 -5.91 1.88
C LEU D 959 -22.10 -5.62 0.38
N ASN D 960 -23.05 -4.79 -0.07
CA ASN D 960 -23.12 -4.45 -1.48
C ASN D 960 -21.89 -3.65 -1.92
N THR D 961 -21.43 -2.72 -1.07
CA THR D 961 -20.22 -1.97 -1.40
C THR D 961 -19.01 -2.88 -1.45
N LEU D 962 -18.91 -3.84 -0.52
CA LEU D 962 -17.81 -4.78 -0.55
C LEU D 962 -17.82 -5.62 -1.83
N VAL D 963 -19.02 -6.06 -2.26
CA VAL D 963 -19.12 -6.83 -3.49
C VAL D 963 -18.74 -5.97 -4.70
N LYS D 964 -19.23 -4.73 -4.75
CA LYS D 964 -18.99 -3.87 -5.90
C LYS D 964 -17.55 -3.39 -5.96
N GLN D 965 -16.81 -3.41 -4.85
CA GLN D 965 -15.41 -3.02 -4.87
C GLN D 965 -14.53 -3.98 -5.67
N LEU D 966 -15.03 -5.16 -6.00
CA LEU D 966 -14.26 -6.14 -6.76
C LEU D 966 -14.09 -5.75 -8.22
N SER D 967 -14.86 -4.79 -8.73
CA SER D 967 -14.78 -4.37 -10.12
C SER D 967 -13.85 -3.19 -10.34
N SER D 968 -13.17 -2.73 -9.29
CA SER D 968 -12.28 -1.59 -9.42
C SER D 968 -10.99 -1.98 -10.14
N ASN D 969 -10.27 -0.97 -10.62
CA ASN D 969 -9.05 -1.19 -11.38
C ASN D 969 -7.80 -1.18 -10.51
N PHE D 970 -7.74 -0.26 -9.53
CA PHE D 970 -6.62 -0.13 -8.60
C PHE D 970 -5.29 0.10 -9.33
N GLY D 971 -5.34 0.83 -10.44
CA GLY D 971 -4.13 1.15 -11.18
C GLY D 971 -3.62 0.07 -12.11
N ALA D 972 -4.31 -1.06 -12.21
CA ALA D 972 -3.88 -2.13 -13.09
C ALA D 972 -4.40 -1.87 -14.51
N ILE D 973 -4.05 -2.77 -15.42
CA ILE D 973 -4.50 -2.63 -16.81
C ILE D 973 -6.00 -2.92 -16.92
N SER D 974 -6.51 -3.85 -16.12
CA SER D 974 -7.92 -4.20 -16.16
C SER D 974 -8.32 -4.83 -14.84
N SER D 975 -9.62 -4.84 -14.58
CA SER D 975 -10.15 -5.48 -13.38
C SER D 975 -10.21 -7.00 -13.50
N VAL D 976 -10.27 -7.52 -14.73
CA VAL D 976 -10.40 -8.97 -14.93
C VAL D 976 -9.04 -9.62 -14.71
N LEU D 977 -9.00 -10.63 -13.84
CA LEU D 977 -7.75 -11.32 -13.54
C LEU D 977 -7.29 -12.16 -14.72
N ASN D 978 -8.23 -12.82 -15.40
CA ASN D 978 -7.89 -13.68 -16.53
C ASN D 978 -7.25 -12.90 -17.67
N ASP D 979 -7.78 -11.70 -17.94
CA ASP D 979 -7.19 -10.86 -18.99
C ASP D 979 -5.76 -10.48 -18.66
N ILE D 980 -5.49 -10.15 -17.39
CA ILE D 980 -4.13 -9.80 -16.98
C ILE D 980 -3.20 -10.99 -17.12
N LEU D 981 -3.64 -12.17 -16.67
CA LEU D 981 -2.76 -13.33 -16.70
C LEU D 981 -2.59 -13.91 -18.11
N SER D 982 -3.50 -13.60 -19.04
CA SER D 982 -3.40 -14.12 -20.39
C SER D 982 -2.70 -13.16 -21.35
N ARG D 983 -3.08 -11.88 -21.32
CA ARG D 983 -2.51 -10.91 -22.25
C ARG D 983 -1.02 -10.68 -21.98
N LEU D 984 -0.64 -10.58 -20.70
CA LEU D 984 0.73 -10.25 -20.34
C LEU D 984 1.58 -11.51 -20.19
N ASP D 985 2.88 -11.30 -20.28
CA ASP D 985 3.85 -12.39 -20.17
C ASP D 985 4.01 -12.80 -18.72
N PRO D 986 4.00 -14.09 -18.40
CA PRO D 986 3.84 -14.54 -17.00
C PRO D 986 4.94 -14.05 -16.06
N PRO D 987 6.23 -14.04 -16.44
CA PRO D 987 7.23 -13.52 -15.49
C PRO D 987 7.24 -12.01 -15.34
N GLU D 988 6.30 -11.28 -15.93
CA GLU D 988 6.23 -9.83 -15.70
C GLU D 988 4.83 -9.36 -15.36
N ALA D 989 3.87 -10.27 -15.14
CA ALA D 989 2.52 -9.88 -14.75
C ALA D 989 2.37 -9.69 -13.26
N GLU D 990 3.39 -10.04 -12.47
CA GLU D 990 3.29 -9.92 -11.02
C GLU D 990 3.16 -8.46 -10.58
N VAL D 991 3.83 -7.56 -11.30
CA VAL D 991 3.75 -6.13 -10.99
C VAL D 991 2.35 -5.58 -11.24
N GLN D 992 1.51 -6.29 -11.99
CA GLN D 992 0.11 -5.94 -12.15
C GLN D 992 -0.79 -6.70 -11.19
N ILE D 993 -0.42 -7.93 -10.83
CA ILE D 993 -1.24 -8.72 -9.91
C ILE D 993 -1.18 -8.15 -8.50
N ASP D 994 0.01 -7.70 -8.08
CA ASP D 994 0.22 -7.36 -6.67
C ASP D 994 -0.60 -6.15 -6.24
N ARG D 995 -0.70 -5.14 -7.11
CA ARG D 995 -1.47 -3.95 -6.75
C ARG D 995 -2.95 -4.26 -6.59
N LEU D 996 -3.50 -5.09 -7.49
CA LEU D 996 -4.88 -5.52 -7.36
C LEU D 996 -5.09 -6.31 -6.08
N ILE D 997 -4.14 -7.20 -5.75
CA ILE D 997 -4.23 -7.98 -4.52
C ILE D 997 -4.25 -7.06 -3.30
N THR D 998 -3.35 -6.07 -3.28
CA THR D 998 -3.29 -5.15 -2.15
C THR D 998 -4.56 -4.33 -2.02
N GLY D 999 -5.11 -3.86 -3.15
CA GLY D 999 -6.35 -3.11 -3.09
C GLY D 999 -7.51 -3.93 -2.55
N ARG D 1000 -7.65 -5.17 -3.03
CA ARG D 1000 -8.72 -6.03 -2.54
C ARG D 1000 -8.54 -6.34 -1.06
N LEU D 1001 -7.29 -6.58 -0.63
CA LEU D 1001 -7.02 -6.85 0.78
C LEU D 1001 -7.36 -5.64 1.65
N GLN D 1002 -7.04 -4.44 1.17
CA GLN D 1002 -7.37 -3.23 1.92
C GLN D 1002 -8.87 -3.05 2.04
N SER D 1003 -9.62 -3.30 0.95
CA SER D 1003 -11.07 -3.21 1.02
C SER D 1003 -11.64 -4.21 2.02
N LEU D 1004 -11.14 -5.44 2.00
CA LEU D 1004 -11.60 -6.45 2.94
C LEU D 1004 -11.30 -6.06 4.38
N GLN D 1005 -10.11 -5.50 4.63
CA GLN D 1005 -9.75 -5.05 5.97
C GLN D 1005 -10.66 -3.93 6.44
N THR D 1006 -10.99 -2.98 5.55
CA THR D 1006 -11.91 -1.91 5.91
C THR D 1006 -13.29 -2.47 6.28
N TYR D 1007 -13.78 -3.43 5.50
CA TYR D 1007 -15.07 -4.04 5.81
C TYR D 1007 -15.03 -4.74 7.16
N VAL D 1008 -13.95 -5.46 7.45
CA VAL D 1008 -13.83 -6.16 8.73
C VAL D 1008 -13.81 -5.18 9.89
N THR D 1009 -13.07 -4.07 9.74
CA THR D 1009 -13.02 -3.08 10.79
C THR D 1009 -14.39 -2.45 11.04
N GLN D 1010 -15.14 -2.15 9.97
CA GLN D 1010 -16.47 -1.60 10.14
C GLN D 1010 -17.39 -2.57 10.85
N GLN D 1011 -17.33 -3.86 10.49
CA GLN D 1011 -18.16 -4.86 11.16
C GLN D 1011 -17.80 -4.98 12.63
N LEU D 1012 -16.50 -4.95 12.95
CA LEU D 1012 -16.07 -5.01 14.34
C LEU D 1012 -16.57 -3.81 15.13
N ILE D 1013 -16.56 -2.63 14.51
CA ILE D 1013 -17.06 -1.45 15.19
C ILE D 1013 -18.57 -1.56 15.45
N ARG D 1014 -19.33 -2.03 14.47
CA ARG D 1014 -20.78 -2.12 14.64
C ARG D 1014 -21.18 -3.21 15.64
N ALA D 1015 -20.36 -4.25 15.78
CA ALA D 1015 -20.67 -5.33 16.71
C ALA D 1015 -20.72 -4.83 18.15
N ALA D 1016 -19.87 -3.86 18.49
CA ALA D 1016 -19.87 -3.32 19.85
C ALA D 1016 -21.18 -2.61 20.16
N GLU D 1017 -21.68 -1.80 19.22
CA GLU D 1017 -22.96 -1.13 19.42
C GLU D 1017 -24.09 -2.15 19.53
N ILE D 1018 -24.06 -3.18 18.70
CA ILE D 1018 -25.10 -4.21 18.77
C ILE D 1018 -25.07 -4.90 20.14
N ARG D 1019 -23.87 -5.21 20.63
CA ARG D 1019 -23.75 -5.87 21.94
C ARG D 1019 -24.21 -4.97 23.07
N ALA D 1020 -23.90 -3.67 23.00
CA ALA D 1020 -24.37 -2.74 24.02
C ALA D 1020 -25.89 -2.65 24.03
N SER D 1021 -26.51 -2.59 22.85
CA SER D 1021 -27.96 -2.57 22.77
C SER D 1021 -28.56 -3.86 23.33
N ALA D 1022 -27.92 -5.01 23.04
CA ALA D 1022 -28.40 -6.28 23.58
C ALA D 1022 -28.29 -6.32 25.10
N ASN D 1023 -27.20 -5.79 25.65
CA ASN D 1023 -27.05 -5.74 27.10
C ASN D 1023 -28.13 -4.87 27.73
N LEU D 1024 -28.41 -3.71 27.13
CA LEU D 1024 -29.46 -2.84 27.66
C LEU D 1024 -30.83 -3.52 27.59
N ALA D 1025 -31.10 -4.22 26.49
CA ALA D 1025 -32.38 -4.93 26.36
C ALA D 1025 -32.50 -6.04 27.38
N ALA D 1026 -31.40 -6.77 27.64
CA ALA D 1026 -31.43 -7.83 28.65
C ALA D 1026 -31.68 -7.26 30.04
N THR D 1027 -31.03 -6.14 30.37
CA THR D 1027 -31.26 -5.51 31.66
C THR D 1027 -32.70 -5.04 31.80
N LYS D 1028 -33.25 -4.43 30.74
CA LYS D 1028 -34.64 -3.97 30.80
C LYS D 1028 -35.61 -5.14 30.94
N MET D 1029 -35.35 -6.24 30.25
CA MET D 1029 -36.20 -7.42 30.39
C MET D 1029 -36.12 -7.99 31.80
N SER D 1030 -34.91 -8.01 32.38
CA SER D 1030 -34.75 -8.54 33.72
C SER D 1030 -35.47 -7.68 34.76
N GLU D 1031 -35.39 -6.35 34.62
CA GLU D 1031 -35.89 -5.47 35.66
C GLU D 1031 -37.36 -5.09 35.49
N CYS D 1032 -37.76 -4.69 34.28
CA CYS D 1032 -39.12 -4.20 34.08
C CYS D 1032 -40.13 -5.34 34.06
N VAL D 1033 -39.76 -6.50 33.51
CA VAL D 1033 -40.72 -7.58 33.31
C VAL D 1033 -40.78 -8.49 34.53
N LEU D 1034 -39.64 -8.89 35.08
CA LEU D 1034 -39.62 -9.81 36.20
C LEU D 1034 -39.85 -9.14 37.54
N GLY D 1035 -40.01 -7.82 37.57
CA GLY D 1035 -40.28 -7.12 38.81
C GLY D 1035 -40.93 -5.78 38.56
N GLN D 1036 -41.01 -4.98 39.61
CA GLN D 1036 -41.56 -3.64 39.55
C GLN D 1036 -40.42 -2.65 39.79
N SER D 1037 -40.09 -1.87 38.77
CA SER D 1037 -38.94 -0.97 38.84
C SER D 1037 -39.31 0.32 39.56
N LYS D 1038 -38.38 0.82 40.38
CA LYS D 1038 -38.57 2.05 41.11
C LYS D 1038 -37.86 3.24 40.49
N ARG D 1039 -36.79 3.01 39.73
CA ARG D 1039 -36.10 4.09 39.04
C ARG D 1039 -36.99 4.68 37.96
N VAL D 1040 -37.04 6.01 37.90
CA VAL D 1040 -37.98 6.71 37.03
C VAL D 1040 -37.50 6.66 35.58
N ASP D 1041 -38.45 6.60 34.66
CA ASP D 1041 -38.27 6.64 33.21
C ASP D 1041 -37.47 5.46 32.67
N PHE D 1042 -37.16 4.46 33.50
CA PHE D 1042 -36.46 3.28 33.00
C PHE D 1042 -37.40 2.36 32.23
N CYS D 1043 -38.63 2.21 32.70
CA CYS D 1043 -39.63 1.35 32.07
C CYS D 1043 -40.87 2.16 31.67
N GLY D 1044 -40.65 3.31 31.06
CA GLY D 1044 -41.74 4.13 30.57
C GLY D 1044 -41.98 5.35 31.43
N LYS D 1045 -42.65 6.34 30.83
CA LYS D 1045 -42.96 7.58 31.54
C LYS D 1045 -44.08 7.34 32.55
N GLY D 1046 -43.93 7.92 33.74
CA GLY D 1046 -44.89 7.73 34.80
C GLY D 1046 -44.47 6.66 35.77
N TYR D 1047 -45.40 6.31 36.66
CA TYR D 1047 -45.16 5.29 37.67
C TYR D 1047 -45.36 3.92 37.03
N HIS D 1048 -44.27 3.15 36.93
CA HIS D 1048 -44.32 1.86 36.24
C HIS D 1048 -45.10 0.85 37.06
N LEU D 1049 -46.03 0.15 36.41
CA LEU D 1049 -46.80 -0.92 37.05
C LEU D 1049 -46.29 -2.30 36.65
N MET D 1050 -46.29 -2.61 35.35
CA MET D 1050 -45.89 -3.91 34.86
C MET D 1050 -45.66 -3.81 33.35
N SER D 1051 -44.95 -4.80 32.81
CA SER D 1051 -44.56 -4.78 31.41
C SER D 1051 -44.76 -6.16 30.80
N PHE D 1052 -44.90 -6.18 29.47
CA PHE D 1052 -45.09 -7.40 28.70
C PHE D 1052 -44.12 -7.41 27.53
N PRO D 1053 -43.38 -8.49 27.31
CA PRO D 1053 -42.46 -8.55 26.18
C PRO D 1053 -43.09 -9.12 24.92
N GLN D 1054 -42.59 -8.68 23.78
CA GLN D 1054 -43.02 -9.16 22.48
C GLN D 1054 -41.81 -9.42 21.60
N SER D 1055 -41.97 -10.31 20.64
CA SER D 1055 -40.88 -10.71 19.76
C SER D 1055 -40.85 -9.85 18.51
N ALA D 1056 -39.64 -9.62 18.02
CA ALA D 1056 -39.36 -8.86 16.80
C ALA D 1056 -38.40 -9.67 15.95
N PRO D 1057 -38.36 -9.40 14.64
CA PRO D 1057 -37.46 -10.19 13.76
C PRO D 1057 -36.00 -10.12 14.15
N HIS D 1058 -35.53 -8.97 14.65
CA HIS D 1058 -34.14 -8.87 15.09
C HIS D 1058 -34.03 -8.07 16.38
N GLY D 1059 -35.07 -8.06 17.20
CA GLY D 1059 -35.05 -7.34 18.44
C GLY D 1059 -36.13 -7.80 19.38
N VAL D 1060 -36.49 -6.90 20.31
CA VAL D 1060 -37.52 -7.17 21.30
C VAL D 1060 -38.37 -5.91 21.46
N VAL D 1061 -39.66 -6.09 21.69
CA VAL D 1061 -40.61 -5.00 21.86
C VAL D 1061 -41.19 -5.07 23.27
N PHE D 1062 -41.10 -3.97 24.00
CA PHE D 1062 -41.58 -3.89 25.37
C PHE D 1062 -42.84 -3.03 25.42
N LEU D 1063 -43.87 -3.53 26.09
CA LEU D 1063 -45.12 -2.81 26.30
C LEU D 1063 -45.20 -2.44 27.79
N HIS D 1064 -45.03 -1.16 28.09
CA HIS D 1064 -44.96 -0.68 29.46
C HIS D 1064 -46.31 -0.10 29.88
N VAL D 1065 -46.86 -0.60 30.98
CA VAL D 1065 -48.11 -0.10 31.55
C VAL D 1065 -47.76 0.76 32.75
N THR D 1066 -48.22 2.01 32.73
CA THR D 1066 -47.86 2.99 33.75
C THR D 1066 -49.11 3.63 34.33
N TYR D 1067 -48.90 4.40 35.40
CA TYR D 1067 -49.96 5.08 36.13
C TYR D 1067 -49.75 6.58 36.01
N VAL D 1068 -50.76 7.30 35.53
CA VAL D 1068 -50.68 8.74 35.30
C VAL D 1068 -51.83 9.42 36.04
N PRO D 1069 -51.55 10.29 37.01
CA PRO D 1069 -52.63 11.03 37.66
C PRO D 1069 -53.19 12.12 36.75
N ALA D 1070 -54.43 12.53 37.07
CA ALA D 1070 -55.12 13.54 36.29
C ALA D 1070 -56.19 14.20 37.15
N GLN D 1071 -56.77 15.27 36.61
CA GLN D 1071 -57.87 16.02 37.25
C GLN D 1071 -57.45 16.55 38.62
N GLU D 1072 -56.48 17.44 38.61
CA GLU D 1072 -55.91 17.97 39.84
C GLU D 1072 -56.81 19.06 40.43
N LYS D 1073 -56.61 19.30 41.73
CA LYS D 1073 -57.33 20.34 42.46
C LYS D 1073 -56.43 20.82 43.59
N ASN D 1074 -56.53 22.10 43.92
CA ASN D 1074 -55.64 22.71 44.89
C ASN D 1074 -56.38 23.08 46.17
N PHE D 1075 -55.68 22.94 47.29
CA PHE D 1075 -56.22 23.20 48.62
C PHE D 1075 -55.20 24.02 49.40
N THR D 1076 -55.43 24.14 50.71
CA THR D 1076 -54.54 24.84 51.62
C THR D 1076 -53.97 23.83 52.62
N THR D 1077 -52.65 23.91 52.85
CA THR D 1077 -51.96 22.95 53.68
C THR D 1077 -51.24 23.64 54.84
N ALA D 1078 -50.94 22.85 55.86
CA ALA D 1078 -50.15 23.27 57.01
C ALA D 1078 -49.16 22.17 57.33
N PRO D 1079 -47.94 22.51 57.78
CA PRO D 1079 -46.97 21.48 58.13
C PRO D 1079 -47.40 20.59 59.29
N ALA D 1080 -48.14 21.12 60.26
CA ALA D 1080 -48.53 20.35 61.43
C ALA D 1080 -49.74 20.99 62.07
N ILE D 1081 -50.31 20.29 63.05
CA ILE D 1081 -51.47 20.74 63.81
C ILE D 1081 -51.05 20.87 65.28
N CYS D 1082 -51.33 22.02 65.87
CA CYS D 1082 -51.04 22.26 67.28
C CYS D 1082 -52.34 22.11 68.07
N HIS D 1083 -52.39 21.13 68.96
CA HIS D 1083 -53.54 20.88 69.80
C HIS D 1083 -53.08 20.62 71.22
N ASP D 1084 -53.69 21.32 72.18
CA ASP D 1084 -53.36 21.20 73.61
C ASP D 1084 -51.88 21.48 73.87
N GLY D 1085 -51.32 22.42 73.11
CA GLY D 1085 -49.92 22.77 73.26
C GLY D 1085 -48.95 21.77 72.68
N LYS D 1086 -49.43 20.79 71.92
CA LYS D 1086 -48.58 19.76 71.33
C LYS D 1086 -48.75 19.75 69.83
N ALA D 1087 -47.64 19.58 69.10
CA ALA D 1087 -47.66 19.55 67.65
C ALA D 1087 -47.87 18.14 67.15
N HIS D 1088 -48.79 17.97 66.21
CA HIS D 1088 -49.12 16.66 65.64
C HIS D 1088 -48.68 16.62 64.19
N PHE D 1089 -48.00 15.53 63.81
CA PHE D 1089 -47.54 15.33 62.46
C PHE D 1089 -48.22 14.11 61.85
N PRO D 1090 -48.48 14.12 60.54
CA PRO D 1090 -49.15 12.97 59.92
C PRO D 1090 -48.21 11.80 59.72
N ARG D 1091 -48.71 10.61 60.03
CA ARG D 1091 -47.93 9.39 59.78
C ARG D 1091 -47.72 9.17 58.29
N GLU D 1092 -48.75 9.41 57.49
CA GLU D 1092 -48.65 9.37 56.04
C GLU D 1092 -49.64 10.36 55.45
N GLY D 1093 -49.28 10.97 54.34
CA GLY D 1093 -50.10 12.01 53.74
C GLY D 1093 -49.84 13.37 54.36
N VAL D 1094 -50.69 14.32 53.98
CA VAL D 1094 -50.57 15.71 54.43
C VAL D 1094 -51.93 16.21 54.90
N PHE D 1095 -51.90 17.29 55.66
CA PHE D 1095 -53.09 17.98 56.12
C PHE D 1095 -53.55 18.96 55.05
N VAL D 1096 -54.80 18.83 54.61
CA VAL D 1096 -55.38 19.73 53.63
C VAL D 1096 -56.69 20.27 54.18
N SER D 1097 -57.10 21.43 53.65
CA SER D 1097 -58.34 22.07 54.06
C SER D 1097 -59.10 22.55 52.84
N ASN D 1098 -60.42 22.38 52.87
CA ASN D 1098 -61.29 22.87 51.80
C ASN D 1098 -61.81 24.27 52.06
N GLY D 1099 -61.40 24.90 53.16
CA GLY D 1099 -61.82 26.26 53.50
C GLY D 1099 -62.43 26.37 54.89
N THR D 1100 -63.02 25.30 55.39
CA THR D 1100 -63.68 25.34 56.69
C THR D 1100 -63.19 24.23 57.62
N HIS D 1101 -62.83 23.09 57.04
CA HIS D 1101 -62.42 21.92 57.83
C HIS D 1101 -61.10 21.38 57.29
N TRP D 1102 -60.36 20.69 58.16
CA TRP D 1102 -59.08 20.09 57.82
C TRP D 1102 -59.22 18.58 57.75
N PHE D 1103 -58.55 17.98 56.77
CA PHE D 1103 -58.61 16.54 56.56
C PHE D 1103 -57.22 16.00 56.28
N VAL D 1104 -57.12 14.68 56.20
CA VAL D 1104 -55.89 13.98 55.86
C VAL D 1104 -56.14 13.14 54.62
N THR D 1105 -55.33 13.34 53.60
CA THR D 1105 -55.45 12.61 52.34
C THR D 1105 -54.14 11.90 52.02
N GLN D 1106 -54.17 11.10 50.96
CA GLN D 1106 -52.97 10.46 50.45
C GLN D 1106 -52.16 11.44 49.62
N ARG D 1107 -50.92 11.06 49.33
CA ARG D 1107 -50.04 11.93 48.55
C ARG D 1107 -50.46 11.98 47.08
N ASN D 1108 -50.79 10.82 46.50
CA ASN D 1108 -51.08 10.73 45.08
C ASN D 1108 -52.57 10.59 44.76
N PHE D 1109 -53.44 10.61 45.77
CA PHE D 1109 -54.87 10.48 45.54
C PHE D 1109 -55.60 11.28 46.61
N TYR D 1110 -56.73 11.87 46.23
CA TYR D 1110 -57.53 12.69 47.14
C TYR D 1110 -58.54 11.80 47.85
N GLU D 1111 -58.43 11.73 49.17
CA GLU D 1111 -59.35 10.93 50.00
C GLU D 1111 -59.36 11.52 51.39
N PRO D 1112 -60.24 12.49 51.65
CA PRO D 1112 -60.25 13.18 52.95
C PRO D 1112 -60.60 12.23 54.09
N GLN D 1113 -59.91 12.41 55.21
CA GLN D 1113 -60.14 11.63 56.42
C GLN D 1113 -60.13 12.57 57.62
N ILE D 1114 -60.92 12.21 58.64
CA ILE D 1114 -60.97 13.03 59.85
C ILE D 1114 -59.66 12.85 60.62
N ILE D 1115 -59.08 13.97 61.06
CA ILE D 1115 -57.83 13.92 61.80
C ILE D 1115 -58.05 13.22 63.14
N THR D 1116 -57.22 12.22 63.41
CA THR D 1116 -57.38 11.36 64.57
C THR D 1116 -56.00 11.06 65.14
N THR D 1117 -55.96 10.76 66.44
CA THR D 1117 -54.72 10.34 67.08
C THR D 1117 -54.16 9.07 66.46
N ASP D 1118 -55.02 8.25 65.84
CA ASP D 1118 -54.57 7.00 65.25
C ASP D 1118 -53.61 7.22 64.08
N ASN D 1119 -53.89 8.21 63.23
CA ASN D 1119 -53.07 8.46 62.05
C ASN D 1119 -52.14 9.65 62.21
N THR D 1120 -51.92 10.12 63.44
CA THR D 1120 -51.00 11.22 63.70
C THR D 1120 -50.13 10.86 64.90
N PHE D 1121 -48.95 11.47 64.96
CA PHE D 1121 -48.05 11.28 66.10
C PHE D 1121 -47.58 12.63 66.61
N VAL D 1122 -47.21 12.66 67.88
CA VAL D 1122 -46.87 13.89 68.60
C VAL D 1122 -45.37 13.94 68.80
N SER D 1123 -44.77 15.12 68.55
CA SER D 1123 -43.34 15.30 68.74
C SER D 1123 -43.11 16.75 69.18
N GLY D 1124 -43.01 16.96 70.50
CA GLY D 1124 -42.68 18.26 71.04
C GLY D 1124 -43.84 19.25 71.01
N ASN D 1125 -43.54 20.45 71.48
CA ASN D 1125 -44.52 21.53 71.49
C ASN D 1125 -44.64 22.18 70.11
N CYS D 1126 -45.63 23.05 69.97
CA CYS D 1126 -45.94 23.68 68.70
C CYS D 1126 -45.40 25.11 68.60
N ASP D 1127 -44.40 25.46 69.40
CA ASP D 1127 -43.80 26.79 69.36
C ASP D 1127 -42.58 26.88 68.46
N VAL D 1128 -42.17 25.78 67.83
CA VAL D 1128 -40.97 25.77 67.00
C VAL D 1128 -41.30 25.64 65.52
N VAL D 1129 -42.35 24.90 65.15
CA VAL D 1129 -42.66 24.67 63.75
C VAL D 1129 -43.22 25.94 63.13
N ILE D 1130 -42.68 26.32 61.97
CA ILE D 1130 -43.10 27.54 61.28
C ILE D 1130 -44.31 27.22 60.41
N GLY D 1131 -45.37 28.00 60.57
CA GLY D 1131 -46.57 27.83 59.77
C GLY D 1131 -47.60 26.88 60.33
N ILE D 1132 -47.51 26.56 61.63
CA ILE D 1132 -48.46 25.63 62.23
C ILE D 1132 -49.82 26.31 62.38
N VAL D 1133 -50.88 25.50 62.38
CA VAL D 1133 -52.24 26.00 62.55
C VAL D 1133 -52.78 25.52 63.89
N ASN D 1134 -53.99 25.94 64.24
CA ASN D 1134 -54.52 25.81 65.58
C ASN D 1134 -55.81 24.99 65.61
N ASN D 1135 -55.85 23.91 64.84
CA ASN D 1135 -57.03 23.06 64.78
C ASN D 1135 -56.99 22.00 65.87
N THR D 1136 -58.12 21.35 66.09
CA THR D 1136 -58.26 20.29 67.08
C THR D 1136 -58.16 18.92 66.42
N VAL D 1137 -58.00 17.90 67.26
CA VAL D 1137 -57.90 16.51 66.82
C VAL D 1137 -59.02 15.71 67.48
N TYR D 1138 -59.18 14.48 67.01
CA TYR D 1138 -60.24 13.59 67.49
C TYR D 1138 -59.63 12.35 68.11
N ASP D 1139 -60.31 11.82 69.13
CA ASP D 1139 -59.90 10.60 69.81
C ASP D 1139 -61.14 9.76 70.12
N PRO D 1140 -61.32 8.61 69.46
CA PRO D 1140 -62.53 7.80 69.70
C PRO D 1140 -62.57 7.18 71.09
N LEU D 1141 -61.46 7.17 71.81
CA LEU D 1141 -61.45 6.59 73.16
C LEU D 1141 -62.34 7.36 74.10
N GLN D 1142 -62.45 8.69 73.93
CA GLN D 1142 -63.35 9.46 74.78
C GLN D 1142 -64.82 9.11 74.55
N PRO D 1143 -65.34 9.04 73.31
CA PRO D 1143 -66.70 8.50 73.14
C PRO D 1143 -66.85 7.06 73.61
N GLU D 1144 -65.81 6.22 73.45
CA GLU D 1144 -65.91 4.85 73.94
C GLU D 1144 -66.06 4.82 75.45
N LEU D 1145 -65.31 5.68 76.16
CA LEU D 1145 -65.44 5.78 77.61
C LEU D 1145 -66.80 6.36 78.00
N ASP D 1146 -67.30 7.32 77.23
CA ASP D 1146 -68.60 7.92 77.53
C ASP D 1146 -69.72 6.90 77.36
N SER D 1147 -69.60 6.00 76.38
CA SER D 1147 -70.61 4.97 76.17
C SER D 1147 -70.61 3.93 77.29
N PHE D 1148 -69.54 3.84 78.07
CA PHE D 1148 -69.45 2.89 79.18
C PHE D 1148 -69.94 3.55 80.46
N LYS D 1149 -71.23 3.86 80.48
CA LYS D 1149 -71.85 4.49 81.64
C LYS D 1149 -73.23 3.89 81.91
N GLN E 20 -6.38 29.95 -36.01
CA GLN E 20 -5.18 30.15 -36.81
C GLN E 20 -5.11 31.58 -37.34
N VAL E 21 -3.91 32.15 -37.34
CA VAL E 21 -3.73 33.52 -37.80
C VAL E 21 -3.74 33.55 -39.32
N THR E 22 -4.54 34.46 -39.88
CA THR E 22 -4.66 34.62 -41.32
C THR E 22 -4.73 36.11 -41.65
N LEU E 23 -4.38 36.45 -42.89
CA LEU E 23 -4.33 37.83 -43.33
C LEU E 23 -5.16 38.00 -44.60
N LYS E 24 -5.92 39.08 -44.66
CA LYS E 24 -6.72 39.42 -45.83
C LYS E 24 -6.16 40.69 -46.46
N GLU E 25 -5.90 40.63 -47.77
CA GLU E 25 -5.47 41.79 -48.53
C GLU E 25 -6.33 41.95 -49.77
N SER E 26 -6.72 43.19 -50.06
CA SER E 26 -7.56 43.47 -51.20
C SER E 26 -7.30 44.90 -51.67
N GLY E 27 -7.63 45.16 -52.93
CA GLY E 27 -7.45 46.46 -53.52
C GLY E 27 -7.83 46.49 -54.98
N PRO E 28 -7.58 47.63 -55.63
CA PRO E 28 -7.91 47.75 -57.05
C PRO E 28 -7.03 46.86 -57.92
N THR E 29 -7.59 46.46 -59.06
CA THR E 29 -6.88 45.66 -60.04
C THR E 29 -6.38 46.46 -61.22
N ARG E 30 -7.25 47.24 -61.85
CA ARG E 30 -6.85 48.11 -62.95
C ARG E 30 -6.14 49.34 -62.40
N VAL E 31 -5.12 49.79 -63.14
CA VAL E 31 -4.34 50.96 -62.74
C VAL E 31 -3.73 51.55 -64.01
N LYS E 32 -3.50 52.85 -64.00
CA LYS E 32 -3.03 53.58 -65.15
C LYS E 32 -1.76 54.35 -64.78
N PRO E 33 -0.91 54.66 -65.76
CA PRO E 33 0.35 55.36 -65.42
C PRO E 33 0.14 56.71 -64.78
N THR E 34 -1.00 57.35 -65.00
CA THR E 34 -1.32 58.63 -64.40
C THR E 34 -2.15 58.51 -63.13
N GLN E 35 -2.35 57.29 -62.62
CA GLN E 35 -3.17 57.08 -61.44
C GLN E 35 -2.34 56.47 -60.30
N THR E 36 -2.77 56.74 -59.08
CA THR E 36 -2.12 56.25 -57.86
C THR E 36 -3.08 55.32 -57.14
N LEU E 37 -2.58 54.14 -56.76
CA LEU E 37 -3.41 53.11 -56.15
C LEU E 37 -3.12 53.04 -54.65
N THR E 38 -3.87 52.19 -53.96
CA THR E 38 -3.63 51.94 -52.54
C THR E 38 -3.96 50.49 -52.23
N LEU E 39 -3.25 49.94 -51.25
CA LEU E 39 -3.43 48.56 -50.82
C LEU E 39 -3.72 48.53 -49.32
N THR E 40 -4.52 47.55 -48.91
CA THR E 40 -4.88 47.38 -47.51
C THR E 40 -4.84 45.91 -47.15
N CYS E 41 -4.06 45.57 -46.13
CA CYS E 41 -3.99 44.21 -45.61
C CYS E 41 -4.62 44.18 -44.23
N THR E 42 -5.69 43.40 -44.10
CA THR E 42 -6.39 43.24 -42.83
C THR E 42 -6.03 41.89 -42.22
N PHE E 43 -5.61 41.90 -40.96
CA PHE E 43 -5.13 40.71 -40.29
C PHE E 43 -6.08 40.30 -39.17
N SER E 44 -6.23 38.99 -38.98
CA SER E 44 -7.08 38.44 -37.94
C SER E 44 -6.35 37.33 -37.21
N GLY E 45 -6.72 37.11 -35.95
CA GLY E 45 -6.09 36.11 -35.11
C GLY E 45 -4.92 36.62 -34.29
N PHE E 46 -4.48 37.85 -34.51
CA PHE E 46 -3.40 38.44 -33.72
C PHE E 46 -3.53 39.95 -33.77
N SER E 47 -2.86 40.61 -32.83
CA SER E 47 -2.91 42.06 -32.69
C SER E 47 -1.53 42.66 -32.96
N LEU E 48 -1.52 43.78 -33.67
CA LEU E 48 -0.28 44.48 -33.95
C LEU E 48 0.31 45.16 -32.72
N SER E 49 -0.47 45.29 -31.64
CA SER E 49 0.03 45.92 -30.42
C SER E 49 0.96 45.02 -29.63
N THR E 50 1.06 43.74 -29.98
CA THR E 50 1.95 42.83 -29.28
C THR E 50 3.40 43.21 -29.54
N THR E 51 4.27 42.81 -28.61
CA THR E 51 5.68 43.14 -28.71
C THR E 51 6.32 42.43 -29.89
N GLY E 52 7.14 43.18 -30.64
CA GLY E 52 7.94 42.74 -31.78
C GLY E 52 7.11 42.36 -32.99
N VAL E 53 5.79 42.36 -32.92
CA VAL E 53 4.97 42.01 -34.06
C VAL E 53 5.06 43.08 -35.13
N GLY E 54 4.99 42.66 -36.39
CA GLY E 54 5.15 43.58 -37.50
C GLY E 54 4.45 43.03 -38.73
N VAL E 55 4.03 43.94 -39.61
CA VAL E 55 3.42 43.60 -40.88
C VAL E 55 4.18 44.28 -41.99
N GLY E 56 4.36 43.56 -43.11
CA GLY E 56 5.18 44.03 -44.22
C GLY E 56 4.43 43.84 -45.53
N TRP E 57 5.03 44.33 -46.61
CA TRP E 57 4.52 44.16 -47.96
C TRP E 57 5.63 43.65 -48.85
N ILE E 58 5.41 42.51 -49.50
CA ILE E 58 6.37 41.90 -50.41
C ILE E 58 5.67 41.64 -51.74
N ARG E 59 6.23 42.18 -52.81
CA ARG E 59 5.68 41.99 -54.14
C ARG E 59 6.45 40.89 -54.86
N GLN E 60 5.74 40.16 -55.72
CA GLN E 60 6.34 39.09 -56.52
C GLN E 60 5.95 39.26 -57.97
N PRO E 61 6.90 39.56 -58.85
CA PRO E 61 6.62 39.57 -60.28
C PRO E 61 6.28 38.18 -60.78
N PRO E 62 5.52 38.07 -61.88
CA PRO E 62 5.12 36.75 -62.38
C PRO E 62 6.29 35.85 -62.75
N GLY E 63 7.20 36.34 -63.58
CA GLY E 63 8.33 35.55 -64.02
C GLY E 63 9.65 35.96 -63.39
N LYS E 64 9.68 37.09 -62.70
CA LYS E 64 10.89 37.60 -62.09
C LYS E 64 10.81 37.55 -60.58
N ALA E 65 11.98 37.60 -59.94
CA ALA E 65 12.10 37.30 -58.52
C ALA E 65 11.41 38.34 -57.65
N LEU E 66 10.89 37.87 -56.52
CA LEU E 66 10.17 38.73 -55.57
C LEU E 66 11.15 39.61 -54.80
N GLU E 67 10.63 40.73 -54.31
CA GLU E 67 11.44 41.69 -53.58
C GLU E 67 10.58 42.35 -52.50
N TRP E 68 11.25 42.87 -51.48
CA TRP E 68 10.58 43.48 -50.33
C TRP E 68 10.41 44.98 -50.52
N LEU E 69 9.28 45.51 -50.05
CA LEU E 69 8.91 46.89 -50.31
C LEU E 69 8.90 47.77 -49.06
N ALA E 70 8.13 47.40 -48.04
CA ALA E 70 7.98 48.25 -46.86
C ALA E 70 7.55 47.39 -45.68
N LEU E 71 7.66 47.98 -44.49
CA LEU E 71 7.34 47.27 -43.26
C LEU E 71 6.92 48.27 -42.20
N ILE E 72 6.02 47.82 -41.31
CA ILE E 72 5.60 48.58 -40.15
C ILE E 72 5.69 47.69 -38.90
N TYR E 73 6.22 48.26 -37.83
CA TYR E 73 6.41 47.53 -36.58
C TYR E 73 5.29 47.86 -35.60
N TRP E 74 5.39 47.31 -34.39
CA TRP E 74 4.38 47.58 -33.37
C TRP E 74 4.44 49.02 -32.88
N ASN E 75 5.65 49.59 -32.81
CA ASN E 75 5.80 50.99 -32.47
C ASN E 75 5.87 51.81 -33.75
N ASP E 76 6.02 53.13 -33.60
CA ASP E 76 5.99 54.04 -34.75
C ASP E 76 7.37 54.13 -35.38
N ASP E 77 7.64 53.18 -36.27
CA ASP E 77 8.85 53.20 -37.09
C ASP E 77 8.57 52.44 -38.38
N LYS E 78 9.06 52.98 -39.50
CA LYS E 78 8.77 52.44 -40.81
C LYS E 78 10.08 52.12 -41.53
N ARG E 79 10.07 51.02 -42.28
CA ARG E 79 11.20 50.62 -43.09
C ARG E 79 10.80 50.65 -44.56
N TYR E 80 11.72 51.12 -45.41
CA TYR E 80 11.44 51.25 -46.84
C TYR E 80 12.63 50.73 -47.64
N SER E 81 12.34 50.28 -48.85
CA SER E 81 13.40 49.83 -49.74
C SER E 81 14.26 51.01 -50.15
N PRO E 82 15.59 50.90 -50.06
CA PRO E 82 16.45 52.05 -50.39
C PRO E 82 16.31 52.54 -51.81
N SER E 83 16.07 51.65 -52.78
CA SER E 83 15.94 52.06 -54.16
C SER E 83 14.57 52.66 -54.47
N LEU E 84 13.56 52.39 -53.64
CA LEU E 84 12.20 52.88 -53.87
C LEU E 84 11.65 53.57 -52.62
N LYS E 85 12.49 54.31 -51.90
CA LYS E 85 12.05 54.96 -50.67
C LYS E 85 11.11 56.12 -50.95
N SER E 86 11.29 56.79 -52.09
CA SER E 86 10.49 57.97 -52.38
C SER E 86 9.04 57.61 -52.71
N ARG E 87 8.84 56.50 -53.42
CA ARG E 87 7.52 56.14 -53.91
C ARG E 87 6.70 55.29 -52.94
N LEU E 88 7.25 54.96 -51.77
CA LEU E 88 6.60 54.07 -50.82
C LEU E 88 6.22 54.83 -49.55
N THR E 89 5.01 54.57 -49.06
CA THR E 89 4.54 55.14 -47.80
C THR E 89 3.54 54.16 -47.20
N ILE E 90 3.76 53.79 -45.94
CA ILE E 90 2.93 52.81 -45.26
C ILE E 90 2.35 53.45 -44.00
N THR E 91 1.06 53.24 -43.78
CA THR E 91 0.35 53.75 -42.61
C THR E 91 -0.35 52.61 -41.91
N LYS E 92 -0.39 52.67 -40.59
CA LYS E 92 -0.99 51.63 -39.76
C LYS E 92 -2.24 52.16 -39.08
N ASP E 93 -3.17 51.25 -38.78
CA ASP E 93 -4.41 51.60 -38.10
C ASP E 93 -4.81 50.42 -37.21
N THR E 94 -4.53 50.54 -35.92
CA THR E 94 -4.86 49.51 -34.95
C THR E 94 -6.29 49.57 -34.47
N SER E 95 -7.06 50.57 -34.91
CA SER E 95 -8.46 50.69 -34.48
C SER E 95 -9.28 49.51 -34.95
N LYS E 96 -9.08 49.07 -36.19
CA LYS E 96 -9.80 47.92 -36.71
C LYS E 96 -8.86 46.97 -37.45
N ASN E 97 -7.59 46.94 -37.02
CA ASN E 97 -6.61 45.93 -37.41
C ASN E 97 -6.38 45.89 -38.92
N GLN E 98 -5.83 46.99 -39.44
CA GLN E 98 -5.44 47.03 -40.85
C GLN E 98 -4.25 47.96 -41.02
N VAL E 99 -3.54 47.76 -42.13
CA VAL E 99 -2.42 48.59 -42.53
C VAL E 99 -2.63 49.00 -43.99
N VAL E 100 -2.23 50.21 -44.31
CA VAL E 100 -2.44 50.79 -45.64
C VAL E 100 -1.08 51.08 -46.26
N LEU E 101 -0.89 50.59 -47.48
CA LEU E 101 0.30 50.88 -48.27
C LEU E 101 -0.11 51.63 -49.53
N THR E 102 0.54 52.76 -49.80
CA THR E 102 0.26 53.57 -50.97
C THR E 102 1.53 53.72 -51.79
N MET E 103 1.38 53.70 -53.11
CA MET E 103 2.50 53.83 -54.05
C MET E 103 2.10 54.77 -55.17
N THR E 104 2.97 55.73 -55.48
CA THR E 104 2.76 56.69 -56.54
C THR E 104 3.71 56.39 -57.69
N ASN E 105 3.65 57.23 -58.73
CA ASN E 105 4.50 57.14 -59.91
C ASN E 105 4.34 55.78 -60.60
N MET E 106 3.13 55.55 -61.10
CA MET E 106 2.84 54.31 -61.80
C MET E 106 3.66 54.18 -63.08
N ASP E 107 4.29 53.02 -63.24
CA ASP E 107 5.08 52.70 -64.40
C ASP E 107 4.77 51.27 -64.77
N PRO E 108 4.62 50.94 -66.06
CA PRO E 108 4.05 49.63 -66.42
C PRO E 108 4.82 48.41 -65.94
N VAL E 109 6.10 48.55 -65.60
CA VAL E 109 6.87 47.40 -65.15
C VAL E 109 6.49 47.02 -63.72
N ASP E 110 5.58 47.77 -63.09
CA ASP E 110 5.22 47.51 -61.70
C ASP E 110 4.32 46.29 -61.55
N THR E 111 3.70 45.82 -62.64
CA THR E 111 2.71 44.76 -62.55
C THR E 111 3.32 43.48 -61.98
N ALA E 112 2.65 42.93 -60.96
CA ALA E 112 3.19 41.83 -60.16
C ALA E 112 2.07 41.32 -59.25
N THR E 113 2.42 40.39 -58.37
CA THR E 113 1.52 39.90 -57.34
C THR E 113 2.02 40.37 -55.98
N TYR E 114 1.13 40.96 -55.19
CA TYR E 114 1.49 41.59 -53.94
C TYR E 114 1.07 40.73 -52.76
N TYR E 115 2.00 40.57 -51.80
CA TYR E 115 1.76 39.83 -50.57
C TYR E 115 1.94 40.74 -49.38
N CYS E 116 1.18 40.48 -48.32
CA CYS E 116 1.43 41.08 -47.02
C CYS E 116 1.78 39.96 -46.04
N ALA E 117 2.91 40.10 -45.36
CA ALA E 117 3.44 39.06 -44.51
C ALA E 117 3.70 39.61 -43.12
N ARG E 118 3.81 38.70 -42.15
CA ARG E 118 4.01 39.05 -40.75
C ARG E 118 5.39 38.59 -40.31
N ILE E 119 6.08 39.45 -39.56
CA ILE E 119 7.36 39.14 -38.96
C ILE E 119 7.32 39.59 -37.51
N SER E 120 7.86 38.77 -36.61
CA SER E 120 7.81 39.02 -35.18
C SER E 120 9.22 38.96 -34.60
N GLY E 121 9.93 40.08 -34.62
CA GLY E 121 11.22 40.14 -33.97
C GLY E 121 12.09 41.24 -34.52
N SER E 122 13.38 41.13 -34.17
CA SER E 122 14.34 42.20 -34.46
C SER E 122 14.58 42.37 -35.95
N GLY E 123 14.66 41.28 -36.70
CA GLY E 123 14.91 41.38 -38.12
C GLY E 123 16.13 40.61 -38.60
N TYR E 124 17.14 40.55 -37.73
CA TYR E 124 18.40 39.83 -38.07
C TYR E 124 18.18 38.32 -37.93
N PHE E 125 17.10 37.88 -37.28
CA PHE E 125 16.96 36.41 -37.05
C PHE E 125 15.59 35.84 -37.43
N TYR E 126 14.51 36.56 -37.15
CA TYR E 126 13.13 36.02 -37.38
C TYR E 126 12.75 36.14 -38.86
N PRO E 127 12.44 35.04 -39.58
CA PRO E 127 11.96 35.16 -40.97
C PRO E 127 10.47 35.49 -41.00
N PHE E 128 9.97 35.71 -42.21
CA PHE E 128 8.55 35.95 -42.43
C PHE E 128 7.81 34.63 -42.28
N ASP E 129 7.27 34.38 -41.08
CA ASP E 129 6.68 33.08 -40.80
C ASP E 129 5.33 32.91 -41.49
N ILE E 130 4.50 33.95 -41.50
CA ILE E 130 3.15 33.89 -42.03
C ILE E 130 3.04 34.83 -43.22
N TRP E 131 2.54 34.31 -44.34
CA TRP E 131 2.35 35.09 -45.55
C TRP E 131 0.86 35.18 -45.87
N GLY E 132 0.51 36.17 -46.69
CA GLY E 132 -0.87 36.40 -47.08
C GLY E 132 -1.25 35.68 -48.36
N GLN E 133 -2.31 36.19 -48.99
CA GLN E 133 -2.84 35.61 -50.21
C GLN E 133 -2.49 36.48 -51.40
N GLY E 134 -2.34 35.84 -52.56
CA GLY E 134 -1.96 36.55 -53.77
C GLY E 134 -2.96 37.58 -54.25
N THR E 135 -2.50 38.81 -54.43
CA THR E 135 -3.30 39.89 -55.01
C THR E 135 -2.58 40.40 -56.25
N THR E 136 -3.26 40.38 -57.39
CA THR E 136 -2.64 40.70 -58.67
C THR E 136 -3.04 42.11 -59.10
N VAL E 137 -2.03 42.93 -59.38
CA VAL E 137 -2.22 44.29 -59.89
C VAL E 137 -1.59 44.36 -61.27
N THR E 138 -2.39 44.75 -62.27
CA THR E 138 -1.93 44.83 -63.64
C THR E 138 -2.14 46.24 -64.17
N VAL E 139 -1.19 46.70 -64.99
CA VAL E 139 -1.25 48.05 -65.53
C VAL E 139 -2.12 48.07 -66.79
N SER E 140 -2.55 49.27 -67.16
CA SER E 140 -3.35 49.46 -68.35
C SER E 140 -3.12 50.87 -68.88
N SER E 141 -3.41 51.05 -70.17
CA SER E 141 -3.22 52.35 -70.82
C SER E 141 -4.46 52.75 -71.60
N PHE E 158 25.20 45.09 -52.08
CA PHE E 158 24.98 43.80 -51.43
C PHE E 158 23.86 43.02 -52.11
N MET E 159 24.23 42.23 -53.10
CA MET E 159 23.31 41.37 -53.84
C MET E 159 23.46 39.92 -53.39
N LEU E 160 22.49 39.10 -53.78
CA LEU E 160 22.52 37.66 -53.54
C LEU E 160 22.43 36.94 -54.87
N THR E 161 23.29 35.93 -55.05
CA THR E 161 23.34 35.14 -56.27
C THR E 161 22.94 33.71 -55.98
N GLN E 162 22.14 33.13 -56.87
CA GLN E 162 21.58 31.81 -56.68
C GLN E 162 21.43 31.15 -58.05
N PRO E 163 21.76 29.87 -58.18
CA PRO E 163 21.61 29.20 -59.48
C PRO E 163 20.16 29.17 -59.93
N HIS E 164 19.97 29.23 -61.26
CA HIS E 164 18.62 29.39 -61.81
C HIS E 164 17.79 28.12 -61.59
N SER E 165 18.34 26.96 -61.93
CA SER E 165 17.58 25.73 -61.81
C SER E 165 18.53 24.55 -61.71
N VAL E 166 18.09 23.52 -60.99
CA VAL E 166 18.82 22.26 -60.87
C VAL E 166 17.84 21.11 -61.11
N SER E 167 18.33 20.06 -61.78
CA SER E 167 17.55 18.88 -62.07
C SER E 167 18.17 17.68 -61.35
N GLU E 168 17.35 16.95 -60.59
CA GLU E 168 17.84 15.81 -59.83
C GLU E 168 16.85 14.66 -59.92
N SER E 169 17.39 13.46 -60.10
CA SER E 169 16.57 12.25 -60.08
C SER E 169 16.11 11.96 -58.66
N PRO E 170 14.96 11.30 -58.50
CA PRO E 170 14.46 11.00 -57.15
C PRO E 170 15.36 10.00 -56.44
N GLY E 171 15.27 10.02 -55.10
CA GLY E 171 16.05 9.13 -54.27
C GLY E 171 17.35 9.73 -53.76
N LYS E 172 18.27 10.05 -54.66
CA LYS E 172 19.56 10.59 -54.26
C LYS E 172 19.43 12.05 -53.82
N THR E 173 20.34 12.47 -52.95
CA THR E 173 20.27 13.80 -52.35
C THR E 173 20.66 14.88 -53.37
N VAL E 174 20.34 16.13 -53.02
CA VAL E 174 20.64 17.27 -53.86
C VAL E 174 20.83 18.49 -52.97
N THR E 175 21.69 19.42 -53.41
CA THR E 175 21.97 20.64 -52.68
C THR E 175 21.82 21.85 -53.59
N ILE E 176 21.42 22.98 -53.01
CA ILE E 176 21.25 24.23 -53.71
C ILE E 176 22.09 25.29 -53.00
N SER E 177 22.90 26.02 -53.76
CA SER E 177 23.81 27.00 -53.18
C SER E 177 23.19 28.40 -53.20
N CYS E 178 23.74 29.28 -52.35
CA CYS E 178 23.29 30.67 -52.28
C CYS E 178 24.47 31.49 -51.76
N THR E 179 25.17 32.16 -52.66
CA THR E 179 26.39 32.88 -52.33
C THR E 179 26.13 34.37 -52.18
N ARG E 180 27.07 35.04 -51.52
CA ARG E 180 26.96 36.46 -51.18
C ARG E 180 28.01 37.24 -51.96
N SER E 181 27.58 38.30 -52.65
CA SER E 181 28.49 39.06 -53.50
C SER E 181 29.48 39.86 -52.67
N SER E 182 29.01 40.60 -51.68
CA SER E 182 29.85 41.49 -50.89
C SER E 182 29.71 41.15 -49.41
N GLY E 183 30.84 41.14 -48.71
CA GLY E 183 30.86 40.76 -47.32
C GLY E 183 31.01 39.26 -47.13
N SER E 184 30.64 38.80 -45.95
CA SER E 184 30.71 37.39 -45.59
C SER E 184 29.31 36.84 -45.34
N ILE E 185 29.05 35.64 -45.85
CA ILE E 185 27.76 35.00 -45.63
C ILE E 185 27.60 34.61 -44.16
N ALA E 186 28.68 34.51 -43.41
CA ALA E 186 28.62 34.20 -41.99
C ALA E 186 28.40 35.44 -41.13
N SER E 187 28.29 36.63 -41.74
CA SER E 187 28.05 37.83 -40.97
C SER E 187 26.61 37.92 -40.47
N ASN E 188 25.67 37.34 -41.21
CA ASN E 188 24.25 37.39 -40.85
C ASN E 188 23.61 36.04 -41.15
N TYR E 189 22.46 35.81 -40.51
CA TYR E 189 21.74 34.57 -40.68
C TYR E 189 21.11 34.50 -42.08
N VAL E 190 20.87 33.27 -42.54
CA VAL E 190 20.28 33.02 -43.85
C VAL E 190 19.05 32.14 -43.64
N GLN E 191 17.94 32.53 -44.28
CA GLN E 191 16.70 31.78 -44.20
C GLN E 191 16.28 31.32 -45.58
N TRP E 192 15.62 30.16 -45.62
CA TRP E 192 15.21 29.54 -46.88
C TRP E 192 13.70 29.41 -46.94
N TYR E 193 13.16 29.52 -48.15
CA TYR E 193 11.73 29.41 -48.39
C TYR E 193 11.48 28.43 -49.53
N GLN E 194 10.25 27.91 -49.57
CA GLN E 194 9.77 27.13 -50.71
C GLN E 194 8.40 27.67 -51.10
N GLN E 195 8.15 27.76 -52.41
CA GLN E 195 6.91 28.33 -52.93
C GLN E 195 6.35 27.41 -54.00
N ARG E 196 5.43 26.55 -53.61
CA ARG E 196 4.69 25.75 -54.58
C ARG E 196 3.80 26.66 -55.42
N PRO E 197 3.57 26.32 -56.69
CA PRO E 197 2.76 27.19 -57.55
C PRO E 197 1.35 27.37 -57.01
N GLY E 198 0.83 28.60 -57.13
CA GLY E 198 -0.48 28.90 -56.61
C GLY E 198 -0.56 29.01 -55.11
N SER E 199 0.56 29.24 -54.43
CA SER E 199 0.57 29.32 -52.98
C SER E 199 1.67 30.28 -52.53
N SER E 200 1.52 30.78 -51.30
CA SER E 200 2.50 31.67 -50.72
C SER E 200 3.72 30.89 -50.25
N PRO E 201 4.90 31.52 -50.24
CA PRO E 201 6.11 30.83 -49.77
C PRO E 201 6.03 30.46 -48.30
N THR E 202 6.69 29.36 -47.95
CA THR E 202 6.70 28.84 -46.59
C THR E 202 8.13 28.57 -46.16
N THR E 203 8.45 28.91 -44.91
CA THR E 203 9.79 28.74 -44.39
C THR E 203 10.12 27.26 -44.23
N VAL E 204 11.33 26.88 -44.64
CA VAL E 204 11.82 25.53 -44.42
C VAL E 204 13.09 25.49 -43.56
N ILE E 205 13.90 26.55 -43.54
CA ILE E 205 15.13 26.60 -42.74
C ILE E 205 15.29 28.02 -42.22
N TYR E 206 15.48 28.15 -40.91
CA TYR E 206 15.75 29.44 -40.31
C TYR E 206 16.90 29.32 -39.31
N GLU E 207 17.65 30.42 -39.17
CA GLU E 207 18.83 30.51 -38.30
C GLU E 207 19.92 29.49 -38.68
N ASP E 208 19.90 29.02 -39.93
CA ASP E 208 20.97 28.26 -40.58
C ASP E 208 21.11 26.84 -40.05
N ASN E 209 20.45 26.53 -38.93
CA ASN E 209 20.46 25.17 -38.39
C ASN E 209 19.11 24.68 -37.92
N GLN E 210 18.18 25.56 -37.57
CA GLN E 210 16.92 25.15 -36.97
C GLN E 210 15.97 24.62 -38.03
N ARG E 211 14.90 23.97 -37.57
CA ARG E 211 13.85 23.45 -38.43
C ARG E 211 12.51 23.88 -37.87
N PRO E 212 11.68 24.58 -38.64
CA PRO E 212 10.33 24.89 -38.17
C PRO E 212 9.49 23.63 -38.06
N SER E 213 8.51 23.67 -37.17
CA SER E 213 7.67 22.51 -36.92
C SER E 213 6.82 22.17 -38.14
N GLY E 214 6.77 20.88 -38.48
CA GLY E 214 5.93 20.38 -39.54
C GLY E 214 6.66 20.07 -40.84
N VAL E 215 7.88 20.57 -41.02
CA VAL E 215 8.62 20.32 -42.25
C VAL E 215 9.23 18.92 -42.18
N PRO E 216 9.47 18.26 -43.32
CA PRO E 216 10.11 16.95 -43.30
C PRO E 216 11.55 17.03 -42.80
N ASP E 217 12.02 15.91 -42.26
CA ASP E 217 13.35 15.86 -41.64
C ASP E 217 14.45 15.90 -42.69
N ARG E 218 14.12 15.60 -43.95
CA ARG E 218 15.15 15.54 -45.00
C ARG E 218 15.74 16.89 -45.33
N PHE E 219 15.13 17.99 -44.92
CA PHE E 219 15.66 19.31 -45.19
C PHE E 219 16.73 19.68 -44.18
N SER E 220 17.83 20.26 -44.67
CA SER E 220 18.94 20.66 -43.82
C SER E 220 19.71 21.78 -44.49
N GLY E 221 20.51 22.48 -43.69
CA GLY E 221 21.28 23.61 -44.20
C GLY E 221 22.65 23.67 -43.55
N SER E 222 23.54 24.40 -44.22
CA SER E 222 24.92 24.55 -43.77
C SER E 222 25.50 25.81 -44.40
N ILE E 223 26.65 26.23 -43.87
CA ILE E 223 27.35 27.42 -44.34
C ILE E 223 28.77 27.03 -44.72
N ASP E 224 29.21 27.44 -45.90
CA ASP E 224 30.61 27.30 -46.32
C ASP E 224 31.27 28.66 -46.14
N SER E 225 31.98 28.83 -45.02
CA SER E 225 32.60 30.11 -44.71
C SER E 225 33.76 30.45 -45.64
N SER E 226 34.46 29.44 -46.16
CA SER E 226 35.61 29.69 -47.03
C SER E 226 35.17 30.25 -48.38
N SER E 227 34.17 29.62 -49.00
CA SER E 227 33.71 30.03 -50.32
C SER E 227 32.66 31.13 -50.28
N ASN E 228 32.27 31.58 -49.09
CA ASN E 228 31.28 32.64 -48.90
C ASN E 228 29.95 32.27 -49.56
N SER E 229 29.38 31.16 -49.10
CA SER E 229 28.12 30.68 -49.65
C SER E 229 27.43 29.79 -48.63
N ALA E 230 26.11 29.76 -48.70
CA ALA E 230 25.27 28.90 -47.87
C ALA E 230 24.53 27.92 -48.75
N SER E 231 24.37 26.69 -48.28
CA SER E 231 23.79 25.60 -49.07
C SER E 231 22.61 24.98 -48.34
N LEU E 232 21.56 24.70 -49.10
CA LEU E 232 20.40 23.97 -48.59
C LEU E 232 20.46 22.54 -49.11
N THR E 233 20.40 21.58 -48.18
CA THR E 233 20.58 20.17 -48.51
C THR E 233 19.30 19.40 -48.24
N ILE E 234 18.84 18.65 -49.23
CA ILE E 234 17.70 17.75 -49.10
C ILE E 234 18.25 16.33 -49.09
N SER E 235 18.12 15.65 -47.94
CA SER E 235 18.70 14.32 -47.77
C SER E 235 17.67 13.27 -48.16
N GLY E 236 17.61 12.98 -49.46
CA GLY E 236 16.73 11.95 -49.97
C GLY E 236 15.46 12.50 -50.58
N LEU E 237 15.28 12.29 -51.88
CA LEU E 237 14.06 12.71 -52.58
C LEU E 237 13.04 11.58 -52.56
N LYS E 238 12.52 11.33 -51.35
CA LYS E 238 11.53 10.29 -51.12
C LYS E 238 10.11 10.83 -51.12
N ALA E 239 9.91 12.10 -51.45
CA ALA E 239 8.60 12.73 -51.46
C ALA E 239 8.51 13.65 -52.67
N GLU E 240 7.49 14.50 -52.68
CA GLU E 240 7.23 15.42 -53.78
C GLU E 240 7.65 16.83 -53.37
N ASP E 241 8.40 17.49 -54.25
CA ASP E 241 8.83 18.87 -53.99
C ASP E 241 8.90 19.65 -55.29
N GLU E 242 7.80 20.31 -55.64
CA GLU E 242 7.70 21.15 -56.83
C GLU E 242 7.49 22.58 -56.35
N ALA E 243 8.59 23.29 -56.13
CA ALA E 243 8.53 24.64 -55.57
C ALA E 243 9.79 25.38 -55.97
N ASP E 244 9.75 26.70 -55.79
CA ASP E 244 10.89 27.57 -56.01
C ASP E 244 11.51 27.92 -54.66
N TYR E 245 12.83 27.79 -54.57
CA TYR E 245 13.55 27.98 -53.32
C TYR E 245 14.30 29.30 -53.35
N TYR E 246 14.15 30.09 -52.29
CA TYR E 246 14.76 31.41 -52.18
C TYR E 246 15.54 31.50 -50.88
N CYS E 247 16.54 32.39 -50.87
CA CYS E 247 17.33 32.67 -49.68
C CYS E 247 17.33 34.16 -49.41
N GLN E 248 17.45 34.53 -48.14
CA GLN E 248 17.45 35.93 -47.75
C GLN E 248 18.48 36.13 -46.63
N SER E 249 18.73 37.41 -46.34
CA SER E 249 19.54 37.82 -45.20
C SER E 249 19.21 39.26 -44.88
N TYR E 250 19.62 39.70 -43.70
CA TYR E 250 19.28 41.03 -43.20
C TYR E 250 20.54 41.80 -42.83
N ASP E 251 20.52 43.10 -43.11
CA ASP E 251 21.61 44.01 -42.76
C ASP E 251 21.00 45.39 -42.58
N SER E 252 21.57 46.17 -41.65
CA SER E 252 21.02 47.50 -41.37
C SER E 252 21.09 48.41 -42.58
N SER E 253 22.16 48.29 -43.37
CA SER E 253 22.31 49.16 -44.53
C SER E 253 21.41 48.73 -45.68
N SER E 254 21.20 47.42 -45.85
CA SER E 254 20.53 46.90 -47.02
C SER E 254 19.13 46.36 -46.76
N LEU E 255 18.78 46.10 -45.49
CA LEU E 255 17.48 45.59 -45.10
C LEU E 255 17.21 44.23 -45.75
N TRP E 256 15.94 43.83 -45.81
CA TRP E 256 15.60 42.51 -46.31
C TRP E 256 15.86 42.42 -47.82
N VAL E 257 16.59 41.39 -48.23
CA VAL E 257 16.96 41.17 -49.61
C VAL E 257 16.77 39.70 -49.95
N PHE E 258 16.19 39.43 -51.13
CA PHE E 258 15.88 38.08 -51.55
C PHE E 258 16.78 37.67 -52.72
N GLY E 259 17.01 36.37 -52.85
CA GLY E 259 17.84 35.85 -53.92
C GLY E 259 17.08 35.70 -55.22
N GLY E 260 17.77 35.16 -56.22
CA GLY E 260 17.19 34.96 -57.53
C GLY E 260 16.23 33.80 -57.64
N GLY E 261 16.36 32.81 -56.76
CA GLY E 261 15.45 31.67 -56.80
C GLY E 261 16.01 30.50 -57.58
N THR E 262 15.57 29.31 -57.21
CA THR E 262 16.00 28.06 -57.83
C THR E 262 14.77 27.23 -58.17
N LYS E 263 14.68 26.78 -59.41
CA LYS E 263 13.59 25.92 -59.88
C LYS E 263 14.04 24.47 -59.80
N LEU E 264 13.33 23.67 -59.00
CA LEU E 264 13.66 22.27 -58.79
C LEU E 264 12.57 21.39 -59.39
N THR E 265 12.99 20.39 -60.17
CA THR E 265 12.06 19.45 -60.78
C THR E 265 12.59 18.03 -60.61
N VAL E 266 11.68 17.08 -60.68
CA VAL E 266 12.01 15.66 -60.52
C VAL E 266 12.08 15.02 -61.90
N LEU E 267 13.20 14.35 -62.17
CA LEU E 267 13.39 13.69 -63.46
C LEU E 267 12.64 12.37 -63.51
N GLN F 20 46.11 7.86 6.00
CA GLN F 20 46.93 7.35 4.90
C GLN F 20 48.28 6.86 5.42
N VAL F 21 48.75 5.73 4.89
CA VAL F 21 50.02 5.16 5.31
C VAL F 21 51.17 5.94 4.69
N THR F 22 52.12 6.34 5.53
CA THR F 22 53.30 7.08 5.10
C THR F 22 54.52 6.55 5.83
N LEU F 23 55.69 6.78 5.25
CA LEU F 23 56.95 6.29 5.79
C LEU F 23 57.94 7.44 5.94
N LYS F 24 58.65 7.46 7.06
CA LYS F 24 59.68 8.46 7.32
C LYS F 24 61.03 7.76 7.36
N GLU F 25 61.99 8.28 6.58
CA GLU F 25 63.35 7.79 6.60
C GLU F 25 64.31 8.95 6.78
N SER F 26 65.32 8.75 7.61
CA SER F 26 66.31 9.79 7.89
C SER F 26 67.62 9.14 8.29
N GLY F 27 68.70 9.90 8.14
CA GLY F 27 70.02 9.42 8.48
C GLY F 27 71.10 10.42 8.15
N PRO F 28 72.36 10.02 8.33
CA PRO F 28 73.48 10.93 8.03
C PRO F 28 73.59 11.20 6.54
N THR F 29 74.13 12.38 6.24
CA THR F 29 74.37 12.81 4.87
C THR F 29 75.82 12.67 4.45
N ARG F 30 76.75 13.20 5.24
CA ARG F 30 78.17 13.06 4.96
C ARG F 30 78.64 11.67 5.37
N VAL F 31 79.56 11.11 4.57
CA VAL F 31 80.10 9.79 4.84
C VAL F 31 81.47 9.73 4.19
N LYS F 32 82.35 8.91 4.74
CA LYS F 32 83.74 8.81 4.33
C LYS F 32 84.07 7.36 4.01
N PRO F 33 85.06 7.11 3.14
CA PRO F 33 85.37 5.71 2.78
C PRO F 33 85.77 4.84 3.95
N THR F 34 86.27 5.44 5.03
CA THR F 34 86.66 4.71 6.23
C THR F 34 85.57 4.69 7.29
N GLN F 35 84.37 5.17 6.98
CA GLN F 35 83.28 5.24 7.95
C GLN F 35 82.11 4.38 7.49
N THR F 36 81.33 3.92 8.47
CA THR F 36 80.16 3.07 8.26
C THR F 36 78.92 3.83 8.73
N LEU F 37 77.90 3.88 7.88
CA LEU F 37 76.70 4.65 8.17
C LEU F 37 75.56 3.71 8.56
N THR F 38 74.43 4.30 8.91
CA THR F 38 73.22 3.52 9.20
C THR F 38 72.00 4.32 8.76
N LEU F 39 70.96 3.59 8.37
CA LEU F 39 69.71 4.18 7.93
C LEU F 39 68.55 3.62 8.74
N THR F 40 67.55 4.45 8.96
CA THR F 40 66.36 4.06 9.72
C THR F 40 65.13 4.59 9.01
N CYS F 41 64.19 3.69 8.71
CA CYS F 41 62.91 4.04 8.11
C CYS F 41 61.81 3.79 9.13
N THR F 42 61.11 4.84 9.53
CA THR F 42 60.02 4.76 10.47
C THR F 42 58.69 4.87 9.74
N PHE F 43 57.80 3.92 9.97
CA PHE F 43 56.53 3.84 9.25
C PHE F 43 55.37 4.12 10.18
N SER F 44 54.34 4.77 9.64
CA SER F 44 53.14 5.11 10.38
C SER F 44 51.91 4.77 9.55
N GLY F 45 50.81 4.49 10.23
CA GLY F 45 49.58 4.11 9.59
C GLY F 45 49.37 2.63 9.39
N PHE F 46 50.40 1.81 9.65
CA PHE F 46 50.28 0.37 9.54
C PHE F 46 51.31 -0.28 10.45
N SER F 47 51.10 -1.56 10.73
CA SER F 47 51.96 -2.32 11.63
C SER F 47 52.66 -3.42 10.87
N LEU F 48 53.94 -3.63 11.18
CA LEU F 48 54.70 -4.71 10.56
C LEU F 48 54.28 -6.09 11.04
N SER F 49 53.52 -6.17 12.13
CA SER F 49 53.06 -7.46 12.64
C SER F 49 51.94 -8.06 11.80
N THR F 50 51.36 -7.31 10.87
CA THR F 50 50.30 -7.84 10.03
C THR F 50 50.86 -8.90 9.09
N THR F 51 49.97 -9.79 8.65
CA THR F 51 50.37 -10.88 7.77
C THR F 51 50.82 -10.36 6.42
N GLY F 52 51.94 -10.92 5.94
CA GLY F 52 52.55 -10.66 4.64
C GLY F 52 53.14 -9.26 4.49
N VAL F 53 52.98 -8.39 5.49
CA VAL F 53 53.54 -7.05 5.39
C VAL F 53 55.06 -7.10 5.47
N GLY F 54 55.70 -6.19 4.74
CA GLY F 54 57.15 -6.19 4.67
C GLY F 54 57.65 -4.78 4.34
N VAL F 55 58.87 -4.49 4.77
CA VAL F 55 59.55 -3.24 4.48
C VAL F 55 60.88 -3.53 3.83
N GLY F 56 61.25 -2.73 2.84
CA GLY F 56 62.44 -2.95 2.05
C GLY F 56 63.23 -1.66 1.91
N TRP F 57 64.41 -1.77 1.30
CA TRP F 57 65.25 -0.62 1.01
C TRP F 57 65.67 -0.67 -0.46
N ILE F 58 65.37 0.39 -1.19
CA ILE F 58 65.72 0.49 -2.61
C ILE F 58 66.47 1.79 -2.83
N ARG F 59 67.67 1.69 -3.38
CA ARG F 59 68.49 2.86 -3.66
C ARG F 59 68.36 3.25 -5.12
N GLN F 60 68.45 4.55 -5.38
CA GLN F 60 68.37 5.08 -6.74
C GLN F 60 69.54 6.02 -7.00
N PRO F 61 70.47 5.67 -7.88
CA PRO F 61 71.52 6.60 -8.28
C PRO F 61 70.94 7.78 -9.02
N PRO F 62 71.63 8.94 -9.01
CA PRO F 62 71.09 10.14 -9.65
C PRO F 62 70.85 9.96 -11.15
N GLY F 63 71.87 9.51 -11.88
CA GLY F 63 71.74 9.35 -13.32
C GLY F 63 71.64 7.91 -13.78
N LYS F 64 71.89 6.97 -12.88
CA LYS F 64 71.87 5.55 -13.20
C LYS F 64 70.71 4.85 -12.52
N ALA F 65 70.35 3.67 -13.05
CA ALA F 65 69.10 3.02 -12.71
C ALA F 65 69.10 2.52 -11.28
N LEU F 66 67.91 2.53 -10.67
CA LEU F 66 67.73 2.11 -9.29
C LEU F 66 67.82 0.59 -9.17
N GLU F 67 68.15 0.14 -7.97
CA GLU F 67 68.31 -1.29 -7.71
C GLU F 67 67.88 -1.57 -6.27
N TRP F 68 67.52 -2.83 -6.03
CA TRP F 68 67.01 -3.26 -4.72
C TRP F 68 68.15 -3.79 -3.85
N LEU F 69 68.07 -3.53 -2.55
CA LEU F 69 69.16 -3.83 -1.62
C LEU F 69 68.80 -4.90 -0.60
N ALA F 70 67.74 -4.70 0.18
CA ALA F 70 67.42 -5.64 1.25
C ALA F 70 65.94 -5.53 1.59
N LEU F 71 65.45 -6.51 2.34
CA LEU F 71 64.04 -6.57 2.69
C LEU F 71 63.89 -7.32 4.02
N ILE F 72 62.86 -6.94 4.77
CA ILE F 72 62.48 -7.62 6.00
C ILE F 72 60.98 -7.89 5.96
N TYR F 73 60.58 -9.09 6.36
CA TYR F 73 59.18 -9.51 6.35
C TYR F 73 58.60 -9.41 7.75
N TRP F 74 57.34 -9.83 7.88
CA TRP F 74 56.69 -9.79 9.19
C TRP F 74 57.28 -10.80 10.15
N ASN F 75 57.70 -11.96 9.64
CA ASN F 75 58.39 -12.94 10.45
C ASN F 75 59.90 -12.74 10.31
N ASP F 76 60.67 -13.58 10.99
CA ASP F 76 62.12 -13.42 11.04
C ASP F 76 62.76 -14.10 9.83
N ASP F 77 62.80 -13.34 8.73
CA ASP F 77 63.53 -13.77 7.54
C ASP F 77 63.96 -12.53 6.77
N LYS F 78 65.18 -12.56 6.25
CA LYS F 78 65.77 -11.42 5.58
C LYS F 78 66.20 -11.79 4.17
N ARG F 79 66.02 -10.84 3.25
CA ARG F 79 66.44 -11.00 1.86
C ARG F 79 67.53 -9.99 1.55
N TYR F 80 68.53 -10.42 0.79
CA TYR F 80 69.65 -9.56 0.46
C TYR F 80 69.99 -9.70 -1.01
N SER F 81 70.57 -8.64 -1.58
CA SER F 81 71.02 -8.69 -2.97
C SER F 81 72.17 -9.68 -3.10
N PRO F 82 72.14 -10.59 -4.08
CA PRO F 82 73.20 -11.59 -4.20
C PRO F 82 74.58 -11.00 -4.43
N SER F 83 74.68 -9.89 -5.16
CA SER F 83 75.98 -9.29 -5.42
C SER F 83 76.50 -8.47 -4.24
N LEU F 84 75.62 -8.07 -3.31
CA LEU F 84 76.01 -7.25 -2.17
C LEU F 84 75.52 -7.86 -0.86
N LYS F 85 75.54 -9.19 -0.75
CA LYS F 85 75.02 -9.85 0.45
C LYS F 85 75.94 -9.64 1.64
N SER F 86 77.24 -9.50 1.41
CA SER F 86 78.19 -9.38 2.52
C SER F 86 78.07 -8.03 3.21
N ARG F 87 77.85 -6.96 2.45
CA ARG F 87 77.87 -5.60 2.98
C ARG F 87 76.53 -5.12 3.50
N LEU F 88 75.48 -5.95 3.42
CA LEU F 88 74.14 -5.54 3.80
C LEU F 88 73.67 -6.31 5.02
N THR F 89 73.05 -5.60 5.96
CA THR F 89 72.45 -6.20 7.14
C THR F 89 71.28 -5.33 7.58
N ILE F 90 70.11 -5.95 7.74
CA ILE F 90 68.89 -5.25 8.08
C ILE F 90 68.33 -5.81 9.39
N THR F 91 67.93 -4.92 10.29
CA THR F 91 67.36 -5.30 11.58
C THR F 91 66.02 -4.59 11.74
N LYS F 92 65.07 -5.29 12.36
CA LYS F 92 63.73 -4.77 12.56
C LYS F 92 63.47 -4.52 14.05
N ASP F 93 62.57 -3.57 14.33
CA ASP F 93 62.22 -3.24 15.71
C ASP F 93 60.74 -2.84 15.71
N THR F 94 59.88 -3.76 16.13
CA THR F 94 58.45 -3.52 16.20
C THR F 94 58.03 -2.80 17.48
N SER F 95 58.97 -2.54 18.39
CA SER F 95 58.62 -1.86 19.64
C SER F 95 58.11 -0.44 19.37
N LYS F 96 58.76 0.28 18.46
CA LYS F 96 58.33 1.62 18.10
C LYS F 96 58.32 1.82 16.59
N ASN F 97 58.08 0.73 15.85
CA ASN F 97 57.76 0.77 14.42
C ASN F 97 58.88 1.40 13.60
N GLN F 98 60.04 0.75 13.59
CA GLN F 98 61.14 1.17 12.74
C GLN F 98 61.98 -0.02 12.32
N VAL F 99 62.72 0.16 11.23
CA VAL F 99 63.66 -0.83 10.73
C VAL F 99 64.98 -0.13 10.48
N VAL F 100 66.07 -0.85 10.74
CA VAL F 100 67.43 -0.30 10.65
C VAL F 100 68.18 -1.07 9.57
N LEU F 101 68.78 -0.32 8.64
CA LEU F 101 69.65 -0.89 7.61
C LEU F 101 71.05 -0.33 7.79
N THR F 102 72.04 -1.21 7.84
CA THR F 102 73.44 -0.81 7.99
C THR F 102 74.24 -1.34 6.82
N MET F 103 75.20 -0.54 6.35
CA MET F 103 76.06 -0.90 5.23
C MET F 103 77.49 -0.51 5.56
N THR F 104 78.42 -1.44 5.33
CA THR F 104 79.84 -1.22 5.57
C THR F 104 80.57 -1.14 4.22
N ASN F 105 81.89 -0.98 4.30
CA ASN F 105 82.77 -0.91 3.14
C ASN F 105 82.36 0.24 2.21
N MET F 106 82.50 1.45 2.74
CA MET F 106 82.17 2.64 1.96
C MET F 106 83.10 2.79 0.76
N ASP F 107 82.49 3.02 -0.39
CA ASP F 107 83.21 3.23 -1.64
C ASP F 107 82.48 4.35 -2.38
N PRO F 108 83.22 5.30 -2.99
CA PRO F 108 82.58 6.53 -3.47
C PRO F 108 81.46 6.36 -4.49
N VAL F 109 81.41 5.22 -5.18
CA VAL F 109 80.35 5.03 -6.18
C VAL F 109 79.01 4.74 -5.51
N ASP F 110 78.98 4.67 -4.17
CA ASP F 110 77.75 4.33 -3.48
C ASP F 110 76.76 5.49 -3.45
N THR F 111 77.20 6.71 -3.72
CA THR F 111 76.35 7.90 -3.57
C THR F 111 75.12 7.81 -4.47
N ALA F 112 73.96 8.02 -3.86
CA ALA F 112 72.67 7.79 -4.51
C ALA F 112 71.58 8.34 -3.62
N THR F 113 70.33 8.11 -4.01
CA THR F 113 69.17 8.44 -3.20
C THR F 113 68.51 7.16 -2.72
N TYR F 114 68.25 7.08 -1.42
CA TYR F 114 67.76 5.86 -0.79
C TYR F 114 66.28 5.97 -0.47
N TYR F 115 65.54 4.92 -0.81
CA TYR F 115 64.12 4.81 -0.54
C TYR F 115 63.85 3.61 0.35
N CYS F 116 62.82 3.73 1.19
CA CYS F 116 62.27 2.58 1.91
C CYS F 116 60.84 2.40 1.46
N ALA F 117 60.51 1.18 1.01
CA ALA F 117 59.21 0.89 0.41
C ALA F 117 58.57 -0.29 1.11
N ARG F 118 57.26 -0.40 0.95
CA ARG F 118 56.47 -1.44 1.59
C ARG F 118 55.93 -2.40 0.54
N ILE F 119 56.01 -3.70 0.83
CA ILE F 119 55.45 -4.75 0.00
C ILE F 119 54.67 -5.69 0.90
N SER F 120 53.49 -6.12 0.43
CA SER F 120 52.58 -6.95 1.23
C SER F 120 52.23 -8.20 0.42
N GLY F 121 53.04 -9.24 0.54
CA GLY F 121 52.70 -10.51 -0.09
C GLY F 121 53.90 -11.37 -0.33
N SER F 122 53.67 -12.39 -1.16
CA SER F 122 54.66 -13.45 -1.39
C SER F 122 55.90 -12.94 -2.10
N GLY F 123 55.74 -12.06 -3.08
CA GLY F 123 56.88 -11.53 -3.81
C GLY F 123 56.80 -11.76 -5.30
N TYR F 124 56.27 -12.90 -5.73
CA TYR F 124 56.11 -13.15 -7.15
C TYR F 124 55.03 -12.26 -7.77
N PHE F 125 54.12 -11.74 -6.95
CA PHE F 125 52.87 -11.13 -7.40
C PHE F 125 52.74 -9.66 -7.05
N TYR F 126 52.97 -9.31 -5.79
CA TYR F 126 52.63 -7.99 -5.28
C TYR F 126 53.78 -7.03 -5.51
N PRO F 127 53.56 -5.89 -6.16
CA PRO F 127 54.63 -4.91 -6.35
C PRO F 127 54.77 -4.02 -5.11
N PHE F 128 55.78 -3.16 -5.15
CA PHE F 128 55.99 -2.18 -4.09
C PHE F 128 54.94 -1.08 -4.23
N ASP F 129 53.85 -1.20 -3.48
CA ASP F 129 52.73 -0.28 -3.65
C ASP F 129 53.03 1.09 -3.07
N ILE F 130 53.67 1.15 -1.91
CA ILE F 130 53.91 2.40 -1.20
C ILE F 130 55.41 2.62 -1.11
N TRP F 131 55.87 3.80 -1.50
CA TRP F 131 57.27 4.17 -1.45
C TRP F 131 57.46 5.33 -0.48
N GLY F 132 58.70 5.51 -0.03
CA GLY F 132 59.04 6.54 0.92
C GLY F 132 59.48 7.83 0.26
N GLN F 133 60.21 8.63 1.03
CA GLN F 133 60.69 9.94 0.57
C GLN F 133 62.18 9.86 0.30
N GLY F 134 62.63 10.68 -0.66
CA GLY F 134 64.03 10.68 -1.06
C GLY F 134 64.99 11.12 0.03
N THR F 135 65.98 10.28 0.31
CA THR F 135 67.07 10.59 1.23
C THR F 135 68.38 10.47 0.47
N THR F 136 69.16 11.55 0.46
CA THR F 136 70.37 11.63 -0.34
C THR F 136 71.60 11.42 0.54
N VAL F 137 72.43 10.46 0.16
CA VAL F 137 73.70 10.17 0.83
C VAL F 137 74.82 10.41 -0.16
N THR F 138 75.76 11.28 0.20
CA THR F 138 76.87 11.64 -0.67
C THR F 138 78.18 11.35 0.04
N VAL F 139 79.17 10.89 -0.74
CA VAL F 139 80.46 10.53 -0.17
C VAL F 139 81.35 11.78 -0.08
N SER F 140 82.39 11.67 0.74
CA SER F 140 83.35 12.75 0.92
C SER F 140 84.69 12.17 1.31
N SER F 141 85.74 12.93 1.07
CA SER F 141 87.10 12.50 1.38
C SER F 141 87.86 13.56 2.16
N PHE F 158 70.55 -13.40 -14.94
CA PHE F 158 69.19 -12.95 -15.23
C PHE F 158 69.10 -11.42 -15.15
N MET F 159 69.34 -10.77 -16.28
CA MET F 159 69.25 -9.32 -16.40
C MET F 159 67.97 -8.93 -17.14
N LEU F 160 67.65 -7.64 -17.07
CA LEU F 160 66.52 -7.07 -17.79
C LEU F 160 67.03 -5.96 -18.70
N THR F 161 66.56 -5.96 -19.94
CA THR F 161 66.95 -4.98 -20.93
C THR F 161 65.75 -4.13 -21.33
N GLN F 162 65.97 -2.82 -21.46
CA GLN F 162 64.91 -1.87 -21.72
C GLN F 162 65.49 -0.73 -22.56
N PRO F 163 64.77 -0.24 -23.57
CA PRO F 163 65.28 0.86 -24.37
C PRO F 163 65.48 2.12 -23.55
N HIS F 164 66.50 2.90 -23.92
CA HIS F 164 66.91 4.05 -23.12
C HIS F 164 65.85 5.15 -23.14
N SER F 165 65.37 5.52 -24.32
CA SER F 165 64.41 6.61 -24.42
C SER F 165 63.63 6.48 -25.72
N VAL F 166 62.37 6.94 -25.67
CA VAL F 166 61.51 6.99 -26.85
C VAL F 166 60.86 8.36 -26.90
N SER F 167 60.70 8.90 -28.10
CA SER F 167 60.06 10.19 -28.33
C SER F 167 58.79 9.98 -29.14
N GLU F 168 57.68 10.52 -28.65
CA GLU F 168 56.39 10.36 -29.31
C GLU F 168 55.62 11.67 -29.29
N SER F 169 55.01 12.00 -30.41
CA SER F 169 54.13 13.15 -30.49
C SER F 169 52.84 12.89 -29.72
N PRO F 170 52.20 13.94 -29.21
CA PRO F 170 50.95 13.74 -28.47
C PRO F 170 49.82 13.25 -29.36
N GLY F 171 48.85 12.61 -28.72
CA GLY F 171 47.70 12.08 -29.42
C GLY F 171 47.80 10.62 -29.79
N LYS F 172 48.76 10.29 -30.66
CA LYS F 172 48.91 8.91 -31.11
C LYS F 172 49.54 8.04 -30.01
N THR F 173 49.25 6.75 -30.06
CA THR F 173 49.67 5.83 -29.01
C THR F 173 51.18 5.54 -29.12
N VAL F 174 51.72 4.96 -28.04
CA VAL F 174 53.12 4.61 -27.97
C VAL F 174 53.28 3.40 -27.06
N THR F 175 54.29 2.58 -27.34
CA THR F 175 54.58 1.38 -26.55
C THR F 175 56.04 1.37 -26.15
N ILE F 176 56.32 0.78 -24.99
CA ILE F 176 57.67 0.62 -24.46
C ILE F 176 57.89 -0.86 -24.17
N SER F 177 59.01 -1.39 -24.66
CA SER F 177 59.30 -2.81 -24.52
C SER F 177 60.18 -3.07 -23.30
N CYS F 178 60.18 -4.33 -22.85
CA CYS F 178 61.01 -4.75 -21.72
C CYS F 178 61.25 -6.25 -21.89
N THR F 179 62.42 -6.62 -22.38
CA THR F 179 62.75 -8.00 -22.71
C THR F 179 63.60 -8.64 -21.63
N ARG F 180 63.62 -9.96 -21.65
CA ARG F 180 64.30 -10.77 -20.64
C ARG F 180 65.48 -11.50 -21.28
N SER F 181 66.65 -11.37 -20.67
CA SER F 181 67.87 -11.94 -21.25
C SER F 181 67.86 -13.46 -21.17
N SER F 182 67.57 -14.01 -20.00
CA SER F 182 67.63 -15.44 -19.77
C SER F 182 66.30 -15.95 -19.24
N GLY F 183 65.85 -17.08 -19.76
CA GLY F 183 64.56 -17.63 -19.39
C GLY F 183 63.45 -17.07 -20.26
N SER F 184 62.23 -17.20 -19.75
CA SER F 184 61.04 -16.72 -20.45
C SER F 184 60.39 -15.61 -19.64
N ILE F 185 59.94 -14.55 -20.34
CA ILE F 185 59.24 -13.46 -19.69
C ILE F 185 57.89 -13.91 -19.16
N ALA F 186 57.34 -14.99 -19.68
CA ALA F 186 56.08 -15.53 -19.21
C ALA F 186 56.24 -16.44 -18.00
N SER F 187 57.47 -16.64 -17.52
CA SER F 187 57.67 -17.48 -16.35
C SER F 187 57.26 -16.78 -15.06
N ASN F 188 57.34 -15.45 -15.03
CA ASN F 188 57.00 -14.68 -13.84
C ASN F 188 56.28 -13.40 -14.24
N TYR F 189 55.57 -12.82 -13.29
CA TYR F 189 54.82 -11.60 -13.54
C TYR F 189 55.76 -10.42 -13.72
N VAL F 190 55.28 -9.40 -14.43
CA VAL F 190 56.04 -8.18 -14.70
C VAL F 190 55.23 -6.99 -14.22
N GLN F 191 55.85 -6.09 -13.49
CA GLN F 191 55.21 -4.89 -12.98
C GLN F 191 55.90 -3.65 -13.52
N TRP F 192 55.13 -2.59 -13.72
CA TRP F 192 55.62 -1.35 -14.31
C TRP F 192 55.46 -0.20 -13.32
N TYR F 193 56.38 0.75 -13.39
CA TYR F 193 56.38 1.92 -12.53
C TYR F 193 56.56 3.17 -13.37
N GLN F 194 56.16 4.31 -12.81
CA GLN F 194 56.46 5.61 -13.37
C GLN F 194 57.00 6.50 -12.27
N GLN F 195 58.01 7.31 -12.59
CA GLN F 195 58.69 8.15 -11.60
C GLN F 195 58.84 9.56 -12.17
N ARG F 196 57.90 10.43 -11.82
CA ARG F 196 58.05 11.83 -12.16
C ARG F 196 59.20 12.43 -11.36
N PRO F 197 59.90 13.43 -11.92
CA PRO F 197 61.06 13.99 -11.21
C PRO F 197 60.67 14.60 -9.88
N GLY F 198 61.53 14.40 -8.89
CA GLY F 198 61.25 14.90 -7.55
C GLY F 198 60.19 14.13 -6.80
N SER F 199 59.92 12.89 -7.19
CA SER F 199 58.89 12.09 -6.54
C SER F 199 59.28 10.62 -6.60
N SER F 200 58.68 9.83 -5.70
CA SER F 200 58.90 8.40 -5.65
C SER F 200 58.14 7.70 -6.77
N PRO F 201 58.63 6.56 -7.25
CA PRO F 201 57.92 5.83 -8.31
C PRO F 201 56.57 5.31 -7.83
N THR F 202 55.63 5.21 -8.77
CA THR F 202 54.28 4.78 -8.49
C THR F 202 53.88 3.69 -9.49
N THR F 203 53.21 2.66 -8.99
CA THR F 203 52.80 1.53 -9.83
C THR F 203 51.74 1.96 -10.82
N VAL F 204 51.88 1.52 -12.07
CA VAL F 204 50.86 1.74 -13.09
C VAL F 204 50.30 0.44 -13.65
N ILE F 205 51.04 -0.66 -13.63
CA ILE F 205 50.58 -1.95 -14.14
C ILE F 205 51.13 -3.05 -13.25
N TYR F 206 50.26 -3.92 -12.76
CA TYR F 206 50.68 -5.07 -11.97
C TYR F 206 49.95 -6.31 -12.44
N GLU F 207 50.63 -7.46 -12.31
CA GLU F 207 50.14 -8.77 -12.73
C GLU F 207 49.83 -8.83 -14.23
N ASP F 208 50.45 -7.93 -15.00
CA ASP F 208 50.51 -7.97 -16.47
C ASP F 208 49.18 -7.62 -17.14
N ASN F 209 48.10 -7.59 -16.38
CA ASN F 209 46.80 -7.20 -16.91
C ASN F 209 46.01 -6.25 -16.02
N GLN F 210 46.27 -6.23 -14.72
CA GLN F 210 45.45 -5.46 -13.79
C GLN F 210 45.81 -3.98 -13.86
N ARG F 211 44.96 -3.15 -13.27
CA ARG F 211 45.19 -1.72 -13.17
C ARG F 211 44.94 -1.28 -11.73
N PRO F 212 45.92 -0.66 -11.07
CA PRO F 212 45.66 -0.12 -9.74
C PRO F 212 44.68 1.04 -9.80
N SER F 213 43.96 1.25 -8.70
CA SER F 213 42.94 2.28 -8.65
C SER F 213 43.58 3.67 -8.74
N GLY F 214 42.97 4.52 -9.57
CA GLY F 214 43.38 5.91 -9.70
C GLY F 214 44.19 6.22 -10.93
N VAL F 215 44.74 5.22 -11.61
CA VAL F 215 45.55 5.46 -12.81
C VAL F 215 44.62 5.70 -13.99
N PRO F 216 45.06 6.45 -15.01
CA PRO F 216 44.23 6.64 -16.19
C PRO F 216 44.01 5.35 -16.96
N ASP F 217 42.89 5.30 -17.69
CA ASP F 217 42.51 4.08 -18.40
C ASP F 217 43.41 3.84 -19.61
N ARG F 218 44.12 4.87 -20.09
CA ARG F 218 44.93 4.74 -21.29
C ARG F 218 46.13 3.81 -21.10
N PHE F 219 46.51 3.48 -19.87
CA PHE F 219 47.62 2.58 -19.63
C PHE F 219 47.20 1.13 -19.75
N SER F 220 48.03 0.33 -20.43
CA SER F 220 47.74 -1.08 -20.63
C SER F 220 49.04 -1.83 -20.84
N GLY F 221 48.97 -3.15 -20.69
CA GLY F 221 50.16 -3.99 -20.83
C GLY F 221 49.82 -5.31 -21.50
N SER F 222 50.87 -5.94 -22.01
CA SER F 222 50.74 -7.22 -22.71
C SER F 222 52.08 -7.92 -22.69
N ILE F 223 52.06 -9.21 -23.05
CA ILE F 223 53.25 -10.05 -23.09
C ILE F 223 53.38 -10.66 -24.48
N ASP F 224 54.57 -10.55 -25.06
CA ASP F 224 54.91 -11.23 -26.30
C ASP F 224 55.72 -12.47 -25.95
N SER F 225 55.05 -13.62 -25.90
CA SER F 225 55.72 -14.85 -25.49
C SER F 225 56.72 -15.36 -26.52
N SER F 226 56.49 -15.07 -27.81
CA SER F 226 57.39 -15.54 -28.85
C SER F 226 58.73 -14.82 -28.80
N SER F 227 58.71 -13.49 -28.69
CA SER F 227 59.94 -12.70 -28.69
C SER F 227 60.55 -12.53 -27.31
N ASN F 228 59.92 -13.10 -26.27
CA ASN F 228 60.42 -13.04 -24.89
C ASN F 228 60.55 -11.59 -24.43
N SER F 229 59.43 -10.87 -24.45
CA SER F 229 59.42 -9.47 -24.06
C SER F 229 58.02 -9.08 -23.62
N ALA F 230 57.96 -8.10 -22.72
CA ALA F 230 56.70 -7.53 -22.26
C ALA F 230 56.65 -6.05 -22.66
N SER F 231 55.47 -5.57 -23.03
CA SER F 231 55.30 -4.23 -23.56
C SER F 231 54.26 -3.47 -22.75
N LEU F 232 54.55 -2.20 -22.48
CA LEU F 232 53.61 -1.28 -21.84
C LEU F 232 53.04 -0.35 -22.90
N THR F 233 51.72 -0.30 -23.01
CA THR F 233 51.04 0.44 -24.06
C THR F 233 50.23 1.58 -23.46
N ILE F 234 50.44 2.79 -23.97
CA ILE F 234 49.66 3.96 -23.59
C ILE F 234 48.76 4.28 -24.78
N SER F 235 47.45 4.12 -24.59
CA SER F 235 46.48 4.30 -25.67
C SER F 235 46.00 5.75 -25.68
N GLY F 236 46.77 6.59 -26.36
CA GLY F 236 46.41 7.99 -26.52
C GLY F 236 47.12 8.92 -25.56
N LEU F 237 47.95 9.81 -26.10
CA LEU F 237 48.65 10.80 -25.29
C LEU F 237 47.80 12.07 -25.18
N LYS F 238 46.70 11.93 -24.43
CA LYS F 238 45.76 13.03 -24.21
C LYS F 238 46.01 13.75 -22.89
N ALA F 239 47.08 13.41 -22.19
CA ALA F 239 47.40 14.02 -20.90
C ALA F 239 48.91 14.25 -20.84
N GLU F 240 49.39 14.54 -19.64
CA GLU F 240 50.81 14.82 -19.41
C GLU F 240 51.46 13.62 -18.74
N ASP F 241 52.62 13.22 -19.27
CA ASP F 241 53.37 12.09 -18.70
C ASP F 241 54.87 12.32 -18.86
N GLU F 242 55.47 12.95 -17.86
CA GLU F 242 56.91 13.20 -17.82
C GLU F 242 57.48 12.39 -16.66
N ALA F 243 57.87 11.15 -16.96
CA ALA F 243 58.34 10.24 -15.93
C ALA F 243 59.23 9.18 -16.58
N ASP F 244 59.96 8.46 -15.74
CA ASP F 244 60.79 7.35 -16.17
C ASP F 244 60.07 6.04 -15.84
N TYR F 245 60.00 5.14 -16.82
CA TYR F 245 59.26 3.90 -16.70
C TYR F 245 60.21 2.74 -16.51
N TYR F 246 59.93 1.90 -15.51
CA TYR F 246 60.77 0.76 -15.18
C TYR F 246 59.92 -0.51 -15.13
N CYS F 247 60.58 -1.64 -15.34
CA CYS F 247 59.94 -2.95 -15.25
C CYS F 247 60.73 -3.84 -14.30
N GLN F 248 60.02 -4.75 -13.64
CA GLN F 248 60.65 -5.66 -12.70
C GLN F 248 60.04 -7.05 -12.84
N SER F 249 60.69 -8.01 -12.19
CA SER F 249 60.17 -9.37 -12.06
C SER F 249 60.86 -10.02 -10.88
N TYR F 250 60.30 -11.14 -10.43
CA TYR F 250 60.78 -11.82 -9.23
C TYR F 250 61.11 -13.27 -9.55
N ASP F 251 62.18 -13.77 -8.93
CA ASP F 251 62.60 -15.15 -9.05
C ASP F 251 63.34 -15.53 -7.77
N SER F 252 63.22 -16.79 -7.35
CA SER F 252 63.82 -17.21 -6.09
C SER F 252 65.34 -17.11 -6.15
N SER F 253 65.94 -17.37 -7.31
CA SER F 253 67.39 -17.32 -7.42
C SER F 253 67.89 -15.88 -7.51
N SER F 254 67.13 -15.00 -8.16
CA SER F 254 67.62 -13.65 -8.46
C SER F 254 66.95 -12.56 -7.65
N LEU F 255 65.81 -12.84 -7.01
CA LEU F 255 65.08 -11.87 -6.20
C LEU F 255 64.65 -10.68 -7.04
N TRP F 256 64.33 -9.56 -6.38
CA TRP F 256 63.80 -8.40 -7.10
C TRP F 256 64.88 -7.77 -7.96
N VAL F 257 64.55 -7.55 -9.23
CA VAL F 257 65.49 -6.98 -10.21
C VAL F 257 64.74 -5.94 -11.03
N PHE F 258 65.39 -4.79 -11.26
CA PHE F 258 64.80 -3.68 -11.98
C PHE F 258 65.48 -3.50 -13.34
N GLY F 259 64.72 -2.94 -14.29
CA GLY F 259 65.24 -2.71 -15.62
C GLY F 259 66.05 -1.43 -15.71
N GLY F 260 66.49 -1.13 -16.94
CA GLY F 260 67.30 0.05 -17.17
C GLY F 260 66.53 1.35 -17.18
N GLY F 261 65.23 1.31 -17.46
CA GLY F 261 64.44 2.53 -17.47
C GLY F 261 64.29 3.12 -18.85
N THR F 262 63.19 3.83 -19.04
CA THR F 262 62.87 4.49 -20.31
C THR F 262 62.47 5.93 -20.04
N LYS F 263 63.09 6.86 -20.75
CA LYS F 263 62.79 8.28 -20.64
C LYS F 263 61.81 8.66 -21.75
N LEU F 264 60.63 9.14 -21.34
CA LEU F 264 59.57 9.50 -22.28
C LEU F 264 59.35 11.01 -22.25
N THR F 265 59.30 11.62 -23.42
CA THR F 265 59.07 13.05 -23.55
C THR F 265 58.04 13.30 -24.65
N VAL F 266 57.39 14.46 -24.57
CA VAL F 266 56.36 14.86 -25.51
C VAL F 266 56.97 15.84 -26.50
N LEU F 267 56.83 15.54 -27.80
CA LEU F 267 57.37 16.39 -28.84
C LEU F 267 56.46 17.61 -29.08
C1 NAG G . -37.09 -26.07 56.63
C2 NAG G . -37.63 -27.27 57.41
C3 NAG G . -36.60 -27.73 58.44
C4 NAG G . -35.25 -27.99 57.78
C5 NAG G . -34.82 -26.76 56.97
C6 NAG G . -33.56 -26.99 56.18
C7 NAG G . -39.13 -26.04 58.97
C8 NAG G . -40.53 -25.93 59.47
N2 NAG G . -38.92 -26.98 58.04
O3 NAG G . -37.06 -28.93 59.06
O4 NAG G . -34.27 -28.25 58.77
O5 NAG G . -35.84 -26.40 56.03
O6 NAG G . -33.19 -25.84 55.43
O7 NAG G . -38.23 -25.31 59.39
C1 NAG G . -33.85 -29.63 58.68
C2 NAG G . -32.66 -29.83 59.62
C3 NAG G . -32.20 -31.30 59.61
C4 NAG G . -33.38 -32.22 59.89
C5 NAG G . -34.53 -31.92 58.93
C6 NAG G . -35.78 -32.73 59.23
C7 NAG G . -30.87 -28.91 58.17
C8 NAG G . -29.77 -27.90 58.08
N2 NAG G . -31.56 -28.94 59.32
O3 NAG G . -31.19 -31.49 60.60
O4 NAG G . -32.98 -33.58 59.73
O5 NAG G . -34.90 -30.54 59.02
O6 NAG G . -35.44 -34.01 59.76
O7 NAG G . -31.13 -29.67 57.23
C1 NAG H . -24.87 20.03 65.15
C2 NAG H . -24.63 20.71 66.51
C3 NAG H . -24.96 22.20 66.42
C4 NAG H . -24.22 22.85 65.26
C5 NAG H . -24.47 22.07 63.96
C6 NAG H . -23.64 22.58 62.80
C7 NAG H . -26.71 19.97 67.66
C8 NAG H . -27.24 19.27 68.87
N2 NAG H . -25.37 20.07 67.58
O3 NAG H . -24.60 22.83 67.64
O4 NAG H . -24.67 24.18 65.09
O5 NAG H . -24.12 20.69 64.14
O6 NAG H . -23.89 21.82 61.62
O7 NAG H . -27.45 20.44 66.80
C1 NAG H . -23.61 25.10 65.44
C2 NAG H . -24.05 26.52 65.06
C3 NAG H . -22.99 27.54 65.46
C4 NAG H . -22.63 27.38 66.93
C5 NAG H . -22.24 25.93 67.22
C6 NAG H . -21.98 25.68 68.69
C7 NAG H . -23.53 26.42 62.63
C8 NAG H . -24.09 26.60 61.26
N2 NAG H . -24.38 26.64 63.64
O3 NAG H . -23.48 28.85 65.22
O4 NAG H . -21.54 28.24 67.26
O5 NAG H . -23.30 25.05 66.83
O6 NAG H . -21.45 26.83 69.33
O7 NAG H . -22.35 26.11 62.82
C1 NAG I . -62.20 9.83 36.02
C2 NAG I . -63.62 10.41 36.06
C3 NAG I . -64.62 9.39 35.51
C4 NAG I . -64.20 8.92 34.13
C5 NAG I . -62.75 8.42 34.16
C6 NAG I . -62.22 8.06 32.79
C7 NAG I . -64.08 10.04 38.48
C8 NAG I . -64.49 10.72 39.75
N2 NAG I . -64.00 10.84 37.40
O3 NAG I . -65.91 10.00 35.44
O4 NAG I . -65.05 7.86 33.70
O5 NAG I . -61.89 9.44 34.68
O6 NAG I . -60.87 7.62 32.86
O7 NAG I . -63.85 8.83 38.42
C1 NAG I . -65.85 8.30 32.59
C2 NAG I . -66.60 7.09 32.04
C3 NAG I . -67.54 7.50 30.89
C4 NAG I . -68.44 8.64 31.32
C5 NAG I . -67.62 9.79 31.90
C6 NAG I . -68.46 10.91 32.46
C7 NAG I . -64.77 6.12 30.65
C8 NAG I . -63.96 4.90 30.39
N2 NAG I . -65.71 6.02 31.61
O3 NAG I . -68.32 6.38 30.48
O4 NAG I . -69.19 9.13 30.21
O5 NAG I . -66.79 9.31 32.98
O6 NAG I . -69.68 11.05 31.75
O7 NAG I . -64.60 7.17 30.01
C1 NAG J . -2.41 -53.10 1.29
C2 NAG J . -3.48 -52.78 2.36
C3 NAG J . -4.72 -53.65 2.14
C4 NAG J . -5.22 -53.53 0.71
C5 NAG J . -4.09 -53.87 -0.26
C6 NAG J . -4.49 -53.69 -1.71
C7 NAG J . -3.43 -52.34 4.78
C8 NAG J . -2.76 -52.66 6.07
N2 NAG J . -2.95 -52.97 3.70
O3 NAG J . -5.75 -53.24 3.04
O4 NAG J . -6.30 -54.43 0.50
O5 NAG J . -2.98 -53.00 -0.02
O6 NAG J . -3.37 -53.37 -2.51
O7 NAG J . -4.37 -51.55 4.70
C1 NAG K . 36.94 -54.52 5.82
C2 NAG K . 38.24 -55.27 5.50
C3 NAG K . 39.45 -54.48 6.01
C4 NAG K . 39.41 -53.05 5.47
C5 NAG K . 38.06 -52.40 5.79
C6 NAG K . 37.91 -51.03 5.18
C7 NAG K . 38.11 -57.71 5.33
C8 NAG K . 38.12 -59.01 6.08
N2 NAG K . 38.23 -56.61 6.07
O3 NAG K . 40.64 -55.13 5.60
O4 NAG K . 40.45 -52.29 6.07
O5 NAG K . 37.00 -53.20 5.26
O6 NAG K . 36.55 -50.73 4.91
O7 NAG K . 38.00 -57.67 4.11
C1 NAG L . 36.73 -44.01 -16.36
C2 NAG L . 36.66 -43.65 -17.85
C3 NAG L . 35.67 -44.56 -18.57
C4 NAG L . 36.00 -46.02 -18.31
C5 NAG L . 36.06 -46.28 -16.81
C6 NAG L . 36.49 -47.70 -16.47
C7 NAG L . 37.20 -41.28 -18.24
C8 NAG L . 36.65 -39.90 -18.42
N2 NAG L . 36.30 -42.26 -18.04
O3 NAG L . 35.71 -44.30 -19.97
O4 NAG L . 35.02 -46.86 -18.89
O5 NAG L . 37.04 -45.40 -16.20
O6 NAG L . 35.40 -48.60 -16.60
O7 NAG L . 38.41 -41.51 -18.27
C1 NAG M . 21.27 -36.11 -13.61
C2 NAG M . 22.38 -36.20 -14.69
C3 NAG M . 22.57 -34.84 -15.36
C4 NAG M . 21.24 -34.30 -15.88
C5 NAG M . 20.21 -34.28 -14.75
C6 NAG M . 18.83 -33.86 -15.22
C7 NAG M . 24.36 -36.11 -13.19
C8 NAG M . 25.62 -36.82 -12.80
N2 NAG M . 23.63 -36.71 -14.15
O3 NAG M . 23.49 -34.98 -16.44
O4 NAG M . 21.41 -32.98 -16.38
O5 NAG M . 20.07 -35.60 -14.20
O6 NAG M . 17.94 -33.70 -14.13
O7 NAG M . 24.01 -35.05 -12.66
C1 NAG N . 16.48 -35.65 29.66
C2 NAG N . 15.51 -35.41 30.83
C3 NAG N . 16.12 -35.86 32.15
C4 NAG N . 16.62 -37.29 32.05
C5 NAG N . 17.57 -37.43 30.87
C6 NAG N . 18.04 -38.84 30.64
C7 NAG N . 15.90 -32.96 31.12
C8 NAG N . 15.23 -31.62 31.17
N2 NAG N . 15.09 -34.01 30.90
O3 NAG N . 15.15 -35.77 33.19
O4 NAG N . 17.30 -37.66 33.24
O5 NAG N . 16.91 -37.02 29.66
O6 NAG N . 19.35 -38.87 30.07
O7 NAG N . 17.11 -33.10 31.29
C1 NAG O . -29.31 -23.72 -36.09
C2 NAG O . -30.77 -23.28 -35.97
C3 NAG O . -31.60 -24.38 -35.30
C4 NAG O . -31.43 -25.70 -36.05
C5 NAG O . -29.94 -26.04 -36.17
C6 NAG O . -29.69 -27.28 -37.00
C7 NAG O . -31.07 -20.85 -35.81
C8 NAG O . -31.16 -19.67 -34.89
N2 NAG O . -30.88 -22.04 -35.22
O3 NAG O . -32.97 -23.99 -35.30
O4 NAG O . -32.09 -26.73 -35.35
O5 NAG O . -29.24 -24.96 -36.80
O6 NAG O . -29.95 -27.04 -38.37
O7 NAG O . -31.14 -20.73 -37.03
C1 NAG P . -16.60 -26.63 -57.51
C2 NAG P . -16.93 -26.47 -56.02
C3 NAG P . -16.36 -27.62 -55.21
C4 NAG P . -16.81 -28.96 -55.80
C5 NAG P . -16.47 -29.02 -57.29
C6 NAG P . -17.01 -30.27 -57.96
C7 NAG P . -15.19 -24.78 -55.46
C8 NAG P . -14.96 -23.42 -54.86
N2 NAG P . -16.47 -25.19 -55.50
O3 NAG P . -16.79 -27.53 -53.86
O4 NAG P . -16.17 -30.04 -55.13
O5 NAG P . -17.06 -27.90 -57.97
O6 NAG P . -18.42 -30.28 -57.99
O7 NAG P . -14.26 -25.48 -55.87
C1 NAG Q . -11.92 -37.22 31.33
C2 NAG Q . -11.19 -36.35 32.36
C3 NAG Q . -11.44 -36.89 33.78
C4 NAG Q . -12.93 -37.03 34.04
C5 NAG Q . -13.58 -37.87 32.96
C6 NAG Q . -15.08 -37.95 33.09
C7 NAG Q . -8.91 -37.29 32.04
C8 NAG Q . -7.49 -36.95 31.73
N2 NAG Q . -9.77 -36.25 32.07
O3 NAG Q . -10.86 -36.00 34.72
O4 NAG Q . -13.14 -37.65 35.31
O5 NAG Q . -13.31 -37.29 31.66
O6 NAG Q . -15.75 -37.24 32.06
O7 NAG Q . -9.26 -38.45 32.26
C1 NAG R . -31.34 -30.86 -2.67
C2 NAG R . -32.61 -30.29 -2.04
C3 NAG R . -33.81 -31.15 -2.39
C4 NAG R . -33.91 -31.33 -3.90
C5 NAG R . -32.60 -31.86 -4.47
C6 NAG R . -32.59 -31.94 -5.97
C7 NAG R . -32.97 -29.17 0.12
C8 NAG R . -32.73 -29.22 1.60
N2 NAG R . -32.47 -30.19 -0.59
O3 NAG R . -35.00 -30.55 -1.90
O4 NAG R . -34.95 -32.25 -4.21
O5 NAG R . -31.53 -30.98 -4.10
O6 NAG R . -32.73 -30.66 -6.57
O7 NAG R . -33.58 -28.26 -0.41
C1 NAG S . -39.18 -39.34 13.97
C2 NAG S . -38.46 -40.46 13.20
C3 NAG S . -38.99 -40.54 11.77
C4 NAG S . -40.50 -40.67 11.75
C5 NAG S . -41.12 -39.53 12.57
C6 NAG S . -42.63 -39.65 12.69
C7 NAG S . -36.16 -41.29 13.20
C8 NAG S . -34.70 -40.91 13.21
N2 NAG S . -37.02 -40.27 13.22
O3 NAG S . -38.40 -41.67 11.11
O4 NAG S . -40.98 -40.61 10.42
O5 NAG S . -40.60 -39.54 13.90
O6 NAG S . -43.26 -38.38 12.57
O7 NAG S . -36.53 -42.45 13.18
C1 NAG T . -64.00 -17.53 39.78
C2 NAG T . -63.88 -19.02 40.14
C3 NAG T . -65.26 -19.69 40.06
C4 NAG T . -66.27 -18.92 40.91
C5 NAG T . -66.28 -17.45 40.53
C6 NAG T . -67.17 -16.62 41.43
C7 NAG T . -62.12 -20.67 39.68
C8 NAG T . -61.22 -21.25 38.65
N2 NAG T . -62.95 -19.70 39.26
O3 NAG T . -65.16 -21.03 40.51
O4 NAG T . -67.58 -19.47 40.72
O5 NAG T . -64.96 -16.91 40.65
O6 NAG T . -67.18 -15.26 41.02
O7 NAG T . -62.11 -21.05 40.85
C1 NAG U . -15.03 -22.28 60.55
C2 NAG U . -14.94 -23.00 61.89
C3 NAG U . -13.55 -23.58 62.09
C4 NAG U . -13.17 -24.46 60.92
C5 NAG U . -13.32 -23.68 59.61
C6 NAG U . -13.07 -24.54 58.39
C7 NAG U . -16.24 -22.39 63.89
C8 NAG U . -16.47 -21.36 64.95
N2 NAG U . -15.29 -22.10 62.98
O3 NAG U . -13.53 -24.34 63.30
O4 NAG U . -11.82 -24.89 61.06
O5 NAG U . -14.65 -23.17 59.49
O6 NAG U . -14.29 -24.99 57.81
O7 NAG U . -16.87 -23.44 63.84
C1 NAG V . -53.54 -26.97 46.17
C2 NAG V . -55.04 -27.16 45.97
C3 NAG V . -55.38 -28.63 45.72
C4 NAG V . -54.53 -29.18 44.57
C5 NAG V . -53.05 -28.91 44.84
C6 NAG V . -52.16 -29.30 43.67
C7 NAG V . -55.75 -27.06 48.35
C8 NAG V . -56.65 -26.37 49.34
N2 NAG V . -55.82 -26.63 47.09
O3 NAG V . -56.76 -28.76 45.41
O4 NAG V . -54.74 -30.58 44.44
O5 NAG V . -52.83 -27.51 45.05
O6 NAG V . -52.04 -28.26 42.73
O7 NAG V . -55.00 -27.97 48.70
C1 NAG W . -57.99 -24.48 60.65
C2 NAG W . -58.34 -25.94 61.00
C3 NAG W . -59.16 -25.99 62.28
C4 NAG W . -58.44 -25.26 63.41
C5 NAG W . -58.09 -23.84 62.96
C6 NAG W . -57.26 -23.10 63.99
C7 NAG W . -58.49 -27.47 59.09
C8 NAG W . -59.37 -28.02 58.01
N2 NAG W . -59.05 -26.56 59.90
O3 NAG W . -59.38 -27.35 62.64
O4 NAG W . -59.27 -25.20 64.56
O5 NAG W . -57.31 -23.87 61.77
O6 NAG W . -57.87 -21.87 64.36
O7 NAG W . -57.32 -27.82 59.21
C1 NAG X . -73.56 -11.36 55.37
C2 NAG X . -74.75 -11.68 54.47
C3 NAG X . -75.89 -10.72 54.74
C4 NAG X . -76.25 -10.73 56.23
C5 NAG X . -75.00 -10.47 57.07
C6 NAG X . -75.26 -10.59 58.56
C7 NAG X . -74.02 -12.72 52.37
C8 NAG X . -73.66 -12.49 50.94
N2 NAG X . -74.36 -11.64 53.07
O3 NAG X . -77.03 -11.10 53.98
O4 NAG X . -77.22 -9.72 56.50
O5 NAG X . -73.97 -11.42 56.74
O6 NAG X . -76.33 -9.76 58.97
O7 NAG X . -74.00 -13.84 52.87
C1 NAG Y . 35.94 25.67 29.59
C2 NAG Y . 34.89 25.39 30.67
C3 NAG Y . 35.56 24.89 31.95
C4 NAG Y . 36.46 23.70 31.66
C5 NAG Y . 37.47 24.07 30.58
C6 NAG Y . 38.34 22.91 30.16
C7 NAG Y . 32.86 26.56 31.45
C8 NAG Y . 32.21 27.88 31.67
N2 NAG Y . 34.11 26.59 30.95
O3 NAG Y . 34.56 24.51 32.90
O4 NAG Y . 37.16 23.32 32.84
O5 NAG Y . 36.77 24.50 29.40
O6 NAG Y . 38.78 23.06 28.82
O7 NAG Y . 32.30 25.50 31.70
C1 NAG Z . 36.58 54.97 2.91
C2 NAG Z . 37.42 56.03 2.18
C3 NAG Z . 36.60 56.71 1.10
C4 NAG Z . 35.98 55.68 0.17
C5 NAG Z . 35.20 54.64 0.97
C6 NAG Z . 34.67 53.51 0.11
C7 NAG Z . 39.24 57.07 3.46
C8 NAG Z . 39.62 58.14 4.44
N2 NAG Z . 37.96 57.01 3.12
O3 NAG Z . 37.42 57.60 0.36
O4 NAG Z . 35.10 56.31 -0.74
O5 NAG Z . 36.06 54.04 1.95
O6 NAG Z . 34.55 52.31 0.86
O7 NAG Z . 40.07 56.28 3.00
C1 NAG AA . 45.03 37.20 -11.78
C2 NAG AA . 45.84 36.15 -12.53
C3 NAG AA . 46.91 35.54 -11.64
C4 NAG AA . 47.77 36.65 -11.03
C5 NAG AA . 46.88 37.64 -10.30
C6 NAG AA . 47.65 38.82 -9.75
C7 NAG AA . 44.51 35.11 -14.32
C8 NAG AA . 43.63 33.95 -14.70
N2 NAG AA . 44.98 35.10 -13.07
O3 NAG AA . 47.73 34.66 -12.40
O4 NAG AA . 48.70 36.08 -10.11
O5 NAG AA . 45.92 38.19 -11.23
O6 NAG AA . 48.31 38.48 -8.54
O7 NAG AA . 44.77 36.01 -15.11
C1 NAG BA . 36.43 24.55 -3.13
C2 NAG BA . 37.34 24.72 -4.36
C3 NAG BA . 36.89 23.79 -5.49
C4 NAG BA . 36.78 22.35 -4.99
C5 NAG BA . 35.90 22.28 -3.75
C6 NAG BA . 35.84 20.91 -3.14
C7 NAG BA . 36.36 26.82 -5.24
C8 NAG BA . 36.67 28.23 -5.66
N2 NAG BA . 37.41 26.11 -4.81
O3 NAG BA . 37.83 23.86 -6.56
O4 NAG BA . 36.24 21.52 -6.01
O5 NAG BA . 36.41 23.17 -2.74
O6 NAG BA . 34.88 20.85 -2.09
O7 NAG BA . 35.22 26.37 -5.30
C1 NAG CA . 4.93 45.27 18.64
C2 NAG CA . 3.86 45.15 19.74
C3 NAG CA . 3.27 46.53 20.08
C4 NAG CA . 4.39 47.52 20.40
C5 NAG CA . 5.39 47.55 19.25
C6 NAG CA . 6.58 48.45 19.52
C7 NAG CA . 1.97 44.36 18.32
C8 NAG CA . 0.96 43.27 18.14
N2 NAG CA . 2.80 44.21 19.37
O3 NAG CA . 2.40 46.41 21.19
O4 NAG CA . 3.84 48.82 20.58
O5 NAG CA . 5.91 46.23 19.03
O6 NAG CA . 7.09 49.02 18.33
O7 NAG CA . 2.04 45.31 17.55
C1 NAG DA . 40.12 -27.69 18.68
C2 NAG DA . 39.63 -28.81 19.59
C3 NAG DA . 39.86 -28.45 21.05
C4 NAG DA . 41.32 -28.08 21.28
C5 NAG DA . 41.75 -27.00 20.30
C6 NAG DA . 43.22 -26.67 20.39
C7 NAG DA . 37.79 -30.13 18.62
C8 NAG DA . 36.31 -30.27 18.48
N2 NAG DA . 38.21 -29.09 19.35
O3 NAG DA . 39.49 -29.54 21.87
O4 NAG DA . 41.50 -27.62 22.60
O5 NAG DA . 41.50 -27.42 18.95
O6 NAG DA . 44.03 -27.72 19.88
O7 NAG DA . 38.57 -30.93 18.11
C1 NAG EA . 58.35 -29.77 1.56
C2 NAG EA . 57.14 -29.23 2.36
C3 NAG EA . 57.43 -27.83 2.88
C4 NAG EA . 58.74 -27.78 3.64
C5 NAG EA . 59.87 -28.36 2.79
C6 NAG EA . 61.17 -28.46 3.54
C7 NAG EA . 55.69 -28.61 0.44
C8 NAG EA . 54.34 -28.81 -0.18
N2 NAG EA . 55.91 -29.28 1.59
O3 NAG EA . 56.35 -27.42 3.72
O4 NAG EA . 59.05 -26.45 4.00
O5 NAG EA . 59.52 -29.69 2.37
O6 NAG EA . 61.10 -29.41 4.60
O7 NAG EA . 56.54 -27.88 -0.07
C1 NAG FA . 2.78 28.17 41.34
C2 NAG FA . 1.48 28.81 40.79
C3 NAG FA . 0.83 29.69 41.84
C4 NAG FA . 0.63 28.92 43.14
C5 NAG FA . 1.95 28.30 43.60
C6 NAG FA . 1.80 27.42 44.82
C7 NAG FA . 2.53 30.60 39.43
C8 NAG FA . 2.62 31.19 38.05
N2 NAG FA . 1.72 29.53 39.55
O3 NAG FA . -0.43 30.16 41.35
O4 NAG FA . 0.14 29.79 44.15
O5 NAG FA . 2.48 27.46 42.56
O6 NAG FA . 1.99 26.05 44.50
O7 NAG FA . 3.16 31.06 40.37
C1 NAG GA . 21.15 -6.83 38.08
C2 NAG GA . 20.21 -7.60 39.00
C3 NAG GA . 20.98 -8.17 40.19
C4 NAG GA . 22.17 -8.99 39.72
C5 NAG GA . 23.03 -8.16 38.76
C6 NAG GA . 24.16 -8.96 38.16
C7 NAG GA . 17.86 -7.20 39.61
C8 NAG GA . 16.86 -6.19 40.08
N2 NAG GA . 19.12 -6.75 39.45
O3 NAG GA . 20.11 -8.98 40.97
O4 NAG GA . 22.96 -9.38 40.83
O5 NAG GA . 22.22 -7.68 37.67
O6 NAG GA . 23.68 -10.03 37.36
O7 NAG GA . 17.56 -8.36 39.37
C1 NAG HA . 14.63 1.50 55.35
C2 NAG HA . 16.02 2.11 55.07
C3 NAG HA . 17.06 1.00 54.88
C4 NAG HA . 17.04 0.05 56.07
C5 NAG HA . 15.63 -0.48 56.31
C6 NAG HA . 15.52 -1.35 57.54
C7 NAG HA . 16.76 4.05 53.77
C8 NAG HA . 16.60 4.83 52.50
N2 NAG HA . 15.98 2.97 53.90
O3 NAG HA . 18.34 1.59 54.75
O4 NAG HA . 17.92 -1.04 55.84
O5 NAG HA . 14.72 0.62 56.49
O6 NAG HA . 14.67 -2.46 57.31
O7 NAG HA . 17.57 4.38 54.63
C1 NAG IA . -20.78 -11.46 73.67
C2 NAG IA . -19.99 -10.44 74.50
C3 NAG IA . -19.57 -11.06 75.83
C4 NAG IA . -20.78 -11.63 76.56
C5 NAG IA . -21.54 -12.59 75.65
C6 NAG IA . -22.82 -13.10 76.26
C7 NAG IA . -18.39 -8.70 73.83
C8 NAG IA . -17.17 -8.38 73.01
N2 NAG IA . -18.82 -9.96 73.77
O3 NAG IA . -18.94 -10.07 76.64
O4 NAG IA . -20.36 -12.33 77.73
O5 NAG IA . -21.90 -11.92 74.43
O6 NAG IA . -23.48 -14.02 75.40
O7 NAG IA . -18.95 -7.86 74.52
C1 NAG JA . -28.71 34.93 48.42
C2 NAG JA . -29.15 36.09 49.31
C3 NAG JA . -28.79 37.42 48.65
C4 NAG JA . -27.31 37.46 48.32
C5 NAG JA . -26.92 36.25 47.48
C6 NAG JA . -25.44 36.16 47.21
C7 NAG JA . -31.09 36.05 50.81
C8 NAG JA . -32.58 35.98 50.91
N2 NAG JA . -30.58 36.03 49.57
O3 NAG JA . -29.12 38.49 49.54
O4 NAG JA . -27.00 38.65 47.60
O5 NAG JA . -27.30 35.04 48.15
O6 NAG JA . -24.81 35.24 48.10
O7 NAG JA . -30.38 36.13 51.81
C1 NAG KA . -17.99 3.75 73.43
C2 NAG KA . -17.82 2.74 74.56
C3 NAG KA . -16.64 3.11 75.46
C4 NAG KA . -15.38 3.31 74.61
C5 NAG KA . -15.65 4.30 73.49
C6 NAG KA . -14.47 4.45 72.54
C7 NAG KA . -19.63 3.55 76.06
C8 NAG KA . -20.88 3.16 76.79
N2 NAG KA . -19.04 2.58 75.35
O3 NAG KA . -16.43 2.10 76.42
O4 NAG KA . -14.32 3.80 75.43
O5 NAG KA . -16.75 3.87 72.70
O6 NAG KA . -14.52 3.47 71.50
O7 NAG KA . -19.20 4.70 76.11
C1 NAG LA . -30.36 7.64 81.65
C2 NAG LA . -29.62 8.32 82.78
C3 NAG LA . -30.56 8.52 83.97
C4 NAG LA . -31.82 9.26 83.54
C5 NAG LA . -32.48 8.54 82.37
C6 NAG LA . -33.66 9.29 81.80
C7 NAG LA . -27.20 7.93 82.88
C8 NAG LA . -26.11 7.01 83.36
N2 NAG LA . -28.45 7.56 83.18
O3 NAG LA . -29.88 9.26 84.99
O4 NAG LA . -32.74 9.32 84.63
O5 NAG LA . -31.53 8.40 81.30
O6 NAG LA . -34.82 8.48 81.78
O7 NAG LA . -26.97 8.95 82.23
C1 NAG MA . -36.89 -12.18 84.28
C2 NAG MA . -36.11 -13.32 84.94
C3 NAG MA . -37.07 -14.40 85.42
C4 NAG MA . -38.14 -13.81 86.32
C5 NAG MA . -38.83 -12.64 85.61
C6 NAG MA . -39.82 -11.92 86.50
C7 NAG MA . -33.84 -13.49 84.03
C8 NAG MA . -32.95 -14.16 83.03
N2 NAG MA . -35.11 -13.87 84.04
O3 NAG MA . -36.33 -15.40 86.14
O4 NAG MA . -39.11 -14.80 86.64
O5 NAG MA . -37.86 -11.67 85.20
O6 NAG MA . -40.78 -12.82 87.05
O7 NAG MA . -33.41 -12.63 84.82
C1 NAG NA . -36.36 27.52 -27.35
C2 NAG NA . -37.01 27.56 -25.96
C3 NAG NA . -37.52 28.97 -25.65
C4 NAG NA . -36.42 30.00 -25.84
C5 NAG NA . -35.83 29.88 -27.24
C6 NAG NA . -34.66 30.80 -27.48
C7 NAG NA . -38.52 26.07 -24.71
C8 NAG NA . -39.65 25.09 -24.82
N2 NAG NA . -38.10 26.60 -25.87
O3 NAG NA . -38.00 29.02 -24.31
O4 NAG NA . -36.93 31.31 -25.65
O5 NAG NA . -35.34 28.55 -27.44
O6 NAG NA . -33.77 30.28 -28.44
O7 NAG NA . -38.01 26.37 -23.63
C1 NAG OA . -37.76 -1.57 -54.24
C2 NAG OA . -37.92 -1.94 -55.72
C3 NAG OA . -37.69 -3.43 -55.91
C4 NAG OA . -36.34 -3.85 -55.31
C5 NAG OA . -36.25 -3.39 -53.86
C6 NAG OA . -34.89 -3.66 -53.26
C7 NAG OA . -39.42 -0.54 -57.06
C8 NAG OA . -40.84 -0.29 -57.47
N2 NAG OA . -39.23 -1.55 -56.21
O3 NAG OA . -37.72 -3.74 -57.30
O4 NAG OA . -36.21 -5.27 -55.37
O5 NAG OA . -36.47 -1.98 -53.77
O6 NAG OA . -34.59 -2.73 -52.23
O7 NAG OA . -38.49 0.14 -57.47
C1 NAG PA . -14.28 4.72 -57.67
C2 NAG PA . -12.94 5.36 -58.05
C3 NAG PA . -13.08 6.87 -58.16
C4 NAG PA . -14.22 7.24 -59.11
C5 NAG PA . -15.50 6.55 -58.65
C6 NAG PA . -16.66 6.79 -59.59
C7 NAG PA . -11.04 4.00 -57.29
C8 NAG PA . -10.03 3.79 -56.20
N2 NAG PA . -11.90 5.01 -57.10
O3 NAG PA . -11.86 7.43 -58.64
O4 NAG PA . -14.42 8.64 -59.12
O5 NAG PA . -15.29 5.13 -58.59
O6 NAG PA . -17.24 8.06 -59.39
O7 NAG PA . -11.08 3.29 -58.29
C1 NAG QA . -12.23 10.16 -41.09
C2 NAG QA . -11.41 9.99 -42.37
C3 NAG QA . -9.99 9.52 -42.05
C4 NAG QA . -9.35 10.45 -41.02
C5 NAG QA . -10.25 10.58 -39.80
C6 NAG QA . -9.73 11.57 -38.78
C7 NAG QA . -12.32 7.80 -43.10
C8 NAG QA . -12.99 7.07 -44.23
N2 NAG QA . -12.05 9.09 -43.32
O3 NAG QA . -9.21 9.51 -43.24
O4 NAG QA . -8.09 9.93 -40.62
O5 NAG QA . -11.54 11.05 -40.19
O6 NAG QA . -10.50 11.55 -37.59
O7 NAG QA . -12.05 7.23 -42.05
C1 NAG RA . -44.51 -8.94 -18.97
C2 NAG RA . -45.29 -8.99 -17.64
C3 NAG RA . -46.53 -9.86 -17.77
C4 NAG RA . -47.37 -9.44 -18.98
C5 NAG RA . -46.50 -9.43 -20.23
C6 NAG RA . -47.24 -8.94 -21.46
C7 NAG RA . -43.86 -10.63 -16.43
C8 NAG RA . -43.06 -10.86 -15.21
N2 NAG RA . -44.46 -9.42 -16.53
O3 NAG RA . -47.31 -9.76 -16.58
O4 NAG RA . -48.45 -10.35 -19.16
O5 NAG RA . -45.39 -8.55 -20.03
O6 NAG RA . -46.75 -9.55 -22.65
O7 NAG RA . -43.99 -11.49 -17.31
C1 NAG SA . 8.99 50.85 -7.73
C2 NAG SA . 9.08 51.58 -6.39
C3 NAG SA . 7.80 52.37 -6.13
C4 NAG SA . 7.48 53.28 -7.31
C5 NAG SA . 7.46 52.48 -8.61
C6 NAG SA . 7.27 53.34 -9.83
C7 NAG SA . 10.55 50.48 -4.76
C8 NAG SA . 10.64 49.49 -3.64
N2 NAG SA . 9.34 50.65 -5.30
O3 NAG SA . 7.94 53.14 -4.94
O4 NAG SA . 6.22 53.91 -7.12
O5 NAG SA . 8.69 51.78 -8.78
O6 NAG SA . 8.43 54.11 -10.11
O7 NAG SA . 11.53 51.11 -5.16
C1 NAG TA . 23.95 54.42 -27.54
C2 NAG TA . 22.92 53.80 -26.57
C3 NAG TA . 21.59 53.56 -27.28
C4 NAG TA . 21.11 54.85 -27.95
C5 NAG TA . 22.21 55.41 -28.86
C6 NAG TA . 21.84 56.74 -29.47
C7 NAG TA . 23.75 51.46 -26.62
C8 NAG TA . 24.23 50.31 -25.79
N2 NAG TA . 23.41 52.57 -25.96
O3 NAG TA . 20.62 53.13 -26.34
O4 NAG TA . 19.95 54.59 -28.73
O5 NAG TA . 23.41 55.61 -28.11
O6 NAG TA . 21.75 57.75 -28.48
O7 NAG TA . 23.66 51.36 -27.85
C1 NAG UA . -48.90 10.82 1.08
C2 NAG UA . -49.04 9.35 1.49
C3 NAG UA . -50.47 9.06 1.97
C4 NAG UA . -50.87 10.03 3.07
C5 NAG UA . -50.66 11.47 2.60
C6 NAG UA . -50.93 12.49 3.68
C7 NAG UA . -49.25 8.38 -0.79
C8 NAG UA . -48.68 7.38 -1.75
N2 NAG UA . -48.66 8.45 0.40
O3 NAG UA . -50.54 7.72 2.46
O4 NAG UA . -52.23 9.84 3.41
O5 NAG UA . -49.30 11.65 2.19
O6 NAG UA . -49.73 13.12 4.11
O7 NAG UA . -50.21 9.09 -1.10
C1 NAG VA . -20.79 38.67 3.97
C2 NAG VA . -20.98 38.94 5.46
C3 NAG VA . -21.38 40.39 5.68
C4 NAG VA . -20.38 41.33 5.01
C5 NAG VA . -20.22 40.95 3.55
C6 NAG VA . -19.14 41.77 2.85
C7 NAG VA . -21.87 37.53 7.26
C8 NAG VA . -22.99 36.62 7.70
N2 NAG VA . -21.97 38.04 6.04
O3 NAG VA . -21.43 40.66 7.09
O4 NAG VA . -20.83 42.68 5.11
O5 NAG VA . -19.82 39.58 3.43
O6 NAG VA . -17.86 41.54 3.42
O7 NAG VA . -20.91 37.77 7.99
C1 NAG WA . -39.39 39.82 11.92
C2 NAG WA . -39.51 40.27 10.45
C3 NAG WA . -38.53 41.41 10.17
C4 NAG WA . -38.72 42.54 11.18
C5 NAG WA . -38.61 41.99 12.60
C6 NAG WA . -38.89 43.04 13.65
C7 NAG WA . -39.88 39.07 8.35
C8 NAG WA . -39.53 37.88 7.52
N2 NAG WA . -39.28 39.16 9.53
O3 NAG WA . -38.75 41.90 8.84
O4 NAG WA . -37.73 43.53 10.98
O5 NAG WA . -39.57 40.94 12.78
O6 NAG WA . -38.01 42.91 14.76
O7 NAG WA . -40.68 39.92 7.95
C1 NAG XA . -45.99 33.02 52.76
C2 NAG XA . -47.23 33.50 51.99
C3 NAG XA . -47.71 34.82 52.57
C4 NAG XA . -47.93 34.71 54.07
C5 NAG XA . -46.66 34.18 54.75
C6 NAG XA . -46.83 33.93 56.22
C7 NAG XA . -47.85 33.32 49.63
C8 NAG XA . -47.40 33.50 48.22
N2 NAG XA . -46.95 33.62 50.58
O3 NAG XA . -48.93 35.20 51.93
O4 NAG XA . -48.23 35.99 54.62
O5 NAG XA . -46.29 32.93 54.16
O6 NAG XA . -45.63 33.46 56.81
O7 NAG XA . -48.97 32.90 49.91
C1 NAG YA . -60.98 -9.47 24.09
C2 NAG YA . -62.45 -9.86 24.20
C3 NAG YA . -62.89 -10.65 22.97
C4 NAG YA . -62.56 -9.88 21.70
C5 NAG YA . -61.08 -9.49 21.68
C6 NAG YA . -60.72 -8.60 20.50
C7 NAG YA . -63.63 -10.28 26.31
C8 NAG YA . -63.75 -11.18 27.49
N2 NAG YA . -62.70 -10.62 25.41
O3 NAG YA . -64.28 -10.90 23.04
O4 NAG YA . -62.86 -10.66 20.55
O5 NAG YA . -60.76 -8.74 22.87
O6 NAG YA . -60.68 -7.23 20.89
O7 NAG YA . -64.34 -9.29 26.16
C1 NAG ZA . -56.23 27.14 42.77
C2 NAG ZA . -56.32 28.39 43.65
C3 NAG ZA . -57.12 29.48 42.95
C4 NAG ZA . -56.57 29.75 41.56
C5 NAG ZA . -56.48 28.45 40.76
C6 NAG ZA . -55.82 28.63 39.42
C7 NAG ZA . -58.08 27.61 45.21
C8 NAG ZA . -58.41 27.38 46.66
N2 NAG ZA . -56.85 28.09 44.97
O3 NAG ZA . -57.09 30.67 43.73
O4 NAG ZA . -57.41 30.67 40.87
O5 NAG ZA . -55.69 27.49 41.48
O6 NAG ZA . -54.41 28.51 39.51
O7 NAG ZA . -58.88 27.35 44.32
C1 NAG AB . -65.69 21.57 53.49
C2 NAG AB . -66.94 22.36 53.08
C3 NAG AB . -67.99 22.30 54.18
C4 NAG AB . -68.29 20.86 54.55
C5 NAG AB . -67.00 20.13 54.91
C6 NAG AB . -67.21 18.65 55.17
C7 NAG AB . -66.54 24.21 51.51
C8 NAG AB . -66.17 25.66 51.38
N2 NAG AB . -66.60 23.74 52.77
O3 NAG AB . -69.18 22.95 53.72
O4 NAG AB . -69.17 20.82 55.67
O5 NAG AB . -66.07 20.23 53.82
O6 NAG AB . -66.71 18.28 56.45
O7 NAG AB . -66.79 23.50 50.54
C1 NAG BB . -54.21 28.61 69.66
C2 NAG BB . -53.84 30.06 69.93
C3 NAG BB . -53.49 30.24 71.41
C4 NAG BB . -54.62 29.72 72.29
C5 NAG BB . -54.99 28.29 71.90
C6 NAG BB . -56.20 27.77 72.65
C7 NAG BB . -52.91 31.15 67.94
C8 NAG BB . -51.66 31.51 67.19
N2 NAG BB . -52.74 30.49 69.09
O3 NAG BB . -53.25 31.62 71.68
O4 NAG BB . -54.23 29.76 73.65
O5 NAG BB . -55.30 28.22 70.50
O6 NAG BB . -56.03 27.89 74.05
O7 NAG BB . -54.03 31.44 67.51
#